data_8Y0L
#
_entry.id   8Y0L
#
_cell.length_a   138.945
_cell.length_b   149.752
_cell.length_c   175.529
_cell.angle_alpha   90.00
_cell.angle_beta   90.00
_cell.angle_gamma   90.00
#
_symmetry.space_group_name_H-M   'P 21 21 21'
#
loop_
_entity.id
_entity.type
_entity.pdbx_description
1 polymer beta-glucosidase
2 non-polymer 'MAGNESIUM ION'
3 non-polymer 1-DEOXYNOJIRIMYCIN
4 water water
#
_entity_poly.entity_id   1
_entity_poly.type   'polypeptide(L)'
_entity_poly.pdbx_seq_one_letter_code
;MRLGWLELAVAAAATVASAKDDLAYSPPFYPSPWMDGNGEWAEAYRRAVDFVSQLTLAEKVNLTTGVGWMQEKCVGETGS
IPRLGFRGLCLQDSPLGVRFADYVSAFPAGVNVAATWDKNLAYLRGKAMGEEHRGKGVDVQLGPVAGPLGRHPDGGRNWE
GFSPDPVLTGVLMAETIKGIQDAGVIACAKHFIGNEMEHFRQASEAVGYGFDITESVSSNIDDKTLHELYLWPFADAVRA
GVGSFMCSYNQVNNSYSCSNSYLLNKLLKSELDFQGFVMSDWGAHHSGVGAALAGLDMSMPGDTAFGTGKSFWGTNLTIA
VLNGTVPEWRVDDMAVRIMAAFYKVGRDRYQVPVNFDSWTKDEYGYEHALVGQNYVKVNDKVDVRADHADIIRQIGSASV
VLLKNDGGLPLTGYEKFTGVFGEDAGSNRWGADGCSDRGCDNGTLAMGWGSGTADFPYLVTPEQAIQNEILSKGKGLVSA
VTDNGALDQMEQVASQASVSIVFVNADSGEGYINVDGNEGDRKNLTLWKGGEEVIKTVAANCNNTIVVMHTVGPVLIDEW
YDNPNVTAIVWAGLPGQESGNSLVDVLYGRVSPGGKTPFTWGKTRESYGAPLLTKPNNGKGAPQDDFTEGVFIDYRRFDK
YNETPIYEFGFGLSYTTFEYSDIYVQPLNARPYTPASGSTKAAPTFGNISTDYADYLYPEDIHKVPLYIYPWLNTTDPKK
SSGDPDYGMKAEDYIPSGATDGSPQPILPAGGAPGGNPGLYDEMYRVSAIITNTGNVVGDEVPQLYVSLGGPDDPKVVLR
NFDRITLHPGQQTMWTTTLTRRDISNWDPASQNWVVTKYPKTVYIGSSSRKLHLQAPLPPY
;
_entity_poly.pdbx_strand_id   A,B,C,D
#
loop_
_chem_comp.id
_chem_comp.type
_chem_comp.name
_chem_comp.formula
MG non-polymer 'MAGNESIUM ION' 'Mg 2'
NOJ D-saccharide 1-DEOXYNOJIRIMYCIN 'C6 H13 N O4'
#
# COMPACT_ATOMS: atom_id res chain seq x y z
N LEU A 23 -22.23 -45.09 -2.46
CA LEU A 23 -20.82 -44.63 -2.52
C LEU A 23 -19.97 -45.67 -3.25
N ALA A 24 -19.04 -45.17 -4.07
CA ALA A 24 -18.03 -46.00 -4.71
C ALA A 24 -17.31 -46.84 -3.67
N TYR A 25 -16.98 -48.08 -4.04
CA TYR A 25 -16.43 -49.06 -3.10
C TYR A 25 -15.13 -49.62 -3.66
N SER A 26 -14.19 -49.91 -2.76
CA SER A 26 -12.91 -50.51 -3.10
C SER A 26 -12.87 -51.94 -2.59
N PRO A 27 -13.01 -52.97 -3.47
CA PRO A 27 -12.98 -54.36 -3.02
C PRO A 27 -11.67 -54.69 -2.30
N PRO A 28 -11.67 -55.61 -1.31
CA PRO A 28 -10.43 -56.01 -0.63
C PRO A 28 -9.59 -56.93 -1.50
N PHE A 29 -8.28 -56.91 -1.28
CA PHE A 29 -7.36 -57.83 -1.92
C PHE A 29 -6.24 -58.17 -0.94
N TYR A 30 -6.25 -59.42 -0.47
CA TYR A 30 -5.27 -59.93 0.46
C TYR A 30 -4.86 -61.34 0.01
N PRO A 31 -3.67 -61.86 0.39
CA PRO A 31 -2.72 -61.15 1.26
C PRO A 31 -1.88 -60.08 0.55
N SER A 32 -1.15 -59.30 1.35
CA SER A 32 -0.20 -58.34 0.83
C SER A 32 0.98 -59.07 0.20
N PRO A 33 1.19 -58.97 -1.13
CA PRO A 33 2.25 -59.73 -1.80
C PRO A 33 3.63 -59.49 -1.21
N TRP A 34 4.40 -60.56 -1.07
CA TRP A 34 5.78 -60.50 -0.63
C TRP A 34 6.69 -60.42 -1.86
N MET A 35 7.93 -59.99 -1.64
CA MET A 35 8.90 -59.80 -2.70
C MET A 35 9.19 -61.11 -3.42
N ASP A 36 9.50 -61.01 -4.72
CA ASP A 36 10.04 -62.09 -5.51
C ASP A 36 11.56 -62.00 -5.52
N GLY A 37 12.08 -60.79 -5.75
CA GLY A 37 13.51 -60.57 -5.85
C GLY A 37 14.09 -61.34 -7.03
N ASN A 38 13.39 -61.29 -8.17
CA ASN A 38 13.89 -61.84 -9.42
C ASN A 38 14.46 -60.71 -10.26
N GLY A 39 15.24 -61.07 -11.28
CA GLY A 39 15.70 -60.14 -12.29
C GLY A 39 16.64 -59.07 -11.72
N GLU A 40 16.29 -57.81 -11.97
CA GLU A 40 17.12 -56.67 -11.61
C GLU A 40 17.15 -56.49 -10.09
N TRP A 41 16.24 -57.17 -9.37
CA TRP A 41 16.10 -57.03 -7.93
C TRP A 41 16.76 -58.19 -7.18
N ALA A 42 17.45 -59.10 -7.89
CA ALA A 42 17.93 -60.34 -7.28
C ALA A 42 19.08 -60.07 -6.31
N GLU A 43 20.06 -59.27 -6.75
CA GLU A 43 21.20 -58.90 -5.92
C GLU A 43 20.73 -58.17 -4.67
N ALA A 44 19.81 -57.19 -4.85
CA ALA A 44 19.32 -56.38 -3.76
C ALA A 44 18.58 -57.24 -2.73
N TYR A 45 17.72 -58.15 -3.22
CA TYR A 45 16.91 -59.00 -2.36
C TYR A 45 17.81 -59.90 -1.51
N ARG A 46 18.80 -60.52 -2.14
CA ARG A 46 19.71 -61.44 -1.47
C ARG A 46 20.38 -60.73 -0.29
N ARG A 47 20.86 -59.51 -0.53
CA ARG A 47 21.55 -58.72 0.48
C ARG A 47 20.58 -58.25 1.55
N ALA A 48 19.36 -57.88 1.14
CA ALA A 48 18.33 -57.44 2.06
C ALA A 48 17.93 -58.57 3.01
N VAL A 49 17.79 -59.78 2.45
CA VAL A 49 17.47 -60.97 3.24
C VAL A 49 18.56 -61.19 4.28
N ASP A 50 19.83 -61.12 3.85
CA ASP A 50 20.97 -61.38 4.72
C ASP A 50 20.99 -60.40 5.89
N PHE A 51 20.63 -59.14 5.63
CA PHE A 51 20.65 -58.11 6.65
C PHE A 51 19.47 -58.31 7.62
N VAL A 52 18.27 -58.50 7.07
CA VAL A 52 17.05 -58.57 7.87
C VAL A 52 17.05 -59.84 8.71
N SER A 53 17.71 -60.89 8.22
CA SER A 53 17.80 -62.16 8.94
C SER A 53 18.50 -61.98 10.29
N GLN A 54 19.31 -60.92 10.43
CA GLN A 54 20.08 -60.66 11.64
C GLN A 54 19.30 -59.83 12.65
N LEU A 55 18.11 -59.34 12.28
CA LEU A 55 17.44 -58.30 13.06
C LEU A 55 16.48 -58.91 14.07
N THR A 56 16.28 -58.19 15.20
CA THR A 56 15.18 -58.46 16.11
C THR A 56 13.91 -57.88 15.49
N LEU A 57 12.77 -58.20 16.11
CA LEU A 57 11.49 -57.65 15.70
C LEU A 57 11.51 -56.13 15.80
N ALA A 58 12.00 -55.62 16.94
CA ALA A 58 12.01 -54.19 17.20
C ALA A 58 12.82 -53.45 16.13
N GLU A 59 13.95 -54.04 15.72
CA GLU A 59 14.84 -53.44 14.74
C GLU A 59 14.15 -53.40 13.37
N LYS A 60 13.44 -54.46 13.03
CA LYS A 60 12.68 -54.53 11.78
C LYS A 60 11.61 -53.44 11.77
N VAL A 61 10.87 -53.32 12.88
CA VAL A 61 9.80 -52.35 13.01
C VAL A 61 10.36 -50.94 12.91
N ASN A 62 11.57 -50.72 13.44
CA ASN A 62 12.22 -49.42 13.39
C ASN A 62 12.37 -48.91 11.96
N LEU A 63 12.63 -49.82 11.01
CA LEU A 63 12.79 -49.45 9.62
C LEU A 63 11.48 -48.89 9.07
N THR A 64 10.34 -49.34 9.60
CA THR A 64 9.03 -48.99 9.08
C THR A 64 8.48 -47.73 9.75
N THR A 65 9.19 -47.22 10.78
CA THR A 65 8.66 -46.18 11.64
C THR A 65 9.41 -44.86 11.42
N GLY A 66 8.67 -43.81 11.07
CA GLY A 66 9.21 -42.45 11.10
C GLY A 66 9.48 -42.00 12.54
N VAL A 67 10.42 -41.06 12.71
CA VAL A 67 10.87 -40.66 14.04
C VAL A 67 10.02 -39.52 14.59
N GLY A 68 9.11 -38.97 13.77
CA GLY A 68 8.23 -37.89 14.20
C GLY A 68 8.57 -36.59 13.46
N TRP A 69 7.57 -35.70 13.36
CA TRP A 69 7.70 -34.48 12.58
C TRP A 69 8.75 -33.56 13.18
N MET A 70 9.79 -33.27 12.39
CA MET A 70 10.86 -32.33 12.73
C MET A 70 11.70 -32.83 13.91
N GLN A 71 11.74 -34.14 14.13
CA GLN A 71 12.43 -34.68 15.30
C GLN A 71 13.91 -34.93 15.00
N GLU A 72 14.30 -34.95 13.71
CA GLU A 72 15.70 -35.10 13.34
C GLU A 72 16.04 -34.06 12.28
N LYS A 73 16.87 -34.44 11.29
CA LYS A 73 17.49 -33.51 10.37
C LYS A 73 16.74 -33.43 9.04
N CYS A 74 16.18 -34.56 8.60
CA CYS A 74 15.57 -34.66 7.28
C CYS A 74 14.06 -34.52 7.39
N VAL A 75 13.41 -34.26 6.25
CA VAL A 75 11.96 -34.10 6.19
C VAL A 75 11.29 -35.33 6.82
N GLY A 76 11.84 -36.50 6.53
CA GLY A 76 11.48 -37.73 7.23
C GLY A 76 12.72 -38.55 7.54
N GLU A 77 12.67 -39.29 8.66
CA GLU A 77 13.73 -40.23 9.02
C GLU A 77 13.10 -41.48 9.63
N THR A 78 13.67 -42.64 9.29
CA THR A 78 13.27 -43.90 9.91
C THR A 78 14.03 -44.05 11.22
N GLY A 79 13.62 -45.06 12.00
CA GLY A 79 14.39 -45.49 13.15
C GLY A 79 15.70 -46.15 12.71
N SER A 80 16.64 -46.27 13.64
CA SER A 80 17.97 -46.77 13.34
C SER A 80 18.16 -48.16 13.93
N ILE A 81 19.24 -48.83 13.51
CA ILE A 81 19.67 -50.09 14.08
C ILE A 81 21.12 -49.90 14.52
N PRO A 82 21.36 -49.21 15.67
CA PRO A 82 22.71 -48.92 16.12
C PRO A 82 23.56 -50.17 16.38
N ARG A 83 22.88 -51.28 16.71
CA ARG A 83 23.56 -52.54 16.97
C ARG A 83 24.43 -52.95 15.79
N LEU A 84 23.99 -52.63 14.56
CA LEU A 84 24.74 -52.94 13.35
C LEU A 84 25.31 -51.68 12.72
N GLY A 85 25.35 -50.58 13.48
CA GLY A 85 25.85 -49.31 12.99
C GLY A 85 25.11 -48.83 11.73
N PHE A 86 23.81 -49.13 11.66
CA PHE A 86 22.97 -48.72 10.54
C PHE A 86 22.10 -47.55 11.00
N ARG A 87 22.33 -46.37 10.41
CA ARG A 87 21.62 -45.17 10.82
C ARG A 87 20.24 -45.15 10.18
N GLY A 88 19.37 -44.30 10.72
CA GLY A 88 18.06 -44.07 10.14
C GLY A 88 18.20 -43.56 8.70
N LEU A 89 17.24 -43.92 7.85
CA LEU A 89 17.19 -43.41 6.49
C LEU A 89 16.82 -41.94 6.54
N CYS A 90 17.40 -41.16 5.62
CA CYS A 90 17.09 -39.75 5.44
C CYS A 90 16.24 -39.57 4.18
N LEU A 91 14.99 -39.15 4.38
CA LEU A 91 14.04 -38.90 3.29
C LEU A 91 13.88 -37.39 3.13
N GLN A 92 14.10 -36.88 1.91
CA GLN A 92 14.15 -35.45 1.68
C GLN A 92 13.41 -35.08 0.40
N ASP A 93 12.57 -34.05 0.48
CA ASP A 93 12.05 -33.36 -0.69
C ASP A 93 13.23 -32.78 -1.47
N SER A 94 13.08 -32.48 -2.77
CA SER A 94 11.82 -32.43 -3.50
C SER A 94 12.02 -33.09 -4.88
N PRO A 95 11.01 -33.06 -5.78
CA PRO A 95 11.21 -33.49 -7.16
C PRO A 95 12.12 -32.64 -8.06
N LEU A 96 12.51 -31.43 -7.61
CA LEU A 96 13.31 -30.54 -8.44
C LEU A 96 14.58 -30.08 -7.72
N GLY A 97 14.95 -30.74 -6.62
CA GLY A 97 16.18 -30.43 -5.92
C GLY A 97 16.17 -30.92 -4.48
N VAL A 98 17.17 -30.47 -3.70
CA VAL A 98 17.25 -30.77 -2.29
C VAL A 98 16.59 -29.62 -1.53
N ARG A 99 15.42 -29.90 -0.93
CA ARG A 99 14.66 -28.90 -0.20
C ARG A 99 15.40 -28.53 1.08
N PHE A 100 15.33 -27.24 1.45
CA PHE A 100 15.71 -26.74 2.77
C PHE A 100 17.21 -26.51 2.87
N ALA A 101 18.02 -27.44 2.34
CA ALA A 101 19.46 -27.39 2.48
C ALA A 101 20.04 -26.18 1.75
N ASP A 102 21.20 -25.72 2.23
CA ASP A 102 21.94 -24.63 1.61
C ASP A 102 22.97 -25.22 0.64
N TYR A 103 23.47 -24.35 -0.27
CA TYR A 103 24.50 -24.69 -1.24
C TYR A 103 24.02 -25.83 -2.13
N VAL A 104 22.78 -25.70 -2.64
CA VAL A 104 22.20 -26.63 -3.60
C VAL A 104 21.69 -25.84 -4.81
N SER A 105 21.33 -26.57 -5.87
CA SER A 105 20.80 -25.97 -7.08
C SER A 105 19.28 -26.01 -7.09
N ALA A 106 18.67 -25.07 -7.81
CA ALA A 106 17.24 -25.07 -8.07
C ALA A 106 16.99 -25.41 -9.53
N PHE A 107 16.56 -26.66 -9.78
CA PHE A 107 16.39 -27.16 -11.13
C PHE A 107 15.05 -26.69 -11.68
N PRO A 108 14.88 -26.72 -13.04
CA PRO A 108 13.56 -26.48 -13.64
C PRO A 108 12.54 -27.49 -13.13
N ALA A 109 11.28 -27.06 -13.06
CA ALA A 109 10.19 -27.91 -12.61
C ALA A 109 9.95 -29.05 -13.60
N GLY A 110 9.27 -30.10 -13.12
CA GLY A 110 8.93 -31.25 -13.94
C GLY A 110 8.20 -30.85 -15.23
N VAL A 111 7.32 -29.85 -15.15
CA VAL A 111 6.52 -29.44 -16.30
C VAL A 111 7.46 -28.93 -17.40
N ASN A 112 8.57 -28.29 -17.01
CA ASN A 112 9.57 -27.84 -17.98
C ASN A 112 10.24 -29.05 -18.63
N VAL A 113 10.50 -30.09 -17.84
CA VAL A 113 11.08 -31.32 -18.38
C VAL A 113 10.14 -31.88 -19.44
N ALA A 114 8.84 -31.92 -19.13
CA ALA A 114 7.84 -32.39 -20.08
C ALA A 114 7.90 -31.60 -21.38
N ALA A 115 8.11 -30.28 -21.28
CA ALA A 115 8.13 -29.40 -22.44
C ALA A 115 9.36 -29.64 -23.31
N THR A 116 10.42 -30.26 -22.76
CA THR A 116 11.61 -30.57 -23.54
C THR A 116 11.33 -31.76 -24.46
N TRP A 117 10.43 -32.65 -24.05
CA TRP A 117 10.20 -33.91 -24.75
C TRP A 117 11.53 -34.63 -24.98
N ASP A 118 12.43 -34.54 -23.99
CA ASP A 118 13.81 -34.97 -24.15
C ASP A 118 14.18 -35.96 -23.05
N LYS A 119 14.20 -37.25 -23.42
CA LYS A 119 14.51 -38.32 -22.50
C LYS A 119 15.88 -38.13 -21.87
N ASN A 120 16.86 -37.73 -22.69
CA ASN A 120 18.24 -37.58 -22.26
C ASN A 120 18.34 -36.48 -21.21
N LEU A 121 17.66 -35.35 -21.44
CA LEU A 121 17.69 -34.23 -20.51
C LEU A 121 17.01 -34.63 -19.20
N ALA A 122 15.91 -35.38 -19.29
CA ALA A 122 15.22 -35.87 -18.10
C ALA A 122 16.15 -36.72 -17.26
N TYR A 123 16.94 -37.58 -17.93
CA TYR A 123 17.88 -38.46 -17.24
C TYR A 123 18.97 -37.63 -16.56
N LEU A 124 19.54 -36.66 -17.28
CA LEU A 124 20.67 -35.89 -16.77
C LEU A 124 20.26 -35.02 -15.59
N ARG A 125 19.01 -34.53 -15.61
CA ARG A 125 18.47 -33.77 -14.49
C ARG A 125 18.36 -34.68 -13.26
N GLY A 126 17.84 -35.89 -13.47
CA GLY A 126 17.72 -36.87 -12.40
C GLY A 126 19.08 -37.17 -11.77
N LYS A 127 20.10 -37.34 -12.64
CA LYS A 127 21.46 -37.62 -12.20
C LYS A 127 21.99 -36.46 -11.36
N ALA A 128 21.81 -35.23 -11.83
CA ALA A 128 22.31 -34.05 -11.14
C ALA A 128 21.63 -33.90 -9.78
N MET A 129 20.30 -34.10 -9.74
CA MET A 129 19.55 -34.02 -8.50
C MET A 129 20.03 -35.10 -7.53
N GLY A 130 20.13 -36.34 -8.02
CA GLY A 130 20.58 -37.46 -7.21
C GLY A 130 21.96 -37.19 -6.61
N GLU A 131 22.85 -36.59 -7.42
CA GLU A 131 24.19 -36.24 -6.98
C GLU A 131 24.13 -35.28 -5.80
N GLU A 132 23.21 -34.30 -5.86
CA GLU A 132 23.11 -33.29 -4.82
C GLU A 132 22.55 -33.91 -3.54
N HIS A 133 21.50 -34.73 -3.67
CA HIS A 133 20.97 -35.47 -2.54
C HIS A 133 22.07 -36.33 -1.91
N ARG A 134 22.80 -37.06 -2.76
CA ARG A 134 23.87 -37.95 -2.31
C ARG A 134 24.90 -37.18 -1.49
N GLY A 135 25.35 -36.03 -2.02
CA GLY A 135 26.36 -35.22 -1.38
C GLY A 135 25.92 -34.71 0.00
N LYS A 136 24.59 -34.61 0.20
CA LYS A 136 24.04 -34.14 1.46
C LYS A 136 23.76 -35.29 2.42
N GLY A 137 23.82 -36.53 1.91
CA GLY A 137 23.62 -37.72 2.73
C GLY A 137 22.19 -38.24 2.69
N VAL A 138 21.40 -37.75 1.72
CA VAL A 138 20.01 -38.16 1.59
C VAL A 138 19.97 -39.58 1.03
N ASP A 139 19.08 -40.41 1.59
CA ASP A 139 18.89 -41.79 1.17
C ASP A 139 17.74 -41.88 0.16
N VAL A 140 16.68 -41.09 0.37
CA VAL A 140 15.50 -41.13 -0.47
C VAL A 140 15.14 -39.71 -0.90
N GLN A 141 15.14 -39.47 -2.22
CA GLN A 141 14.61 -38.24 -2.80
C GLN A 141 13.11 -38.42 -3.02
N LEU A 142 12.30 -37.54 -2.43
CA LEU A 142 10.86 -37.67 -2.49
C LEU A 142 10.33 -37.10 -3.81
N GLY A 143 10.52 -37.90 -4.86
CA GLY A 143 10.17 -37.56 -6.23
C GLY A 143 10.81 -38.57 -7.19
N PRO A 144 10.46 -38.59 -8.49
CA PRO A 144 9.56 -37.60 -9.10
C PRO A 144 8.06 -37.87 -8.99
N VAL A 145 7.27 -37.04 -9.69
CA VAL A 145 5.82 -37.01 -9.55
C VAL A 145 5.15 -37.43 -10.85
N ALA A 146 4.23 -38.40 -10.75
CA ALA A 146 3.33 -38.74 -11.85
C ALA A 146 1.88 -38.62 -11.36
N GLY A 147 1.73 -38.19 -10.11
CA GLY A 147 0.43 -37.99 -9.49
C GLY A 147 0.50 -36.78 -8.54
N PRO A 148 -0.09 -35.62 -8.88
CA PRO A 148 -1.04 -35.49 -10.00
C PRO A 148 -0.45 -35.70 -11.39
N LEU A 149 -1.25 -36.27 -12.28
CA LEU A 149 -0.93 -36.36 -13.69
C LEU A 149 -1.28 -35.04 -14.38
N GLY A 150 -2.47 -34.52 -14.06
CA GLY A 150 -2.91 -33.22 -14.58
C GLY A 150 -4.34 -33.27 -15.12
N ARG A 151 -5.25 -33.84 -14.32
CA ARG A 151 -6.66 -33.95 -14.69
C ARG A 151 -7.24 -32.57 -14.98
N HIS A 152 -6.92 -31.60 -14.12
CA HIS A 152 -7.47 -30.26 -14.22
C HIS A 152 -6.36 -29.27 -14.57
N PRO A 153 -6.62 -28.27 -15.47
CA PRO A 153 -5.61 -27.25 -15.77
C PRO A 153 -5.27 -26.37 -14.57
N ASP A 154 -6.18 -26.36 -13.57
CA ASP A 154 -6.07 -25.49 -12.41
C ASP A 154 -5.68 -26.29 -11.16
N GLY A 155 -5.29 -27.56 -11.35
CA GLY A 155 -4.72 -28.36 -10.26
C GLY A 155 -3.41 -27.73 -9.77
N GLY A 156 -3.30 -27.55 -8.45
CA GLY A 156 -2.27 -26.72 -7.86
C GLY A 156 -0.85 -27.27 -8.04
N ARG A 157 -0.70 -28.60 -8.10
CA ARG A 157 0.61 -29.22 -8.05
C ARG A 157 0.97 -29.91 -9.38
N ASN A 158 0.22 -29.63 -10.46
CA ASN A 158 0.49 -30.25 -11.75
C ASN A 158 1.93 -29.99 -12.18
N TRP A 159 2.41 -28.77 -11.93
CA TRP A 159 3.73 -28.34 -12.38
C TRP A 159 4.84 -29.22 -11.80
N GLU A 160 4.57 -29.88 -10.68
CA GLU A 160 5.55 -30.75 -10.04
C GLU A 160 5.78 -32.02 -10.87
N GLY A 161 4.73 -32.46 -11.59
CA GLY A 161 4.79 -33.64 -12.42
C GLY A 161 5.35 -33.31 -13.80
N PHE A 162 4.70 -33.82 -14.85
CA PHE A 162 5.19 -33.64 -16.21
C PHE A 162 4.05 -33.12 -17.09
N SER A 163 3.08 -34.00 -17.39
CA SER A 163 2.08 -33.75 -18.41
C SER A 163 0.80 -34.51 -18.11
N PRO A 164 -0.39 -33.99 -18.50
CA PRO A 164 -1.63 -34.78 -18.42
C PRO A 164 -1.58 -36.03 -19.28
N ASP A 165 -0.68 -36.06 -20.28
CA ASP A 165 -0.50 -37.24 -21.11
C ASP A 165 0.26 -38.31 -20.32
N PRO A 166 -0.29 -39.54 -20.23
CA PRO A 166 0.36 -40.62 -19.48
C PRO A 166 1.67 -41.14 -20.06
N VAL A 167 1.81 -41.08 -21.39
CA VAL A 167 2.99 -41.63 -22.06
C VAL A 167 4.16 -40.67 -21.90
N LEU A 168 3.93 -39.38 -22.16
CA LEU A 168 4.97 -38.36 -22.00
C LEU A 168 5.46 -38.38 -20.55
N THR A 169 4.51 -38.44 -19.61
CA THR A 169 4.83 -38.43 -18.19
C THR A 169 5.58 -39.71 -17.82
N GLY A 170 5.05 -40.87 -18.25
CA GLY A 170 5.64 -42.15 -17.92
C GLY A 170 7.08 -42.26 -18.39
N VAL A 171 7.34 -41.84 -19.64
CA VAL A 171 8.66 -41.96 -20.24
C VAL A 171 9.66 -41.09 -19.46
N LEU A 172 9.31 -39.82 -19.22
CA LEU A 172 10.22 -38.88 -18.60
C LEU A 172 10.35 -39.16 -17.11
N MET A 173 9.28 -39.66 -16.49
CA MET A 173 9.29 -40.16 -15.13
C MET A 173 10.35 -41.25 -14.99
N ALA A 174 10.32 -42.23 -15.91
CA ALA A 174 11.24 -43.35 -15.88
C ALA A 174 12.69 -42.87 -16.03
N GLU A 175 12.92 -41.93 -16.95
CA GLU A 175 14.25 -41.40 -17.20
C GLU A 175 14.77 -40.68 -15.96
N THR A 176 13.90 -39.90 -15.31
CA THR A 176 14.25 -39.16 -14.11
C THR A 176 14.69 -40.13 -13.01
N ILE A 177 13.88 -41.17 -12.79
CA ILE A 177 14.14 -42.19 -11.77
C ILE A 177 15.50 -42.83 -12.02
N LYS A 178 15.75 -43.25 -13.26
CA LYS A 178 17.00 -43.91 -13.62
C LYS A 178 18.18 -42.99 -13.30
N GLY A 179 18.02 -41.69 -13.59
CA GLY A 179 19.05 -40.70 -13.30
C GLY A 179 19.36 -40.62 -11.81
N ILE A 180 18.32 -40.49 -10.99
CA ILE A 180 18.46 -40.36 -9.54
C ILE A 180 19.15 -41.60 -8.98
N GLN A 181 18.66 -42.77 -9.37
CA GLN A 181 19.08 -44.03 -8.76
C GLN A 181 20.47 -44.45 -9.26
N ASP A 182 20.81 -44.07 -10.50
CA ASP A 182 22.16 -44.28 -11.01
C ASP A 182 23.16 -43.43 -10.24
N ALA A 183 22.71 -42.30 -9.69
CA ALA A 183 23.55 -41.44 -8.87
C ALA A 183 23.66 -41.95 -7.43
N GLY A 184 22.89 -43.00 -7.09
CA GLY A 184 23.04 -43.70 -5.82
C GLY A 184 22.11 -43.19 -4.73
N VAL A 185 20.92 -42.70 -5.14
CA VAL A 185 19.89 -42.27 -4.22
C VAL A 185 18.60 -43.00 -4.57
N ILE A 186 17.80 -43.35 -3.56
CA ILE A 186 16.51 -43.99 -3.78
C ILE A 186 15.52 -42.93 -4.25
N ALA A 187 14.83 -43.20 -5.37
CA ALA A 187 13.78 -42.34 -5.86
C ALA A 187 12.43 -42.79 -5.31
N CYS A 188 11.45 -41.87 -5.32
CA CYS A 188 10.14 -42.13 -4.76
C CYS A 188 9.05 -41.64 -5.71
N ALA A 189 8.39 -42.57 -6.39
CA ALA A 189 7.24 -42.25 -7.22
C ALA A 189 6.07 -41.82 -6.33
N LYS A 190 5.64 -40.56 -6.50
CA LYS A 190 4.51 -40.03 -5.74
C LYS A 190 3.61 -39.27 -6.71
N HIS A 191 2.35 -38.99 -6.34
CA HIS A 191 1.64 -39.55 -5.21
C HIS A 191 0.66 -40.59 -5.73
N PHE A 192 0.62 -41.77 -5.10
CA PHE A 192 -0.15 -42.91 -5.58
C PHE A 192 -1.42 -43.06 -4.73
N ILE A 193 -2.61 -42.77 -5.26
CA ILE A 193 -2.87 -42.29 -6.62
C ILE A 193 -4.16 -41.46 -6.56
N GLY A 194 -4.40 -40.64 -7.59
CA GLY A 194 -5.66 -39.95 -7.75
C GLY A 194 -5.71 -38.61 -7.01
N ASN A 195 -4.54 -38.06 -6.66
CA ASN A 195 -4.44 -36.79 -5.97
C ASN A 195 -4.37 -35.67 -7.01
N GLU A 196 -5.47 -35.46 -7.74
CA GLU A 196 -5.49 -34.61 -8.92
C GLU A 196 -5.86 -33.17 -8.58
N MET A 197 -6.17 -32.89 -7.30
CA MET A 197 -6.36 -31.52 -6.85
C MET A 197 -5.95 -31.41 -5.39
N GLU A 198 -5.84 -30.16 -4.91
CA GLU A 198 -5.42 -29.89 -3.54
C GLU A 198 -6.63 -29.80 -2.61
N HIS A 199 -7.78 -29.34 -3.11
CA HIS A 199 -8.96 -29.17 -2.28
C HIS A 199 -9.32 -30.49 -1.59
N PHE A 200 -9.47 -30.42 -0.25
CA PHE A 200 -10.01 -31.49 0.57
C PHE A 200 -9.08 -32.71 0.60
N ARG A 201 -7.78 -32.50 0.36
CA ARG A 201 -6.84 -33.61 0.34
C ARG A 201 -6.68 -34.15 1.76
N GLN A 202 -6.80 -33.26 2.75
CA GLN A 202 -6.67 -33.61 4.15
C GLN A 202 -7.67 -32.78 4.95
N ALA A 203 -8.41 -33.43 5.86
CA ALA A 203 -9.52 -32.81 6.55
C ALA A 203 -9.05 -31.61 7.37
N SER A 204 -7.94 -31.78 8.10
CA SER A 204 -7.38 -30.73 8.92
C SER A 204 -7.13 -29.47 8.10
N GLU A 205 -6.61 -29.66 6.88
CA GLU A 205 -6.28 -28.56 5.98
C GLU A 205 -7.57 -27.89 5.49
N ALA A 206 -8.57 -28.70 5.15
CA ALA A 206 -9.86 -28.21 4.70
C ALA A 206 -10.53 -27.38 5.80
N VAL A 207 -10.40 -27.83 7.06
CA VAL A 207 -10.99 -27.12 8.19
C VAL A 207 -10.33 -25.75 8.30
N GLY A 208 -9.01 -25.70 8.15
CA GLY A 208 -8.26 -24.46 8.15
C GLY A 208 -8.79 -23.45 7.13
N TYR A 209 -9.44 -23.95 6.06
CA TYR A 209 -10.00 -23.12 5.01
C TYR A 209 -11.52 -22.95 5.19
N GLY A 210 -12.06 -23.41 6.33
CA GLY A 210 -13.43 -23.10 6.72
C GLY A 210 -14.43 -24.13 6.23
N PHE A 211 -13.96 -25.30 5.79
CA PHE A 211 -14.83 -26.39 5.36
C PHE A 211 -15.01 -27.35 6.53
N ASP A 212 -16.25 -27.83 6.72
CA ASP A 212 -16.55 -28.78 7.79
C ASP A 212 -16.60 -30.20 7.22
N ILE A 213 -15.41 -30.82 7.09
CA ILE A 213 -15.31 -32.24 6.73
C ILE A 213 -14.35 -32.93 7.68
N THR A 214 -14.54 -34.24 7.88
CA THR A 214 -13.72 -35.04 8.78
C THR A 214 -12.92 -36.08 8.01
N GLU A 215 -13.08 -36.16 6.69
CA GLU A 215 -12.37 -37.14 5.87
C GLU A 215 -11.92 -36.49 4.56
N SER A 216 -10.85 -37.04 3.98
CA SER A 216 -10.32 -36.56 2.72
C SER A 216 -11.26 -36.91 1.58
N VAL A 217 -11.18 -36.12 0.50
CA VAL A 217 -11.92 -36.36 -0.74
C VAL A 217 -11.64 -37.77 -1.24
N SER A 218 -12.65 -38.37 -1.87
CA SER A 218 -12.52 -39.67 -2.53
C SER A 218 -12.50 -39.47 -4.03
N SER A 219 -11.36 -39.79 -4.65
CA SER A 219 -11.25 -39.89 -6.10
C SER A 219 -11.89 -41.20 -6.55
N ASN A 220 -13.03 -41.09 -7.24
CA ASN A 220 -13.78 -42.26 -7.67
C ASN A 220 -13.43 -42.53 -9.14
N ILE A 221 -12.56 -43.53 -9.34
CA ILE A 221 -11.97 -43.81 -10.64
C ILE A 221 -12.27 -45.27 -10.99
N ASP A 222 -12.82 -45.51 -12.18
CA ASP A 222 -13.14 -46.85 -12.63
C ASP A 222 -11.86 -47.57 -13.05
N ASP A 223 -11.95 -48.91 -13.10
CA ASP A 223 -10.80 -49.77 -13.33
C ASP A 223 -10.13 -49.44 -14.67
N LYS A 224 -10.94 -49.22 -15.71
CA LYS A 224 -10.43 -48.96 -17.05
C LYS A 224 -9.66 -47.63 -17.07
N THR A 225 -10.25 -46.60 -16.46
CA THR A 225 -9.64 -45.27 -16.41
C THR A 225 -8.30 -45.34 -15.67
N LEU A 226 -8.27 -46.05 -14.55
CA LEU A 226 -7.04 -46.22 -13.78
C LEU A 226 -5.94 -46.78 -14.68
N HIS A 227 -6.25 -47.89 -15.37
CA HIS A 227 -5.26 -48.63 -16.14
C HIS A 227 -4.75 -47.81 -17.33
N GLU A 228 -5.65 -47.13 -18.04
CA GLU A 228 -5.32 -46.52 -19.32
C GLU A 228 -4.78 -45.10 -19.14
N LEU A 229 -4.92 -44.52 -17.94
CA LEU A 229 -4.48 -43.15 -17.71
C LEU A 229 -3.57 -43.08 -16.49
N TYR A 230 -4.14 -43.05 -15.28
CA TYR A 230 -3.41 -42.61 -14.09
C TYR A 230 -2.35 -43.63 -13.68
N LEU A 231 -2.63 -44.92 -13.88
CA LEU A 231 -1.72 -45.97 -13.42
C LEU A 231 -0.53 -46.11 -14.37
N TRP A 232 -0.75 -45.78 -15.65
CA TRP A 232 0.19 -46.01 -16.73
C TRP A 232 1.60 -45.49 -16.40
N PRO A 233 1.79 -44.20 -16.07
CA PRO A 233 3.12 -43.69 -15.74
C PRO A 233 3.76 -44.34 -14.50
N PHE A 234 2.92 -44.79 -13.55
CA PHE A 234 3.43 -45.48 -12.37
C PHE A 234 3.94 -46.87 -12.75
N ALA A 235 3.30 -47.51 -13.74
CA ALA A 235 3.81 -48.77 -14.27
C ALA A 235 5.21 -48.55 -14.84
N ASP A 236 5.38 -47.44 -15.58
CA ASP A 236 6.69 -47.08 -16.14
C ASP A 236 7.70 -46.92 -15.01
N ALA A 237 7.29 -46.27 -13.92
CA ALA A 237 8.18 -46.03 -12.79
C ALA A 237 8.65 -47.36 -12.19
N VAL A 238 7.73 -48.32 -12.04
CA VAL A 238 8.05 -49.62 -11.48
C VAL A 238 9.08 -50.31 -12.38
N ARG A 239 8.83 -50.29 -13.69
CA ARG A 239 9.65 -51.01 -14.66
C ARG A 239 11.03 -50.35 -14.76
N ALA A 240 11.11 -49.06 -14.44
CA ALA A 240 12.36 -48.32 -14.44
C ALA A 240 13.19 -48.64 -13.20
N GLY A 241 12.57 -49.33 -12.21
CA GLY A 241 13.29 -49.87 -11.07
C GLY A 241 13.23 -48.96 -9.85
N VAL A 242 12.22 -48.08 -9.79
CA VAL A 242 12.12 -47.13 -8.70
C VAL A 242 12.07 -47.90 -7.37
N GLY A 243 12.74 -47.35 -6.36
CA GLY A 243 12.95 -48.06 -5.11
C GLY A 243 11.75 -47.95 -4.16
N SER A 244 11.03 -46.82 -4.23
CA SER A 244 9.97 -46.54 -3.29
C SER A 244 8.77 -45.89 -3.99
N PHE A 245 7.60 -46.03 -3.35
CA PHE A 245 6.39 -45.32 -3.72
C PHE A 245 5.87 -44.54 -2.51
N MET A 246 5.10 -43.49 -2.77
CA MET A 246 4.40 -42.76 -1.72
C MET A 246 2.90 -42.78 -2.01
N CYS A 247 2.12 -43.35 -1.08
CA CYS A 247 0.67 -43.39 -1.20
C CYS A 247 0.10 -42.03 -0.77
N SER A 248 -1.02 -41.65 -1.41
CA SER A 248 -1.49 -40.27 -1.40
C SER A 248 -2.40 -39.99 -0.21
N TYR A 249 -2.68 -38.70 0.01
CA TYR A 249 -3.53 -38.23 1.10
C TYR A 249 -4.99 -38.61 0.86
N ASN A 250 -5.41 -38.61 -0.40
CA ASN A 250 -6.81 -38.76 -0.76
C ASN A 250 -7.23 -40.23 -0.67
N GLN A 251 -8.54 -40.47 -0.72
CA GLN A 251 -9.09 -41.80 -0.83
C GLN A 251 -9.30 -42.12 -2.31
N VAL A 252 -9.33 -43.41 -2.63
CA VAL A 252 -9.70 -43.89 -3.95
C VAL A 252 -10.83 -44.90 -3.77
N ASN A 253 -12.01 -44.54 -4.29
CA ASN A 253 -13.21 -45.35 -4.13
C ASN A 253 -13.47 -45.59 -2.65
N ASN A 254 -13.30 -44.51 -1.87
CA ASN A 254 -13.68 -44.44 -0.45
C ASN A 254 -12.81 -45.37 0.40
N SER A 255 -11.56 -45.56 -0.01
CA SER A 255 -10.53 -46.13 0.83
C SER A 255 -9.25 -45.30 0.68
N TYR A 256 -8.75 -44.77 1.79
CA TYR A 256 -7.49 -44.05 1.82
C TYR A 256 -6.42 -44.84 1.09
N SER A 257 -5.67 -44.16 0.21
CA SER A 257 -4.66 -44.79 -0.62
C SER A 257 -3.71 -45.65 0.22
N CYS A 258 -3.36 -45.17 1.43
CA CYS A 258 -2.33 -45.80 2.24
C CYS A 258 -2.84 -47.03 3.01
N SER A 259 -4.16 -47.29 2.94
CA SER A 259 -4.69 -48.55 3.44
C SER A 259 -5.70 -49.14 2.45
N ASN A 260 -5.47 -48.86 1.16
CA ASN A 260 -6.34 -49.32 0.09
C ASN A 260 -5.72 -50.60 -0.50
N SER A 261 -6.25 -51.75 -0.10
CA SER A 261 -5.65 -53.03 -0.45
C SER A 261 -5.71 -53.27 -1.95
N TYR A 262 -6.79 -52.82 -2.60
CA TYR A 262 -6.92 -52.95 -4.04
C TYR A 262 -5.79 -52.18 -4.72
N LEU A 263 -5.55 -50.96 -4.25
CA LEU A 263 -4.57 -50.08 -4.84
C LEU A 263 -3.15 -50.62 -4.65
N LEU A 264 -2.82 -51.00 -3.41
CA LEU A 264 -1.45 -51.32 -3.03
C LEU A 264 -1.15 -52.80 -3.26
N ASN A 265 -2.03 -53.69 -2.77
CA ASN A 265 -1.78 -55.12 -2.84
C ASN A 265 -2.02 -55.65 -4.26
N LYS A 266 -3.14 -55.25 -4.87
CA LYS A 266 -3.50 -55.78 -6.18
C LYS A 266 -2.76 -55.04 -7.28
N LEU A 267 -3.06 -53.75 -7.46
CA LEU A 267 -2.56 -53.02 -8.62
C LEU A 267 -1.05 -52.86 -8.55
N LEU A 268 -0.54 -52.33 -7.43
CA LEU A 268 0.86 -51.98 -7.33
C LEU A 268 1.72 -53.24 -7.18
N LYS A 269 1.36 -54.12 -6.24
CA LYS A 269 2.27 -55.19 -5.82
C LYS A 269 1.95 -56.53 -6.48
N SER A 270 0.78 -56.68 -7.12
CA SER A 270 0.48 -57.90 -7.86
C SER A 270 0.59 -57.62 -9.36
N GLU A 271 -0.31 -56.79 -9.90
CA GLU A 271 -0.35 -56.54 -11.32
C GLU A 271 0.97 -55.92 -11.79
N LEU A 272 1.40 -54.84 -11.14
CA LEU A 272 2.63 -54.16 -11.52
C LEU A 272 3.85 -54.79 -10.84
N ASP A 273 3.61 -55.69 -9.88
CA ASP A 273 4.65 -56.51 -9.27
C ASP A 273 5.80 -55.67 -8.73
N PHE A 274 5.46 -54.58 -8.02
CA PHE A 274 6.46 -53.67 -7.45
C PHE A 274 7.19 -54.39 -6.31
N GLN A 275 8.53 -54.29 -6.33
CA GLN A 275 9.38 -55.02 -5.41
C GLN A 275 9.92 -54.12 -4.30
N GLY A 276 9.74 -52.80 -4.45
CA GLY A 276 10.25 -51.83 -3.47
C GLY A 276 9.27 -51.61 -2.33
N PHE A 277 9.43 -50.50 -1.61
CA PHE A 277 8.63 -50.22 -0.42
C PHE A 277 7.69 -49.04 -0.65
N VAL A 278 6.56 -49.08 0.06
CA VAL A 278 5.55 -48.03 0.01
C VAL A 278 5.58 -47.27 1.33
N MET A 279 5.76 -45.95 1.25
CA MET A 279 5.67 -45.08 2.41
C MET A 279 4.39 -44.25 2.32
N SER A 280 3.89 -43.80 3.48
CA SER A 280 2.76 -42.88 3.51
C SER A 280 3.22 -41.48 3.17
N ASP A 281 2.31 -40.68 2.60
CA ASP A 281 2.49 -39.24 2.62
C ASP A 281 2.41 -38.80 4.08
N TRP A 282 2.92 -37.59 4.36
CA TRP A 282 3.18 -37.16 5.72
C TRP A 282 1.88 -36.97 6.49
N GLY A 283 1.57 -37.95 7.36
CA GLY A 283 0.35 -37.92 8.15
C GLY A 283 -0.86 -38.36 7.34
N ALA A 284 -0.62 -39.05 6.22
CA ALA A 284 -1.70 -39.58 5.40
C ALA A 284 -2.46 -40.63 6.21
N HIS A 285 -3.79 -40.48 6.26
CA HIS A 285 -4.62 -41.33 7.10
C HIS A 285 -4.57 -42.77 6.60
N HIS A 286 -4.56 -43.70 7.55
CA HIS A 286 -4.59 -45.13 7.26
C HIS A 286 -5.05 -45.85 8.52
N SER A 287 -5.38 -47.15 8.39
CA SER A 287 -6.03 -47.89 9.46
C SER A 287 -5.01 -48.50 10.43
N GLY A 288 -3.92 -47.75 10.68
CA GLY A 288 -2.86 -48.19 11.58
C GLY A 288 -2.25 -49.52 11.14
N VAL A 289 -2.26 -50.49 12.06
CA VAL A 289 -1.81 -51.85 11.80
C VAL A 289 -2.49 -52.43 10.56
N GLY A 290 -3.75 -52.03 10.32
CA GLY A 290 -4.50 -52.47 9.16
C GLY A 290 -3.83 -52.09 7.83
N ALA A 291 -3.15 -50.93 7.83
CA ALA A 291 -2.47 -50.43 6.63
C ALA A 291 -1.36 -51.39 6.20
N ALA A 292 -0.64 -51.94 7.19
CA ALA A 292 0.44 -52.88 6.94
C ALA A 292 -0.08 -54.09 6.17
N LEU A 293 -1.27 -54.58 6.56
CA LEU A 293 -1.88 -55.73 5.91
C LEU A 293 -2.37 -55.37 4.51
N ALA A 294 -2.68 -54.08 4.29
CA ALA A 294 -3.20 -53.61 3.01
C ALA A 294 -2.07 -53.19 2.07
N GLY A 295 -0.82 -53.21 2.53
CA GLY A 295 0.33 -53.08 1.65
C GLY A 295 1.25 -51.91 1.98
N LEU A 296 0.97 -51.16 3.06
CA LEU A 296 1.85 -50.08 3.49
C LEU A 296 3.09 -50.69 4.13
N ASP A 297 4.25 -50.09 3.88
CA ASP A 297 5.51 -50.60 4.40
C ASP A 297 6.17 -49.63 5.38
N MET A 298 5.90 -48.33 5.24
CA MET A 298 6.59 -47.32 6.04
C MET A 298 5.63 -46.18 6.38
N SER A 299 5.59 -45.80 7.65
CA SER A 299 4.71 -44.75 8.15
C SER A 299 5.51 -43.48 8.40
N MET A 300 5.13 -42.39 7.71
CA MET A 300 5.83 -41.11 7.80
C MET A 300 4.83 -40.00 8.12
N PRO A 301 5.22 -38.96 8.89
CA PRO A 301 6.57 -38.81 9.44
C PRO A 301 6.84 -39.56 10.75
N GLY A 302 5.85 -40.36 11.19
CA GLY A 302 5.94 -41.10 12.44
C GLY A 302 5.24 -40.36 13.57
N PHE A 312 3.81 -44.98 18.29
CA PHE A 312 2.40 -45.47 18.17
C PHE A 312 2.35 -46.59 17.13
N TRP A 313 2.72 -46.26 15.88
CA TRP A 313 2.82 -47.25 14.82
C TRP A 313 3.80 -48.36 15.21
N GLY A 314 4.98 -47.96 15.69
CA GLY A 314 6.01 -48.89 16.13
C GLY A 314 5.49 -49.84 17.20
N THR A 315 4.84 -49.28 18.24
CA THR A 315 4.34 -50.06 19.35
C THR A 315 3.24 -51.01 18.88
N ASN A 316 2.26 -50.46 18.14
CA ASN A 316 1.12 -51.23 17.67
C ASN A 316 1.56 -52.35 16.74
N LEU A 317 2.57 -52.08 15.90
CA LEU A 317 3.05 -53.06 14.94
C LEU A 317 3.76 -54.20 15.67
N THR A 318 4.57 -53.85 16.69
CA THR A 318 5.26 -54.84 17.50
C THR A 318 4.23 -55.73 18.19
N ILE A 319 3.21 -55.09 18.79
CA ILE A 319 2.16 -55.81 19.50
C ILE A 319 1.40 -56.71 18.53
N ALA A 320 1.14 -56.19 17.32
CA ALA A 320 0.35 -56.91 16.33
C ALA A 320 1.05 -58.20 15.90
N VAL A 321 2.40 -58.16 15.86
CA VAL A 321 3.18 -59.32 15.45
C VAL A 321 3.17 -60.37 16.57
N LEU A 322 3.32 -59.91 17.81
CA LEU A 322 3.39 -60.80 18.96
C LEU A 322 2.05 -61.51 19.18
N ASN A 323 0.94 -60.83 18.87
CA ASN A 323 -0.39 -61.36 19.15
C ASN A 323 -0.98 -62.04 17.91
N GLY A 324 -0.28 -61.96 16.77
CA GLY A 324 -0.63 -62.75 15.59
C GLY A 324 -1.56 -62.00 14.62
N THR A 325 -1.91 -60.75 14.92
CA THR A 325 -2.80 -59.99 14.04
C THR A 325 -2.04 -59.54 12.79
N VAL A 326 -0.73 -59.35 12.91
CA VAL A 326 0.11 -59.12 11.75
C VAL A 326 1.12 -60.27 11.65
N PRO A 327 1.09 -61.08 10.57
CA PRO A 327 2.00 -62.22 10.45
C PRO A 327 3.47 -61.79 10.41
N GLU A 328 4.34 -62.69 10.84
CA GLU A 328 5.78 -62.42 10.88
C GLU A 328 6.30 -62.16 9.46
N TRP A 329 5.71 -62.84 8.47
CA TRP A 329 6.17 -62.70 7.09
C TRP A 329 5.86 -61.32 6.53
N ARG A 330 4.87 -60.61 7.10
CA ARG A 330 4.51 -59.28 6.63
C ARG A 330 5.58 -58.28 7.06
N VAL A 331 5.91 -58.25 8.35
CA VAL A 331 6.92 -57.33 8.87
C VAL A 331 8.28 -57.64 8.26
N ASP A 332 8.56 -58.93 8.04
CA ASP A 332 9.77 -59.34 7.35
C ASP A 332 9.81 -58.77 5.94
N ASP A 333 8.65 -58.78 5.26
CA ASP A 333 8.56 -58.30 3.89
C ASP A 333 8.73 -56.78 3.86
N MET A 334 8.16 -56.09 4.85
CA MET A 334 8.29 -54.65 4.98
C MET A 334 9.78 -54.30 5.08
N ALA A 335 10.48 -54.97 6.00
CA ALA A 335 11.89 -54.69 6.25
C ALA A 335 12.72 -54.98 5.00
N VAL A 336 12.45 -56.11 4.32
CA VAL A 336 13.30 -56.55 3.22
C VAL A 336 13.09 -55.63 2.02
N ARG A 337 11.86 -55.14 1.81
CA ARG A 337 11.57 -54.21 0.72
C ARG A 337 12.37 -52.92 0.90
N ILE A 338 12.40 -52.42 2.13
CA ILE A 338 13.10 -51.19 2.45
C ILE A 338 14.60 -51.39 2.21
N MET A 339 15.14 -52.50 2.70
CA MET A 339 16.57 -52.78 2.59
C MET A 339 16.96 -53.12 1.15
N ALA A 340 16.04 -53.73 0.40
CA ALA A 340 16.28 -54.03 -1.01
C ALA A 340 16.48 -52.74 -1.80
N ALA A 341 15.59 -51.77 -1.57
CA ALA A 341 15.70 -50.46 -2.20
C ALA A 341 17.05 -49.84 -1.84
N PHE A 342 17.43 -49.96 -0.56
CA PHE A 342 18.69 -49.43 -0.06
C PHE A 342 19.86 -50.02 -0.84
N TYR A 343 19.85 -51.35 -1.04
CA TYR A 343 20.98 -52.02 -1.69
C TYR A 343 20.91 -51.85 -3.20
N LYS A 344 19.70 -51.72 -3.76
CA LYS A 344 19.53 -51.65 -5.20
C LYS A 344 20.29 -50.47 -5.78
N VAL A 345 20.22 -49.30 -5.11
CA VAL A 345 20.84 -48.09 -5.63
C VAL A 345 22.26 -47.95 -5.09
N GLY A 346 22.65 -48.80 -4.13
CA GLY A 346 24.00 -48.85 -3.62
C GLY A 346 24.24 -47.84 -2.49
N ARG A 347 23.22 -47.65 -1.63
CA ARG A 347 23.34 -46.76 -0.49
C ARG A 347 24.46 -47.23 0.44
N ASP A 348 24.74 -48.53 0.45
CA ASP A 348 25.83 -49.08 1.24
C ASP A 348 27.16 -48.47 0.81
N ARG A 349 27.30 -48.15 -0.48
CA ARG A 349 28.50 -47.53 -1.03
C ARG A 349 28.48 -46.01 -0.87
N TYR A 350 27.34 -45.38 -1.13
CA TYR A 350 27.29 -43.95 -1.39
C TYR A 350 26.85 -43.15 -0.15
N GLN A 351 26.38 -43.85 0.89
CA GLN A 351 25.90 -43.16 2.08
C GLN A 351 27.05 -42.40 2.74
N VAL A 352 26.77 -41.14 3.07
CA VAL A 352 27.63 -40.33 3.92
C VAL A 352 26.74 -39.77 5.03
N PRO A 353 27.30 -39.25 6.16
CA PRO A 353 26.48 -38.64 7.20
C PRO A 353 25.65 -37.48 6.64
N VAL A 354 24.44 -37.31 7.20
CA VAL A 354 23.58 -36.17 6.88
C VAL A 354 24.27 -34.91 7.37
N ASN A 355 24.58 -33.97 6.46
CA ASN A 355 25.49 -32.89 6.75
C ASN A 355 24.78 -31.53 6.67
N PHE A 356 23.44 -31.55 6.68
CA PHE A 356 22.64 -30.34 6.71
C PHE A 356 21.47 -30.56 7.66
N ASP A 357 20.77 -29.47 8.00
CA ASP A 357 19.58 -29.55 8.82
C ASP A 357 18.43 -28.87 8.08
N SER A 358 17.29 -29.56 8.01
CA SER A 358 16.12 -29.05 7.31
C SER A 358 15.53 -27.83 8.02
N TRP A 359 15.70 -27.75 9.34
CA TRP A 359 14.87 -26.89 10.17
C TRP A 359 15.61 -25.63 10.60
N THR A 360 16.90 -25.52 10.30
CA THR A 360 17.65 -24.30 10.57
C THR A 360 18.83 -24.21 9.60
N LYS A 361 19.28 -22.98 9.34
CA LYS A 361 20.48 -22.72 8.55
C LYS A 361 21.69 -22.52 9.48
N ASP A 362 21.45 -22.54 10.80
CA ASP A 362 22.50 -22.34 11.78
C ASP A 362 23.52 -23.46 11.68
N GLU A 363 24.80 -23.10 11.87
CA GLU A 363 25.89 -24.07 11.89
C GLU A 363 25.73 -25.03 13.06
N TYR A 364 25.44 -24.46 14.23
CA TYR A 364 25.40 -25.23 15.48
C TYR A 364 24.02 -25.12 16.09
N GLY A 365 23.69 -26.12 16.92
CA GLY A 365 22.45 -26.16 17.68
C GLY A 365 22.59 -27.09 18.88
N TYR A 366 21.82 -26.80 19.94
CA TYR A 366 21.82 -27.62 21.14
C TYR A 366 21.00 -28.88 20.89
N GLU A 367 21.42 -29.99 21.50
CA GLU A 367 20.68 -31.24 21.45
C GLU A 367 20.69 -31.86 22.85
N HIS A 368 19.58 -32.53 23.22
CA HIS A 368 19.46 -33.17 24.51
C HIS A 368 20.28 -34.44 24.53
N ALA A 369 20.95 -34.69 25.67
CA ALA A 369 21.76 -35.87 25.90
C ALA A 369 21.17 -36.66 27.06
N LEU A 370 21.79 -37.80 27.40
CA LEU A 370 21.44 -38.52 28.61
C LEU A 370 21.65 -37.59 29.80
N VAL A 371 22.79 -36.91 29.82
CA VAL A 371 23.10 -35.94 30.86
C VAL A 371 23.23 -34.57 30.19
N GLY A 372 22.32 -33.65 30.56
CA GLY A 372 22.38 -32.27 30.09
C GLY A 372 22.20 -32.18 28.58
N GLN A 373 23.01 -31.34 27.93
CA GLN A 373 22.89 -31.10 26.50
C GLN A 373 24.27 -31.03 25.85
N ASN A 374 24.28 -31.24 24.52
CA ASN A 374 25.46 -31.04 23.70
C ASN A 374 25.20 -29.89 22.73
N TYR A 375 26.28 -29.25 22.28
CA TYR A 375 26.23 -28.27 21.21
C TYR A 375 26.93 -28.88 20.00
N VAL A 376 26.16 -29.22 18.97
CA VAL A 376 26.64 -30.05 17.88
C VAL A 376 26.56 -29.27 16.57
N LYS A 377 27.45 -29.63 15.64
CA LYS A 377 27.40 -29.15 14.26
C LYS A 377 26.18 -29.77 13.59
N VAL A 378 25.28 -28.92 13.06
CA VAL A 378 24.09 -29.40 12.40
C VAL A 378 24.14 -29.09 10.89
N ASN A 379 24.92 -28.07 10.50
CA ASN A 379 25.08 -27.71 9.09
C ASN A 379 26.56 -27.58 8.75
N ASP A 380 27.03 -28.39 7.80
CA ASP A 380 28.40 -28.37 7.33
C ASP A 380 28.58 -27.49 6.10
N LYS A 381 27.46 -27.02 5.52
CA LYS A 381 27.49 -26.14 4.35
C LYS A 381 28.27 -26.81 3.21
N VAL A 382 27.93 -28.07 2.91
CA VAL A 382 28.61 -28.82 1.87
C VAL A 382 28.06 -28.39 0.51
N ASP A 383 28.95 -27.87 -0.34
CA ASP A 383 28.56 -27.34 -1.64
C ASP A 383 28.52 -28.50 -2.65
N VAL A 384 27.30 -28.87 -3.06
CA VAL A 384 27.08 -30.01 -3.92
C VAL A 384 26.68 -29.56 -5.33
N ARG A 385 26.74 -28.26 -5.60
CA ARG A 385 26.20 -27.69 -6.82
C ARG A 385 27.00 -28.11 -8.04
N ALA A 386 28.31 -28.34 -7.85
CA ALA A 386 29.19 -28.78 -8.92
C ALA A 386 29.01 -27.88 -10.14
N ASP A 387 28.78 -28.48 -11.32
CA ASP A 387 28.57 -27.73 -12.55
C ASP A 387 27.11 -27.80 -12.99
N HIS A 388 26.18 -28.03 -12.03
CA HIS A 388 24.80 -28.31 -12.34
C HIS A 388 24.08 -27.10 -12.94
N ALA A 389 24.67 -25.90 -12.80
CA ALA A 389 24.11 -24.71 -13.42
C ALA A 389 24.02 -24.86 -14.94
N ASP A 390 24.93 -25.67 -15.52
CA ASP A 390 24.96 -25.89 -16.95
C ASP A 390 23.70 -26.62 -17.43
N ILE A 391 23.39 -27.76 -16.79
CA ILE A 391 22.23 -28.56 -17.20
C ILE A 391 20.95 -27.79 -16.90
N ILE A 392 20.98 -26.91 -15.89
CA ILE A 392 19.80 -26.11 -15.55
C ILE A 392 19.54 -25.07 -16.65
N ARG A 393 20.60 -24.42 -17.13
CA ARG A 393 20.50 -23.46 -18.23
C ARG A 393 20.04 -24.17 -19.49
N GLN A 394 20.58 -25.37 -19.74
CA GLN A 394 20.26 -26.12 -20.96
C GLN A 394 18.80 -26.54 -20.95
N ILE A 395 18.31 -27.09 -19.83
CA ILE A 395 16.93 -27.55 -19.74
C ILE A 395 15.98 -26.36 -19.79
N GLY A 396 16.41 -25.22 -19.22
CA GLY A 396 15.68 -23.98 -19.37
C GLY A 396 15.43 -23.65 -20.83
N SER A 397 16.51 -23.62 -21.62
CA SER A 397 16.45 -23.27 -23.03
C SER A 397 15.61 -24.28 -23.81
N ALA A 398 15.82 -25.56 -23.50
CA ALA A 398 15.14 -26.66 -24.19
C ALA A 398 13.64 -26.68 -23.89
N SER A 399 13.23 -26.07 -22.77
CA SER A 399 11.84 -26.11 -22.34
C SER A 399 11.07 -24.87 -22.82
N VAL A 400 11.76 -23.92 -23.45
CA VAL A 400 11.09 -22.78 -24.06
C VAL A 400 10.29 -23.28 -25.25
N VAL A 401 8.99 -22.97 -25.24
CA VAL A 401 8.09 -23.34 -26.33
C VAL A 401 7.69 -22.07 -27.07
N LEU A 402 8.00 -22.05 -28.38
CA LEU A 402 7.63 -20.95 -29.26
C LEU A 402 6.23 -21.22 -29.82
N LEU A 403 5.24 -20.44 -29.37
CA LEU A 403 3.85 -20.66 -29.71
C LEU A 403 3.43 -19.77 -30.89
N LYS A 404 4.07 -18.61 -31.03
CA LYS A 404 3.78 -17.70 -32.13
C LYS A 404 5.06 -16.96 -32.53
N ASN A 405 5.22 -16.70 -33.83
CA ASN A 405 6.35 -15.95 -34.34
C ASN A 405 6.01 -15.45 -35.75
N ASP A 406 5.56 -14.19 -35.85
CA ASP A 406 5.42 -13.51 -37.13
C ASP A 406 6.55 -12.49 -37.26
N GLY A 407 7.79 -12.99 -37.30
CA GLY A 407 8.96 -12.17 -37.58
C GLY A 407 9.51 -11.45 -36.34
N GLY A 408 9.11 -11.90 -35.15
CA GLY A 408 9.52 -11.26 -33.91
C GLY A 408 10.89 -11.76 -33.43
N LEU A 409 11.11 -13.07 -33.54
CA LEU A 409 12.30 -13.73 -32.99
C LEU A 409 13.04 -14.47 -34.08
N PRO A 410 14.37 -14.70 -33.94
CA PRO A 410 15.16 -14.21 -32.81
C PRO A 410 15.50 -12.72 -32.87
N LEU A 411 15.92 -12.20 -31.71
CA LEU A 411 16.50 -10.86 -31.60
C LEU A 411 18.00 -10.96 -31.89
N THR A 412 18.66 -9.81 -32.04
CA THR A 412 20.07 -9.75 -32.41
C THR A 412 20.92 -9.27 -31.24
N GLY A 413 20.36 -8.39 -30.40
CA GLY A 413 21.13 -7.71 -29.36
C GLY A 413 21.67 -6.37 -29.87
N TYR A 414 21.30 -6.01 -31.11
CA TYR A 414 21.70 -4.75 -31.72
C TYR A 414 20.48 -3.86 -31.95
N GLU A 415 19.35 -4.22 -31.34
CA GLU A 415 18.15 -3.38 -31.39
C GLU A 415 18.46 -2.02 -30.79
N LYS A 416 17.87 -0.96 -31.36
CA LYS A 416 18.14 0.40 -30.94
C LYS A 416 17.62 0.66 -29.53
N PHE A 417 16.41 0.15 -29.24
CA PHE A 417 15.76 0.37 -27.96
C PHE A 417 14.96 -0.88 -27.59
N THR A 418 15.36 -1.53 -26.49
CA THR A 418 14.69 -2.71 -25.99
C THR A 418 13.89 -2.32 -24.75
N GLY A 419 12.57 -2.55 -24.78
CA GLY A 419 11.72 -2.39 -23.61
C GLY A 419 11.47 -3.72 -22.93
N VAL A 420 11.63 -3.75 -21.60
CA VAL A 420 11.32 -4.93 -20.79
C VAL A 420 10.19 -4.54 -19.84
N PHE A 421 9.14 -5.38 -19.79
CA PHE A 421 7.91 -5.03 -19.11
C PHE A 421 7.38 -6.20 -18.29
N GLY A 422 6.88 -5.88 -17.09
CA GLY A 422 6.17 -6.84 -16.24
C GLY A 422 7.00 -7.19 -15.02
N GLU A 423 6.33 -7.33 -13.87
CA GLU A 423 6.98 -7.74 -12.63
C GLU A 423 7.68 -9.08 -12.82
N ASP A 424 7.17 -9.92 -13.72
CA ASP A 424 7.73 -11.23 -13.98
C ASP A 424 9.12 -11.15 -14.62
N ALA A 425 9.53 -9.95 -15.07
CA ALA A 425 10.88 -9.74 -15.56
C ALA A 425 11.86 -9.51 -14.42
N GLY A 426 11.35 -9.08 -13.25
CA GLY A 426 12.19 -8.45 -12.23
C GLY A 426 12.49 -9.36 -11.05
N SER A 427 13.05 -8.75 -10.00
CA SER A 427 13.56 -9.48 -8.85
C SER A 427 12.45 -9.65 -7.81
N ASN A 428 12.54 -10.75 -7.04
CA ASN A 428 11.86 -10.86 -5.77
C ASN A 428 12.54 -9.89 -4.80
N ARG A 429 11.80 -8.84 -4.39
CA ARG A 429 12.39 -7.78 -3.58
C ARG A 429 12.72 -8.28 -2.18
N TRP A 430 12.21 -9.46 -1.80
CA TRP A 430 12.52 -10.05 -0.51
C TRP A 430 13.71 -11.00 -0.60
N GLY A 431 14.41 -11.00 -1.74
CA GLY A 431 15.43 -12.00 -2.01
C GLY A 431 14.84 -13.20 -2.73
N ALA A 432 15.68 -13.91 -3.48
CA ALA A 432 15.23 -15.04 -4.29
C ALA A 432 14.50 -16.07 -3.43
N ASP A 433 14.95 -16.24 -2.19
CA ASP A 433 14.35 -17.20 -1.26
C ASP A 433 13.59 -16.47 -0.15
N GLY A 434 13.05 -15.28 -0.46
CA GLY A 434 12.43 -14.42 0.52
C GLY A 434 11.04 -14.92 0.97
N CYS A 435 10.44 -15.80 0.17
CA CYS A 435 9.15 -16.38 0.50
C CYS A 435 9.34 -17.84 0.88
N SER A 436 8.91 -18.22 2.07
CA SER A 436 9.11 -19.59 2.54
C SER A 436 8.30 -20.55 1.67
N ASP A 437 8.97 -21.60 1.18
CA ASP A 437 8.38 -22.58 0.30
C ASP A 437 7.93 -21.93 -1.01
N ARG A 438 8.52 -20.77 -1.34
CA ARG A 438 8.21 -20.01 -2.55
C ARG A 438 6.74 -19.59 -2.58
N GLY A 439 6.15 -19.37 -1.40
CA GLY A 439 4.73 -19.09 -1.28
C GLY A 439 4.38 -17.63 -1.55
N CYS A 440 4.71 -17.16 -2.76
CA CYS A 440 4.38 -15.82 -3.22
C CYS A 440 4.62 -15.75 -4.72
N ASP A 441 4.25 -14.62 -5.33
CA ASP A 441 4.54 -14.38 -6.75
C ASP A 441 5.30 -13.06 -6.91
N ASN A 442 6.37 -12.92 -6.13
CA ASN A 442 7.23 -11.74 -6.17
C ASN A 442 8.26 -11.89 -7.29
N GLY A 443 8.22 -10.98 -8.27
CA GLY A 443 9.22 -10.96 -9.33
C GLY A 443 9.04 -12.11 -10.30
N THR A 444 10.15 -12.53 -10.93
CA THR A 444 10.12 -13.57 -11.95
C THR A 444 9.75 -14.90 -11.30
N LEU A 445 8.83 -15.63 -11.93
CA LEU A 445 8.38 -16.92 -11.43
C LEU A 445 9.25 -18.00 -12.04
N ALA A 446 10.02 -18.69 -11.19
CA ALA A 446 10.93 -19.74 -11.64
C ALA A 446 10.65 -21.05 -10.90
N MET A 447 9.65 -21.04 -10.01
CA MET A 447 9.35 -22.19 -9.17
C MET A 447 7.99 -21.96 -8.49
N GLY A 448 7.16 -23.02 -8.45
CA GLY A 448 5.89 -22.97 -7.74
C GLY A 448 6.10 -23.17 -6.23
N TRP A 449 5.01 -23.24 -5.46
CA TRP A 449 5.13 -23.25 -4.01
C TRP A 449 4.76 -24.59 -3.41
N GLY A 450 5.21 -24.80 -2.17
CA GLY A 450 4.89 -25.99 -1.38
C GLY A 450 6.14 -26.82 -1.10
N SER A 451 5.93 -28.14 -0.96
CA SER A 451 7.00 -29.07 -0.65
C SER A 451 7.89 -29.30 -1.89
N GLY A 452 7.34 -29.02 -3.08
CA GLY A 452 8.04 -29.31 -4.32
C GLY A 452 9.07 -28.24 -4.66
N THR A 453 9.89 -27.83 -3.69
CA THR A 453 10.73 -26.65 -3.84
C THR A 453 12.15 -26.95 -3.40
N ALA A 454 13.03 -25.96 -3.68
CA ALA A 454 14.39 -25.91 -3.17
C ALA A 454 14.83 -24.45 -3.17
N ASP A 455 15.86 -24.13 -2.39
CA ASP A 455 16.35 -22.76 -2.27
C ASP A 455 17.24 -22.44 -3.46
N PHE A 456 16.96 -21.30 -4.11
CA PHE A 456 17.83 -20.78 -5.15
C PHE A 456 19.18 -20.41 -4.54
N PRO A 457 20.32 -20.84 -5.12
CA PRO A 457 21.62 -20.34 -4.71
C PRO A 457 21.77 -18.89 -5.17
N TYR A 458 21.09 -18.60 -6.30
CA TYR A 458 20.96 -17.28 -6.88
C TYR A 458 19.81 -17.39 -7.88
N LEU A 459 19.33 -16.27 -8.42
CA LEU A 459 18.34 -16.30 -9.47
C LEU A 459 18.63 -15.20 -10.49
N VAL A 460 18.90 -15.62 -11.74
CA VAL A 460 19.11 -14.70 -12.83
C VAL A 460 17.75 -14.35 -13.43
N THR A 461 17.38 -13.07 -13.35
CA THR A 461 16.09 -12.60 -13.82
C THR A 461 16.19 -12.25 -15.31
N PRO A 462 15.07 -12.27 -16.06
CA PRO A 462 15.04 -11.75 -17.43
C PRO A 462 15.58 -10.32 -17.56
N GLU A 463 15.21 -9.44 -16.62
CA GLU A 463 15.70 -8.08 -16.57
C GLU A 463 17.22 -8.08 -16.64
N GLN A 464 17.85 -8.88 -15.76
CA GLN A 464 19.29 -8.95 -15.65
C GLN A 464 19.91 -9.48 -16.95
N ALA A 465 19.37 -10.61 -17.43
CA ALA A 465 19.93 -11.30 -18.58
C ALA A 465 19.79 -10.47 -19.85
N ILE A 466 18.67 -9.76 -19.99
CA ILE A 466 18.42 -8.96 -21.17
C ILE A 466 19.34 -7.75 -21.18
N GLN A 467 19.52 -7.09 -20.02
CA GLN A 467 20.41 -5.94 -19.94
C GLN A 467 21.84 -6.38 -20.25
N ASN A 468 22.25 -7.56 -19.74
CA ASN A 468 23.58 -8.09 -20.01
C ASN A 468 23.74 -8.31 -21.51
N GLU A 469 22.72 -8.87 -22.17
CA GLU A 469 22.79 -9.18 -23.59
C GLU A 469 23.03 -7.90 -24.39
N ILE A 470 22.22 -6.87 -24.13
CA ILE A 470 22.30 -5.61 -24.84
C ILE A 470 23.65 -4.95 -24.60
N LEU A 471 24.07 -4.88 -23.33
CA LEU A 471 25.24 -4.11 -22.94
C LEU A 471 26.53 -4.81 -23.35
N SER A 472 26.44 -6.10 -23.71
CA SER A 472 27.59 -6.84 -24.20
C SER A 472 27.63 -6.87 -25.73
N LYS A 473 26.59 -6.35 -26.38
CA LYS A 473 26.49 -6.40 -27.84
C LYS A 473 26.34 -4.99 -28.40
N GLY A 474 25.12 -4.63 -28.81
CA GLY A 474 24.88 -3.39 -29.54
C GLY A 474 24.92 -2.17 -28.63
N LYS A 475 24.65 -2.38 -27.34
CA LYS A 475 24.68 -1.31 -26.35
C LYS A 475 23.63 -0.27 -26.70
N GLY A 476 22.48 -0.73 -27.21
CA GLY A 476 21.33 0.13 -27.43
C GLY A 476 20.69 0.53 -26.10
N LEU A 477 19.57 1.25 -26.18
CA LEU A 477 18.82 1.65 -25.00
C LEU A 477 18.09 0.44 -24.43
N VAL A 478 17.97 0.38 -23.10
CA VAL A 478 17.21 -0.67 -22.45
C VAL A 478 16.67 -0.16 -21.12
N SER A 479 15.36 -0.34 -20.92
CA SER A 479 14.67 0.06 -19.70
C SER A 479 13.71 -1.06 -19.29
N ALA A 480 13.63 -1.31 -17.98
CA ALA A 480 12.77 -2.34 -17.43
C ALA A 480 11.73 -1.73 -16.49
N VAL A 481 10.45 -1.83 -16.88
CA VAL A 481 9.33 -1.42 -16.04
C VAL A 481 8.71 -2.68 -15.45
N THR A 482 8.99 -2.92 -14.15
CA THR A 482 8.65 -4.20 -13.52
C THR A 482 7.60 -3.99 -12.42
N ASP A 483 6.75 -2.97 -12.59
CA ASP A 483 5.56 -2.76 -11.79
C ASP A 483 4.35 -2.81 -12.71
N ASN A 484 3.50 -3.84 -12.54
CA ASN A 484 2.40 -4.09 -13.47
C ASN A 484 1.37 -2.96 -13.40
N GLY A 485 1.44 -2.11 -12.36
CA GLY A 485 0.54 -0.99 -12.22
C GLY A 485 1.03 0.27 -12.94
N ALA A 486 2.31 0.31 -13.34
CA ALA A 486 2.91 1.49 -13.92
C ALA A 486 2.66 1.56 -15.41
N LEU A 487 1.37 1.62 -15.80
CA LEU A 487 0.96 1.48 -17.19
C LEU A 487 1.33 2.74 -17.98
N ASP A 488 1.34 3.90 -17.32
CA ASP A 488 1.80 5.13 -17.96
C ASP A 488 3.22 4.96 -18.47
N GLN A 489 4.10 4.44 -17.61
CA GLN A 489 5.51 4.28 -17.94
C GLN A 489 5.66 3.25 -19.07
N MET A 490 4.80 2.22 -19.09
CA MET A 490 4.89 1.19 -20.10
C MET A 490 4.53 1.76 -21.47
N GLU A 491 3.47 2.58 -21.54
CA GLU A 491 3.12 3.31 -22.74
C GLU A 491 4.32 4.13 -23.22
N GLN A 492 4.88 4.92 -22.29
CA GLN A 492 5.98 5.82 -22.55
C GLN A 492 7.14 5.08 -23.23
N VAL A 493 7.58 3.98 -22.60
CA VAL A 493 8.75 3.25 -23.04
C VAL A 493 8.43 2.46 -24.31
N ALA A 494 7.28 1.78 -24.33
CA ALA A 494 6.92 0.89 -25.42
C ALA A 494 6.86 1.65 -26.75
N SER A 495 6.34 2.89 -26.72
CA SER A 495 6.15 3.68 -27.93
C SER A 495 7.49 4.13 -28.53
N GLN A 496 8.58 4.00 -27.77
CA GLN A 496 9.91 4.35 -28.24
C GLN A 496 10.71 3.11 -28.67
N ALA A 497 10.20 1.92 -28.36
CA ALA A 497 11.00 0.70 -28.41
C ALA A 497 11.07 0.12 -29.82
N SER A 498 12.24 -0.44 -30.15
CA SER A 498 12.42 -1.30 -31.31
C SER A 498 11.69 -2.62 -31.11
N VAL A 499 11.80 -3.15 -29.88
CA VAL A 499 11.14 -4.37 -29.46
C VAL A 499 10.71 -4.20 -28.01
N SER A 500 9.53 -4.73 -27.69
CA SER A 500 9.02 -4.77 -26.33
C SER A 500 8.90 -6.22 -25.89
N ILE A 501 9.58 -6.58 -24.78
CA ILE A 501 9.55 -7.95 -24.27
C ILE A 501 8.74 -7.95 -22.97
N VAL A 502 7.58 -8.61 -23.00
CA VAL A 502 6.61 -8.54 -21.93
C VAL A 502 6.62 -9.86 -21.16
N PHE A 503 6.61 -9.76 -19.82
CA PHE A 503 6.70 -10.91 -18.94
C PHE A 503 5.47 -10.99 -18.06
N VAL A 504 4.83 -12.18 -18.05
CA VAL A 504 3.63 -12.43 -17.28
C VAL A 504 3.72 -13.83 -16.68
N ASN A 505 3.04 -14.06 -15.56
CA ASN A 505 3.10 -15.36 -14.90
C ASN A 505 1.74 -15.76 -14.32
N ALA A 506 1.67 -17.03 -13.92
CA ALA A 506 0.58 -17.55 -13.12
C ALA A 506 1.12 -18.70 -12.28
N ASP A 507 0.77 -18.70 -11.00
CA ASP A 507 1.44 -19.51 -9.99
C ASP A 507 0.42 -20.44 -9.33
N SER A 508 0.93 -21.49 -8.67
CA SER A 508 0.12 -22.43 -7.92
C SER A 508 1.04 -23.33 -7.10
N GLY A 509 0.46 -24.18 -6.26
CA GLY A 509 1.27 -25.06 -5.44
C GLY A 509 0.44 -25.94 -4.50
N GLU A 510 1.11 -26.42 -3.44
CA GLU A 510 0.52 -27.34 -2.50
C GLU A 510 -0.51 -26.60 -1.64
N GLY A 511 -1.52 -27.34 -1.18
CA GLY A 511 -2.74 -26.77 -0.61
C GLY A 511 -2.54 -26.10 0.75
N TYR A 512 -1.41 -26.36 1.43
CA TYR A 512 -1.20 -25.80 2.75
C TYR A 512 -0.81 -24.32 2.65
N ILE A 513 -0.55 -23.83 1.42
CA ILE A 513 -0.25 -22.42 1.20
C ILE A 513 -1.36 -21.80 0.35
N ASN A 514 -1.86 -20.64 0.80
CA ASN A 514 -2.88 -19.86 0.13
C ASN A 514 -2.29 -18.53 -0.29
N VAL A 515 -2.16 -18.29 -1.60
CA VAL A 515 -1.68 -17.02 -2.13
C VAL A 515 -2.82 -16.38 -2.92
N ASP A 516 -3.27 -15.21 -2.44
CA ASP A 516 -4.28 -14.39 -3.10
C ASP A 516 -5.53 -15.21 -3.41
N GLY A 517 -5.96 -16.04 -2.45
CA GLY A 517 -7.18 -16.82 -2.59
C GLY A 517 -7.00 -18.09 -3.41
N ASN A 518 -5.76 -18.39 -3.82
CA ASN A 518 -5.45 -19.63 -4.50
C ASN A 518 -5.01 -20.65 -3.44
N GLU A 519 -5.94 -21.51 -3.04
CA GLU A 519 -5.70 -22.50 -1.99
C GLU A 519 -5.02 -23.70 -2.61
N GLY A 520 -3.73 -23.54 -2.94
CA GLY A 520 -2.99 -24.51 -3.72
C GLY A 520 -3.46 -24.51 -5.18
N ASP A 521 -4.69 -25.00 -5.40
CA ASP A 521 -5.31 -24.98 -6.71
C ASP A 521 -5.55 -23.54 -7.14
N ARG A 522 -5.55 -23.31 -8.45
CA ARG A 522 -5.78 -21.99 -9.00
C ARG A 522 -7.28 -21.71 -9.01
N LYS A 523 -7.65 -20.49 -8.59
CA LYS A 523 -9.05 -20.08 -8.52
C LYS A 523 -9.53 -19.66 -9.92
N ASN A 524 -8.59 -19.43 -10.84
CA ASN A 524 -8.92 -19.14 -12.23
C ASN A 524 -7.69 -19.38 -13.11
N LEU A 525 -7.87 -19.25 -14.44
CA LEU A 525 -6.79 -19.42 -15.40
C LEU A 525 -6.33 -18.06 -15.93
N THR A 526 -6.47 -17.00 -15.14
CA THR A 526 -6.05 -15.67 -15.53
C THR A 526 -4.55 -15.50 -15.25
N LEU A 527 -3.90 -14.63 -16.02
CA LEU A 527 -2.57 -14.14 -15.69
C LEU A 527 -2.64 -13.37 -14.38
N TRP A 528 -1.60 -13.51 -13.55
CA TRP A 528 -1.54 -12.85 -12.25
C TRP A 528 -1.12 -11.39 -12.40
N LYS A 529 -1.53 -10.59 -11.41
CA LYS A 529 -1.06 -9.22 -11.21
C LYS A 529 -1.29 -8.35 -12.45
N GLY A 530 -2.47 -8.49 -13.08
CA GLY A 530 -2.88 -7.64 -14.18
C GLY A 530 -2.02 -7.85 -15.43
N GLY A 531 -1.50 -9.08 -15.60
CA GLY A 531 -0.61 -9.41 -16.69
C GLY A 531 -1.22 -9.09 -18.06
N GLU A 532 -2.52 -9.38 -18.21
CA GLU A 532 -3.20 -9.19 -19.48
C GLU A 532 -3.23 -7.71 -19.84
N GLU A 533 -3.42 -6.84 -18.84
CA GLU A 533 -3.45 -5.40 -19.06
C GLU A 533 -2.07 -4.90 -19.47
N VAL A 534 -1.00 -5.53 -18.93
CA VAL A 534 0.36 -5.19 -19.31
C VAL A 534 0.54 -5.46 -20.80
N ILE A 535 0.10 -6.64 -21.24
CA ILE A 535 0.24 -7.04 -22.63
C ILE A 535 -0.54 -6.07 -23.52
N LYS A 536 -1.81 -5.80 -23.16
CA LYS A 536 -2.67 -4.95 -23.96
C LYS A 536 -2.09 -3.53 -24.06
N THR A 537 -1.55 -3.03 -22.95
CA THR A 537 -0.99 -1.67 -22.92
C THR A 537 0.23 -1.60 -23.83
N VAL A 538 1.14 -2.58 -23.73
CA VAL A 538 2.38 -2.55 -24.47
C VAL A 538 2.10 -2.72 -25.97
N ALA A 539 1.23 -3.68 -26.31
CA ALA A 539 0.92 -4.00 -27.69
C ALA A 539 0.21 -2.84 -28.38
N ALA A 540 -0.49 -2.00 -27.61
CA ALA A 540 -1.17 -0.83 -28.15
C ALA A 540 -0.16 0.23 -28.57
N ASN A 541 1.07 0.13 -28.06
CA ASN A 541 2.07 1.18 -28.25
C ASN A 541 3.30 0.68 -29.00
N CYS A 542 3.42 -0.64 -29.20
CA CYS A 542 4.57 -1.23 -29.86
C CYS A 542 4.13 -2.37 -30.77
N ASN A 543 4.44 -2.26 -32.08
CA ASN A 543 3.98 -3.23 -33.06
C ASN A 543 4.96 -4.40 -33.17
N ASN A 544 5.93 -4.46 -32.26
CA ASN A 544 6.87 -5.57 -32.18
C ASN A 544 6.97 -6.03 -30.73
N THR A 545 5.86 -6.58 -30.21
CA THR A 545 5.76 -7.01 -28.82
C THR A 545 5.97 -8.53 -28.74
N ILE A 546 6.91 -8.93 -27.87
CA ILE A 546 7.19 -10.33 -27.57
C ILE A 546 6.61 -10.62 -26.19
N VAL A 547 5.84 -11.71 -26.05
CA VAL A 547 5.29 -12.08 -24.75
C VAL A 547 5.95 -13.37 -24.27
N VAL A 548 6.44 -13.35 -23.03
CA VAL A 548 7.03 -14.49 -22.37
C VAL A 548 6.15 -14.85 -21.18
N MET A 549 5.68 -16.11 -21.14
CA MET A 549 4.83 -16.59 -20.07
C MET A 549 5.60 -17.59 -19.20
N HIS A 550 5.74 -17.25 -17.91
CA HIS A 550 6.19 -18.21 -16.91
C HIS A 550 4.98 -18.67 -16.11
N THR A 551 4.36 -19.79 -16.52
CA THR A 551 3.14 -20.26 -15.88
C THR A 551 3.30 -21.72 -15.48
N VAL A 552 2.61 -22.09 -14.39
CA VAL A 552 2.61 -23.45 -13.86
C VAL A 552 1.82 -24.37 -14.78
N GLY A 553 0.92 -23.77 -15.57
CA GLY A 553 0.12 -24.50 -16.54
C GLY A 553 -0.51 -23.53 -17.53
N PRO A 554 -1.61 -23.91 -18.22
CA PRO A 554 -2.24 -23.01 -19.18
C PRO A 554 -2.95 -21.83 -18.51
N VAL A 555 -2.98 -20.70 -19.22
CA VAL A 555 -3.80 -19.55 -18.88
C VAL A 555 -4.63 -19.20 -20.10
N LEU A 556 -5.67 -18.37 -19.92
CA LEU A 556 -6.54 -17.99 -21.01
C LEU A 556 -5.93 -16.80 -21.75
N ILE A 557 -5.66 -16.99 -23.05
CA ILE A 557 -4.92 -16.02 -23.85
C ILE A 557 -5.75 -15.54 -25.03
N ASP A 558 -7.05 -15.87 -25.04
CA ASP A 558 -7.89 -15.66 -26.21
C ASP A 558 -7.95 -14.18 -26.60
N GLU A 559 -7.82 -13.29 -25.61
CA GLU A 559 -8.04 -11.87 -25.84
C GLU A 559 -6.82 -11.17 -26.45
N TRP A 560 -5.64 -11.81 -26.46
CA TRP A 560 -4.44 -11.11 -26.91
C TRP A 560 -3.53 -11.94 -27.82
N TYR A 561 -3.67 -13.27 -27.86
CA TYR A 561 -2.70 -14.09 -28.57
C TYR A 561 -2.66 -13.69 -30.05
N ASP A 562 -3.82 -13.30 -30.60
CA ASP A 562 -3.96 -13.03 -32.02
C ASP A 562 -3.86 -11.54 -32.32
N ASN A 563 -3.40 -10.75 -31.33
CA ASN A 563 -3.13 -9.34 -31.52
C ASN A 563 -1.99 -9.20 -32.53
N PRO A 564 -2.19 -8.51 -33.69
CA PRO A 564 -1.14 -8.40 -34.69
C PRO A 564 0.14 -7.70 -34.23
N ASN A 565 0.06 -6.92 -33.14
CA ASN A 565 1.20 -6.22 -32.60
C ASN A 565 2.05 -7.16 -31.72
N VAL A 566 1.47 -8.30 -31.33
CA VAL A 566 2.23 -9.35 -30.65
C VAL A 566 2.89 -10.22 -31.72
N THR A 567 4.20 -9.99 -31.95
CA THR A 567 4.91 -10.62 -33.05
C THR A 567 5.48 -11.99 -32.64
N ALA A 568 5.50 -12.29 -31.33
CA ALA A 568 5.90 -13.61 -30.88
C ALA A 568 5.42 -13.89 -29.46
N ILE A 569 5.22 -15.18 -29.16
CA ILE A 569 4.83 -15.66 -27.85
C ILE A 569 5.65 -16.90 -27.52
N VAL A 570 6.20 -16.95 -26.30
CA VAL A 570 6.85 -18.14 -25.80
C VAL A 570 6.27 -18.47 -24.42
N TRP A 571 6.20 -19.79 -24.13
CA TRP A 571 6.02 -20.27 -22.77
C TRP A 571 7.36 -20.80 -22.27
N ALA A 572 7.74 -20.37 -21.05
CA ALA A 572 9.05 -20.71 -20.50
C ALA A 572 8.92 -21.46 -19.17
N GLY A 573 7.71 -21.51 -18.60
CA GLY A 573 7.44 -22.33 -17.42
C GLY A 573 8.19 -21.84 -16.19
N LEU A 574 8.76 -22.79 -15.44
CA LEU A 574 9.43 -22.54 -14.18
C LEU A 574 10.89 -22.96 -14.28
N PRO A 575 11.80 -22.09 -14.80
CA PRO A 575 13.12 -22.55 -15.23
C PRO A 575 14.24 -22.75 -14.20
N GLY A 576 13.96 -22.48 -12.91
CA GLY A 576 14.99 -22.59 -11.90
C GLY A 576 15.97 -21.41 -11.97
N GLN A 577 17.18 -21.63 -11.44
CA GLN A 577 18.07 -20.54 -11.06
C GLN A 577 18.62 -19.77 -12.26
N GLU A 578 18.64 -20.38 -13.45
CA GLU A 578 19.26 -19.79 -14.63
C GLU A 578 18.22 -19.18 -15.58
N SER A 579 17.01 -18.91 -15.06
CA SER A 579 15.87 -18.49 -15.88
C SER A 579 16.27 -17.50 -16.96
N GLY A 580 16.84 -16.35 -16.55
CA GLY A 580 17.13 -15.26 -17.47
C GLY A 580 18.07 -15.68 -18.59
N ASN A 581 19.11 -16.45 -18.23
CA ASN A 581 20.15 -16.85 -19.16
C ASN A 581 19.60 -17.88 -20.15
N SER A 582 18.86 -18.88 -19.64
CA SER A 582 18.28 -19.90 -20.50
C SER A 582 17.31 -19.26 -21.50
N LEU A 583 16.63 -18.18 -21.08
CA LEU A 583 15.67 -17.50 -21.92
C LEU A 583 16.37 -16.77 -23.06
N VAL A 584 17.38 -15.94 -22.72
CA VAL A 584 17.98 -15.06 -23.70
C VAL A 584 18.76 -15.90 -24.72
N ASP A 585 19.27 -17.06 -24.31
CA ASP A 585 19.92 -17.98 -25.23
C ASP A 585 18.98 -18.32 -26.39
N VAL A 586 17.68 -18.42 -26.07
CA VAL A 586 16.67 -18.73 -27.07
C VAL A 586 16.26 -17.45 -27.82
N LEU A 587 15.95 -16.39 -27.06
CA LEU A 587 15.43 -15.16 -27.64
C LEU A 587 16.41 -14.57 -28.65
N TYR A 588 17.72 -14.68 -28.37
CA TYR A 588 18.74 -14.05 -29.19
C TYR A 588 19.41 -15.05 -30.13
N GLY A 589 18.86 -16.27 -30.22
CA GLY A 589 19.10 -17.15 -31.36
C GLY A 589 20.31 -18.08 -31.20
N ARG A 590 20.91 -18.14 -30.00
CA ARG A 590 21.99 -19.09 -29.76
C ARG A 590 21.41 -20.51 -29.72
N VAL A 591 20.16 -20.62 -29.27
CA VAL A 591 19.41 -21.87 -29.26
C VAL A 591 18.09 -21.64 -29.99
N SER A 592 17.85 -22.41 -31.05
CA SER A 592 16.54 -22.46 -31.68
C SER A 592 15.57 -23.14 -30.73
N PRO A 593 14.38 -22.54 -30.43
CA PRO A 593 13.42 -23.19 -29.55
C PRO A 593 12.95 -24.50 -30.17
N GLY A 594 12.88 -25.55 -29.35
CA GLY A 594 12.47 -26.87 -29.82
C GLY A 594 11.50 -27.56 -28.88
N GLY A 595 11.03 -26.85 -27.85
CA GLY A 595 10.04 -27.40 -26.94
C GLY A 595 8.67 -27.47 -27.60
N LYS A 596 7.83 -28.38 -27.09
CA LYS A 596 6.44 -28.50 -27.49
C LYS A 596 5.59 -28.42 -26.22
N THR A 597 4.45 -27.73 -26.28
CA THR A 597 3.61 -27.57 -25.11
C THR A 597 3.16 -28.96 -24.66
N PRO A 598 3.39 -29.31 -23.36
CA PRO A 598 2.97 -30.61 -22.83
C PRO A 598 1.54 -30.66 -22.30
N PHE A 599 0.78 -29.59 -22.56
CA PHE A 599 -0.64 -29.51 -22.24
C PHE A 599 -1.31 -28.61 -23.27
N THR A 600 -2.65 -28.55 -23.23
CA THR A 600 -3.43 -27.83 -24.20
C THR A 600 -3.70 -26.41 -23.71
N TRP A 601 -3.70 -25.46 -24.65
CA TRP A 601 -4.12 -24.08 -24.41
C TRP A 601 -5.49 -23.86 -25.04
N GLY A 602 -6.54 -23.88 -24.20
CA GLY A 602 -7.92 -23.79 -24.67
C GLY A 602 -8.43 -22.35 -24.68
N LYS A 603 -9.58 -22.14 -25.33
CA LYS A 603 -10.20 -20.83 -25.43
C LYS A 603 -10.80 -20.44 -24.08
N THR A 604 -11.41 -21.41 -23.38
CA THR A 604 -12.10 -21.15 -22.13
C THR A 604 -11.71 -22.21 -21.10
N ARG A 605 -12.08 -21.97 -19.84
CA ARG A 605 -11.93 -22.96 -18.79
C ARG A 605 -12.81 -24.16 -19.12
N GLU A 606 -13.99 -23.89 -19.68
CA GLU A 606 -14.99 -24.92 -19.96
C GLU A 606 -14.47 -25.88 -21.04
N SER A 607 -13.56 -25.38 -21.89
CA SER A 607 -12.91 -26.19 -22.91
C SER A 607 -12.30 -27.46 -22.32
N TYR A 608 -11.77 -27.36 -21.09
CA TYR A 608 -11.04 -28.43 -20.46
C TYR A 608 -11.98 -29.47 -19.86
N GLY A 609 -13.21 -29.04 -19.52
CA GLY A 609 -14.20 -29.92 -18.91
C GLY A 609 -14.76 -29.30 -17.63
N ALA A 610 -15.06 -30.16 -16.64
CA ALA A 610 -15.78 -29.74 -15.45
C ALA A 610 -14.83 -29.05 -14.48
N PRO A 611 -15.34 -28.16 -13.60
CA PRO A 611 -14.48 -27.45 -12.65
C PRO A 611 -13.91 -28.40 -11.61
N LEU A 612 -12.91 -27.89 -10.87
CA LEU A 612 -12.49 -28.49 -9.62
C LEU A 612 -13.72 -28.67 -8.72
N LEU A 613 -13.70 -29.74 -7.91
CA LEU A 613 -14.64 -29.88 -6.81
C LEU A 613 -14.12 -29.02 -5.65
N THR A 614 -14.73 -27.85 -5.44
CA THR A 614 -14.30 -26.91 -4.42
C THR A 614 -15.40 -26.67 -3.38
N LYS A 615 -16.46 -27.47 -3.42
CA LYS A 615 -17.52 -27.40 -2.42
C LYS A 615 -17.87 -28.81 -1.96
N PRO A 616 -17.82 -29.11 -0.63
CA PRO A 616 -18.13 -30.46 -0.14
C PRO A 616 -19.53 -30.92 -0.56
N ASN A 617 -19.65 -32.18 -0.98
CA ASN A 617 -20.90 -32.69 -1.54
C ASN A 617 -21.36 -33.96 -0.83
N ASN A 618 -20.80 -34.25 0.35
CA ASN A 618 -21.19 -35.43 1.12
C ASN A 618 -21.31 -35.03 2.59
N GLY A 619 -21.96 -33.88 2.83
CA GLY A 619 -22.09 -33.32 4.16
C GLY A 619 -20.73 -33.17 4.82
N LYS A 620 -20.59 -33.79 6.00
CA LYS A 620 -19.38 -33.71 6.81
C LYS A 620 -18.42 -34.85 6.45
N GLY A 621 -18.86 -35.76 5.57
CA GLY A 621 -18.06 -36.92 5.19
C GLY A 621 -17.11 -36.57 4.06
N ALA A 622 -16.45 -37.62 3.52
CA ALA A 622 -15.52 -37.48 2.42
C ALA A 622 -16.23 -36.90 1.20
N PRO A 623 -15.81 -35.73 0.67
CA PRO A 623 -16.32 -35.26 -0.62
C PRO A 623 -16.09 -36.31 -1.70
N GLN A 624 -17.03 -36.38 -2.65
CA GLN A 624 -17.04 -37.42 -3.67
C GLN A 624 -16.71 -36.80 -5.02
N ASP A 625 -15.53 -37.16 -5.54
CA ASP A 625 -15.00 -36.58 -6.77
C ASP A 625 -14.97 -37.66 -7.86
N ASP A 626 -16.04 -37.68 -8.68
CA ASP A 626 -16.22 -38.71 -9.69
C ASP A 626 -15.45 -38.34 -10.95
N PHE A 627 -14.57 -39.25 -11.40
CA PHE A 627 -13.78 -39.06 -12.61
C PHE A 627 -14.59 -39.54 -13.80
N THR A 628 -15.68 -38.82 -14.10
CA THR A 628 -16.72 -39.30 -15.01
C THR A 628 -16.25 -39.15 -16.46
N GLU A 629 -15.29 -38.25 -16.69
CA GLU A 629 -14.76 -38.01 -18.02
C GLU A 629 -13.89 -39.17 -18.50
N GLY A 630 -13.48 -40.06 -17.58
CA GLY A 630 -12.68 -41.22 -17.96
C GLY A 630 -11.29 -40.80 -18.42
N VAL A 631 -10.88 -41.29 -19.61
CA VAL A 631 -9.54 -41.04 -20.12
C VAL A 631 -9.49 -39.69 -20.86
N PHE A 632 -10.62 -38.98 -20.93
CA PHE A 632 -10.70 -37.77 -21.74
C PHE A 632 -10.33 -36.53 -20.92
N ILE A 633 -9.03 -36.37 -20.68
CA ILE A 633 -8.48 -35.16 -20.08
C ILE A 633 -7.56 -34.50 -21.11
N ASP A 634 -7.35 -33.20 -20.95
CA ASP A 634 -6.53 -32.39 -21.84
C ASP A 634 -6.94 -32.66 -23.29
N TYR A 635 -5.96 -32.99 -24.15
CA TYR A 635 -6.17 -32.97 -25.59
C TYR A 635 -7.19 -34.05 -26.00
N ARG A 636 -7.31 -35.11 -25.20
CA ARG A 636 -8.29 -36.15 -25.48
C ARG A 636 -9.70 -35.57 -25.39
N ARG A 637 -9.92 -34.68 -24.40
CA ARG A 637 -11.20 -34.02 -24.20
C ARG A 637 -11.49 -33.09 -25.38
N PHE A 638 -10.52 -32.25 -25.73
CA PHE A 638 -10.65 -31.32 -26.83
C PHE A 638 -11.00 -32.07 -28.12
N ASP A 639 -10.32 -33.20 -28.36
CA ASP A 639 -10.51 -34.00 -29.56
C ASP A 639 -11.91 -34.62 -29.56
N LYS A 640 -12.35 -35.13 -28.41
CA LYS A 640 -13.62 -35.83 -28.30
C LYS A 640 -14.78 -34.88 -28.57
N TYR A 641 -14.69 -33.64 -28.06
CA TYR A 641 -15.79 -32.69 -28.13
C TYR A 641 -15.60 -31.72 -29.30
N ASN A 642 -14.54 -31.93 -30.10
CA ASN A 642 -14.28 -31.13 -31.28
C ASN A 642 -14.11 -29.66 -30.89
N GLU A 643 -13.50 -29.41 -29.72
CA GLU A 643 -13.05 -28.09 -29.33
C GLU A 643 -11.68 -27.87 -29.94
N THR A 644 -11.53 -26.80 -30.75
CA THR A 644 -10.26 -26.46 -31.35
C THR A 644 -9.43 -25.70 -30.32
N PRO A 645 -8.24 -26.23 -29.94
CA PRO A 645 -7.31 -25.47 -29.08
C PRO A 645 -6.74 -24.25 -29.79
N ILE A 646 -6.36 -23.24 -29.01
CA ILE A 646 -5.52 -22.16 -29.52
C ILE A 646 -4.15 -22.75 -29.85
N TYR A 647 -3.56 -23.46 -28.87
CA TYR A 647 -2.34 -24.21 -29.08
C TYR A 647 -2.55 -25.62 -28.56
N GLU A 648 -2.45 -26.60 -29.47
CA GLU A 648 -2.77 -27.98 -29.17
C GLU A 648 -1.59 -28.64 -28.46
N PHE A 649 -1.88 -29.74 -27.75
CA PHE A 649 -0.85 -30.59 -27.15
C PHE A 649 0.17 -30.98 -28.22
N GLY A 650 1.45 -30.87 -27.88
CA GLY A 650 2.53 -31.30 -28.74
C GLY A 650 2.95 -30.24 -29.76
N PHE A 651 2.38 -29.02 -29.65
CA PHE A 651 2.63 -27.98 -30.61
C PHE A 651 3.78 -27.08 -30.13
N GLY A 652 4.67 -26.75 -31.08
CA GLY A 652 5.72 -25.77 -30.86
C GLY A 652 6.38 -25.40 -32.18
N LEU A 653 6.84 -24.15 -32.28
CA LEU A 653 7.49 -23.65 -33.49
C LEU A 653 9.01 -23.74 -33.33
N SER A 654 9.71 -23.40 -34.42
CA SER A 654 11.15 -23.40 -34.49
C SER A 654 11.63 -22.19 -35.27
N TYR A 655 12.94 -21.91 -35.23
CA TYR A 655 13.55 -20.91 -36.09
C TYR A 655 13.87 -21.52 -37.45
N THR A 656 13.65 -22.84 -37.61
CA THR A 656 13.72 -23.49 -38.91
C THR A 656 12.38 -24.16 -39.20
N THR A 657 12.31 -24.90 -40.32
CA THR A 657 11.12 -25.63 -40.72
C THR A 657 11.47 -27.10 -40.90
N PHE A 658 10.45 -27.96 -40.80
CA PHE A 658 10.64 -29.41 -40.95
C PHE A 658 9.54 -29.99 -41.82
N GLU A 659 9.91 -31.04 -42.57
CA GLU A 659 8.99 -31.71 -43.49
C GLU A 659 8.94 -33.19 -43.15
N TYR A 660 7.73 -33.76 -43.18
CA TYR A 660 7.50 -35.16 -42.89
C TYR A 660 7.22 -35.91 -44.19
N SER A 661 7.75 -37.13 -44.31
CA SER A 661 7.56 -37.93 -45.50
C SER A 661 7.76 -39.42 -45.21
N ASP A 662 7.06 -40.25 -45.99
CA ASP A 662 7.40 -41.65 -46.20
C ASP A 662 7.27 -42.45 -44.90
N ILE A 663 6.03 -42.54 -44.38
CA ILE A 663 5.74 -43.41 -43.26
C ILE A 663 5.78 -44.86 -43.75
N TYR A 664 6.26 -45.77 -42.90
CA TYR A 664 6.34 -47.18 -43.23
C TYR A 664 6.09 -48.01 -41.97
N VAL A 665 5.15 -48.97 -42.09
CA VAL A 665 4.77 -49.83 -40.98
C VAL A 665 5.21 -51.26 -41.30
N GLN A 666 6.06 -51.83 -40.42
CA GLN A 666 6.54 -53.20 -40.53
C GLN A 666 5.90 -54.03 -39.41
N PRO A 667 4.99 -54.98 -39.72
CA PRO A 667 4.49 -55.93 -38.72
C PRO A 667 5.64 -56.84 -38.30
N LEU A 668 5.74 -57.15 -37.00
CA LEU A 668 6.89 -57.85 -36.46
C LEU A 668 6.56 -59.31 -36.12
N ASN A 669 5.27 -59.68 -36.23
CA ASN A 669 4.85 -61.07 -36.06
C ASN A 669 5.29 -61.57 -34.69
N ALA A 670 4.92 -60.81 -33.65
CA ALA A 670 5.27 -61.16 -32.27
C ALA A 670 4.53 -62.41 -31.83
N ARG A 671 5.13 -63.11 -30.87
CA ARG A 671 4.49 -64.24 -30.21
C ARG A 671 3.14 -63.81 -29.66
N PRO A 672 2.06 -64.60 -29.89
CA PRO A 672 0.77 -64.35 -29.24
C PRO A 672 0.90 -64.14 -27.73
N TYR A 673 0.02 -63.29 -27.19
CA TYR A 673 0.03 -62.94 -25.77
C TYR A 673 -0.45 -64.13 -24.95
N THR A 674 0.32 -64.46 -23.89
CA THR A 674 -0.05 -65.48 -22.94
C THR A 674 -0.34 -64.82 -21.59
N PRO A 675 -1.60 -64.88 -21.08
CA PRO A 675 -1.89 -64.45 -19.71
C PRO A 675 -0.93 -65.12 -18.73
N ALA A 676 -0.48 -64.36 -17.73
CA ALA A 676 0.39 -64.90 -16.70
C ALA A 676 -0.41 -65.89 -15.85
N SER A 677 0.28 -66.93 -15.37
CA SER A 677 -0.33 -67.99 -14.60
C SER A 677 0.70 -68.52 -13.61
N GLY A 678 0.32 -69.54 -12.83
CA GLY A 678 1.21 -70.13 -11.85
C GLY A 678 1.09 -69.43 -10.50
N SER A 679 2.05 -69.72 -9.61
CA SER A 679 1.94 -69.36 -8.21
C SER A 679 3.15 -68.55 -7.76
N THR A 680 3.00 -67.87 -6.62
CA THR A 680 4.10 -67.27 -5.90
C THR A 680 4.73 -68.33 -5.02
N LYS A 681 5.94 -68.05 -4.54
CA LYS A 681 6.51 -68.76 -3.40
C LYS A 681 5.61 -68.55 -2.19
N ALA A 682 5.74 -69.43 -1.19
CA ALA A 682 5.15 -69.21 0.12
C ALA A 682 5.87 -68.04 0.78
N ALA A 683 5.14 -67.27 1.59
CA ALA A 683 5.70 -66.12 2.29
C ALA A 683 6.83 -66.57 3.19
N PRO A 684 8.08 -66.06 3.01
CA PRO A 684 9.20 -66.44 3.87
C PRO A 684 9.29 -65.64 5.16
N THR A 685 9.89 -66.25 6.19
CA THR A 685 10.34 -65.52 7.37
C THR A 685 11.86 -65.55 7.40
N PHE A 686 12.45 -64.50 7.97
CA PHE A 686 13.90 -64.31 7.98
C PHE A 686 14.39 -64.24 9.43
N PRO A 736 -9.78 -59.52 8.49
CA PRO A 736 -10.11 -59.46 7.07
C PRO A 736 -9.56 -60.69 6.35
N SER A 737 -10.37 -61.25 5.44
CA SER A 737 -10.15 -62.58 4.91
C SER A 737 -8.93 -62.59 3.99
N GLY A 738 -7.94 -63.42 4.34
CA GLY A 738 -6.75 -63.63 3.51
C GLY A 738 -5.59 -62.73 3.92
N ALA A 739 -5.80 -61.89 4.94
CA ALA A 739 -4.80 -60.92 5.35
C ALA A 739 -3.59 -61.60 6.00
N THR A 740 -3.79 -62.79 6.57
CA THR A 740 -2.71 -63.51 7.25
C THR A 740 -2.29 -64.74 6.44
N ASP A 741 -2.79 -64.88 5.20
CA ASP A 741 -2.50 -66.04 4.39
C ASP A 741 -1.10 -65.91 3.79
N GLY A 742 -0.17 -66.76 4.25
CA GLY A 742 1.19 -66.77 3.76
C GLY A 742 1.46 -67.94 2.82
N SER A 743 0.38 -68.60 2.34
CA SER A 743 0.51 -69.72 1.43
C SER A 743 0.74 -69.20 0.01
N PRO A 744 1.27 -70.04 -0.92
CA PRO A 744 1.42 -69.62 -2.32
C PRO A 744 0.15 -69.02 -2.90
N GLN A 745 0.31 -67.96 -3.71
CA GLN A 745 -0.80 -67.21 -4.24
C GLN A 745 -0.81 -67.31 -5.78
N PRO A 746 -1.99 -67.25 -6.43
CA PRO A 746 -2.06 -67.25 -7.88
C PRO A 746 -1.59 -65.91 -8.47
N ILE A 747 -0.76 -65.99 -9.50
CA ILE A 747 -0.32 -64.82 -10.25
C ILE A 747 -1.52 -64.28 -11.03
N LEU A 748 -1.64 -62.95 -11.08
CA LEU A 748 -2.72 -62.30 -11.81
C LEU A 748 -2.44 -62.36 -13.31
N PRO A 749 -3.47 -62.51 -14.17
CA PRO A 749 -3.28 -62.59 -15.62
C PRO A 749 -2.43 -61.50 -16.26
N ALA A 750 -2.52 -60.27 -15.74
CA ALA A 750 -1.79 -59.13 -16.31
C ALA A 750 -0.52 -58.83 -15.51
N GLY A 751 -0.22 -59.66 -14.51
CA GLY A 751 0.96 -59.48 -13.67
C GLY A 751 2.11 -60.36 -14.14
N GLY A 752 3.03 -60.67 -13.23
CA GLY A 752 4.05 -61.67 -13.47
C GLY A 752 5.46 -61.09 -13.55
N ALA A 753 5.57 -59.77 -13.72
CA ALA A 753 6.86 -59.09 -13.69
C ALA A 753 6.68 -57.61 -13.40
N PRO A 754 7.70 -56.91 -12.85
CA PRO A 754 7.61 -55.47 -12.60
C PRO A 754 7.20 -54.70 -13.86
N GLY A 755 6.07 -53.97 -13.76
CA GLY A 755 5.54 -53.22 -14.88
C GLY A 755 4.41 -53.98 -15.59
N GLY A 756 4.18 -55.23 -15.17
CA GLY A 756 3.11 -56.05 -15.74
C GLY A 756 3.66 -57.22 -16.55
N ASN A 757 2.74 -58.10 -16.98
CA ASN A 757 3.06 -59.23 -17.84
C ASN A 757 4.07 -58.79 -18.90
N PRO A 758 5.27 -59.41 -18.96
CA PRO A 758 6.29 -59.01 -19.94
C PRO A 758 5.83 -59.02 -21.39
N GLY A 759 4.85 -59.89 -21.71
CA GLY A 759 4.28 -59.97 -23.04
C GLY A 759 3.67 -58.63 -23.49
N LEU A 760 3.33 -57.77 -22.52
CA LEU A 760 2.78 -56.46 -22.81
C LEU A 760 3.82 -55.59 -23.52
N TYR A 761 5.11 -55.88 -23.32
CA TYR A 761 6.17 -55.05 -23.86
C TYR A 761 6.77 -55.67 -25.11
N ASP A 762 6.12 -56.72 -25.65
CA ASP A 762 6.47 -57.26 -26.95
C ASP A 762 6.27 -56.20 -28.02
N GLU A 763 7.24 -56.08 -28.93
CA GLU A 763 7.16 -55.13 -30.03
C GLU A 763 6.32 -55.72 -31.15
N MET A 764 5.24 -55.01 -31.50
CA MET A 764 4.23 -55.52 -32.42
C MET A 764 4.46 -54.96 -33.82
N TYR A 765 4.90 -53.70 -33.91
CA TYR A 765 5.14 -53.04 -35.17
C TYR A 765 6.36 -52.13 -35.06
N ARG A 766 7.08 -51.99 -36.17
CA ARG A 766 8.10 -50.96 -36.33
C ARG A 766 7.55 -49.90 -37.28
N VAL A 767 7.68 -48.63 -36.90
CA VAL A 767 7.13 -47.53 -37.66
C VAL A 767 8.25 -46.52 -37.89
N SER A 768 8.39 -46.07 -39.15
CA SER A 768 9.41 -45.09 -39.50
C SER A 768 8.80 -43.97 -40.33
N ALA A 769 9.46 -42.82 -40.31
CA ALA A 769 9.18 -41.71 -41.22
C ALA A 769 10.46 -40.92 -41.42
N ILE A 770 10.48 -40.04 -42.42
CA ILE A 770 11.64 -39.20 -42.66
C ILE A 770 11.30 -37.77 -42.27
N ILE A 771 12.16 -37.18 -41.44
CA ILE A 771 12.11 -35.77 -41.06
C ILE A 771 13.26 -35.05 -41.76
N THR A 772 12.95 -33.92 -42.40
CA THR A 772 13.95 -33.11 -43.09
C THR A 772 13.88 -31.68 -42.56
N ASN A 773 15.05 -31.08 -42.29
CA ASN A 773 15.16 -29.66 -41.97
C ASN A 773 15.22 -28.88 -43.28
N THR A 774 14.13 -28.15 -43.59
CA THR A 774 13.98 -27.46 -44.86
C THR A 774 14.24 -25.96 -44.72
N GLY A 775 14.68 -25.52 -43.53
CA GLY A 775 14.98 -24.12 -43.29
C GLY A 775 16.48 -23.85 -43.32
N ASN A 776 16.90 -22.74 -42.70
CA ASN A 776 18.23 -22.19 -42.92
C ASN A 776 19.07 -22.18 -41.64
N VAL A 777 18.59 -22.81 -40.56
CA VAL A 777 19.37 -22.92 -39.34
C VAL A 777 19.19 -24.30 -38.74
N VAL A 778 20.20 -24.74 -37.98
CA VAL A 778 20.11 -25.94 -37.17
C VAL A 778 18.96 -25.76 -36.17
N GLY A 779 18.22 -26.85 -35.94
CA GLY A 779 17.13 -26.84 -34.98
C GLY A 779 16.72 -28.25 -34.59
N ASP A 780 15.98 -28.35 -33.48
CA ASP A 780 15.43 -29.60 -32.99
C ASP A 780 13.96 -29.71 -33.43
N GLU A 781 13.58 -30.90 -33.89
CA GLU A 781 12.18 -31.25 -34.06
C GLU A 781 11.83 -32.33 -33.04
N VAL A 782 10.58 -32.30 -32.57
CA VAL A 782 10.03 -33.37 -31.75
C VAL A 782 8.95 -34.07 -32.57
N PRO A 783 9.30 -35.08 -33.39
CA PRO A 783 8.29 -35.90 -34.07
C PRO A 783 7.51 -36.70 -33.04
N GLN A 784 6.22 -36.89 -33.31
CA GLN A 784 5.32 -37.54 -32.36
C GLN A 784 4.55 -38.64 -33.09
N LEU A 785 4.41 -39.78 -32.42
CA LEU A 785 3.66 -40.91 -32.94
C LEU A 785 2.40 -41.09 -32.09
N TYR A 786 1.24 -41.00 -32.77
CA TYR A 786 -0.06 -41.14 -32.14
C TYR A 786 -0.74 -42.38 -32.68
N VAL A 787 -1.56 -43.03 -31.86
CA VAL A 787 -2.34 -44.18 -32.29
C VAL A 787 -3.83 -43.87 -32.12
N SER A 788 -4.62 -44.26 -33.13
CA SER A 788 -6.06 -44.36 -33.03
C SER A 788 -6.43 -45.82 -32.76
N LEU A 789 -6.98 -46.10 -31.57
CA LEU A 789 -7.29 -47.46 -31.17
C LEU A 789 -8.59 -47.94 -31.82
N GLY A 790 -9.46 -47.00 -32.21
CA GLY A 790 -10.47 -47.25 -33.23
C GLY A 790 -11.86 -47.50 -32.66
N GLY A 791 -11.98 -47.67 -31.34
CA GLY A 791 -13.25 -47.94 -30.70
C GLY A 791 -14.09 -46.68 -30.52
N PRO A 792 -15.40 -46.80 -30.26
CA PRO A 792 -16.26 -45.64 -30.04
C PRO A 792 -15.95 -44.83 -28.79
N ASP A 793 -15.34 -45.48 -27.79
CA ASP A 793 -15.02 -44.85 -26.52
C ASP A 793 -13.51 -44.63 -26.38
N ASP A 794 -12.75 -44.86 -27.46
CA ASP A 794 -11.32 -44.56 -27.49
C ASP A 794 -11.10 -43.11 -27.90
N PRO A 795 -10.05 -42.43 -27.40
CA PRO A 795 -9.66 -41.12 -27.94
C PRO A 795 -9.36 -41.24 -29.43
N LYS A 796 -9.60 -40.15 -30.17
CA LYS A 796 -9.27 -40.08 -31.58
C LYS A 796 -7.80 -40.45 -31.77
N VAL A 797 -6.93 -39.88 -30.91
CA VAL A 797 -5.51 -40.18 -30.91
C VAL A 797 -4.99 -40.18 -29.47
N VAL A 798 -4.00 -41.05 -29.24
CA VAL A 798 -3.24 -41.07 -27.99
C VAL A 798 -1.75 -41.07 -28.37
N LEU A 799 -0.95 -40.25 -27.67
CA LEU A 799 0.49 -40.26 -27.85
C LEU A 799 1.01 -41.65 -27.47
N ARG A 800 1.96 -42.17 -28.26
CA ARG A 800 2.60 -43.44 -27.93
C ARG A 800 4.12 -43.35 -28.01
N ASN A 801 4.68 -42.48 -28.87
CA ASN A 801 6.12 -42.29 -28.85
C ASN A 801 6.51 -40.90 -29.34
N PHE A 802 7.77 -40.54 -29.06
CA PHE A 802 8.32 -39.25 -29.41
C PHE A 802 9.85 -39.32 -29.30
N ASP A 803 10.52 -38.36 -29.94
CA ASP A 803 11.93 -38.11 -29.73
C ASP A 803 12.23 -36.66 -30.03
N ARG A 804 13.39 -36.19 -29.57
CA ARG A 804 13.89 -34.87 -29.92
C ARG A 804 15.15 -35.06 -30.75
N ILE A 805 15.17 -34.46 -31.94
CA ILE A 805 16.21 -34.71 -32.91
C ILE A 805 16.75 -33.39 -33.44
N THR A 806 18.08 -33.24 -33.43
CA THR A 806 18.77 -32.08 -33.99
C THR A 806 19.05 -32.35 -35.46
N LEU A 807 18.70 -31.39 -36.32
CA LEU A 807 18.93 -31.49 -37.75
C LEU A 807 19.55 -30.17 -38.25
N HIS A 808 20.64 -30.29 -39.03
CA HIS A 808 21.24 -29.15 -39.70
C HIS A 808 20.42 -28.83 -40.94
N PRO A 809 20.56 -27.61 -41.52
CA PRO A 809 19.84 -27.27 -42.75
C PRO A 809 20.04 -28.31 -43.85
N GLY A 810 18.93 -28.88 -44.34
CA GLY A 810 18.96 -29.82 -45.45
C GLY A 810 19.11 -31.28 -44.99
N GLN A 811 19.50 -31.49 -43.73
CA GLN A 811 19.74 -32.81 -43.21
C GLN A 811 18.42 -33.56 -43.07
N GLN A 812 18.46 -34.88 -43.32
CA GLN A 812 17.33 -35.76 -43.13
C GLN A 812 17.71 -36.82 -42.09
N THR A 813 16.69 -37.41 -41.45
CA THR A 813 16.89 -38.56 -40.58
C THR A 813 15.68 -39.48 -40.73
N MET A 814 15.91 -40.78 -40.60
CA MET A 814 14.82 -41.74 -40.50
C MET A 814 14.53 -41.97 -39.03
N TRP A 815 13.34 -41.54 -38.59
CA TRP A 815 12.87 -41.76 -37.24
C TRP A 815 12.16 -43.11 -37.15
N THR A 816 12.76 -44.08 -36.45
CA THR A 816 12.20 -45.41 -36.32
C THR A 816 11.91 -45.72 -34.86
N THR A 817 10.67 -46.12 -34.56
CA THR A 817 10.28 -46.58 -33.24
C THR A 817 9.45 -47.87 -33.38
N THR A 818 9.09 -48.46 -32.24
CA THR A 818 8.22 -49.63 -32.22
C THR A 818 7.02 -49.36 -31.31
N LEU A 819 5.90 -49.99 -31.64
CA LEU A 819 4.72 -50.04 -30.78
C LEU A 819 4.71 -51.37 -30.05
N THR A 820 4.52 -51.33 -28.73
CA THR A 820 4.39 -52.53 -27.92
C THR A 820 2.93 -53.00 -27.95
N ARG A 821 2.70 -54.19 -27.39
CA ARG A 821 1.35 -54.71 -27.27
C ARG A 821 0.52 -53.79 -26.37
N ARG A 822 1.12 -53.34 -25.26
CA ARG A 822 0.50 -52.38 -24.37
C ARG A 822 0.03 -51.15 -25.15
N ASP A 823 0.89 -50.67 -26.06
CA ASP A 823 0.65 -49.44 -26.81
C ASP A 823 -0.64 -49.50 -27.61
N ILE A 824 -1.07 -50.71 -28.02
CA ILE A 824 -2.22 -50.86 -28.90
C ILE A 824 -3.34 -51.63 -28.22
N SER A 825 -3.28 -51.75 -26.89
CA SER A 825 -4.25 -52.53 -26.13
C SER A 825 -5.22 -51.61 -25.38
N ASN A 826 -6.34 -52.20 -24.95
CA ASN A 826 -7.26 -51.59 -24.02
C ASN A 826 -7.35 -52.47 -22.78
N TRP A 827 -7.67 -51.87 -21.63
CA TRP A 827 -7.87 -52.64 -20.41
C TRP A 827 -9.28 -53.23 -20.40
N ASP A 828 -9.37 -54.53 -20.14
CA ASP A 828 -10.63 -55.25 -20.11
C ASP A 828 -10.94 -55.65 -18.66
N PRO A 829 -11.87 -54.96 -17.97
CA PRO A 829 -12.19 -55.28 -16.58
C PRO A 829 -12.66 -56.71 -16.33
N ALA A 830 -13.41 -57.27 -17.29
CA ALA A 830 -13.98 -58.61 -17.12
C ALA A 830 -12.87 -59.66 -17.00
N SER A 831 -11.86 -59.58 -17.89
CA SER A 831 -10.79 -60.57 -17.94
C SER A 831 -9.58 -60.12 -17.12
N GLN A 832 -9.60 -58.86 -16.62
CA GLN A 832 -8.49 -58.30 -15.86
C GLN A 832 -7.19 -58.41 -16.66
N ASN A 833 -7.23 -57.95 -17.91
CA ASN A 833 -6.05 -58.03 -18.75
C ASN A 833 -6.14 -57.00 -19.87
N TRP A 834 -4.99 -56.71 -20.48
CA TRP A 834 -4.90 -55.87 -21.66
C TRP A 834 -5.24 -56.70 -22.90
N VAL A 835 -6.10 -56.13 -23.76
CA VAL A 835 -6.55 -56.80 -24.97
C VAL A 835 -6.36 -55.86 -26.15
N VAL A 836 -5.99 -56.44 -27.30
CA VAL A 836 -6.00 -55.72 -28.57
C VAL A 836 -7.37 -55.96 -29.21
N THR A 837 -8.20 -54.91 -29.26
CA THR A 837 -9.57 -55.02 -29.73
C THR A 837 -9.56 -55.17 -31.25
N LYS A 838 -10.73 -55.58 -31.79
CA LYS A 838 -10.86 -55.86 -33.21
C LYS A 838 -11.07 -54.59 -34.02
N TYR A 839 -11.27 -53.46 -33.33
CA TYR A 839 -11.39 -52.18 -34.01
C TYR A 839 -10.11 -51.91 -34.80
N PRO A 840 -10.21 -51.37 -36.04
CA PRO A 840 -9.03 -51.09 -36.84
C PRO A 840 -8.21 -49.97 -36.20
N LYS A 841 -6.89 -50.15 -36.17
CA LYS A 841 -6.00 -49.17 -35.57
C LYS A 841 -5.24 -48.43 -36.67
N THR A 842 -5.01 -47.13 -36.43
CA THR A 842 -4.25 -46.28 -37.32
C THR A 842 -3.09 -45.67 -36.54
N VAL A 843 -1.92 -45.56 -37.19
CA VAL A 843 -0.78 -44.88 -36.62
C VAL A 843 -0.60 -43.56 -37.37
N TYR A 844 -0.24 -42.50 -36.62
CA TYR A 844 0.04 -41.20 -37.19
C TYR A 844 1.42 -40.73 -36.73
N ILE A 845 2.17 -40.10 -37.63
CA ILE A 845 3.38 -39.38 -37.26
C ILE A 845 3.23 -37.93 -37.70
N GLY A 846 3.49 -37.00 -36.78
CA GLY A 846 3.36 -35.58 -37.06
C GLY A 846 4.07 -34.73 -36.02
N SER A 847 3.85 -33.41 -36.10
CA SER A 847 4.57 -32.43 -35.29
C SER A 847 3.72 -31.95 -34.13
N SER A 848 2.45 -32.38 -34.05
CA SER A 848 1.58 -32.09 -32.92
C SER A 848 0.41 -33.07 -32.92
N SER A 849 -0.43 -33.02 -31.87
CA SER A 849 -1.60 -33.89 -31.76
C SER A 849 -2.61 -33.57 -32.86
N ARG A 850 -2.52 -32.36 -33.45
CA ARG A 850 -3.42 -31.96 -34.51
C ARG A 850 -2.73 -32.01 -35.88
N LYS A 851 -1.42 -31.80 -35.90
CA LYS A 851 -0.66 -31.73 -37.15
C LYS A 851 -0.14 -33.13 -37.49
N LEU A 852 -1.08 -34.03 -37.83
CA LEU A 852 -0.79 -35.43 -38.10
C LEU A 852 -0.48 -35.60 -39.59
N HIS A 853 0.80 -35.40 -39.94
CA HIS A 853 1.22 -35.24 -41.32
C HIS A 853 1.17 -36.57 -42.07
N LEU A 854 1.47 -37.67 -41.37
CA LEU A 854 1.57 -38.99 -41.97
C LEU A 854 0.67 -39.96 -41.23
N GLN A 855 0.13 -40.95 -41.95
CA GLN A 855 -0.65 -42.01 -41.32
C GLN A 855 -0.56 -43.30 -42.13
N ALA A 856 -0.84 -44.40 -41.44
CA ALA A 856 -0.89 -45.73 -42.04
C ALA A 856 -1.76 -46.63 -41.18
N PRO A 857 -2.42 -47.66 -41.76
CA PRO A 857 -3.13 -48.66 -40.96
C PRO A 857 -2.10 -49.50 -40.20
N LEU A 858 -2.51 -50.04 -39.05
CA LEU A 858 -1.76 -51.10 -38.40
C LEU A 858 -2.44 -52.42 -38.77
N PRO A 859 -1.92 -53.17 -39.76
CA PRO A 859 -2.61 -54.36 -40.25
C PRO A 859 -2.61 -55.43 -39.16
N PRO A 860 -3.77 -56.04 -38.82
CA PRO A 860 -3.83 -57.01 -37.73
C PRO A 860 -3.15 -58.32 -38.08
N TYR A 861 -2.71 -59.05 -37.04
CA TYR A 861 -2.12 -60.36 -37.20
C TYR A 861 -2.24 -61.12 -35.88
N LEU B 23 -13.91 24.21 -42.05
CA LEU B 23 -14.22 24.27 -40.60
C LEU B 23 -15.51 25.05 -40.39
N ALA B 24 -16.27 24.67 -39.35
CA ALA B 24 -17.44 25.42 -38.92
C ALA B 24 -17.04 26.87 -38.65
N TYR B 25 -17.94 27.80 -38.98
CA TYR B 25 -17.65 29.23 -38.94
C TYR B 25 -18.75 29.96 -38.17
N SER B 26 -18.34 30.98 -37.42
CA SER B 26 -19.26 31.80 -36.63
C SER B 26 -19.37 33.18 -37.27
N PRO B 27 -20.49 33.52 -37.93
CA PRO B 27 -20.62 34.82 -38.59
C PRO B 27 -20.65 35.95 -37.56
N PRO B 28 -20.16 37.16 -37.92
CA PRO B 28 -20.12 38.28 -36.97
C PRO B 28 -21.49 38.94 -36.79
N PHE B 29 -21.67 39.59 -35.63
CA PHE B 29 -22.84 40.39 -35.36
C PHE B 29 -22.42 41.59 -34.51
N TYR B 30 -22.51 42.79 -35.12
CA TYR B 30 -22.16 44.05 -34.49
C TYR B 30 -23.24 45.07 -34.85
N PRO B 31 -23.44 46.15 -34.06
CA PRO B 31 -22.69 46.43 -32.83
C PRO B 31 -23.12 45.60 -31.62
N SER B 32 -22.34 45.73 -30.53
CA SER B 32 -22.66 45.08 -29.26
C SER B 32 -23.82 45.81 -28.61
N PRO B 33 -25.01 45.17 -28.45
CA PRO B 33 -26.19 45.85 -27.92
C PRO B 33 -25.94 46.51 -26.57
N TRP B 34 -26.44 47.74 -26.42
CA TRP B 34 -26.42 48.45 -25.16
C TRP B 34 -27.72 48.18 -24.41
N MET B 35 -27.71 48.42 -23.09
CA MET B 35 -28.85 48.14 -22.23
C MET B 35 -30.06 48.97 -22.67
N ASP B 36 -31.25 48.39 -22.45
CA ASP B 36 -32.51 49.09 -22.61
C ASP B 36 -32.92 49.72 -21.28
N GLY B 37 -32.77 48.95 -20.20
CA GLY B 37 -33.19 49.38 -18.87
C GLY B 37 -34.70 49.58 -18.80
N ASN B 38 -35.44 48.61 -19.35
CA ASN B 38 -36.90 48.61 -19.31
C ASN B 38 -37.37 47.55 -18.32
N GLY B 39 -38.66 47.60 -18.00
CA GLY B 39 -39.31 46.59 -17.17
C GLY B 39 -38.65 46.47 -15.80
N GLU B 40 -38.22 45.24 -15.48
CA GLU B 40 -37.77 44.89 -14.15
C GLU B 40 -36.35 45.42 -13.93
N TRP B 41 -35.74 45.95 -15.00
CA TRP B 41 -34.39 46.49 -14.96
C TRP B 41 -34.39 48.02 -14.92
N ALA B 42 -35.58 48.64 -15.02
CA ALA B 42 -35.69 50.08 -15.17
C ALA B 42 -35.01 50.81 -14.02
N GLU B 43 -35.28 50.38 -12.79
CA GLU B 43 -34.78 51.06 -11.61
C GLU B 43 -33.27 50.87 -11.49
N ALA B 44 -32.80 49.64 -11.69
CA ALA B 44 -31.38 49.34 -11.61
C ALA B 44 -30.60 50.15 -12.65
N TYR B 45 -31.17 50.28 -13.85
CA TYR B 45 -30.56 51.04 -14.93
C TYR B 45 -30.41 52.50 -14.52
N ARG B 46 -31.49 53.08 -13.98
CA ARG B 46 -31.48 54.49 -13.59
C ARG B 46 -30.35 54.72 -12.58
N ARG B 47 -30.30 53.86 -11.56
CA ARG B 47 -29.31 54.00 -10.50
C ARG B 47 -27.90 53.76 -11.06
N ALA B 48 -27.79 52.83 -12.02
CA ALA B 48 -26.51 52.52 -12.64
C ALA B 48 -26.00 53.71 -13.43
N VAL B 49 -26.88 54.33 -14.23
CA VAL B 49 -26.54 55.51 -15.01
C VAL B 49 -26.11 56.64 -14.07
N ASP B 50 -26.84 56.82 -12.97
CA ASP B 50 -26.54 57.87 -12.01
C ASP B 50 -25.13 57.68 -11.46
N PHE B 51 -24.72 56.43 -11.22
CA PHE B 51 -23.41 56.13 -10.69
C PHE B 51 -22.34 56.32 -11.78
N VAL B 52 -22.54 55.68 -12.94
CA VAL B 52 -21.51 55.64 -13.98
C VAL B 52 -21.29 57.04 -14.56
N SER B 53 -22.31 57.90 -14.51
CA SER B 53 -22.20 59.27 -14.99
C SER B 53 -21.10 60.04 -14.24
N GLN B 54 -20.77 59.58 -13.03
CA GLN B 54 -19.85 60.30 -12.15
C GLN B 54 -18.41 59.83 -12.33
N LEU B 55 -18.18 58.82 -13.17
CA LEU B 55 -16.90 58.11 -13.19
C LEU B 55 -15.98 58.70 -14.25
N THR B 56 -14.66 58.61 -13.99
CA THR B 56 -13.64 58.81 -15.00
C THR B 56 -13.58 57.56 -15.87
N LEU B 57 -12.87 57.64 -16.99
CA LEU B 57 -12.67 56.51 -17.88
C LEU B 57 -11.93 55.39 -17.14
N ALA B 58 -10.92 55.75 -16.34
CA ALA B 58 -10.12 54.78 -15.60
C ALA B 58 -10.99 54.01 -14.61
N GLU B 59 -11.92 54.71 -13.96
CA GLU B 59 -12.79 54.12 -12.95
C GLU B 59 -13.78 53.16 -13.61
N LYS B 60 -14.30 53.53 -14.79
CA LYS B 60 -15.19 52.67 -15.55
C LYS B 60 -14.46 51.39 -15.95
N VAL B 61 -13.23 51.53 -16.43
CA VAL B 61 -12.43 50.39 -16.88
C VAL B 61 -12.11 49.48 -15.70
N ASN B 62 -11.97 50.06 -14.50
CA ASN B 62 -11.71 49.29 -13.29
C ASN B 62 -12.81 48.27 -13.00
N LEU B 63 -14.08 48.65 -13.26
CA LEU B 63 -15.20 47.75 -13.02
C LEU B 63 -15.05 46.51 -13.90
N THR B 64 -14.42 46.66 -15.06
CA THR B 64 -14.38 45.62 -16.08
C THR B 64 -13.13 44.74 -15.92
N THR B 65 -12.24 45.07 -14.98
CA THR B 65 -10.92 44.47 -14.89
C THR B 65 -10.78 43.66 -13.60
N GLY B 66 -10.47 42.36 -13.74
CA GLY B 66 -10.08 41.53 -12.62
C GLY B 66 -8.72 41.98 -12.07
N VAL B 67 -8.48 41.71 -10.77
CA VAL B 67 -7.32 42.22 -10.06
C VAL B 67 -6.13 41.26 -10.20
N GLY B 68 -6.35 40.09 -10.82
CA GLY B 68 -5.29 39.11 -10.98
C GLY B 68 -5.51 37.90 -10.08
N TRP B 69 -4.97 36.75 -10.49
CA TRP B 69 -5.22 35.47 -9.86
C TRP B 69 -4.64 35.46 -8.44
N MET B 70 -5.52 35.30 -7.44
CA MET B 70 -5.17 35.13 -6.04
C MET B 70 -4.56 36.41 -5.45
N GLN B 71 -4.91 37.58 -6.02
CA GLN B 71 -4.29 38.82 -5.61
C GLN B 71 -5.04 39.44 -4.42
N GLU B 72 -6.32 39.10 -4.24
CA GLU B 72 -7.09 39.61 -3.13
C GLU B 72 -7.73 38.43 -2.38
N LYS B 73 -8.98 38.57 -1.96
CA LYS B 73 -9.59 37.63 -1.03
C LYS B 73 -10.50 36.65 -1.75
N CYS B 74 -11.17 37.11 -2.80
CA CYS B 74 -12.20 36.33 -3.47
C CYS B 74 -11.62 35.65 -4.71
N VAL B 75 -12.32 34.61 -5.18
CA VAL B 75 -11.91 33.84 -6.34
C VAL B 75 -11.64 34.80 -7.50
N GLY B 76 -12.46 35.85 -7.60
CA GLY B 76 -12.18 36.99 -8.47
C GLY B 76 -12.61 38.29 -7.80
N GLU B 77 -11.94 39.38 -8.18
CA GLU B 77 -12.32 40.72 -7.73
C GLU B 77 -12.12 41.72 -8.86
N THR B 78 -13.01 42.70 -8.94
CA THR B 78 -12.86 43.82 -9.86
C THR B 78 -12.02 44.89 -9.17
N GLY B 79 -11.58 45.89 -9.95
CA GLY B 79 -10.96 47.08 -9.39
C GLY B 79 -11.97 47.88 -8.59
N SER B 80 -11.46 48.74 -7.71
CA SER B 80 -12.28 49.55 -6.82
C SER B 80 -12.42 50.96 -7.38
N ILE B 81 -13.35 51.73 -6.78
CA ILE B 81 -13.46 53.16 -7.02
C ILE B 81 -13.43 53.85 -5.66
N PRO B 82 -12.23 53.98 -5.04
CA PRO B 82 -12.12 54.55 -3.70
C PRO B 82 -12.72 55.95 -3.54
N ARG B 83 -12.66 56.75 -4.60
CA ARG B 83 -13.13 58.13 -4.59
C ARG B 83 -14.59 58.20 -4.14
N LEU B 84 -15.40 57.19 -4.52
CA LEU B 84 -16.80 57.15 -4.16
C LEU B 84 -17.06 56.09 -3.09
N GLY B 85 -15.99 55.59 -2.47
CA GLY B 85 -16.10 54.61 -1.39
C GLY B 85 -16.66 53.27 -1.87
N PHE B 86 -16.43 52.95 -3.15
CA PHE B 86 -16.95 51.74 -3.75
C PHE B 86 -15.82 50.71 -3.87
N ARG B 87 -15.92 49.62 -3.13
CA ARG B 87 -14.90 48.59 -3.16
C ARG B 87 -15.09 47.72 -4.40
N GLY B 88 -14.05 46.97 -4.76
CA GLY B 88 -14.14 46.01 -5.85
C GLY B 88 -15.20 44.95 -5.54
N LEU B 89 -15.83 44.42 -6.59
CA LEU B 89 -16.79 43.34 -6.43
C LEU B 89 -16.04 42.08 -6.03
N CYS B 90 -16.69 41.26 -5.18
CA CYS B 90 -16.18 39.97 -4.76
C CYS B 90 -16.96 38.87 -5.48
N LEU B 91 -16.27 38.13 -6.36
CA LEU B 91 -16.88 37.04 -7.10
C LEU B 91 -16.38 35.71 -6.52
N GLN B 92 -17.31 34.85 -6.09
CA GLN B 92 -16.97 33.65 -5.36
C GLN B 92 -17.73 32.45 -5.93
N ASP B 93 -17.01 31.34 -6.14
CA ASP B 93 -17.62 30.03 -6.32
C ASP B 93 -18.39 29.70 -5.05
N SER B 94 -19.38 28.78 -5.11
CA SER B 94 -19.62 27.86 -6.20
C SER B 94 -21.14 27.72 -6.41
N PRO B 95 -21.59 26.88 -7.37
CA PRO B 95 -23.02 26.60 -7.52
C PRO B 95 -23.73 25.90 -6.36
N LEU B 96 -22.98 25.33 -5.40
CA LEU B 96 -23.59 24.56 -4.33
C LEU B 96 -23.17 25.09 -2.94
N GLY B 97 -22.59 26.28 -2.88
CA GLY B 97 -22.22 26.88 -1.60
C GLY B 97 -21.15 27.96 -1.77
N VAL B 98 -20.57 28.37 -0.65
CA VAL B 98 -19.47 29.33 -0.66
C VAL B 98 -18.16 28.55 -0.60
N ARG B 99 -17.40 28.60 -1.69
CA ARG B 99 -16.14 27.88 -1.79
C ARG B 99 -15.10 28.55 -0.89
N PHE B 100 -14.23 27.72 -0.31
CA PHE B 100 -13.00 28.15 0.35
C PHE B 100 -13.26 28.65 1.78
N ALA B 101 -14.37 29.38 2.00
CA ALA B 101 -14.63 30.01 3.28
C ALA B 101 -14.94 28.97 4.34
N ASP B 102 -14.69 29.34 5.61
CA ASP B 102 -15.03 28.51 6.76
C ASP B 102 -16.41 28.90 7.27
N TYR B 103 -17.01 28.01 8.08
CA TYR B 103 -18.30 28.21 8.72
C TYR B 103 -19.37 28.44 7.65
N VAL B 104 -19.38 27.58 6.64
CA VAL B 104 -20.41 27.57 5.60
C VAL B 104 -21.02 26.17 5.52
N SER B 105 -22.08 26.05 4.73
CA SER B 105 -22.79 24.80 4.53
C SER B 105 -22.39 24.18 3.18
N ALA B 106 -22.47 22.84 3.11
CA ALA B 106 -22.26 22.11 1.86
C ALA B 106 -23.58 21.56 1.37
N PHE B 107 -24.18 22.25 0.38
CA PHE B 107 -25.50 21.91 -0.11
C PHE B 107 -25.40 20.74 -1.10
N PRO B 108 -26.52 20.03 -1.36
CA PRO B 108 -26.55 19.00 -2.41
C PRO B 108 -26.26 19.63 -3.77
N ALA B 109 -25.66 18.85 -4.67
CA ALA B 109 -25.29 19.31 -5.99
C ALA B 109 -26.54 19.57 -6.82
N GLY B 110 -26.37 20.32 -7.92
CA GLY B 110 -27.47 20.67 -8.81
C GLY B 110 -28.22 19.44 -9.32
N VAL B 111 -27.49 18.36 -9.64
CA VAL B 111 -28.12 17.17 -10.18
C VAL B 111 -29.10 16.59 -9.17
N ASN B 112 -28.80 16.72 -7.87
CA ASN B 112 -29.72 16.33 -6.82
C ASN B 112 -30.97 17.20 -6.90
N VAL B 113 -30.80 18.50 -7.13
CA VAL B 113 -31.90 19.43 -7.24
C VAL B 113 -32.80 19.00 -8.41
N ALA B 114 -32.17 18.62 -9.53
CA ALA B 114 -32.91 18.13 -10.69
C ALA B 114 -33.76 16.92 -10.31
N ALA B 115 -33.18 16.03 -9.50
CA ALA B 115 -33.83 14.78 -9.11
C ALA B 115 -35.03 15.02 -8.20
N THR B 116 -35.11 16.21 -7.56
CA THR B 116 -36.26 16.54 -6.73
C THR B 116 -37.46 16.88 -7.62
N TRP B 117 -37.20 17.43 -8.81
CA TRP B 117 -38.25 17.96 -9.67
C TRP B 117 -39.12 18.95 -8.90
N ASP B 118 -38.50 19.73 -8.00
CA ASP B 118 -39.21 20.54 -7.03
C ASP B 118 -38.74 22.00 -7.12
N LYS B 119 -39.56 22.85 -7.73
CA LYS B 119 -39.24 24.26 -7.91
C LYS B 119 -39.04 24.95 -6.57
N ASN B 120 -39.89 24.63 -5.59
CA ASN B 120 -39.84 25.25 -4.28
C ASN B 120 -38.49 24.97 -3.61
N LEU B 121 -38.04 23.71 -3.66
CA LEU B 121 -36.79 23.33 -3.03
C LEU B 121 -35.62 24.01 -3.74
N ALA B 122 -35.69 24.07 -5.08
CA ALA B 122 -34.67 24.75 -5.85
C ALA B 122 -34.55 26.20 -5.40
N TYR B 123 -35.69 26.87 -5.22
CA TYR B 123 -35.72 28.26 -4.80
C TYR B 123 -35.12 28.42 -3.41
N LEU B 124 -35.55 27.57 -2.46
CA LEU B 124 -35.12 27.69 -1.08
C LEU B 124 -33.61 27.45 -0.96
N ARG B 125 -33.08 26.52 -1.75
CA ARG B 125 -31.65 26.26 -1.78
C ARG B 125 -30.90 27.49 -2.27
N GLY B 126 -31.43 28.12 -3.33
CA GLY B 126 -30.87 29.36 -3.85
C GLY B 126 -30.84 30.46 -2.78
N LYS B 127 -31.95 30.60 -2.05
CA LYS B 127 -32.07 31.61 -0.99
C LYS B 127 -31.01 31.36 0.08
N ALA B 128 -30.85 30.10 0.50
CA ALA B 128 -29.94 29.76 1.57
C ALA B 128 -28.49 29.99 1.15
N MET B 129 -28.16 29.57 -0.09
CA MET B 129 -26.84 29.80 -0.65
C MET B 129 -26.55 31.30 -0.71
N GLY B 130 -27.51 32.07 -1.25
CA GLY B 130 -27.38 33.52 -1.37
C GLY B 130 -27.18 34.19 -0.01
N GLU B 131 -27.89 33.69 1.00
CA GLU B 131 -27.75 34.19 2.37
C GLU B 131 -26.34 33.96 2.88
N GLU B 132 -25.75 32.80 2.59
CA GLU B 132 -24.43 32.47 3.09
C GLU B 132 -23.38 33.34 2.38
N HIS B 133 -23.53 33.50 1.05
CA HIS B 133 -22.67 34.38 0.29
C HIS B 133 -22.77 35.81 0.84
N ARG B 134 -24.01 36.28 1.02
CA ARG B 134 -24.27 37.62 1.54
C ARG B 134 -23.53 37.83 2.86
N GLY B 135 -23.66 36.86 3.77
CA GLY B 135 -23.07 36.94 5.10
C GLY B 135 -21.54 37.03 5.04
N LYS B 136 -20.94 36.48 3.98
CA LYS B 136 -19.50 36.49 3.81
C LYS B 136 -19.02 37.75 3.08
N GLY B 137 -19.96 38.51 2.50
CA GLY B 137 -19.65 39.76 1.82
C GLY B 137 -19.51 39.59 0.30
N VAL B 138 -19.94 38.44 -0.22
CA VAL B 138 -19.79 38.12 -1.64
C VAL B 138 -20.81 38.93 -2.45
N ASP B 139 -20.36 39.43 -3.61
CA ASP B 139 -21.21 40.21 -4.50
C ASP B 139 -21.81 39.31 -5.57
N VAL B 140 -21.00 38.39 -6.14
CA VAL B 140 -21.44 37.51 -7.19
C VAL B 140 -21.15 36.07 -6.79
N GLN B 141 -22.22 35.25 -6.75
CA GLN B 141 -22.09 33.80 -6.65
C GLN B 141 -21.92 33.25 -8.06
N LEU B 142 -20.82 32.50 -8.29
CA LEU B 142 -20.50 32.00 -9.61
C LEU B 142 -21.29 30.72 -9.87
N GLY B 143 -22.58 30.89 -10.11
CA GLY B 143 -23.53 29.81 -10.35
C GLY B 143 -24.95 30.38 -10.42
N PRO B 144 -25.98 29.60 -10.81
CA PRO B 144 -25.84 28.17 -11.08
C PRO B 144 -25.47 27.79 -12.51
N VAL B 145 -25.53 26.48 -12.82
CA VAL B 145 -24.97 25.93 -14.05
C VAL B 145 -26.10 25.37 -14.93
N ALA B 146 -26.12 25.80 -16.20
CA ALA B 146 -26.95 25.18 -17.23
C ALA B 146 -26.07 24.74 -18.41
N GLY B 147 -24.76 24.93 -18.25
CA GLY B 147 -23.76 24.56 -19.24
C GLY B 147 -22.48 24.08 -18.54
N PRO B 148 -22.17 22.77 -18.52
CA PRO B 148 -22.84 21.75 -19.35
C PRO B 148 -24.29 21.47 -19.00
N LEU B 149 -25.09 21.19 -20.04
CA LEU B 149 -26.46 20.73 -19.88
C LEU B 149 -26.44 19.24 -19.53
N GLY B 150 -25.67 18.46 -20.32
CA GLY B 150 -25.49 17.05 -20.08
C GLY B 150 -25.52 16.23 -21.37
N ARG B 151 -24.83 16.72 -22.42
CA ARG B 151 -24.77 16.05 -23.70
C ARG B 151 -24.27 14.60 -23.52
N HIS B 152 -23.20 14.45 -22.72
CA HIS B 152 -22.56 13.15 -22.54
C HIS B 152 -22.85 12.63 -21.13
N PRO B 153 -23.15 11.34 -20.94
CA PRO B 153 -23.34 10.78 -19.60
C PRO B 153 -22.06 10.81 -18.77
N ASP B 154 -20.92 10.94 -19.45
CA ASP B 154 -19.61 10.86 -18.83
C ASP B 154 -18.92 12.23 -18.82
N GLY B 155 -19.69 13.30 -19.09
CA GLY B 155 -19.17 14.65 -18.96
C GLY B 155 -18.82 14.95 -17.50
N GLY B 156 -17.64 15.54 -17.30
CA GLY B 156 -17.05 15.68 -15.96
C GLY B 156 -17.89 16.55 -15.02
N ARG B 157 -18.54 17.59 -15.55
CA ARG B 157 -19.12 18.63 -14.71
C ARG B 157 -20.65 18.65 -14.79
N ASN B 158 -21.27 17.60 -15.34
CA ASN B 158 -22.72 17.56 -15.50
C ASN B 158 -23.42 17.72 -14.15
N TRP B 159 -22.83 17.14 -13.09
CA TRP B 159 -23.44 17.09 -11.78
C TRP B 159 -23.61 18.48 -11.18
N GLU B 160 -22.78 19.44 -11.61
CA GLU B 160 -22.89 20.82 -11.14
C GLU B 160 -24.18 21.46 -11.66
N GLY B 161 -24.59 21.05 -12.86
CA GLY B 161 -25.80 21.54 -13.50
C GLY B 161 -27.03 20.86 -12.93
N PHE B 162 -27.96 20.46 -13.80
CA PHE B 162 -29.22 19.86 -13.37
C PHE B 162 -29.47 18.58 -14.16
N SER B 163 -29.87 18.73 -15.43
CA SER B 163 -30.38 17.64 -16.23
C SER B 163 -30.04 17.86 -17.71
N PRO B 164 -29.82 16.79 -18.50
CA PRO B 164 -29.73 16.92 -19.96
C PRO B 164 -31.00 17.49 -20.60
N ASP B 165 -32.14 17.35 -19.91
CA ASP B 165 -33.37 17.95 -20.39
C ASP B 165 -33.30 19.47 -20.22
N PRO B 166 -33.53 20.25 -21.30
CA PRO B 166 -33.45 21.71 -21.22
C PRO B 166 -34.54 22.38 -20.39
N VAL B 167 -35.71 21.72 -20.26
CA VAL B 167 -36.84 22.30 -19.55
C VAL B 167 -36.65 22.13 -18.05
N LEU B 168 -36.33 20.90 -17.62
CA LEU B 168 -36.09 20.62 -16.21
C LEU B 168 -34.98 21.53 -15.69
N THR B 169 -33.90 21.66 -16.48
CA THR B 169 -32.76 22.50 -16.13
C THR B 169 -33.19 23.96 -16.05
N GLY B 170 -33.83 24.45 -17.12
CA GLY B 170 -34.21 25.85 -17.22
C GLY B 170 -35.11 26.29 -16.07
N VAL B 171 -36.09 25.45 -15.73
CA VAL B 171 -37.04 25.76 -14.68
C VAL B 171 -36.31 25.87 -13.34
N LEU B 172 -35.50 24.87 -13.00
CA LEU B 172 -34.85 24.82 -11.70
C LEU B 172 -33.68 25.79 -11.65
N MET B 173 -33.05 26.05 -12.80
CA MET B 173 -32.06 27.11 -12.94
C MET B 173 -32.69 28.44 -12.54
N ALA B 174 -33.87 28.73 -13.09
CA ALA B 174 -34.55 29.99 -12.87
C ALA B 174 -34.87 30.16 -11.38
N GLU B 175 -35.38 29.09 -10.76
CA GLU B 175 -35.75 29.11 -9.36
C GLU B 175 -34.52 29.35 -8.48
N THR B 176 -33.40 28.69 -8.82
CA THR B 176 -32.17 28.85 -8.06
C THR B 176 -31.74 30.31 -8.09
N ILE B 177 -31.75 30.89 -9.30
CA ILE B 177 -31.34 32.27 -9.53
C ILE B 177 -32.19 33.22 -8.69
N LYS B 178 -33.52 33.03 -8.74
CA LYS B 178 -34.43 33.91 -7.99
C LYS B 178 -34.12 33.81 -6.50
N GLY B 179 -33.85 32.59 -6.03
CA GLY B 179 -33.48 32.37 -4.63
C GLY B 179 -32.25 33.19 -4.23
N ILE B 180 -31.18 33.06 -5.02
CA ILE B 180 -29.91 33.72 -4.73
C ILE B 180 -30.12 35.24 -4.74
N GLN B 181 -30.77 35.75 -5.78
CA GLN B 181 -30.84 37.18 -6.01
C GLN B 181 -31.84 37.84 -5.05
N ASP B 182 -32.87 37.10 -4.63
CA ASP B 182 -33.79 37.57 -3.60
C ASP B 182 -33.06 37.71 -2.26
N ALA B 183 -31.99 36.93 -2.08
CA ALA B 183 -31.19 36.96 -0.86
C ALA B 183 -30.21 38.13 -0.88
N GLY B 184 -30.04 38.80 -2.02
CA GLY B 184 -29.24 40.02 -2.11
C GLY B 184 -27.85 39.79 -2.69
N VAL B 185 -27.69 38.73 -3.50
CA VAL B 185 -26.43 38.43 -4.16
C VAL B 185 -26.68 38.28 -5.66
N ILE B 186 -25.71 38.73 -6.48
CA ILE B 186 -25.79 38.57 -7.91
C ILE B 186 -25.47 37.12 -8.25
N ALA B 187 -26.35 36.47 -9.02
CA ALA B 187 -26.10 35.13 -9.52
C ALA B 187 -25.41 35.22 -10.88
N CYS B 188 -24.83 34.10 -11.32
CA CYS B 188 -24.08 34.05 -12.55
C CYS B 188 -24.41 32.77 -13.31
N ALA B 189 -25.07 32.92 -14.46
CA ALA B 189 -25.37 31.79 -15.33
C ALA B 189 -24.10 31.38 -16.07
N LYS B 190 -23.69 30.12 -15.90
CA LYS B 190 -22.49 29.59 -16.55
C LYS B 190 -22.74 28.14 -16.97
N HIS B 191 -21.93 27.60 -17.90
CA HIS B 191 -20.98 28.33 -18.72
C HIS B 191 -21.55 28.45 -20.12
N PHE B 192 -21.50 29.65 -20.69
CA PHE B 192 -22.15 29.97 -21.95
C PHE B 192 -21.10 29.99 -23.07
N ILE B 193 -21.11 29.03 -24.00
CA ILE B 193 -22.04 27.90 -24.07
C ILE B 193 -21.29 26.73 -24.72
N GLY B 194 -21.80 25.51 -24.57
CA GLY B 194 -21.31 24.36 -25.31
C GLY B 194 -20.12 23.68 -24.65
N ASN B 195 -19.85 24.00 -23.38
CA ASN B 195 -18.80 23.39 -22.59
C ASN B 195 -19.30 22.04 -22.08
N GLU B 196 -19.55 21.10 -23.00
CA GLU B 196 -20.24 19.86 -22.69
C GLU B 196 -19.26 18.77 -22.26
N MET B 197 -17.95 19.05 -22.28
CA MET B 197 -16.96 18.15 -21.72
C MET B 197 -15.75 18.94 -21.22
N GLU B 198 -14.86 18.25 -20.51
CA GLU B 198 -13.68 18.87 -19.93
C GLU B 198 -12.47 18.72 -20.86
N HIS B 199 -12.42 17.63 -21.63
CA HIS B 199 -11.30 17.40 -22.55
C HIS B 199 -11.11 18.60 -23.48
N PHE B 200 -9.88 19.12 -23.49
CA PHE B 200 -9.43 20.13 -24.44
C PHE B 200 -10.15 21.46 -24.24
N ARG B 201 -10.70 21.69 -23.03
CA ARG B 201 -11.39 22.94 -22.76
C ARG B 201 -10.40 24.11 -22.82
N GLN B 202 -9.15 23.83 -22.42
CA GLN B 202 -8.08 24.82 -22.43
C GLN B 202 -6.79 24.11 -22.87
N ALA B 203 -6.03 24.76 -23.75
CA ALA B 203 -4.86 24.14 -24.38
C ALA B 203 -3.81 23.80 -23.32
N SER B 204 -3.53 24.74 -22.41
CA SER B 204 -2.53 24.57 -21.36
C SER B 204 -2.85 23.34 -20.52
N GLU B 205 -4.14 23.10 -20.28
CA GLU B 205 -4.59 21.98 -19.46
C GLU B 205 -4.44 20.68 -20.25
N ALA B 206 -4.69 20.74 -21.57
CA ALA B 206 -4.55 19.58 -22.43
C ALA B 206 -3.08 19.18 -22.58
N VAL B 207 -2.20 20.19 -22.69
CA VAL B 207 -0.76 19.97 -22.75
C VAL B 207 -0.31 19.26 -21.48
N GLY B 208 -0.84 19.70 -20.34
CA GLY B 208 -0.55 19.09 -19.05
C GLY B 208 -0.86 17.60 -19.01
N TYR B 209 -1.82 17.16 -19.84
CA TYR B 209 -2.23 15.76 -19.90
C TYR B 209 -1.60 15.05 -21.10
N GLY B 210 -0.62 15.69 -21.75
CA GLY B 210 0.20 15.03 -22.76
C GLY B 210 -0.33 15.19 -24.18
N PHE B 211 -1.35 16.04 -24.37
CA PHE B 211 -1.89 16.32 -25.70
C PHE B 211 -1.16 17.52 -26.30
N ASP B 212 -1.03 17.53 -27.64
CA ASP B 212 -0.32 18.60 -28.34
C ASP B 212 -1.32 19.44 -29.13
N ILE B 213 -1.93 20.42 -28.44
CA ILE B 213 -2.84 21.36 -29.07
C ILE B 213 -2.55 22.77 -28.56
N THR B 214 -2.90 23.79 -29.37
CA THR B 214 -2.63 25.17 -29.04
C THR B 214 -3.93 25.97 -28.90
N GLU B 215 -5.08 25.33 -29.14
CA GLU B 215 -6.37 26.00 -29.05
C GLU B 215 -7.39 25.05 -28.44
N SER B 216 -8.42 25.62 -27.77
CA SER B 216 -9.46 24.84 -27.13
C SER B 216 -10.36 24.19 -28.18
N VAL B 217 -11.02 23.10 -27.78
CA VAL B 217 -11.99 22.40 -28.62
C VAL B 217 -13.05 23.38 -29.11
N SER B 218 -13.54 23.15 -30.32
CA SER B 218 -14.66 23.90 -30.88
C SER B 218 -15.91 23.01 -30.86
N SER B 219 -16.91 23.43 -30.08
CA SER B 219 -18.23 22.83 -30.14
C SER B 219 -18.96 23.37 -31.37
N ASN B 220 -19.23 22.47 -32.33
CA ASN B 220 -19.87 22.87 -33.57
C ASN B 220 -21.35 22.55 -33.48
N ILE B 221 -22.15 23.60 -33.26
CA ILE B 221 -23.55 23.49 -32.95
C ILE B 221 -24.32 24.35 -33.93
N ASP B 222 -25.34 23.77 -34.58
CA ASP B 222 -26.13 24.51 -35.56
C ASP B 222 -27.19 25.34 -34.82
N ASP B 223 -27.81 26.25 -35.57
CA ASP B 223 -28.68 27.28 -35.03
C ASP B 223 -29.91 26.65 -34.35
N LYS B 224 -30.48 25.64 -34.99
CA LYS B 224 -31.67 24.97 -34.50
C LYS B 224 -31.36 24.23 -33.19
N THR B 225 -30.22 23.55 -33.15
CA THR B 225 -29.83 22.76 -31.98
C THR B 225 -29.59 23.69 -30.79
N LEU B 226 -28.89 24.81 -31.02
CA LEU B 226 -28.67 25.81 -30.00
C LEU B 226 -30.00 26.23 -29.39
N HIS B 227 -30.93 26.69 -30.26
CA HIS B 227 -32.17 27.28 -29.81
C HIS B 227 -33.05 26.27 -29.06
N GLU B 228 -33.10 25.03 -29.55
CA GLU B 228 -34.08 24.08 -29.06
C GLU B 228 -33.53 23.27 -27.88
N LEU B 229 -32.22 23.31 -27.63
CA LEU B 229 -31.61 22.53 -26.57
C LEU B 229 -30.77 23.43 -25.65
N TYR B 230 -29.55 23.79 -26.08
CA TYR B 230 -28.54 24.31 -25.16
C TYR B 230 -28.86 25.74 -24.71
N LEU B 231 -29.45 26.56 -25.60
CA LEU B 231 -29.72 27.96 -25.31
C LEU B 231 -30.94 28.09 -24.39
N TRP B 232 -31.86 27.12 -24.48
CA TRP B 232 -33.17 27.17 -23.85
C TRP B 232 -33.06 27.49 -22.35
N PRO B 233 -32.29 26.73 -21.54
CA PRO B 233 -32.19 27.01 -20.11
C PRO B 233 -31.57 28.35 -19.76
N PHE B 234 -30.72 28.87 -20.65
CA PHE B 234 -30.10 30.18 -20.46
C PHE B 234 -31.12 31.28 -20.74
N ALA B 235 -32.06 31.04 -21.66
CA ALA B 235 -33.15 31.97 -21.89
C ALA B 235 -33.96 32.12 -20.60
N ASP B 236 -34.24 30.99 -19.95
CA ASP B 236 -34.94 30.96 -18.68
C ASP B 236 -34.16 31.75 -17.62
N ALA B 237 -32.83 31.61 -17.64
CA ALA B 237 -31.97 32.33 -16.71
C ALA B 237 -32.13 33.84 -16.90
N VAL B 238 -32.06 34.30 -18.16
CA VAL B 238 -32.19 35.71 -18.47
C VAL B 238 -33.54 36.23 -17.96
N ARG B 239 -34.61 35.48 -18.26
CA ARG B 239 -35.96 35.89 -17.96
C ARG B 239 -36.20 35.89 -16.45
N ALA B 240 -35.43 35.08 -15.72
CA ALA B 240 -35.49 35.03 -14.26
C ALA B 240 -34.78 36.23 -13.64
N GLY B 241 -34.10 37.03 -14.47
CA GLY B 241 -33.52 38.29 -14.05
C GLY B 241 -32.07 38.14 -13.56
N VAL B 242 -31.38 37.11 -14.03
CA VAL B 242 -30.03 36.82 -13.59
C VAL B 242 -29.15 38.04 -13.91
N GLY B 243 -28.27 38.40 -12.98
CA GLY B 243 -27.49 39.63 -13.07
C GLY B 243 -26.28 39.48 -14.00
N SER B 244 -25.70 38.28 -14.05
CA SER B 244 -24.46 38.08 -14.80
C SER B 244 -24.47 36.76 -15.56
N PHE B 245 -23.53 36.69 -16.53
CA PHE B 245 -23.24 35.50 -17.31
C PHE B 245 -21.73 35.29 -17.31
N MET B 246 -21.31 34.02 -17.46
CA MET B 246 -19.91 33.67 -17.65
C MET B 246 -19.76 32.90 -18.96
N CYS B 247 -18.99 33.47 -19.90
CA CYS B 247 -18.72 32.80 -21.17
C CYS B 247 -17.64 31.75 -20.96
N SER B 248 -17.67 30.70 -21.80
CA SER B 248 -16.96 29.46 -21.54
C SER B 248 -15.56 29.45 -22.15
N TYR B 249 -14.77 28.44 -21.77
CA TYR B 249 -13.41 28.23 -22.24
C TYR B 249 -13.38 27.78 -23.69
N ASN B 250 -14.37 26.97 -24.08
CA ASN B 250 -14.38 26.34 -25.41
C ASN B 250 -14.72 27.37 -26.48
N GLN B 251 -14.54 26.94 -27.74
CA GLN B 251 -15.01 27.70 -28.89
C GLN B 251 -16.37 27.16 -29.31
N VAL B 252 -17.18 28.02 -29.95
CA VAL B 252 -18.39 27.58 -30.61
C VAL B 252 -18.28 27.97 -32.08
N ASN B 253 -18.26 26.96 -32.95
CA ASN B 253 -18.07 27.16 -34.38
C ASN B 253 -16.80 27.97 -34.63
N ASN B 254 -15.74 27.62 -33.89
CA ASN B 254 -14.38 28.11 -34.10
C ASN B 254 -14.26 29.60 -33.77
N SER B 255 -15.07 30.06 -32.81
CA SER B 255 -14.88 31.35 -32.18
C SER B 255 -15.04 31.18 -30.67
N TYR B 256 -13.99 31.53 -29.92
CA TYR B 256 -14.02 31.47 -28.47
C TYR B 256 -15.28 32.16 -27.96
N SER B 257 -15.99 31.50 -27.04
CA SER B 257 -17.25 32.01 -26.50
C SER B 257 -17.12 33.48 -26.10
N CYS B 258 -16.00 33.84 -25.47
CA CYS B 258 -15.84 35.15 -24.85
C CYS B 258 -15.47 36.23 -25.87
N SER B 259 -15.25 35.85 -27.14
CA SER B 259 -15.17 36.84 -28.21
C SER B 259 -16.03 36.42 -29.40
N ASN B 260 -17.09 35.65 -29.12
CA ASN B 260 -18.00 35.15 -30.14
C ASN B 260 -19.19 36.11 -30.23
N SER B 261 -19.13 37.03 -31.21
CA SER B 261 -20.12 38.09 -31.32
C SER B 261 -21.51 37.53 -31.61
N TYR B 262 -21.58 36.44 -32.39
CA TYR B 262 -22.86 35.79 -32.66
C TYR B 262 -23.47 35.32 -31.34
N LEU B 263 -22.62 34.76 -30.47
CA LEU B 263 -23.09 34.17 -29.22
C LEU B 263 -23.53 35.26 -28.25
N LEU B 264 -22.69 36.29 -28.05
CA LEU B 264 -22.91 37.28 -27.01
C LEU B 264 -23.77 38.44 -27.53
N ASN B 265 -23.41 38.99 -28.70
CA ASN B 265 -24.11 40.16 -29.23
C ASN B 265 -25.48 39.77 -29.78
N LYS B 266 -25.55 38.69 -30.56
CA LYS B 266 -26.79 38.32 -31.22
C LYS B 266 -27.69 37.51 -30.28
N LEU B 267 -27.23 36.30 -29.91
CA LEU B 267 -28.09 35.37 -29.21
C LEU B 267 -28.43 35.91 -27.81
N LEU B 268 -27.39 36.27 -27.03
CA LEU B 268 -27.57 36.60 -25.63
C LEU B 268 -28.19 37.99 -25.48
N LYS B 269 -27.62 38.99 -26.18
CA LYS B 269 -27.91 40.38 -25.87
C LYS B 269 -28.93 40.99 -26.83
N SER B 270 -29.22 40.32 -27.96
CA SER B 270 -30.26 40.79 -28.86
C SER B 270 -31.52 39.93 -28.72
N GLU B 271 -31.40 38.64 -29.11
CA GLU B 271 -32.55 37.76 -29.11
C GLU B 271 -33.06 37.53 -27.69
N LEU B 272 -32.17 37.18 -26.75
CA LEU B 272 -32.55 36.95 -25.37
C LEU B 272 -32.60 38.28 -24.61
N ASP B 273 -32.00 39.33 -25.18
CA ASP B 273 -32.10 40.69 -24.67
C ASP B 273 -31.60 40.76 -23.22
N PHE B 274 -30.47 40.12 -22.96
CA PHE B 274 -29.86 40.11 -21.64
C PHE B 274 -29.37 41.52 -21.28
N GLN B 275 -29.76 42.00 -20.09
CA GLN B 275 -29.50 43.37 -19.67
C GLN B 275 -28.31 43.44 -18.72
N GLY B 276 -27.84 42.30 -18.22
CA GLY B 276 -26.76 42.25 -17.24
C GLY B 276 -25.39 42.21 -17.89
N PHE B 277 -24.37 41.77 -17.14
CA PHE B 277 -22.99 41.83 -17.59
C PHE B 277 -22.47 40.41 -17.84
N VAL B 278 -21.55 40.30 -18.82
CA VAL B 278 -20.89 39.05 -19.15
C VAL B 278 -19.45 39.12 -18.63
N MET B 279 -19.07 38.14 -17.81
CA MET B 279 -17.69 37.97 -17.40
C MET B 279 -17.09 36.79 -18.15
N SER B 280 -15.77 36.79 -18.31
CA SER B 280 -15.06 35.64 -18.86
C SER B 280 -14.91 34.58 -17.76
N ASP B 281 -14.83 33.31 -18.18
CA ASP B 281 -14.30 32.28 -17.29
C ASP B 281 -12.82 32.59 -17.09
N TRP B 282 -12.23 32.00 -16.04
CA TRP B 282 -10.94 32.44 -15.53
C TRP B 282 -9.82 32.14 -16.52
N GLY B 283 -9.36 33.17 -17.22
CA GLY B 283 -8.33 33.04 -18.23
C GLY B 283 -8.87 32.47 -19.54
N ALA B 284 -10.19 32.54 -19.72
CA ALA B 284 -10.82 32.13 -20.96
C ALA B 284 -10.29 33.02 -22.09
N HIS B 285 -9.90 32.38 -23.20
CA HIS B 285 -9.23 33.08 -24.29
C HIS B 285 -10.23 33.94 -25.06
N HIS B 286 -9.82 35.18 -25.34
CA HIS B 286 -10.60 36.12 -26.13
C HIS B 286 -9.64 37.07 -26.84
N SER B 287 -10.18 37.89 -27.76
CA SER B 287 -9.39 38.70 -28.66
C SER B 287 -9.01 40.04 -28.01
N GLY B 288 -8.86 40.05 -26.68
CA GLY B 288 -8.52 41.26 -25.94
C GLY B 288 -9.60 42.33 -26.07
N VAL B 289 -9.17 43.55 -26.44
CA VAL B 289 -10.06 44.67 -26.71
C VAL B 289 -11.19 44.25 -27.66
N GLY B 290 -10.89 43.38 -28.62
CA GLY B 290 -11.87 42.89 -29.58
C GLY B 290 -13.01 42.15 -28.91
N ALA B 291 -12.75 41.51 -27.77
CA ALA B 291 -13.76 40.81 -27.00
C ALA B 291 -14.82 41.79 -26.51
N ALA B 292 -14.38 42.98 -26.08
CA ALA B 292 -15.28 44.02 -25.62
C ALA B 292 -16.29 44.38 -26.71
N LEU B 293 -15.80 44.47 -27.97
CA LEU B 293 -16.65 44.80 -29.11
C LEU B 293 -17.60 43.64 -29.41
N ALA B 294 -17.20 42.41 -29.06
CA ALA B 294 -18.00 41.22 -29.36
C ALA B 294 -18.94 40.88 -28.21
N GLY B 295 -18.94 41.69 -27.13
CA GLY B 295 -19.99 41.61 -26.12
C GLY B 295 -19.49 41.22 -24.73
N LEU B 296 -18.17 41.03 -24.56
CA LEU B 296 -17.61 40.77 -23.25
C LEU B 296 -17.62 42.07 -22.44
N ASP B 297 -17.95 41.96 -21.14
CA ASP B 297 -18.07 43.14 -20.27
C ASP B 297 -17.03 43.14 -19.15
N MET B 298 -16.51 41.97 -18.77
CA MET B 298 -15.62 41.86 -17.63
C MET B 298 -14.61 40.74 -17.86
N SER B 299 -13.32 41.04 -17.65
CA SER B 299 -12.23 40.10 -17.86
C SER B 299 -11.76 39.54 -16.52
N MET B 300 -11.86 38.22 -16.35
CA MET B 300 -11.45 37.55 -15.13
C MET B 300 -10.43 36.45 -15.42
N PRO B 301 -9.46 36.19 -14.52
CA PRO B 301 -9.29 36.94 -13.27
C PRO B 301 -8.52 38.26 -13.40
N GLY B 302 -8.19 38.65 -14.63
CA GLY B 302 -7.52 39.91 -14.90
C GLY B 302 -6.02 39.80 -14.66
N PHE B 312 -3.34 44.97 -18.10
CA PHE B 312 -3.14 44.66 -19.55
C PHE B 312 -4.46 44.82 -20.29
N TRP B 313 -5.51 44.13 -19.81
CA TRP B 313 -6.86 44.40 -20.26
C TRP B 313 -7.21 45.86 -19.97
N GLY B 314 -6.90 46.31 -18.75
CA GLY B 314 -7.22 47.65 -18.29
C GLY B 314 -6.62 48.73 -19.17
N THR B 315 -5.29 48.69 -19.36
CA THR B 315 -4.59 49.73 -20.08
C THR B 315 -4.92 49.65 -21.57
N ASN B 316 -5.03 48.43 -22.12
CA ASN B 316 -5.41 48.24 -23.51
C ASN B 316 -6.81 48.81 -23.79
N LEU B 317 -7.74 48.60 -22.84
CA LEU B 317 -9.11 49.06 -23.02
C LEU B 317 -9.16 50.58 -22.96
N THR B 318 -8.42 51.16 -22.00
CA THR B 318 -8.32 52.61 -21.88
C THR B 318 -7.75 53.19 -23.18
N ILE B 319 -6.60 52.66 -23.61
CA ILE B 319 -5.94 53.07 -24.84
C ILE B 319 -6.94 53.02 -25.99
N ALA B 320 -7.73 51.94 -26.05
CA ALA B 320 -8.64 51.69 -27.16
C ALA B 320 -9.77 52.72 -27.18
N VAL B 321 -10.21 53.17 -26.00
CA VAL B 321 -11.23 54.20 -25.89
C VAL B 321 -10.66 55.53 -26.38
N LEU B 322 -9.44 55.85 -25.94
CA LEU B 322 -8.81 57.13 -26.24
C LEU B 322 -8.46 57.24 -27.73
N ASN B 323 -8.12 56.12 -28.37
CA ASN B 323 -7.71 56.15 -29.77
C ASN B 323 -8.88 55.78 -30.70
N GLY B 324 -10.04 55.44 -30.12
CA GLY B 324 -11.28 55.35 -30.88
C GLY B 324 -11.58 53.95 -31.41
N THR B 325 -10.79 52.94 -31.02
CA THR B 325 -11.03 51.58 -31.48
C THR B 325 -12.17 50.96 -30.68
N VAL B 326 -12.31 51.35 -29.40
CA VAL B 326 -13.48 51.02 -28.61
C VAL B 326 -14.27 52.30 -28.38
N PRO B 327 -15.55 52.39 -28.84
CA PRO B 327 -16.37 53.58 -28.62
C PRO B 327 -16.60 53.83 -27.13
N GLU B 328 -16.75 55.12 -26.78
CA GLU B 328 -17.09 55.51 -25.42
C GLU B 328 -18.36 54.80 -24.95
N TRP B 329 -19.35 54.67 -25.85
CA TRP B 329 -20.64 54.11 -25.47
C TRP B 329 -20.52 52.64 -25.07
N ARG B 330 -19.54 51.92 -25.63
CA ARG B 330 -19.36 50.51 -25.33
C ARG B 330 -18.86 50.35 -23.89
N VAL B 331 -17.84 51.13 -23.51
CA VAL B 331 -17.27 51.05 -22.18
C VAL B 331 -18.28 51.53 -21.15
N ASP B 332 -19.03 52.59 -21.51
CA ASP B 332 -20.11 53.08 -20.67
C ASP B 332 -21.13 51.98 -20.43
N ASP B 333 -21.44 51.21 -21.49
CA ASP B 333 -22.42 50.14 -21.41
C ASP B 333 -21.89 48.99 -20.54
N MET B 334 -20.58 48.72 -20.64
CA MET B 334 -19.96 47.69 -19.82
C MET B 334 -20.11 48.08 -18.35
N ALA B 335 -19.81 49.33 -18.02
CA ALA B 335 -19.89 49.84 -16.67
C ALA B 335 -21.32 49.75 -16.13
N VAL B 336 -22.28 50.20 -16.95
CA VAL B 336 -23.66 50.33 -16.49
C VAL B 336 -24.29 48.94 -16.35
N ARG B 337 -23.86 47.99 -17.18
CA ARG B 337 -24.33 46.61 -17.09
C ARG B 337 -23.90 46.01 -15.75
N ILE B 338 -22.67 46.31 -15.34
CA ILE B 338 -22.11 45.79 -14.09
C ILE B 338 -22.85 46.42 -12.91
N MET B 339 -23.05 47.75 -12.96
CA MET B 339 -23.67 48.45 -11.85
C MET B 339 -25.17 48.17 -11.79
N ALA B 340 -25.80 47.91 -12.95
CA ALA B 340 -27.21 47.57 -12.98
C ALA B 340 -27.46 46.26 -12.24
N ALA B 341 -26.60 45.25 -12.46
CA ALA B 341 -26.69 43.99 -11.75
C ALA B 341 -26.54 44.24 -10.25
N PHE B 342 -25.54 45.05 -9.89
CA PHE B 342 -25.27 45.42 -8.50
C PHE B 342 -26.54 45.95 -7.83
N TYR B 343 -27.21 46.91 -8.49
CA TYR B 343 -28.38 47.55 -7.91
C TYR B 343 -29.61 46.66 -8.01
N LYS B 344 -29.66 45.76 -8.99
CA LYS B 344 -30.84 44.94 -9.21
C LYS B 344 -31.12 44.07 -7.99
N VAL B 345 -30.06 43.55 -7.35
CA VAL B 345 -30.21 42.62 -6.23
C VAL B 345 -30.06 43.36 -4.90
N GLY B 346 -29.78 44.66 -4.94
CA GLY B 346 -29.71 45.48 -3.75
C GLY B 346 -28.38 45.32 -3.02
N ARG B 347 -27.28 45.23 -3.77
CA ARG B 347 -25.95 45.15 -3.18
C ARG B 347 -25.64 46.42 -2.39
N ASP B 348 -26.22 47.54 -2.81
CA ASP B 348 -26.09 48.81 -2.09
C ASP B 348 -26.60 48.68 -0.66
N ARG B 349 -27.58 47.78 -0.45
CA ARG B 349 -28.19 47.58 0.87
C ARG B 349 -27.51 46.46 1.65
N TYR B 350 -27.09 45.39 0.96
CA TYR B 350 -26.72 44.15 1.64
C TYR B 350 -25.22 43.94 1.68
N GLN B 351 -24.44 44.74 0.94
CA GLN B 351 -23.00 44.60 0.93
C GLN B 351 -22.46 44.79 2.34
N VAL B 352 -21.58 43.89 2.76
CA VAL B 352 -20.78 44.05 3.97
C VAL B 352 -19.33 43.75 3.58
N PRO B 353 -18.32 44.12 4.41
CA PRO B 353 -16.93 43.79 4.09
C PRO B 353 -16.74 42.29 3.86
N VAL B 354 -15.84 41.96 2.92
CA VAL B 354 -15.43 40.57 2.70
C VAL B 354 -14.71 40.11 3.96
N ASN B 355 -15.28 39.13 4.66
CA ASN B 355 -14.87 38.80 6.02
C ASN B 355 -14.20 37.43 6.06
N PHE B 356 -13.77 36.91 4.91
CA PHE B 356 -13.03 35.67 4.84
C PHE B 356 -11.93 35.83 3.79
N ASP B 357 -11.03 34.83 3.73
CA ASP B 357 -9.98 34.80 2.72
C ASP B 357 -10.00 33.43 2.04
N SER B 358 -9.94 33.45 0.70
CA SER B 358 -10.06 32.22 -0.09
C SER B 358 -8.79 31.37 0.02
N TRP B 359 -7.65 32.01 0.32
CA TRP B 359 -6.35 31.38 0.09
C TRP B 359 -5.66 30.99 1.40
N THR B 360 -6.30 31.24 2.53
CA THR B 360 -5.78 30.84 3.83
C THR B 360 -6.92 30.79 4.84
N LYS B 361 -6.76 29.96 5.88
CA LYS B 361 -7.70 29.93 7.00
C LYS B 361 -7.17 30.75 8.17
N ASP B 362 -5.95 31.30 8.04
CA ASP B 362 -5.34 32.14 9.07
C ASP B 362 -6.26 33.31 9.41
N GLU B 363 -6.23 33.74 10.68
CA GLU B 363 -7.04 34.85 11.14
C GLU B 363 -6.47 36.17 10.64
N TYR B 364 -5.13 36.28 10.65
CA TYR B 364 -4.45 37.48 10.22
C TYR B 364 -3.50 37.16 9.08
N GLY B 365 -3.02 38.22 8.42
CA GLY B 365 -2.05 38.13 7.34
C GLY B 365 -1.49 39.51 7.04
N TYR B 366 -0.42 39.55 6.23
CA TYR B 366 0.21 40.80 5.84
C TYR B 366 -0.37 41.27 4.50
N GLU B 367 -0.43 42.59 4.32
CA GLU B 367 -0.71 43.19 3.03
C GLU B 367 0.25 44.36 2.83
N HIS B 368 0.70 44.56 1.59
CA HIS B 368 1.62 45.64 1.27
C HIS B 368 0.89 46.98 1.29
N ALA B 369 1.56 48.00 1.85
CA ALA B 369 1.09 49.37 1.81
C ALA B 369 1.97 50.17 0.87
N LEU B 370 1.71 51.48 0.77
CA LEU B 370 2.57 52.39 0.01
C LEU B 370 3.96 52.39 0.63
N VAL B 371 4.03 52.33 1.96
CA VAL B 371 5.29 52.17 2.69
C VAL B 371 5.15 51.01 3.66
N GLY B 372 6.08 50.05 3.57
CA GLY B 372 6.12 48.90 4.47
C GLY B 372 4.91 48.00 4.27
N GLN B 373 4.49 47.35 5.37
CA GLN B 373 3.37 46.40 5.33
C GLN B 373 2.45 46.65 6.52
N ASN B 374 1.19 46.25 6.34
CA ASN B 374 0.19 46.27 7.41
C ASN B 374 -0.20 44.84 7.77
N TYR B 375 -0.34 44.58 9.07
CA TYR B 375 -0.89 43.32 9.55
C TYR B 375 -2.39 43.51 9.77
N VAL B 376 -3.19 42.69 9.09
CA VAL B 376 -4.63 42.88 9.03
C VAL B 376 -5.34 41.57 9.35
N LYS B 377 -6.58 41.68 9.83
CA LYS B 377 -7.50 40.57 9.96
C LYS B 377 -7.93 40.14 8.56
N VAL B 378 -7.88 38.84 8.26
CA VAL B 378 -8.25 38.34 6.95
C VAL B 378 -9.42 37.35 7.05
N ASN B 379 -9.61 36.72 8.22
CA ASN B 379 -10.71 35.80 8.43
C ASN B 379 -11.40 36.14 9.76
N ASP B 380 -12.69 36.50 9.69
CA ASP B 380 -13.48 36.83 10.87
C ASP B 380 -14.21 35.60 11.40
N LYS B 381 -14.22 34.51 10.63
CA LYS B 381 -14.92 33.28 11.01
C LYS B 381 -16.39 33.55 11.25
N VAL B 382 -17.04 34.24 10.31
CA VAL B 382 -18.47 34.56 10.44
C VAL B 382 -19.27 33.30 10.12
N ASP B 383 -20.04 32.82 11.10
CA ASP B 383 -20.86 31.64 10.94
C ASP B 383 -22.17 32.04 10.26
N VAL B 384 -22.33 31.60 9.00
CA VAL B 384 -23.47 31.99 8.17
C VAL B 384 -24.40 30.79 7.94
N ARG B 385 -24.13 29.67 8.65
CA ARG B 385 -24.82 28.42 8.38
C ARG B 385 -26.29 28.49 8.77
N ALA B 386 -26.59 29.29 9.81
CA ALA B 386 -27.96 29.45 10.29
C ALA B 386 -28.61 28.07 10.47
N ASP B 387 -29.80 27.87 9.89
CA ASP B 387 -30.54 26.62 9.99
C ASP B 387 -30.49 25.86 8.67
N HIS B 388 -29.47 26.11 7.84
CA HIS B 388 -29.43 25.63 6.48
C HIS B 388 -29.23 24.11 6.42
N ALA B 389 -28.84 23.51 7.54
CA ALA B 389 -28.73 22.05 7.63
C ALA B 389 -30.07 21.38 7.34
N ASP B 390 -31.18 22.08 7.68
CA ASP B 390 -32.51 21.53 7.52
C ASP B 390 -32.86 21.38 6.04
N ILE B 391 -32.71 22.45 5.25
CA ILE B 391 -33.02 22.39 3.82
C ILE B 391 -32.09 21.40 3.13
N ILE B 392 -30.85 21.27 3.63
CA ILE B 392 -29.89 20.35 3.02
C ILE B 392 -30.34 18.92 3.26
N ARG B 393 -30.82 18.62 4.47
CA ARG B 393 -31.33 17.30 4.81
C ARG B 393 -32.59 17.00 4.01
N GLN B 394 -33.46 18.01 3.87
CA GLN B 394 -34.72 17.84 3.16
C GLN B 394 -34.47 17.58 1.68
N ILE B 395 -33.60 18.39 1.06
CA ILE B 395 -33.30 18.24 -0.36
C ILE B 395 -32.59 16.91 -0.58
N GLY B 396 -31.76 16.51 0.39
CA GLY B 396 -31.14 15.19 0.37
C GLY B 396 -32.18 14.09 0.19
N SER B 397 -33.21 14.12 1.05
CA SER B 397 -34.24 13.09 1.07
C SER B 397 -35.11 13.15 -0.20
N ALA B 398 -35.38 14.38 -0.68
CA ALA B 398 -36.23 14.58 -1.84
C ALA B 398 -35.53 14.19 -3.13
N SER B 399 -34.19 14.12 -3.10
CA SER B 399 -33.41 13.80 -4.29
C SER B 399 -33.11 12.30 -4.36
N VAL B 400 -33.55 11.53 -3.35
CA VAL B 400 -33.45 10.09 -3.40
C VAL B 400 -34.45 9.56 -4.42
N VAL B 401 -33.97 8.74 -5.36
CA VAL B 401 -34.80 8.14 -6.39
C VAL B 401 -34.84 6.63 -6.16
N LEU B 402 -36.03 6.11 -5.85
CA LEU B 402 -36.23 4.68 -5.71
C LEU B 402 -36.39 4.07 -7.11
N LEU B 403 -35.39 3.30 -7.54
CA LEU B 403 -35.34 2.72 -8.87
C LEU B 403 -35.92 1.31 -8.86
N LYS B 404 -35.76 0.59 -7.75
CA LYS B 404 -36.29 -0.77 -7.61
C LYS B 404 -36.71 -0.99 -6.16
N ASN B 405 -37.78 -1.79 -5.99
CA ASN B 405 -38.24 -2.18 -4.67
C ASN B 405 -39.13 -3.41 -4.78
N ASP B 406 -38.54 -4.59 -4.54
CA ASP B 406 -39.29 -5.83 -4.41
C ASP B 406 -39.39 -6.19 -2.93
N GLY B 407 -40.01 -5.30 -2.14
CA GLY B 407 -40.30 -5.56 -0.75
C GLY B 407 -39.10 -5.30 0.18
N GLY B 408 -38.09 -4.58 -0.33
CA GLY B 408 -36.88 -4.31 0.45
C GLY B 408 -37.07 -3.14 1.41
N LEU B 409 -37.79 -2.11 0.95
CA LEU B 409 -37.91 -0.85 1.67
C LEU B 409 -39.38 -0.49 1.87
N PRO B 410 -39.73 0.29 2.93
CA PRO B 410 -38.77 0.77 3.91
C PRO B 410 -38.33 -0.24 4.95
N LEU B 411 -37.22 0.06 5.62
CA LEU B 411 -36.75 -0.67 6.79
C LEU B 411 -37.46 -0.13 8.02
N THR B 412 -37.32 -0.83 9.15
CA THR B 412 -38.00 -0.46 10.39
C THR B 412 -37.02 0.08 11.43
N GLY B 413 -35.79 -0.44 11.43
CA GLY B 413 -34.83 -0.16 12.49
C GLY B 413 -34.89 -1.22 13.60
N TYR B 414 -35.74 -2.23 13.42
CA TYR B 414 -35.87 -3.32 14.37
C TYR B 414 -35.36 -4.62 13.74
N GLU B 415 -34.62 -4.50 12.62
CA GLU B 415 -34.01 -5.66 11.98
C GLU B 415 -33.01 -6.28 12.95
N LYS B 416 -32.93 -7.61 12.92
CA LYS B 416 -32.16 -8.36 13.89
C LYS B 416 -30.66 -8.21 13.60
N PHE B 417 -30.29 -8.14 12.32
CA PHE B 417 -28.90 -7.93 11.92
C PHE B 417 -28.86 -7.08 10.65
N THR B 418 -28.23 -5.91 10.74
CA THR B 418 -28.04 -5.03 9.60
C THR B 418 -26.55 -5.01 9.22
N GLY B 419 -26.26 -5.37 7.96
CA GLY B 419 -24.92 -5.22 7.40
C GLY B 419 -24.84 -3.99 6.52
N VAL B 420 -23.75 -3.23 6.67
CA VAL B 420 -23.50 -2.04 5.86
C VAL B 420 -22.18 -2.27 5.11
N PHE B 421 -22.22 -2.13 3.78
CA PHE B 421 -21.10 -2.55 2.95
C PHE B 421 -20.70 -1.44 1.99
N GLY B 422 -19.38 -1.29 1.81
CA GLY B 422 -18.82 -0.41 0.79
C GLY B 422 -18.12 0.80 1.42
N GLU B 423 -17.01 1.20 0.81
CA GLU B 423 -16.28 2.38 1.26
C GLU B 423 -17.19 3.61 1.22
N ASP B 424 -18.14 3.62 0.28
CA ASP B 424 -19.05 4.73 0.10
C ASP B 424 -19.97 4.92 1.31
N ALA B 425 -19.97 3.96 2.24
CA ALA B 425 -20.72 4.09 3.49
C ALA B 425 -19.92 4.87 4.54
N GLY B 426 -18.59 4.85 4.43
CA GLY B 426 -17.72 5.23 5.54
C GLY B 426 -17.13 6.63 5.37
N SER B 427 -16.15 6.93 6.23
CA SER B 427 -15.57 8.26 6.37
C SER B 427 -14.39 8.45 5.43
N ASN B 428 -14.17 9.71 5.02
CA ASN B 428 -12.90 10.12 4.45
C ASN B 428 -11.87 10.16 5.56
N ARG B 429 -10.90 9.24 5.51
CA ARG B 429 -9.92 9.08 6.58
C ARG B 429 -9.06 10.33 6.73
N TRP B 430 -9.03 11.18 5.70
CA TRP B 430 -8.28 12.42 5.74
C TRP B 430 -9.12 13.58 6.26
N GLY B 431 -10.31 13.28 6.80
CA GLY B 431 -11.27 14.31 7.17
C GLY B 431 -12.18 14.64 6.00
N ALA B 432 -13.38 15.12 6.32
CA ALA B 432 -14.40 15.42 5.33
C ALA B 432 -13.83 16.29 4.22
N ASP B 433 -12.98 17.25 4.59
CA ASP B 433 -12.40 18.21 3.65
C ASP B 433 -10.91 17.90 3.42
N GLY B 434 -10.53 16.62 3.55
CA GLY B 434 -9.13 16.23 3.49
C GLY B 434 -8.55 16.28 2.09
N CYS B 435 -9.41 16.37 1.07
CA CYS B 435 -8.98 16.40 -0.31
C CYS B 435 -9.24 17.79 -0.91
N SER B 436 -8.18 18.40 -1.48
CA SER B 436 -8.26 19.67 -2.17
C SER B 436 -9.36 19.64 -3.23
N ASP B 437 -10.33 20.56 -3.10
CA ASP B 437 -11.40 20.72 -4.07
C ASP B 437 -12.14 19.38 -4.24
N ARG B 438 -12.18 18.59 -3.17
CA ARG B 438 -12.80 17.27 -3.15
C ARG B 438 -12.20 16.35 -4.22
N GLY B 439 -10.91 16.53 -4.53
CA GLY B 439 -10.27 15.82 -5.62
C GLY B 439 -9.84 14.41 -5.22
N CYS B 440 -10.82 13.58 -4.80
CA CYS B 440 -10.58 12.19 -4.43
C CYS B 440 -11.93 11.49 -4.30
N ASP B 441 -11.91 10.17 -4.08
CA ASP B 441 -13.12 9.40 -3.84
C ASP B 441 -12.96 8.62 -2.54
N ASN B 442 -12.56 9.33 -1.49
CA ASN B 442 -12.35 8.76 -0.16
C ASN B 442 -13.67 8.74 0.61
N GLY B 443 -14.10 7.55 1.04
CA GLY B 443 -15.30 7.42 1.86
C GLY B 443 -16.55 7.75 1.06
N THR B 444 -17.57 8.27 1.76
CA THR B 444 -18.87 8.51 1.14
C THR B 444 -18.77 9.70 0.18
N LEU B 445 -19.37 9.55 -1.00
CA LEU B 445 -19.35 10.59 -2.01
C LEU B 445 -20.56 11.49 -1.83
N ALA B 446 -20.31 12.74 -1.41
CA ALA B 446 -21.37 13.70 -1.16
C ALA B 446 -21.20 14.95 -2.03
N MET B 447 -20.12 15.00 -2.82
CA MET B 447 -19.77 16.18 -3.60
C MET B 447 -18.71 15.80 -4.62
N GLY B 448 -18.86 16.30 -5.86
CA GLY B 448 -17.86 16.09 -6.90
C GLY B 448 -16.67 17.03 -6.71
N TRP B 449 -15.72 17.01 -7.65
CA TRP B 449 -14.47 17.75 -7.46
C TRP B 449 -14.38 18.94 -8.41
N GLY B 450 -13.56 19.92 -8.00
CA GLY B 450 -13.22 21.07 -8.81
C GLY B 450 -13.68 22.38 -8.16
N SER B 451 -13.95 23.38 -9.00
CA SER B 451 -14.39 24.69 -8.56
C SER B 451 -15.82 24.63 -7.99
N GLY B 452 -16.58 23.61 -8.39
CA GLY B 452 -17.99 23.52 -8.02
C GLY B 452 -18.20 22.94 -6.62
N THR B 453 -17.42 23.43 -5.65
CA THR B 453 -17.30 22.77 -4.35
C THR B 453 -17.49 23.78 -3.22
N ALA B 454 -17.55 23.23 -2.01
CA ALA B 454 -17.49 23.99 -0.77
C ALA B 454 -17.00 23.04 0.33
N ASP B 455 -16.51 23.60 1.44
CA ASP B 455 -16.01 22.78 2.53
C ASP B 455 -17.20 22.34 3.39
N PHE B 456 -17.25 21.02 3.65
CA PHE B 456 -18.20 20.47 4.61
C PHE B 456 -17.89 21.05 5.99
N PRO B 457 -18.90 21.60 6.73
CA PRO B 457 -18.71 21.93 8.14
C PRO B 457 -18.57 20.65 8.95
N TYR B 458 -19.20 19.59 8.43
CA TYR B 458 -19.14 18.23 8.94
C TYR B 458 -19.74 17.36 7.84
N LEU B 459 -19.66 16.03 7.98
CA LEU B 459 -20.29 15.14 7.02
C LEU B 459 -20.80 13.89 7.74
N VAL B 460 -22.13 13.73 7.72
CA VAL B 460 -22.77 12.57 8.31
C VAL B 460 -22.75 11.46 7.26
N THR B 461 -22.02 10.38 7.56
CA THR B 461 -21.87 9.26 6.64
C THR B 461 -23.04 8.31 6.82
N PRO B 462 -23.37 7.48 5.79
CA PRO B 462 -24.36 6.41 5.95
C PRO B 462 -24.07 5.47 7.12
N GLU B 463 -22.80 5.08 7.30
CA GLU B 463 -22.37 4.25 8.41
C GLU B 463 -22.88 4.83 9.72
N GLN B 464 -22.62 6.12 9.94
CA GLN B 464 -22.97 6.80 11.17
C GLN B 464 -24.49 6.82 11.36
N ALA B 465 -25.20 7.23 10.31
CA ALA B 465 -26.64 7.42 10.38
C ALA B 465 -27.36 6.09 10.59
N ILE B 466 -26.89 5.03 9.91
CA ILE B 466 -27.51 3.73 10.01
C ILE B 466 -27.28 3.16 11.40
N GLN B 467 -26.07 3.31 11.94
CA GLN B 467 -25.76 2.84 13.27
C GLN B 467 -26.61 3.58 14.29
N ASN B 468 -26.78 4.90 14.10
CA ASN B 468 -27.61 5.70 14.98
C ASN B 468 -29.06 5.21 14.93
N GLU B 469 -29.55 4.95 13.71
CA GLU B 469 -30.92 4.49 13.52
C GLU B 469 -31.17 3.21 14.33
N ILE B 470 -30.28 2.23 14.19
CA ILE B 470 -30.45 0.93 14.85
C ILE B 470 -30.38 1.09 16.37
N LEU B 471 -29.34 1.79 16.85
CA LEU B 471 -29.04 1.83 18.27
C LEU B 471 -30.05 2.72 19.01
N SER B 472 -30.86 3.48 18.27
CA SER B 472 -31.91 4.30 18.85
C SER B 472 -33.27 3.59 18.78
N LYS B 473 -33.33 2.41 18.14
CA LYS B 473 -34.60 1.70 17.98
C LYS B 473 -34.46 0.27 18.51
N GLY B 474 -34.34 -0.71 17.61
CA GLY B 474 -34.37 -2.11 17.98
C GLY B 474 -33.07 -2.57 18.64
N LYS B 475 -31.99 -1.85 18.37
CA LYS B 475 -30.66 -2.19 18.88
C LYS B 475 -30.28 -3.60 18.45
N GLY B 476 -30.57 -3.94 17.20
CA GLY B 476 -30.08 -5.17 16.61
C GLY B 476 -28.57 -5.10 16.39
N LEU B 477 -28.01 -6.16 15.81
CA LEU B 477 -26.61 -6.17 15.43
C LEU B 477 -26.40 -5.27 14.22
N VAL B 478 -25.25 -4.61 14.15
CA VAL B 478 -24.88 -3.83 12.98
C VAL B 478 -23.36 -3.79 12.85
N SER B 479 -22.89 -4.05 11.63
CA SER B 479 -21.47 -3.99 11.31
C SER B 479 -21.29 -3.30 9.96
N ALA B 480 -20.23 -2.50 9.85
CA ALA B 480 -19.94 -1.74 8.65
C ALA B 480 -18.58 -2.17 8.10
N VAL B 481 -18.60 -2.88 6.96
CA VAL B 481 -17.41 -3.26 6.23
C VAL B 481 -17.22 -2.27 5.08
N THR B 482 -16.25 -1.35 5.25
CA THR B 482 -16.12 -0.19 4.39
C THR B 482 -14.78 -0.19 3.66
N ASP B 483 -14.23 -1.41 3.43
CA ASP B 483 -13.09 -1.60 2.54
C ASP B 483 -13.55 -2.52 1.42
N ASN B 484 -13.56 -2.00 0.18
CA ASN B 484 -14.15 -2.70 -0.95
C ASN B 484 -13.34 -3.95 -1.30
N GLY B 485 -12.10 -4.06 -0.79
CA GLY B 485 -11.26 -5.22 -1.00
C GLY B 485 -11.52 -6.33 0.02
N ALA B 486 -12.23 -6.02 1.10
CA ALA B 486 -12.42 -6.95 2.20
C ALA B 486 -13.64 -7.84 1.93
N LEU B 487 -13.56 -8.62 0.85
CA LEU B 487 -14.71 -9.35 0.35
C LEU B 487 -15.01 -10.57 1.23
N ASP B 488 -13.99 -11.16 1.85
CA ASP B 488 -14.18 -12.27 2.78
C ASP B 488 -15.10 -11.84 3.92
N GLN B 489 -14.82 -10.66 4.50
CA GLN B 489 -15.62 -10.14 5.61
C GLN B 489 -17.03 -9.80 5.14
N MET B 490 -17.17 -9.30 3.90
CA MET B 490 -18.47 -8.97 3.36
C MET B 490 -19.33 -10.23 3.23
N GLU B 491 -18.72 -11.33 2.75
CA GLU B 491 -19.40 -12.61 2.71
C GLU B 491 -19.87 -13.00 4.12
N GLN B 492 -18.93 -12.94 5.07
CA GLN B 492 -19.15 -13.35 6.45
C GLN B 492 -20.37 -12.62 7.02
N VAL B 493 -20.35 -11.29 6.93
CA VAL B 493 -21.37 -10.45 7.57
C VAL B 493 -22.69 -10.57 6.81
N ALA B 494 -22.64 -10.49 5.48
CA ALA B 494 -23.84 -10.54 4.66
C ALA B 494 -24.59 -11.85 4.89
N SER B 495 -23.85 -12.94 5.10
CA SER B 495 -24.41 -14.25 5.37
C SER B 495 -25.32 -14.27 6.59
N GLN B 496 -25.05 -13.40 7.58
CA GLN B 496 -25.78 -13.41 8.83
C GLN B 496 -26.88 -12.36 8.88
N ALA B 497 -26.95 -11.48 7.87
CA ALA B 497 -27.72 -10.26 7.95
C ALA B 497 -29.20 -10.49 7.62
N SER B 498 -30.07 -9.74 8.31
CA SER B 498 -31.47 -9.62 7.95
C SER B 498 -31.62 -8.75 6.71
N VAL B 499 -30.75 -7.73 6.63
CA VAL B 499 -30.70 -6.82 5.49
C VAL B 499 -29.26 -6.38 5.30
N SER B 500 -28.86 -6.24 4.03
CA SER B 500 -27.54 -5.76 3.65
C SER B 500 -27.69 -4.47 2.85
N ILE B 501 -27.12 -3.37 3.35
CA ILE B 501 -27.21 -2.08 2.67
C ILE B 501 -25.84 -1.80 2.04
N VAL B 502 -25.80 -1.82 0.71
CA VAL B 502 -24.55 -1.73 -0.03
C VAL B 502 -24.42 -0.32 -0.62
N PHE B 503 -23.21 0.24 -0.52
CA PHE B 503 -22.94 1.60 -0.96
C PHE B 503 -21.86 1.59 -2.04
N VAL B 504 -22.16 2.25 -3.16
CA VAL B 504 -21.25 2.36 -4.28
C VAL B 504 -21.31 3.78 -4.83
N ASN B 505 -20.26 4.21 -5.52
CA ASN B 505 -20.24 5.57 -6.06
C ASN B 505 -19.52 5.59 -7.42
N ALA B 506 -19.63 6.75 -8.07
CA ALA B 506 -18.84 7.10 -9.24
C ALA B 506 -18.68 8.62 -9.26
N ASP B 507 -17.44 9.08 -9.46
CA ASP B 507 -17.07 10.47 -9.24
C ASP B 507 -16.60 11.07 -10.57
N SER B 508 -16.58 12.41 -10.61
CA SER B 508 -16.09 13.16 -11.76
C SER B 508 -15.99 14.63 -11.35
N GLY B 509 -15.42 15.46 -12.21
CA GLY B 509 -15.30 16.88 -11.87
C GLY B 509 -14.63 17.70 -12.97
N GLU B 510 -14.10 18.86 -12.57
CA GLU B 510 -13.51 19.81 -13.48
C GLU B 510 -12.17 19.26 -13.96
N GLY B 511 -11.77 19.68 -15.17
CA GLY B 511 -10.71 19.04 -15.92
C GLY B 511 -9.32 19.23 -15.33
N TYR B 512 -9.14 20.18 -14.39
CA TYR B 512 -7.81 20.45 -13.84
C TYR B 512 -7.45 19.40 -12.78
N ILE B 513 -8.40 18.54 -12.39
CA ILE B 513 -8.12 17.46 -11.46
C ILE B 513 -8.29 16.11 -12.17
N ASN B 514 -7.28 15.25 -12.02
CA ASN B 514 -7.29 13.89 -12.53
C ASN B 514 -7.28 12.92 -11.34
N VAL B 515 -8.38 12.18 -11.18
CA VAL B 515 -8.46 11.13 -10.18
C VAL B 515 -8.56 9.78 -10.90
N ASP B 516 -7.52 8.96 -10.74
CA ASP B 516 -7.51 7.58 -11.21
C ASP B 516 -7.76 7.52 -12.71
N GLY B 517 -7.13 8.44 -13.47
CA GLY B 517 -7.20 8.43 -14.92
C GLY B 517 -8.47 9.08 -15.47
N ASN B 518 -9.30 9.65 -14.58
CA ASN B 518 -10.46 10.43 -14.98
C ASN B 518 -10.06 11.90 -15.00
N GLU B 519 -9.74 12.42 -16.19
CA GLU B 519 -9.29 13.79 -16.36
C GLU B 519 -10.51 14.71 -16.43
N GLY B 520 -11.16 14.89 -15.27
CA GLY B 520 -12.45 15.57 -15.21
C GLY B 520 -13.57 14.67 -15.69
N ASP B 521 -13.62 14.44 -17.01
CA ASP B 521 -14.57 13.52 -17.62
C ASP B 521 -14.30 12.10 -17.11
N ARG B 522 -15.35 11.27 -17.09
CA ARG B 522 -15.22 9.89 -16.67
C ARG B 522 -14.72 9.04 -17.85
N LYS B 523 -13.73 8.19 -17.58
CA LYS B 523 -13.12 7.34 -18.59
C LYS B 523 -14.02 6.12 -18.87
N ASN B 524 -15.01 5.89 -17.99
CA ASN B 524 -16.00 4.83 -18.18
C ASN B 524 -17.22 5.12 -17.33
N LEU B 525 -18.27 4.28 -17.48
CA LEU B 525 -19.48 4.38 -16.67
C LEU B 525 -19.53 3.23 -15.67
N THR B 526 -18.37 2.85 -15.14
CA THR B 526 -18.25 1.79 -14.14
C THR B 526 -18.39 2.41 -12.75
N LEU B 527 -18.90 1.61 -11.81
CA LEU B 527 -18.83 1.95 -10.39
C LEU B 527 -17.37 1.96 -9.96
N TRP B 528 -17.02 2.91 -9.08
CA TRP B 528 -15.63 3.08 -8.66
C TRP B 528 -15.26 2.05 -7.59
N LYS B 529 -13.95 1.77 -7.51
CA LYS B 529 -13.36 1.01 -6.42
C LYS B 529 -13.98 -0.38 -6.28
N GLY B 530 -14.24 -1.02 -7.43
CA GLY B 530 -14.73 -2.39 -7.46
C GLY B 530 -16.13 -2.52 -6.83
N GLY B 531 -16.98 -1.51 -7.05
CA GLY B 531 -18.30 -1.46 -6.43
C GLY B 531 -19.21 -2.57 -6.95
N GLU B 532 -19.06 -2.92 -8.23
CA GLU B 532 -19.85 -3.97 -8.84
C GLU B 532 -19.58 -5.30 -8.12
N GLU B 533 -18.30 -5.56 -7.82
CA GLU B 533 -17.90 -6.79 -7.14
C GLU B 533 -18.45 -6.81 -5.71
N VAL B 534 -18.50 -5.63 -5.05
CA VAL B 534 -19.07 -5.54 -3.72
C VAL B 534 -20.54 -5.98 -3.79
N ILE B 535 -21.30 -5.45 -4.75
CA ILE B 535 -22.70 -5.78 -4.89
C ILE B 535 -22.86 -7.28 -5.11
N LYS B 536 -22.05 -7.85 -6.00
CA LYS B 536 -22.17 -9.25 -6.38
C LYS B 536 -21.84 -10.16 -5.20
N THR B 537 -20.79 -9.82 -4.45
CA THR B 537 -20.39 -10.59 -3.29
C THR B 537 -21.51 -10.61 -2.26
N VAL B 538 -22.05 -9.42 -1.94
CA VAL B 538 -23.06 -9.28 -0.90
C VAL B 538 -24.35 -9.98 -1.32
N ALA B 539 -24.76 -9.77 -2.59
CA ALA B 539 -26.00 -10.33 -3.10
C ALA B 539 -25.95 -11.86 -3.14
N ALA B 540 -24.75 -12.44 -3.29
CA ALA B 540 -24.59 -13.88 -3.31
C ALA B 540 -24.84 -14.48 -1.92
N ASN B 541 -24.77 -13.65 -0.87
CA ASN B 541 -24.82 -14.14 0.49
C ASN B 541 -26.06 -13.61 1.24
N CYS B 542 -26.75 -12.61 0.67
CA CYS B 542 -27.92 -12.03 1.30
C CYS B 542 -29.03 -11.81 0.27
N ASN B 543 -30.21 -12.39 0.52
CA ASN B 543 -31.33 -12.30 -0.41
C ASN B 543 -32.19 -11.06 -0.11
N ASN B 544 -31.70 -10.19 0.78
CA ASN B 544 -32.35 -8.91 1.06
C ASN B 544 -31.29 -7.82 1.01
N THR B 545 -30.76 -7.57 -0.19
CA THR B 545 -29.68 -6.61 -0.41
C THR B 545 -30.27 -5.32 -0.98
N ILE B 546 -29.98 -4.20 -0.31
CA ILE B 546 -30.34 -2.86 -0.76
C ILE B 546 -29.09 -2.22 -1.34
N VAL B 547 -29.18 -1.62 -2.53
CA VAL B 547 -28.04 -0.92 -3.11
C VAL B 547 -28.33 0.59 -3.14
N VAL B 548 -27.39 1.37 -2.61
CA VAL B 548 -27.46 2.82 -2.63
C VAL B 548 -26.32 3.33 -3.50
N MET B 549 -26.67 4.10 -4.55
CA MET B 549 -25.69 4.64 -5.49
C MET B 549 -25.54 6.14 -5.26
N HIS B 550 -24.31 6.56 -4.91
CA HIS B 550 -23.93 7.97 -4.90
C HIS B 550 -23.09 8.24 -6.14
N THR B 551 -23.74 8.64 -7.24
CA THR B 551 -23.05 8.84 -8.51
C THR B 551 -23.36 10.24 -9.04
N VAL B 552 -22.36 10.81 -9.72
CA VAL B 552 -22.45 12.12 -10.37
C VAL B 552 -23.37 12.04 -11.58
N GLY B 553 -23.56 10.83 -12.10
CA GLY B 553 -24.45 10.60 -13.22
C GLY B 553 -24.72 9.10 -13.38
N PRO B 554 -25.19 8.63 -14.55
CA PRO B 554 -25.51 7.22 -14.72
C PRO B 554 -24.26 6.33 -14.72
N VAL B 555 -24.45 5.09 -14.25
CA VAL B 555 -23.46 4.03 -14.41
C VAL B 555 -24.17 2.83 -15.03
N LEU B 556 -23.38 1.89 -15.58
CA LEU B 556 -23.92 0.70 -16.22
C LEU B 556 -24.20 -0.36 -15.16
N ILE B 557 -25.48 -0.70 -15.00
CA ILE B 557 -25.95 -1.52 -13.89
C ILE B 557 -26.53 -2.84 -14.40
N ASP B 558 -26.36 -3.12 -15.70
CA ASP B 558 -27.08 -4.20 -16.36
C ASP B 558 -26.80 -5.55 -15.72
N GLU B 559 -25.59 -5.72 -15.15
CA GLU B 559 -25.15 -7.01 -14.66
C GLU B 559 -25.73 -7.35 -13.30
N TRP B 560 -26.34 -6.38 -12.58
CA TRP B 560 -26.73 -6.64 -11.20
C TRP B 560 -28.11 -6.09 -10.82
N TYR B 561 -28.68 -5.17 -11.60
CA TYR B 561 -29.92 -4.51 -11.20
C TYR B 561 -31.05 -5.53 -11.10
N ASP B 562 -30.99 -6.57 -11.94
CA ASP B 562 -32.06 -7.53 -12.10
C ASP B 562 -31.76 -8.79 -11.27
N ASN B 563 -30.75 -8.71 -10.40
CA ASN B 563 -30.43 -9.76 -9.46
C ASN B 563 -31.58 -9.87 -8.46
N PRO B 564 -32.23 -11.06 -8.31
CA PRO B 564 -33.37 -11.18 -7.41
C PRO B 564 -33.04 -11.04 -5.93
N ASN B 565 -31.75 -11.14 -5.57
CA ASN B 565 -31.30 -10.92 -4.20
C ASN B 565 -31.20 -9.43 -3.89
N VAL B 566 -31.16 -8.59 -4.93
CA VAL B 566 -31.20 -7.15 -4.75
C VAL B 566 -32.67 -6.71 -4.68
N THR B 567 -33.15 -6.42 -3.46
CA THR B 567 -34.56 -6.19 -3.21
C THR B 567 -34.92 -4.72 -3.35
N ALA B 568 -33.92 -3.82 -3.38
CA ALA B 568 -34.20 -2.41 -3.60
C ALA B 568 -32.94 -1.70 -4.11
N ILE B 569 -33.17 -0.65 -4.92
CA ILE B 569 -32.11 0.18 -5.47
C ILE B 569 -32.54 1.64 -5.37
N VAL B 570 -31.65 2.50 -4.86
CA VAL B 570 -31.89 3.94 -4.87
C VAL B 570 -30.65 4.64 -5.43
N TRP B 571 -30.89 5.78 -6.09
CA TRP B 571 -29.85 6.75 -6.40
C TRP B 571 -30.01 7.93 -5.45
N ALA B 572 -28.91 8.31 -4.79
CA ALA B 572 -28.94 9.38 -3.82
C ALA B 572 -28.05 10.56 -4.23
N GLY B 573 -27.25 10.37 -5.30
CA GLY B 573 -26.48 11.46 -5.88
C GLY B 573 -25.40 11.98 -4.94
N LEU B 574 -25.30 13.32 -4.88
CA LEU B 574 -24.30 14.04 -4.10
C LEU B 574 -25.02 14.89 -3.05
N PRO B 575 -25.37 14.33 -1.87
CA PRO B 575 -26.29 14.99 -0.95
C PRO B 575 -25.78 16.07 0.01
N GLY B 576 -24.49 16.42 -0.06
CA GLY B 576 -23.92 17.41 0.83
C GLY B 576 -23.82 16.89 2.26
N GLN B 577 -23.78 17.81 3.23
CA GLN B 577 -23.28 17.55 4.57
C GLN B 577 -24.16 16.56 5.34
N GLU B 578 -25.46 16.49 5.01
CA GLU B 578 -26.41 15.70 5.79
C GLU B 578 -26.70 14.34 5.13
N SER B 579 -25.78 13.87 4.28
CA SER B 579 -25.99 12.68 3.46
C SER B 579 -26.61 11.53 4.25
N GLY B 580 -25.92 11.08 5.31
CA GLY B 580 -26.34 9.93 6.08
C GLY B 580 -27.78 10.07 6.59
N ASN B 581 -28.08 11.25 7.14
CA ASN B 581 -29.36 11.51 7.78
C ASN B 581 -30.49 11.57 6.75
N SER B 582 -30.25 12.29 5.65
CA SER B 582 -31.25 12.44 4.60
C SER B 582 -31.58 11.09 3.98
N LEU B 583 -30.57 10.20 3.90
CA LEU B 583 -30.76 8.86 3.35
C LEU B 583 -31.66 8.04 4.27
N VAL B 584 -31.31 7.97 5.56
CA VAL B 584 -31.99 7.06 6.48
C VAL B 584 -33.44 7.52 6.66
N ASP B 585 -33.70 8.82 6.53
CA ASP B 585 -35.07 9.35 6.57
C ASP B 585 -35.92 8.65 5.52
N VAL B 586 -35.33 8.35 4.36
CA VAL B 586 -36.04 7.67 3.28
C VAL B 586 -36.03 6.16 3.49
N LEU B 587 -34.86 5.59 3.83
CA LEU B 587 -34.72 4.15 3.95
C LEU B 587 -35.64 3.60 5.04
N TYR B 588 -35.84 4.36 6.13
CA TYR B 588 -36.58 3.86 7.27
C TYR B 588 -37.98 4.46 7.33
N GLY B 589 -38.42 5.12 6.25
CA GLY B 589 -39.83 5.31 5.98
C GLY B 589 -40.43 6.59 6.57
N ARG B 590 -39.59 7.48 7.13
CA ARG B 590 -40.06 8.77 7.60
C ARG B 590 -40.50 9.63 6.41
N VAL B 591 -39.80 9.44 5.28
CA VAL B 591 -40.09 10.13 4.03
C VAL B 591 -40.24 9.09 2.92
N SER B 592 -41.38 9.09 2.23
CA SER B 592 -41.53 8.27 1.04
C SER B 592 -40.69 8.89 -0.08
N PRO B 593 -39.83 8.12 -0.77
CA PRO B 593 -39.04 8.67 -1.87
C PRO B 593 -39.98 9.16 -2.97
N GLY B 594 -39.70 10.36 -3.49
CA GLY B 594 -40.52 10.98 -4.51
C GLY B 594 -39.70 11.54 -5.66
N GLY B 595 -38.37 11.31 -5.64
CA GLY B 595 -37.51 11.76 -6.71
C GLY B 595 -37.75 10.94 -7.98
N LYS B 596 -37.41 11.55 -9.12
CA LYS B 596 -37.39 10.87 -10.40
C LYS B 596 -36.03 11.09 -11.03
N THR B 597 -35.48 10.07 -11.70
CA THR B 597 -34.14 10.20 -12.28
C THR B 597 -34.16 11.32 -13.32
N PRO B 598 -33.23 12.30 -13.21
CA PRO B 598 -33.14 13.39 -14.19
C PRO B 598 -32.29 13.09 -15.43
N PHE B 599 -31.89 11.82 -15.57
CA PHE B 599 -31.19 11.33 -16.74
C PHE B 599 -31.55 9.86 -16.94
N THR B 600 -31.14 9.30 -18.08
CA THR B 600 -31.50 7.94 -18.45
C THR B 600 -30.44 6.97 -17.93
N TRP B 601 -30.91 5.79 -17.49
CA TRP B 601 -30.04 4.67 -17.19
C TRP B 601 -30.15 3.64 -18.31
N GLY B 602 -29.11 3.58 -19.16
CA GLY B 602 -29.11 2.73 -20.34
C GLY B 602 -28.32 1.44 -20.10
N LYS B 603 -28.45 0.50 -21.05
CA LYS B 603 -27.82 -0.81 -20.94
C LYS B 603 -26.32 -0.71 -21.24
N THR B 604 -25.93 0.19 -22.15
CA THR B 604 -24.55 0.32 -22.57
C THR B 604 -24.18 1.80 -22.72
N ARG B 605 -22.88 2.08 -22.83
CA ARG B 605 -22.40 3.41 -23.14
C ARG B 605 -22.93 3.84 -24.51
N GLU B 606 -22.98 2.87 -25.44
CA GLU B 606 -23.39 3.12 -26.81
C GLU B 606 -24.86 3.55 -26.86
N SER B 607 -25.65 3.12 -25.87
CA SER B 607 -27.05 3.50 -25.74
C SER B 607 -27.22 5.02 -25.78
N TYR B 608 -26.24 5.76 -25.24
CA TYR B 608 -26.34 7.20 -25.07
C TYR B 608 -25.94 7.94 -26.35
N GLY B 609 -25.14 7.29 -27.19
CA GLY B 609 -24.69 7.90 -28.45
C GLY B 609 -23.18 7.79 -28.60
N ALA B 610 -22.58 8.80 -29.24
CA ALA B 610 -21.17 8.79 -29.59
C ALA B 610 -20.33 9.11 -28.37
N PRO B 611 -19.09 8.56 -28.27
CA PRO B 611 -18.22 8.81 -27.12
C PRO B 611 -17.79 10.27 -27.03
N LEU B 612 -17.22 10.63 -25.88
CA LEU B 612 -16.46 11.86 -25.71
C LEU B 612 -15.40 11.92 -26.80
N LEU B 613 -15.09 13.14 -27.26
CA LEU B 613 -13.90 13.38 -28.05
C LEU B 613 -12.72 13.51 -27.10
N THR B 614 -11.89 12.47 -27.04
CA THR B 614 -10.76 12.41 -26.12
C THR B 614 -9.45 12.27 -26.88
N LYS B 615 -9.49 12.35 -28.22
CA LYS B 615 -8.31 12.32 -29.05
C LYS B 615 -8.37 13.50 -30.01
N PRO B 616 -7.33 14.40 -30.05
CA PRO B 616 -7.36 15.54 -30.97
C PRO B 616 -7.50 15.07 -32.41
N ASN B 617 -8.35 15.78 -33.18
CA ASN B 617 -8.72 15.37 -34.52
C ASN B 617 -8.47 16.49 -35.53
N ASN B 618 -7.71 17.51 -35.12
CA ASN B 618 -7.37 18.64 -35.98
C ASN B 618 -5.91 18.99 -35.80
N GLY B 619 -5.06 17.95 -35.69
CA GLY B 619 -3.64 18.11 -35.47
C GLY B 619 -3.35 18.90 -34.20
N LYS B 620 -2.58 19.98 -34.36
CA LYS B 620 -2.19 20.85 -33.26
C LYS B 620 -3.26 21.91 -33.01
N GLY B 621 -4.23 22.01 -33.92
CA GLY B 621 -5.26 23.03 -33.85
C GLY B 621 -6.41 22.62 -32.93
N ALA B 622 -7.43 23.48 -32.87
CA ALA B 622 -8.63 23.26 -32.09
C ALA B 622 -9.29 21.94 -32.48
N PRO B 623 -9.40 20.96 -31.56
CA PRO B 623 -10.23 19.78 -31.80
C PRO B 623 -11.63 20.20 -32.21
N GLN B 624 -12.23 19.44 -33.12
CA GLN B 624 -13.52 19.78 -33.69
C GLN B 624 -14.57 18.79 -33.18
N ASP B 625 -15.54 19.32 -32.42
CA ASP B 625 -16.54 18.51 -31.73
C ASP B 625 -17.91 18.84 -32.33
N ASP B 626 -18.36 17.99 -33.26
CA ASP B 626 -19.58 18.22 -34.01
C ASP B 626 -20.76 17.64 -33.25
N PHE B 627 -21.75 18.51 -32.93
CA PHE B 627 -22.96 18.09 -32.22
C PHE B 627 -23.96 17.59 -33.27
N THR B 628 -23.62 16.47 -33.90
CA THR B 628 -24.33 15.99 -35.09
C THR B 628 -25.65 15.35 -34.69
N GLU B 629 -25.75 14.90 -33.43
CA GLU B 629 -26.97 14.29 -32.91
C GLU B 629 -28.07 15.33 -32.73
N GLY B 630 -27.73 16.63 -32.79
CA GLY B 630 -28.72 17.68 -32.70
C GLY B 630 -29.37 17.72 -31.32
N VAL B 631 -30.71 17.66 -31.27
CA VAL B 631 -31.44 17.77 -30.02
C VAL B 631 -31.54 16.40 -29.34
N PHE B 632 -31.01 15.35 -29.97
CA PHE B 632 -31.23 13.98 -29.53
C PHE B 632 -30.14 13.56 -28.54
N ILE B 633 -30.24 14.07 -27.31
CA ILE B 633 -29.41 13.61 -26.20
C ILE B 633 -30.30 12.93 -25.17
N ASP B 634 -29.68 12.13 -24.30
CA ASP B 634 -30.36 11.40 -23.24
C ASP B 634 -31.61 10.71 -23.83
N TYR B 635 -32.78 10.94 -23.22
CA TYR B 635 -33.97 10.15 -23.48
C TYR B 635 -34.46 10.35 -24.91
N ARG B 636 -34.17 11.51 -25.51
CA ARG B 636 -34.53 11.77 -26.89
C ARG B 636 -33.83 10.76 -27.81
N ARG B 637 -32.58 10.44 -27.47
CA ARG B 637 -31.77 9.51 -28.25
C ARG B 637 -32.36 8.11 -28.15
N PHE B 638 -32.63 7.66 -26.90
CA PHE B 638 -33.18 6.34 -26.66
C PHE B 638 -34.52 6.18 -27.40
N ASP B 639 -35.34 7.23 -27.36
CA ASP B 639 -36.66 7.21 -27.96
C ASP B 639 -36.55 7.13 -29.48
N LYS B 640 -35.61 7.89 -30.06
CA LYS B 640 -35.44 7.94 -31.50
C LYS B 640 -35.05 6.56 -32.06
N TYR B 641 -34.20 5.82 -31.34
CA TYR B 641 -33.66 4.56 -31.84
C TYR B 641 -34.44 3.37 -31.27
N ASN B 642 -35.52 3.64 -30.52
CA ASN B 642 -36.39 2.63 -29.95
C ASN B 642 -35.58 1.67 -29.07
N GLU B 643 -34.63 2.24 -28.30
CA GLU B 643 -33.90 1.49 -27.30
C GLU B 643 -34.61 1.61 -25.97
N THR B 644 -34.79 0.48 -25.28
CA THR B 644 -35.45 0.45 -23.98
C THR B 644 -34.40 0.74 -22.90
N PRO B 645 -34.52 1.87 -22.15
CA PRO B 645 -33.69 2.10 -20.97
C PRO B 645 -33.94 1.06 -19.89
N ILE B 646 -32.95 0.86 -19.01
CA ILE B 646 -33.20 0.14 -17.77
C ILE B 646 -34.12 1.00 -16.90
N TYR B 647 -33.72 2.26 -16.70
CA TYR B 647 -34.57 3.24 -16.03
C TYR B 647 -34.63 4.51 -16.89
N GLU B 648 -35.85 4.86 -17.33
CA GLU B 648 -36.05 5.96 -18.25
C GLU B 648 -36.02 7.30 -17.50
N PHE B 649 -35.73 8.36 -18.25
CA PHE B 649 -35.84 9.72 -17.74
C PHE B 649 -37.23 9.94 -17.15
N GLY B 650 -37.26 10.48 -15.93
CA GLY B 650 -38.50 10.83 -15.26
C GLY B 650 -39.08 9.67 -14.45
N PHE B 651 -38.33 8.55 -14.34
CA PHE B 651 -38.80 7.38 -13.63
C PHE B 651 -38.39 7.44 -12.17
N GLY B 652 -39.29 6.98 -11.30
CA GLY B 652 -39.04 6.90 -9.87
C GLY B 652 -40.23 6.25 -9.16
N LEU B 653 -39.92 5.38 -8.18
CA LEU B 653 -40.94 4.65 -7.44
C LEU B 653 -41.27 5.37 -6.14
N SER B 654 -42.28 4.85 -5.44
CA SER B 654 -42.78 5.43 -4.20
C SER B 654 -43.09 4.31 -3.22
N TYR B 655 -43.33 4.67 -1.94
CA TYR B 655 -43.84 3.72 -0.97
C TYR B 655 -45.36 3.61 -1.09
N THR B 656 -45.97 4.43 -1.97
CA THR B 656 -47.37 4.29 -2.31
C THR B 656 -47.49 4.23 -3.83
N THR B 657 -48.74 4.20 -4.33
CA THR B 657 -49.02 4.13 -5.76
C THR B 657 -49.94 5.27 -6.16
N PHE B 658 -49.91 5.62 -7.46
CA PHE B 658 -50.70 6.70 -8.00
C PHE B 658 -51.39 6.28 -9.29
N GLU B 659 -52.58 6.86 -9.54
CA GLU B 659 -53.30 6.64 -10.78
C GLU B 659 -53.57 7.99 -11.46
N TYR B 660 -53.59 7.95 -12.80
CA TYR B 660 -53.78 9.12 -13.64
C TYR B 660 -55.11 8.96 -14.36
N SER B 661 -55.90 10.05 -14.44
CA SER B 661 -57.19 10.00 -15.11
C SER B 661 -57.62 11.38 -15.61
N ASP B 662 -58.43 11.37 -16.66
CA ASP B 662 -59.27 12.49 -17.06
C ASP B 662 -58.41 13.67 -17.51
N ILE B 663 -57.64 13.46 -18.58
CA ILE B 663 -56.90 14.55 -19.21
C ILE B 663 -57.91 15.45 -19.93
N TYR B 664 -57.67 16.76 -19.88
CA TYR B 664 -58.52 17.72 -20.57
C TYR B 664 -57.67 18.86 -21.11
N VAL B 665 -57.89 19.20 -22.39
CA VAL B 665 -57.20 20.28 -23.06
C VAL B 665 -58.18 21.40 -23.36
N GLN B 666 -57.87 22.61 -22.88
CA GLN B 666 -58.65 23.81 -23.16
C GLN B 666 -57.80 24.75 -24.01
N PRO B 667 -58.20 25.05 -25.27
CA PRO B 667 -57.54 26.09 -26.06
C PRO B 667 -57.86 27.46 -25.46
N LEU B 668 -56.89 28.38 -25.48
CA LEU B 668 -57.02 29.64 -24.78
C LEU B 668 -57.17 30.81 -25.75
N ASN B 669 -57.01 30.55 -27.05
CA ASN B 669 -57.25 31.55 -28.09
C ASN B 669 -56.37 32.77 -27.86
N ALA B 670 -55.07 32.52 -27.66
CA ALA B 670 -54.09 33.58 -27.50
C ALA B 670 -54.06 34.48 -28.74
N ARG B 671 -53.69 35.75 -28.52
CA ARG B 671 -53.40 36.67 -29.60
C ARG B 671 -52.38 36.03 -30.54
N PRO B 672 -52.56 36.10 -31.87
CA PRO B 672 -51.53 35.68 -32.82
C PRO B 672 -50.15 36.25 -32.52
N TYR B 673 -49.12 35.47 -32.86
CA TYR B 673 -47.73 35.86 -32.64
C TYR B 673 -47.38 37.02 -33.56
N THR B 674 -46.80 38.08 -32.98
CA THR B 674 -46.29 39.21 -33.73
C THR B 674 -44.77 39.21 -33.60
N PRO B 675 -44.00 39.09 -34.71
CA PRO B 675 -42.54 39.25 -34.63
C PRO B 675 -42.20 40.65 -34.11
N ALA B 676 -41.14 40.73 -33.30
CA ALA B 676 -40.71 41.99 -32.72
C ALA B 676 -40.16 42.90 -33.82
N SER B 677 -40.42 44.20 -33.71
CA SER B 677 -39.94 45.15 -34.69
C SER B 677 -39.57 46.46 -33.98
N GLY B 678 -39.24 47.48 -34.77
CA GLY B 678 -38.85 48.78 -34.24
C GLY B 678 -37.35 48.86 -34.02
N SER B 679 -36.93 49.93 -33.33
CA SER B 679 -35.53 50.27 -33.18
C SER B 679 -35.13 50.32 -31.71
N THR B 680 -33.81 50.26 -31.47
CA THR B 680 -33.24 50.61 -30.18
C THR B 680 -33.07 52.12 -30.13
N LYS B 681 -32.82 52.63 -28.92
CA LYS B 681 -32.29 53.96 -28.75
C LYS B 681 -30.89 54.02 -29.34
N ALA B 682 -30.41 55.24 -29.61
CA ALA B 682 -29.02 55.44 -29.94
C ALA B 682 -28.18 55.09 -28.71
N ALA B 683 -26.96 54.57 -28.94
CA ALA B 683 -26.06 54.21 -27.85
C ALA B 683 -25.73 55.46 -27.04
N PRO B 684 -26.05 55.49 -25.72
CA PRO B 684 -25.75 56.67 -24.89
C PRO B 684 -24.34 56.67 -24.33
N THR B 685 -23.89 57.86 -23.91
CA THR B 685 -22.69 58.02 -23.11
C THR B 685 -23.06 58.72 -21.80
N PHE B 686 -22.27 58.48 -20.76
CA PHE B 686 -22.54 58.98 -19.43
C PHE B 686 -21.35 59.81 -18.94
N PRO B 736 -13.88 45.51 -37.76
CA PRO B 736 -15.06 44.69 -38.02
C PRO B 736 -16.28 45.59 -38.21
N SER B 737 -17.06 45.30 -39.26
CA SER B 737 -18.11 46.20 -39.72
C SER B 737 -19.27 46.24 -38.71
N GLY B 738 -19.54 47.45 -38.20
CA GLY B 738 -20.64 47.69 -37.28
C GLY B 738 -20.18 47.77 -35.82
N ALA B 739 -18.90 47.46 -35.57
CA ALA B 739 -18.39 47.33 -34.22
C ALA B 739 -18.48 48.65 -33.45
N THR B 740 -18.42 49.78 -34.17
CA THR B 740 -18.40 51.10 -33.55
C THR B 740 -19.67 51.89 -33.89
N ASP B 741 -20.67 51.23 -34.47
CA ASP B 741 -21.91 51.89 -34.86
C ASP B 741 -22.81 52.06 -33.63
N GLY B 742 -22.89 53.28 -33.11
CA GLY B 742 -23.74 53.60 -31.97
C GLY B 742 -25.11 54.13 -32.39
N SER B 743 -25.47 53.95 -33.67
CA SER B 743 -26.74 54.43 -34.17
C SER B 743 -27.86 53.48 -33.77
N PRO B 744 -29.14 53.92 -33.76
CA PRO B 744 -30.27 53.02 -33.53
C PRO B 744 -30.22 51.76 -34.38
N GLN B 745 -30.58 50.62 -33.78
CA GLN B 745 -30.46 49.32 -34.43
C GLN B 745 -31.84 48.66 -34.51
N PRO B 746 -32.08 47.79 -35.52
CA PRO B 746 -33.35 47.09 -35.62
C PRO B 746 -33.43 45.95 -34.61
N ILE B 747 -34.61 45.83 -33.96
CA ILE B 747 -34.90 44.72 -33.07
C ILE B 747 -35.06 43.46 -33.90
N LEU B 748 -34.49 42.35 -33.42
CA LEU B 748 -34.61 41.05 -34.07
C LEU B 748 -36.03 40.53 -33.89
N PRO B 749 -36.60 39.81 -34.89
CA PRO B 749 -37.97 39.32 -34.80
C PRO B 749 -38.28 38.41 -33.62
N ALA B 750 -37.28 37.68 -33.12
CA ALA B 750 -37.47 36.77 -31.98
C ALA B 750 -37.01 37.41 -30.68
N GLY B 751 -36.56 38.68 -30.73
CA GLY B 751 -36.12 39.40 -29.54
C GLY B 751 -37.20 40.36 -29.03
N GLY B 752 -36.77 41.39 -28.31
CA GLY B 752 -37.66 42.48 -27.91
C GLY B 752 -37.82 42.61 -26.40
N ALA B 753 -37.50 41.55 -25.65
CA ALA B 753 -37.56 41.58 -24.20
C ALA B 753 -36.70 40.47 -23.60
N PRO B 754 -36.24 40.60 -22.34
CA PRO B 754 -35.44 39.55 -21.70
C PRO B 754 -36.11 38.17 -21.77
N GLY B 755 -35.39 37.21 -22.36
CA GLY B 755 -35.91 35.87 -22.53
C GLY B 755 -36.50 35.64 -23.93
N GLY B 756 -36.58 36.72 -24.73
CA GLY B 756 -37.10 36.65 -26.08
C GLY B 756 -38.42 37.41 -26.23
N ASN B 757 -38.89 37.51 -27.48
CA ASN B 757 -40.19 38.05 -27.81
C ASN B 757 -41.21 37.60 -26.77
N PRO B 758 -41.86 38.53 -26.02
CA PRO B 758 -42.80 38.15 -24.97
C PRO B 758 -43.97 37.30 -25.48
N GLY B 759 -44.28 37.44 -26.78
CA GLY B 759 -45.31 36.62 -27.42
C GLY B 759 -45.03 35.13 -27.32
N LEU B 760 -43.75 34.76 -27.13
CA LEU B 760 -43.37 33.37 -26.98
C LEU B 760 -43.96 32.78 -25.69
N TYR B 761 -44.25 33.63 -24.71
CA TYR B 761 -44.68 33.17 -23.39
C TYR B 761 -46.20 33.26 -23.22
N ASP B 762 -46.91 33.62 -24.30
CA ASP B 762 -48.36 33.54 -24.32
C ASP B 762 -48.78 32.09 -24.06
N GLU B 763 -49.80 31.92 -23.19
CA GLU B 763 -50.33 30.61 -22.87
C GLU B 763 -51.33 30.20 -23.95
N MET B 764 -51.05 29.06 -24.59
CA MET B 764 -51.81 28.62 -25.75
C MET B 764 -52.88 27.61 -25.35
N TYR B 765 -52.55 26.76 -24.38
CA TYR B 765 -53.43 25.69 -23.95
C TYR B 765 -53.36 25.55 -22.43
N ARG B 766 -54.49 25.20 -21.82
CA ARG B 766 -54.51 24.75 -20.44
C ARG B 766 -54.76 23.25 -20.44
N VAL B 767 -53.92 22.50 -19.71
CA VAL B 767 -53.98 21.05 -19.70
C VAL B 767 -54.13 20.57 -18.26
N SER B 768 -55.08 19.66 -18.05
CA SER B 768 -55.43 19.17 -16.72
C SER B 768 -55.50 17.65 -16.71
N ALA B 769 -55.22 17.06 -15.54
CA ALA B 769 -55.44 15.66 -15.28
C ALA B 769 -55.59 15.45 -13.77
N ILE B 770 -56.19 14.31 -13.39
CA ILE B 770 -56.37 13.99 -11.98
C ILE B 770 -55.35 12.95 -11.57
N ILE B 771 -54.66 13.22 -10.45
CA ILE B 771 -53.74 12.29 -9.82
C ILE B 771 -54.37 11.82 -8.51
N THR B 772 -54.39 10.49 -8.30
CA THR B 772 -54.94 9.90 -7.09
C THR B 772 -53.86 9.04 -6.42
N ASN B 773 -53.76 9.14 -5.09
CA ASN B 773 -52.95 8.24 -4.29
C ASN B 773 -53.80 7.01 -3.96
N THR B 774 -53.46 5.87 -4.58
CA THR B 774 -54.26 4.66 -4.46
C THR B 774 -53.60 3.67 -3.51
N GLY B 775 -52.62 4.14 -2.71
CA GLY B 775 -51.90 3.28 -1.78
C GLY B 775 -52.20 3.64 -0.33
N ASN B 776 -51.33 3.20 0.58
CA ASN B 776 -51.64 3.13 2.01
C ASN B 776 -50.88 4.18 2.82
N VAL B 777 -49.99 4.95 2.18
CA VAL B 777 -49.23 5.97 2.90
C VAL B 777 -49.16 7.24 2.07
N VAL B 778 -48.95 8.36 2.77
CA VAL B 778 -48.70 9.65 2.14
C VAL B 778 -47.43 9.57 1.30
N GLY B 779 -47.42 10.24 0.16
CA GLY B 779 -46.25 10.29 -0.71
C GLY B 779 -46.35 11.39 -1.75
N ASP B 780 -45.20 11.73 -2.34
CA ASP B 780 -45.13 12.68 -3.43
C ASP B 780 -45.17 11.95 -4.77
N GLU B 781 -45.91 12.52 -5.72
CA GLU B 781 -45.83 12.12 -7.12
C GLU B 781 -45.28 13.30 -7.93
N VAL B 782 -44.55 12.99 -9.00
CA VAL B 782 -44.09 13.99 -9.94
C VAL B 782 -44.76 13.74 -11.28
N PRO B 783 -46.00 14.26 -11.50
CA PRO B 783 -46.64 14.18 -12.81
C PRO B 783 -45.84 15.00 -13.80
N GLN B 784 -45.77 14.52 -15.04
CA GLN B 784 -44.94 15.12 -16.08
C GLN B 784 -45.78 15.32 -17.33
N LEU B 785 -45.59 16.48 -17.98
CA LEU B 785 -46.29 16.78 -19.22
C LEU B 785 -45.28 16.79 -20.36
N TYR B 786 -45.56 15.97 -21.38
CA TYR B 786 -44.70 15.85 -22.56
C TYR B 786 -45.50 16.27 -23.78
N VAL B 787 -44.78 16.73 -24.82
CA VAL B 787 -45.40 17.16 -26.07
C VAL B 787 -44.72 16.45 -27.24
N SER B 788 -45.54 15.88 -28.13
CA SER B 788 -45.08 15.49 -29.45
C SER B 788 -45.32 16.66 -30.40
N LEU B 789 -44.23 17.24 -30.93
CA LEU B 789 -44.32 18.37 -31.83
C LEU B 789 -44.74 17.91 -33.23
N GLY B 790 -44.50 16.63 -33.54
CA GLY B 790 -45.21 15.93 -34.60
C GLY B 790 -44.48 15.92 -35.94
N GLY B 791 -43.30 16.56 -36.02
CA GLY B 791 -42.54 16.60 -37.25
C GLY B 791 -41.65 15.37 -37.41
N PRO B 792 -41.12 15.11 -38.63
CA PRO B 792 -40.23 13.96 -38.86
C PRO B 792 -38.91 14.02 -38.10
N ASP B 793 -38.46 15.25 -37.80
CA ASP B 793 -37.17 15.46 -37.16
C ASP B 793 -37.34 15.82 -35.67
N ASP B 794 -38.58 15.79 -35.18
CA ASP B 794 -38.85 16.11 -33.79
C ASP B 794 -38.74 14.84 -32.92
N PRO B 795 -38.29 14.97 -31.65
CA PRO B 795 -38.38 13.87 -30.70
C PRO B 795 -39.83 13.40 -30.55
N LYS B 796 -40.00 12.10 -30.27
CA LYS B 796 -41.30 11.51 -30.01
C LYS B 796 -41.99 12.32 -28.91
N VAL B 797 -41.23 12.63 -27.85
CA VAL B 797 -41.73 13.41 -26.73
C VAL B 797 -40.61 14.31 -26.19
N VAL B 798 -41.00 15.52 -25.78
CA VAL B 798 -40.13 16.41 -25.02
C VAL B 798 -40.90 16.87 -23.78
N LEU B 799 -40.22 16.85 -22.62
CA LEU B 799 -40.78 17.38 -21.39
C LEU B 799 -41.10 18.87 -21.57
N ARG B 800 -42.26 19.30 -21.08
CA ARG B 800 -42.64 20.70 -21.12
C ARG B 800 -43.09 21.20 -19.75
N ASN B 801 -43.63 20.34 -18.88
CA ASN B 801 -43.95 20.77 -17.54
C ASN B 801 -43.94 19.61 -16.55
N PHE B 802 -43.95 19.98 -15.27
CA PHE B 802 -43.91 19.02 -14.17
C PHE B 802 -44.24 19.76 -12.87
N ASP B 803 -44.63 18.99 -11.85
CA ASP B 803 -44.73 19.48 -10.48
C ASP B 803 -44.48 18.33 -9.52
N ARG B 804 -44.22 18.66 -8.26
CA ARG B 804 -44.16 17.68 -7.18
C ARG B 804 -45.33 17.95 -6.24
N ILE B 805 -46.14 16.91 -5.99
CA ILE B 805 -47.39 17.04 -5.27
C ILE B 805 -47.44 15.98 -4.17
N THR B 806 -47.87 16.39 -2.98
CA THR B 806 -48.05 15.49 -1.84
C THR B 806 -49.51 15.07 -1.78
N LEU B 807 -49.75 13.75 -1.70
CA LEU B 807 -51.09 13.20 -1.63
C LEU B 807 -51.18 12.18 -0.50
N HIS B 808 -52.19 12.35 0.37
CA HIS B 808 -52.50 11.39 1.41
C HIS B 808 -53.23 10.21 0.78
N PRO B 809 -53.32 9.04 1.47
CA PRO B 809 -54.04 7.88 0.94
C PRO B 809 -55.47 8.23 0.53
N GLY B 810 -55.81 7.96 -0.73
CA GLY B 810 -57.15 8.17 -1.25
C GLY B 810 -57.36 9.58 -1.80
N GLN B 811 -56.40 10.48 -1.57
CA GLN B 811 -56.56 11.88 -1.94
C GLN B 811 -56.38 12.03 -3.45
N GLN B 812 -57.22 12.90 -4.04
CA GLN B 812 -57.13 13.27 -5.44
C GLN B 812 -56.76 14.75 -5.55
N THR B 813 -56.06 15.11 -6.64
CA THR B 813 -55.84 16.50 -6.98
C THR B 813 -55.93 16.64 -8.49
N MET B 814 -56.40 17.81 -8.94
CA MET B 814 -56.38 18.17 -10.35
C MET B 814 -55.07 18.93 -10.61
N TRP B 815 -54.21 18.35 -11.47
CA TRP B 815 -52.99 19.01 -11.88
C TRP B 815 -53.25 19.82 -13.15
N THR B 816 -53.12 21.16 -13.04
CA THR B 816 -53.42 22.06 -14.15
C THR B 816 -52.18 22.89 -14.49
N THR B 817 -51.77 22.87 -15.76
CA THR B 817 -50.68 23.69 -16.26
C THR B 817 -51.09 24.30 -17.60
N THR B 818 -50.24 25.21 -18.10
CA THR B 818 -50.40 25.78 -19.43
C THR B 818 -49.16 25.48 -20.27
N LEU B 819 -49.37 25.41 -21.59
CA LEU B 819 -48.29 25.37 -22.57
C LEU B 819 -48.18 26.75 -23.21
N THR B 820 -46.95 27.28 -23.27
CA THR B 820 -46.68 28.55 -23.94
C THR B 820 -46.54 28.30 -25.43
N ARG B 821 -46.50 29.39 -26.19
CA ARG B 821 -46.19 29.34 -27.61
C ARG B 821 -44.83 28.68 -27.82
N ARG B 822 -43.84 29.06 -27.00
CA ARG B 822 -42.50 28.52 -27.08
C ARG B 822 -42.54 27.01 -26.91
N ASP B 823 -43.40 26.52 -26.00
CA ASP B 823 -43.50 25.11 -25.66
C ASP B 823 -43.89 24.26 -26.87
N ILE B 824 -44.60 24.85 -27.85
CA ILE B 824 -45.12 24.07 -28.97
C ILE B 824 -44.48 24.55 -30.29
N SER B 825 -43.37 25.31 -30.19
CA SER B 825 -42.73 25.89 -31.36
C SER B 825 -41.45 25.15 -31.72
N ASN B 826 -40.96 25.42 -32.92
CA ASN B 826 -39.65 24.99 -33.40
C ASN B 826 -38.89 26.23 -33.85
N TRP B 827 -37.56 26.22 -33.72
CA TRP B 827 -36.75 27.31 -34.25
C TRP B 827 -36.62 27.15 -35.76
N ASP B 828 -36.92 28.24 -36.48
CA ASP B 828 -36.79 28.27 -37.93
C ASP B 828 -35.60 29.15 -38.30
N PRO B 829 -34.46 28.56 -38.75
CA PRO B 829 -33.29 29.35 -39.13
C PRO B 829 -33.51 30.36 -40.24
N ALA B 830 -34.39 30.03 -41.20
CA ALA B 830 -34.65 30.90 -42.35
C ALA B 830 -35.24 32.23 -41.88
N SER B 831 -36.29 32.17 -41.04
CA SER B 831 -37.00 33.35 -40.61
C SER B 831 -36.42 33.91 -39.31
N GLN B 832 -35.49 33.18 -38.69
CA GLN B 832 -34.88 33.58 -37.43
C GLN B 832 -36.00 33.83 -36.40
N ASN B 833 -36.89 32.86 -36.24
CA ASN B 833 -37.94 32.96 -35.25
C ASN B 833 -38.45 31.58 -34.87
N TRP B 834 -39.22 31.55 -33.77
CA TRP B 834 -39.96 30.38 -33.34
C TRP B 834 -41.26 30.28 -34.12
N VAL B 835 -41.55 29.08 -34.63
CA VAL B 835 -42.73 28.81 -35.44
C VAL B 835 -43.47 27.63 -34.86
N VAL B 836 -44.81 27.71 -34.86
CA VAL B 836 -45.67 26.58 -34.56
C VAL B 836 -45.97 25.86 -35.88
N THR B 837 -45.37 24.69 -36.07
CA THR B 837 -45.41 23.99 -37.35
C THR B 837 -46.80 23.39 -37.57
N LYS B 838 -47.04 22.95 -38.82
CA LYS B 838 -48.34 22.49 -39.27
C LYS B 838 -48.67 21.10 -38.73
N TYR B 839 -47.65 20.35 -38.30
CA TYR B 839 -47.83 18.96 -37.90
C TYR B 839 -48.71 18.91 -36.65
N PRO B 840 -49.67 17.97 -36.55
CA PRO B 840 -50.47 17.82 -35.33
C PRO B 840 -49.62 17.54 -34.11
N LYS B 841 -49.91 18.25 -33.02
CA LYS B 841 -49.21 18.06 -31.76
C LYS B 841 -50.10 17.26 -30.80
N THR B 842 -49.47 16.36 -30.05
CA THR B 842 -50.12 15.57 -29.03
C THR B 842 -49.52 15.96 -27.68
N VAL B 843 -50.36 16.01 -26.63
CA VAL B 843 -49.87 16.24 -25.28
C VAL B 843 -50.08 14.96 -24.48
N TYR B 844 -49.11 14.67 -23.58
CA TYR B 844 -49.15 13.50 -22.73
C TYR B 844 -48.93 13.90 -21.28
N ILE B 845 -49.65 13.22 -20.37
CA ILE B 845 -49.37 13.33 -18.94
C ILE B 845 -49.17 11.92 -18.40
N GLY B 846 -48.04 11.73 -17.69
CA GLY B 846 -47.71 10.44 -17.12
C GLY B 846 -46.69 10.57 -15.99
N SER B 847 -46.15 9.43 -15.57
CA SER B 847 -45.26 9.33 -14.42
C SER B 847 -43.80 9.22 -14.85
N SER B 848 -43.55 9.11 -16.16
CA SER B 848 -42.20 9.11 -16.70
C SER B 848 -42.26 9.38 -18.20
N SER B 849 -41.09 9.53 -18.83
CA SER B 849 -40.99 9.74 -20.26
C SER B 849 -41.54 8.53 -21.04
N ARG B 850 -41.63 7.36 -20.39
CA ARG B 850 -42.12 6.16 -21.04
C ARG B 850 -43.49 5.74 -20.50
N LYS B 851 -43.86 6.22 -19.31
CA LYS B 851 -45.12 5.85 -18.69
C LYS B 851 -46.14 6.95 -18.93
N LEU B 852 -46.53 7.11 -20.20
CA LEU B 852 -47.37 8.20 -20.65
C LEU B 852 -48.84 7.77 -20.56
N HIS B 853 -49.42 7.91 -19.37
CA HIS B 853 -50.71 7.31 -19.03
C HIS B 853 -51.85 7.97 -19.81
N LEU B 854 -51.74 9.28 -20.06
CA LEU B 854 -52.83 10.05 -20.64
C LEU B 854 -52.31 10.81 -21.86
N GLN B 855 -53.20 11.00 -22.84
CA GLN B 855 -52.85 11.79 -24.02
C GLN B 855 -54.10 12.44 -24.61
N ALA B 856 -53.88 13.52 -25.36
CA ALA B 856 -54.93 14.22 -26.07
C ALA B 856 -54.30 15.09 -27.16
N PRO B 857 -55.00 15.36 -28.28
CA PRO B 857 -54.50 16.28 -29.30
C PRO B 857 -54.50 17.71 -28.78
N LEU B 858 -53.59 18.52 -29.31
CA LEU B 858 -53.65 19.96 -29.16
C LEU B 858 -54.36 20.52 -30.39
N PRO B 859 -55.69 20.77 -30.34
CA PRO B 859 -56.43 21.20 -31.52
C PRO B 859 -55.88 22.54 -32.01
N PRO B 860 -55.54 22.67 -33.32
CA PRO B 860 -54.98 23.92 -33.84
C PRO B 860 -56.02 25.05 -33.86
N TYR B 861 -55.54 26.29 -33.73
CA TYR B 861 -56.36 27.48 -33.86
C TYR B 861 -55.48 28.64 -34.31
N LEU C 23 17.14 47.07 6.20
CA LEU C 23 17.27 46.02 5.15
C LEU C 23 18.55 46.26 4.34
N ALA C 24 19.18 45.15 3.94
CA ALA C 24 20.40 45.21 3.14
C ALA C 24 20.12 45.90 1.80
N TYR C 25 21.08 46.71 1.34
CA TYR C 25 20.92 47.50 0.13
C TYR C 25 22.03 47.16 -0.85
N SER C 26 21.69 47.21 -2.14
CA SER C 26 22.64 46.96 -3.22
C SER C 26 22.94 48.27 -3.94
N PRO C 27 24.10 48.92 -3.68
CA PRO C 27 24.44 50.19 -4.33
C PRO C 27 24.46 50.04 -5.85
N PRO C 28 24.01 51.07 -6.62
CA PRO C 28 23.99 50.97 -8.08
C PRO C 28 25.38 51.14 -8.69
N PHE C 29 25.58 50.51 -9.86
CA PHE C 29 26.81 50.66 -10.63
C PHE C 29 26.45 50.75 -12.11
N TYR C 30 26.65 51.93 -12.68
CA TYR C 30 26.38 52.19 -14.08
C TYR C 30 27.52 53.03 -14.66
N PRO C 31 27.78 53.01 -15.99
CA PRO C 31 27.02 52.21 -16.96
C PRO C 31 27.37 50.73 -16.95
N SER C 32 26.58 49.95 -17.70
CA SER C 32 26.86 48.53 -17.92
C SER C 32 28.06 48.39 -18.85
N PRO C 33 29.20 47.83 -18.37
CA PRO C 33 30.40 47.72 -19.21
C PRO C 33 30.17 47.05 -20.55
N TRP C 34 30.78 47.62 -21.59
CA TRP C 34 30.75 47.05 -22.93
C TRP C 34 32.01 46.21 -23.13
N MET C 35 31.95 45.25 -24.06
CA MET C 35 33.08 44.40 -24.34
C MET C 35 34.29 45.25 -24.71
N ASP C 36 35.48 44.80 -24.29
CA ASP C 36 36.73 45.36 -24.78
C ASP C 36 37.30 44.44 -25.85
N GLY C 37 37.10 43.12 -25.67
CA GLY C 37 37.50 42.13 -26.66
C GLY C 37 39.02 42.07 -26.80
N ASN C 38 39.72 42.13 -25.67
CA ASN C 38 41.18 42.00 -25.67
C ASN C 38 41.56 40.52 -25.59
N GLY C 39 42.82 40.23 -25.92
CA GLY C 39 43.44 38.94 -25.65
C GLY C 39 42.74 37.80 -26.37
N GLU C 40 42.27 36.82 -25.58
CA GLU C 40 41.68 35.59 -26.10
C GLU C 40 40.34 35.84 -26.80
N TRP C 41 39.73 37.02 -26.57
CA TRP C 41 38.41 37.32 -27.12
C TRP C 41 38.48 38.16 -28.39
N ALA C 42 39.69 38.57 -28.79
CA ALA C 42 39.87 39.50 -29.91
C ALA C 42 39.24 38.96 -31.18
N GLU C 43 39.55 37.71 -31.53
CA GLU C 43 39.07 37.11 -32.76
C GLU C 43 37.54 36.99 -32.72
N ALA C 44 37.01 36.57 -31.56
CA ALA C 44 35.57 36.41 -31.40
C ALA C 44 34.85 37.75 -31.52
N TYR C 45 35.43 38.79 -30.90
CA TYR C 45 34.86 40.13 -30.91
C TYR C 45 34.80 40.65 -32.35
N ARG C 46 35.91 40.51 -33.08
CA ARG C 46 36.01 40.98 -34.45
C ARG C 46 34.86 40.43 -35.29
N ARG C 47 34.67 39.11 -35.21
CA ARG C 47 33.66 38.41 -36.00
C ARG C 47 32.26 38.80 -35.54
N ALA C 48 32.11 39.04 -34.24
CA ALA C 48 30.83 39.44 -33.66
C ALA C 48 30.44 40.83 -34.15
N VAL C 49 31.42 41.73 -34.26
CA VAL C 49 31.17 43.08 -34.74
C VAL C 49 30.76 43.02 -36.21
N ASP C 50 31.49 42.23 -37.01
CA ASP C 50 31.20 42.09 -38.42
C ASP C 50 29.74 41.67 -38.63
N PHE C 51 29.25 40.75 -37.79
CA PHE C 51 27.91 40.21 -37.92
C PHE C 51 26.88 41.22 -37.43
N VAL C 52 27.07 41.76 -36.21
CA VAL C 52 26.09 42.64 -35.59
C VAL C 52 25.98 43.93 -36.40
N SER C 53 27.07 44.35 -37.05
CA SER C 53 27.08 45.53 -37.90
C SER C 53 26.01 45.45 -38.99
N GLN C 54 25.70 44.23 -39.44
CA GLN C 54 24.81 44.02 -40.57
C GLN C 54 23.34 44.07 -40.16
N LEU C 55 23.05 44.12 -38.85
CA LEU C 55 21.73 43.81 -38.34
C LEU C 55 20.87 45.06 -38.21
N THR C 56 19.55 44.86 -38.26
CA THR C 56 18.57 45.86 -37.86
C THR C 56 18.43 45.81 -36.34
N LEU C 57 17.72 46.80 -35.79
CA LEU C 57 17.44 46.84 -34.36
C LEU C 57 16.59 45.63 -33.97
N ALA C 58 15.62 45.26 -34.82
CA ALA C 58 14.73 44.16 -34.54
C ALA C 58 15.50 42.84 -34.47
N GLU C 59 16.48 42.68 -35.38
CA GLU C 59 17.28 41.47 -35.45
C GLU C 59 18.19 41.36 -34.22
N LYS C 60 18.70 42.50 -33.75
CA LYS C 60 19.54 42.54 -32.57
C LYS C 60 18.73 42.15 -31.33
N VAL C 61 17.52 42.72 -31.20
CA VAL C 61 16.67 42.47 -30.06
C VAL C 61 16.24 40.99 -30.04
N ASN C 62 16.10 40.39 -31.23
CA ASN C 62 15.76 38.97 -31.35
C ASN C 62 16.75 38.10 -30.59
N LEU C 63 18.06 38.39 -30.75
CA LEU C 63 19.11 37.63 -30.09
C LEU C 63 18.90 37.64 -28.57
N THR C 64 18.32 38.73 -28.05
CA THR C 64 18.19 38.93 -26.61
C THR C 64 16.88 38.33 -26.08
N THR C 65 15.99 37.88 -26.98
CA THR C 65 14.62 37.56 -26.61
C THR C 65 14.39 36.05 -26.71
N GLY C 66 13.94 35.44 -25.60
CA GLY C 66 13.44 34.09 -25.62
C GLY C 66 12.12 34.00 -26.37
N VAL C 67 11.84 32.82 -26.95
CA VAL C 67 10.69 32.62 -27.83
C VAL C 67 9.44 32.28 -27.01
N GLY C 68 9.61 31.96 -25.72
CA GLY C 68 8.50 31.60 -24.86
C GLY C 68 8.61 30.14 -24.40
N TRP C 69 7.96 29.85 -23.25
CA TRP C 69 8.03 28.54 -22.62
C TRP C 69 7.41 27.47 -23.53
N MET C 70 8.24 26.51 -23.92
CA MET C 70 7.84 25.33 -24.69
C MET C 70 7.32 25.71 -26.07
N GLN C 71 7.80 26.83 -26.62
CA GLN C 71 7.31 27.32 -27.91
C GLN C 71 8.08 26.69 -29.07
N GLU C 72 9.30 26.21 -28.81
CA GLU C 72 10.10 25.56 -29.84
C GLU C 72 10.59 24.23 -29.30
N LYS C 73 11.85 23.87 -29.58
CA LYS C 73 12.34 22.51 -29.37
C LYS C 73 13.22 22.43 -28.13
N CYS C 74 14.01 23.48 -27.85
CA CYS C 74 14.97 23.46 -26.76
C CYS C 74 14.36 24.07 -25.50
N VAL C 75 15.01 23.83 -24.36
CA VAL C 75 14.55 24.33 -23.06
C VAL C 75 14.36 25.85 -23.16
N GLY C 76 15.27 26.50 -23.89
CA GLY C 76 15.10 27.88 -24.31
C GLY C 76 15.67 28.08 -25.71
N GLU C 77 15.10 29.03 -26.45
CA GLU C 77 15.64 29.43 -27.74
C GLU C 77 15.50 30.93 -27.92
N THR C 78 16.48 31.55 -28.60
CA THR C 78 16.42 32.96 -28.94
C THR C 78 15.62 33.13 -30.23
N GLY C 79 15.30 34.39 -30.55
CA GLY C 79 14.76 34.74 -31.86
C GLY C 79 15.81 34.52 -32.95
N SER C 80 15.33 34.34 -34.18
CA SER C 80 16.18 34.03 -35.32
C SER C 80 16.41 35.30 -36.16
N ILE C 81 17.35 35.18 -37.10
CA ILE C 81 17.59 36.21 -38.10
C ILE C 81 17.55 35.53 -39.48
N PRO C 82 16.35 35.19 -39.99
CA PRO C 82 16.23 34.48 -41.27
C PRO C 82 16.89 35.18 -42.46
N ARG C 83 16.96 36.51 -42.41
CA ARG C 83 17.56 37.31 -43.47
C ARG C 83 19.00 36.86 -43.75
N LEU C 84 19.75 36.52 -42.68
CA LEU C 84 21.14 36.13 -42.81
C LEU C 84 21.31 34.62 -42.64
N GLY C 85 20.20 33.88 -42.63
CA GLY C 85 20.24 32.42 -42.51
C GLY C 85 20.75 31.96 -41.15
N PHE C 86 20.45 32.74 -40.10
CA PHE C 86 20.91 32.46 -38.75
C PHE C 86 19.71 32.06 -37.90
N ARG C 87 19.68 30.80 -37.46
CA ARG C 87 18.59 30.31 -36.64
C ARG C 87 18.77 30.78 -35.20
N GLY C 88 17.68 30.73 -34.41
CA GLY C 88 17.74 31.06 -33.00
C GLY C 88 18.64 30.08 -32.26
N LEU C 89 19.28 30.55 -31.18
CA LEU C 89 20.16 29.71 -30.39
C LEU C 89 19.31 28.71 -29.62
N CYS C 90 19.84 27.48 -29.52
CA CYS C 90 19.24 26.40 -28.74
C CYS C 90 19.97 26.31 -27.40
N LEU C 91 19.23 26.56 -26.31
CA LEU C 91 19.75 26.50 -24.96
C LEU C 91 19.14 25.28 -24.26
N GLN C 92 20.00 24.38 -23.75
CA GLN C 92 19.55 23.10 -23.26
C GLN C 92 20.24 22.76 -21.93
N ASP C 93 19.43 22.33 -20.95
CA ASP C 93 19.93 21.66 -19.76
C ASP C 93 20.65 20.38 -20.20
N SER C 94 21.54 19.81 -19.38
CA SER C 94 21.74 20.15 -17.98
C SER C 94 23.24 20.16 -17.68
N PRO C 95 23.67 20.41 -16.41
CA PRO C 95 25.08 20.25 -16.04
C PRO C 95 25.68 18.84 -16.10
N LEU C 96 24.87 17.80 -16.34
CA LEU C 96 25.37 16.44 -16.33
C LEU C 96 24.96 15.65 -17.57
N GLY C 97 24.48 16.34 -18.62
CA GLY C 97 24.08 15.66 -19.85
C GLY C 97 23.10 16.52 -20.66
N VAL C 98 22.51 15.91 -21.70
CA VAL C 98 21.51 16.56 -22.52
C VAL C 98 20.13 16.16 -21.99
N ARG C 99 19.45 17.10 -21.33
CA ARG C 99 18.14 16.86 -20.76
C ARG C 99 17.12 16.63 -21.87
N PHE C 100 16.16 15.73 -21.61
CA PHE C 100 14.96 15.52 -22.42
C PHE C 100 15.25 14.66 -23.65
N ALA C 101 16.42 14.84 -24.27
CA ALA C 101 16.72 14.17 -25.52
C ALA C 101 16.88 12.66 -25.30
N ASP C 102 16.61 11.90 -26.37
CA ASP C 102 16.81 10.46 -26.38
C ASP C 102 18.21 10.15 -26.92
N TYR C 103 18.69 8.93 -26.64
CA TYR C 103 19.96 8.42 -27.12
C TYR C 103 21.10 9.32 -26.67
N VAL C 104 21.11 9.64 -25.37
CA VAL C 104 22.18 10.41 -24.74
C VAL C 104 22.65 9.63 -23.52
N SER C 105 23.74 10.12 -22.90
CA SER C 105 24.31 9.49 -21.73
C SER C 105 23.89 10.24 -20.47
N ALA C 106 23.87 9.51 -19.33
CA ALA C 106 23.66 10.10 -18.02
C ALA C 106 24.98 10.09 -17.24
N PHE C 107 25.65 11.25 -17.21
CA PHE C 107 26.96 11.35 -16.58
C PHE C 107 26.79 11.44 -15.07
N PRO C 108 27.86 11.16 -14.28
CA PRO C 108 27.82 11.38 -12.84
C PRO C 108 27.60 12.86 -12.52
N ALA C 109 27.03 13.12 -11.34
CA ALA C 109 26.71 14.47 -10.90
C ALA C 109 27.99 15.25 -10.63
N GLY C 110 27.86 16.57 -10.59
CA GLY C 110 28.96 17.46 -10.28
C GLY C 110 29.65 17.10 -8.95
N VAL C 111 28.87 16.69 -7.95
CA VAL C 111 29.42 16.37 -6.64
C VAL C 111 30.35 15.17 -6.75
N ASN C 112 30.07 14.25 -7.68
CA ASN C 112 30.96 13.11 -7.92
C ASN C 112 32.25 13.62 -8.54
N VAL C 113 32.15 14.60 -9.44
CA VAL C 113 33.32 15.20 -10.06
C VAL C 113 34.18 15.81 -8.95
N ALA C 114 33.55 16.47 -7.97
CA ALA C 114 34.27 17.06 -6.85
C ALA C 114 35.02 15.99 -6.07
N ALA C 115 34.39 14.83 -5.89
CA ALA C 115 34.95 13.74 -5.09
C ALA C 115 36.17 13.10 -5.76
N THR C 116 36.30 13.23 -7.09
CA THR C 116 37.46 12.71 -7.79
C THR C 116 38.70 13.55 -7.48
N TRP C 117 38.48 14.85 -7.19
CA TRP C 117 39.57 15.82 -7.06
C TRP C 117 40.48 15.75 -8.29
N ASP C 118 39.88 15.54 -9.47
CA ASP C 118 40.62 15.15 -10.67
C ASP C 118 40.29 16.11 -11.81
N LYS C 119 41.18 17.07 -12.04
CA LYS C 119 41.04 18.08 -13.08
C LYS C 119 40.85 17.44 -14.45
N ASN C 120 41.63 16.38 -14.72
CA ASN C 120 41.62 15.73 -16.02
C ASN C 120 40.25 15.10 -16.28
N LEU C 121 39.69 14.42 -15.26
CA LEU C 121 38.39 13.78 -15.38
C LEU C 121 37.30 14.83 -15.56
N ALA C 122 37.43 15.96 -14.85
CA ALA C 122 36.49 17.06 -14.97
C ALA C 122 36.45 17.56 -16.41
N TYR C 123 37.64 17.70 -17.02
CA TYR C 123 37.77 18.17 -18.39
C TYR C 123 37.11 17.19 -19.35
N LEU C 124 37.42 15.90 -19.21
CA LEU C 124 36.96 14.88 -20.14
C LEU C 124 35.45 14.72 -20.07
N ARG C 125 34.88 14.84 -18.86
CA ARG C 125 33.44 14.84 -18.69
C ARG C 125 32.84 16.01 -19.45
N GLY C 126 33.44 17.19 -19.29
CA GLY C 126 33.02 18.39 -20.01
C GLY C 126 33.06 18.18 -21.53
N LYS C 127 34.15 17.57 -22.01
CA LYS C 127 34.33 17.27 -23.42
C LYS C 127 33.22 16.33 -23.90
N ALA C 128 32.96 15.26 -23.15
CA ALA C 128 31.98 14.26 -23.54
C ALA C 128 30.57 14.87 -23.55
N MET C 129 30.24 15.68 -22.53
CA MET C 129 28.96 16.35 -22.46
C MET C 129 28.81 17.31 -23.64
N GLY C 130 29.87 18.08 -23.90
CA GLY C 130 29.89 19.02 -25.01
C GLY C 130 29.61 18.33 -26.35
N GLU C 131 30.23 17.16 -26.55
CA GLU C 131 30.08 16.41 -27.79
C GLU C 131 28.63 15.99 -27.98
N GLU C 132 27.96 15.59 -26.89
CA GLU C 132 26.59 15.10 -26.97
C GLU C 132 25.65 16.26 -27.29
N HIS C 133 25.84 17.40 -26.62
CA HIS C 133 25.08 18.60 -26.91
C HIS C 133 25.27 19.02 -28.37
N ARG C 134 26.52 19.00 -28.84
CA ARG C 134 26.88 19.38 -30.20
C ARG C 134 26.13 18.51 -31.21
N GLY C 135 26.11 17.20 -30.96
CA GLY C 135 25.51 16.23 -31.87
C GLY C 135 23.99 16.41 -31.97
N LYS C 136 23.38 17.01 -30.94
CA LYS C 136 21.95 17.26 -30.89
C LYS C 136 21.60 18.62 -31.49
N GLY C 137 22.62 19.47 -31.70
CA GLY C 137 22.44 20.79 -32.30
C GLY C 137 22.34 21.89 -31.25
N VAL C 138 22.74 21.59 -30.01
CA VAL C 138 22.65 22.55 -28.91
C VAL C 138 23.75 23.59 -29.06
N ASP C 139 23.40 24.86 -28.76
CA ASP C 139 24.33 25.97 -28.84
C ASP C 139 24.89 26.29 -27.46
N VAL C 140 24.02 26.27 -26.44
CA VAL C 140 24.42 26.56 -25.08
C VAL C 140 24.00 25.41 -24.17
N GLN C 141 24.98 24.81 -23.47
CA GLN C 141 24.72 23.88 -22.39
C GLN C 141 24.54 24.68 -21.10
N LEU C 142 23.42 24.47 -20.41
CA LEU C 142 23.08 25.26 -19.24
C LEU C 142 23.77 24.67 -18.01
N GLY C 143 25.08 24.89 -17.94
CA GLY C 143 25.96 24.42 -16.88
C GLY C 143 27.41 24.68 -17.26
N PRO C 144 28.40 24.45 -16.37
CA PRO C 144 28.19 23.85 -15.05
C PRO C 144 27.79 24.82 -13.93
N VAL C 145 27.76 24.30 -12.68
CA VAL C 145 27.18 24.99 -11.55
C VAL C 145 28.24 25.26 -10.48
N ALA C 146 28.37 26.53 -10.09
CA ALA C 146 29.16 26.92 -8.93
C ALA C 146 28.27 27.67 -7.94
N GLY C 147 26.98 27.79 -8.28
CA GLY C 147 25.96 28.39 -7.43
C GLY C 147 24.66 27.59 -7.53
N PRO C 148 24.23 26.85 -6.48
CA PRO C 148 24.82 26.92 -5.14
C PRO C 148 26.25 26.41 -5.03
N LEU C 149 27.01 27.02 -4.12
CA LEU C 149 28.34 26.56 -3.77
C LEU C 149 28.21 25.39 -2.79
N GLY C 150 27.38 25.57 -1.76
CA GLY C 150 27.14 24.53 -0.76
C GLY C 150 27.15 25.07 0.67
N ARG C 151 26.51 26.24 0.87
CA ARG C 151 26.43 26.87 2.18
C ARG C 151 25.79 25.94 3.20
N HIS C 152 24.71 25.26 2.79
CA HIS C 152 23.95 24.40 3.68
C HIS C 152 24.14 22.94 3.29
N PRO C 153 24.34 22.01 4.25
CA PRO C 153 24.44 20.59 3.91
C PRO C 153 23.15 20.02 3.34
N ASP C 154 22.03 20.72 3.61
CA ASP C 154 20.69 20.26 3.27
C ASP C 154 20.11 21.08 2.11
N GLY C 155 20.96 21.90 1.46
CA GLY C 155 20.56 22.62 0.26
C GLY C 155 20.27 21.65 -0.89
N GLY C 156 19.15 21.89 -1.58
CA GLY C 156 18.56 20.90 -2.48
C GLY C 156 19.41 20.62 -3.73
N ARG C 157 20.13 21.63 -4.22
CA ARG C 157 20.78 21.56 -5.53
C ARG C 157 22.30 21.50 -5.43
N ASN C 158 22.84 21.33 -4.22
CA ASN C 158 24.29 21.33 -4.03
C ASN C 158 24.95 20.29 -4.94
N TRP C 159 24.33 19.12 -5.07
CA TRP C 159 24.89 18.01 -5.83
C TRP C 159 25.13 18.38 -7.29
N GLU C 160 24.39 19.37 -7.81
CA GLU C 160 24.58 19.82 -9.19
C GLU C 160 25.93 20.52 -9.34
N GLY C 161 26.37 21.20 -8.27
CA GLY C 161 27.64 21.91 -8.26
C GLY C 161 28.81 20.98 -8.02
N PHE C 162 29.73 21.38 -7.15
CA PHE C 162 30.92 20.58 -6.87
C PHE C 162 31.10 20.45 -5.36
N SER C 163 31.56 21.53 -4.71
CA SER C 163 31.99 21.48 -3.33
C SER C 163 31.70 22.80 -2.64
N PRO C 164 31.42 22.80 -1.31
CA PRO C 164 31.39 24.05 -0.53
C PRO C 164 32.70 24.83 -0.56
N ASP C 165 33.82 24.13 -0.78
CA ASP C 165 35.10 24.79 -0.92
C ASP C 165 35.17 25.52 -2.26
N PRO C 166 35.50 26.83 -2.28
CA PRO C 166 35.53 27.60 -3.52
C PRO C 166 36.66 27.24 -4.49
N VAL C 167 37.77 26.73 -3.96
CA VAL C 167 38.94 26.43 -4.78
C VAL C 167 38.70 25.12 -5.53
N LEU C 168 38.24 24.09 -4.83
CA LEU C 168 37.94 22.82 -5.45
C LEU C 168 36.88 23.02 -6.53
N THR C 169 35.84 23.79 -6.21
CA THR C 169 34.74 24.07 -7.13
C THR C 169 35.27 24.84 -8.33
N GLY C 170 35.99 25.93 -8.08
CA GLY C 170 36.47 26.83 -9.14
C GLY C 170 37.35 26.12 -10.17
N VAL C 171 38.29 25.30 -9.68
CA VAL C 171 39.20 24.57 -10.54
C VAL C 171 38.42 23.59 -11.42
N LEU C 172 37.53 22.80 -10.82
CA LEU C 172 36.81 21.76 -11.54
C LEU C 172 35.73 22.38 -12.42
N MET C 173 35.17 23.51 -11.98
CA MET C 173 34.27 24.33 -12.78
C MET C 173 34.98 24.76 -14.07
N ALA C 174 36.22 25.26 -13.93
CA ALA C 174 36.99 25.78 -15.04
C ALA C 174 37.31 24.66 -16.04
N GLU C 175 37.73 23.50 -15.53
CA GLU C 175 38.08 22.37 -16.37
C GLU C 175 36.86 21.87 -17.14
N THR C 176 35.70 21.80 -16.46
CA THR C 176 34.47 21.37 -17.08
C THR C 176 34.14 22.30 -18.26
N ILE C 177 34.27 23.61 -18.03
CA ILE C 177 33.92 24.63 -19.01
C ILE C 177 34.81 24.50 -20.25
N LYS C 178 36.13 24.35 -20.04
CA LYS C 178 37.07 24.20 -21.13
C LYS C 178 36.71 22.95 -21.94
N GLY C 179 36.33 21.87 -21.24
CA GLY C 179 35.91 20.64 -21.87
C GLY C 179 34.71 20.86 -22.81
N ILE C 180 33.67 21.48 -22.27
CA ILE C 180 32.44 21.75 -23.03
C ILE C 180 32.77 22.59 -24.25
N GLN C 181 33.55 23.67 -24.04
CA GLN C 181 33.74 24.70 -25.05
C GLN C 181 34.74 24.24 -26.11
N ASP C 182 35.71 23.41 -25.71
CA ASP C 182 36.62 22.77 -26.66
C ASP C 182 35.85 21.84 -27.59
N ALA C 183 34.69 21.35 -27.15
CA ALA C 183 33.85 20.48 -27.95
C ALA C 183 32.91 21.27 -28.86
N GLY C 184 32.92 22.60 -28.74
CA GLY C 184 32.24 23.47 -29.70
C GLY C 184 30.82 23.86 -29.26
N VAL C 185 30.60 23.93 -27.94
CA VAL C 185 29.34 24.35 -27.36
C VAL C 185 29.62 25.44 -26.33
N ILE C 186 28.72 26.41 -26.23
CA ILE C 186 28.83 27.47 -25.23
C ILE C 186 28.42 26.90 -23.87
N ALA C 187 29.27 27.06 -22.86
CA ALA C 187 28.93 26.69 -21.50
C ALA C 187 28.27 27.89 -20.81
N CYS C 188 27.55 27.62 -19.72
CA CYS C 188 26.84 28.65 -18.98
C CYS C 188 27.09 28.47 -17.48
N ALA C 189 27.85 29.40 -16.89
CA ALA C 189 28.09 29.40 -15.46
C ALA C 189 26.84 29.89 -14.75
N LYS C 190 26.29 29.04 -13.88
CA LYS C 190 25.08 29.36 -13.12
C LYS C 190 25.22 28.81 -11.71
N HIS C 191 24.39 29.26 -10.76
CA HIS C 191 23.50 30.40 -10.87
C HIS C 191 24.14 31.56 -10.12
N PHE C 192 24.18 32.74 -10.75
CA PHE C 192 24.89 33.90 -10.23
C PHE C 192 23.88 34.89 -9.63
N ILE C 193 23.81 35.03 -8.29
CA ILE C 193 24.63 34.34 -7.31
C ILE C 193 23.84 34.28 -6.01
N GLY C 194 24.26 33.40 -5.08
CA GLY C 194 23.71 33.36 -3.74
C GLY C 194 22.44 32.51 -3.63
N ASN C 195 22.18 31.68 -4.65
CA ASN C 195 21.05 30.77 -4.67
C ASN C 195 21.41 29.52 -3.88
N GLU C 196 21.59 29.67 -2.56
CA GLU C 196 22.19 28.63 -1.74
C GLU C 196 21.13 27.71 -1.13
N MET C 197 19.85 27.99 -1.38
CA MET C 197 18.77 27.07 -1.03
C MET C 197 17.62 27.24 -2.01
N GLU C 198 16.66 26.31 -1.94
CA GLU C 198 15.52 26.30 -2.85
C GLU C 198 14.34 27.07 -2.25
N HIS C 199 14.18 27.04 -0.92
CA HIS C 199 13.08 27.72 -0.27
C HIS C 199 13.04 29.19 -0.69
N PHE C 200 11.88 29.61 -1.20
CA PHE C 200 11.54 31.01 -1.42
C PHE C 200 12.31 31.59 -2.61
N ARG C 201 12.82 30.72 -3.50
CA ARG C 201 13.63 31.19 -4.61
C ARG C 201 12.75 31.95 -5.60
N GLN C 202 11.47 31.56 -5.68
CA GLN C 202 10.49 32.21 -6.54
C GLN C 202 9.16 32.25 -5.79
N ALA C 203 8.51 33.42 -5.80
CA ALA C 203 7.29 33.63 -5.03
C ALA C 203 6.19 32.66 -5.45
N SER C 204 6.02 32.48 -6.78
CA SER C 204 5.00 31.60 -7.31
C SER C 204 5.16 30.20 -6.73
N GLU C 205 6.40 29.72 -6.65
CA GLU C 205 6.71 28.39 -6.18
C GLU C 205 6.46 28.29 -4.67
N ALA C 206 6.77 29.37 -3.93
CA ALA C 206 6.55 29.42 -2.50
C ALA C 206 5.06 29.37 -2.17
N VAL C 207 4.25 30.11 -2.96
CA VAL C 207 2.81 30.13 -2.79
C VAL C 207 2.25 28.73 -2.98
N GLY C 208 2.77 28.00 -3.97
CA GLY C 208 2.39 26.62 -4.22
C GLY C 208 2.63 25.73 -3.01
N TYR C 209 3.58 26.12 -2.14
CA TYR C 209 3.88 25.36 -0.94
C TYR C 209 3.21 25.96 0.29
N GLY C 210 2.31 26.93 0.10
CA GLY C 210 1.45 27.43 1.16
C GLY C 210 2.04 28.65 1.88
N PHE C 211 3.12 29.23 1.33
CA PHE C 211 3.72 30.43 1.90
C PHE C 211 3.12 31.65 1.21
N ASP C 212 2.94 32.74 1.98
CA ASP C 212 2.39 33.97 1.43
C ASP C 212 3.50 35.02 1.32
N ILE C 213 4.25 34.95 0.21
CA ILE C 213 5.23 35.97 -0.13
C ILE C 213 5.01 36.38 -1.58
N THR C 214 5.50 37.58 -1.94
CA THR C 214 5.34 38.12 -3.29
C THR C 214 6.69 38.46 -3.90
N GLU C 215 7.79 38.21 -3.17
CA GLU C 215 9.13 38.45 -3.68
C GLU C 215 10.06 37.33 -3.22
N SER C 216 11.12 37.07 -4.00
CA SER C 216 12.07 36.02 -3.70
C SER C 216 12.93 36.39 -2.49
N VAL C 217 13.45 35.36 -1.81
CA VAL C 217 14.37 35.52 -0.70
C VAL C 217 15.55 36.40 -1.13
N SER C 218 16.02 37.24 -0.20
CA SER C 218 17.23 38.03 -0.42
C SER C 218 18.39 37.42 0.36
N SER C 219 19.38 36.91 -0.39
CA SER C 219 20.65 36.51 0.19
C SER C 219 21.45 37.75 0.52
N ASN C 220 21.69 37.99 1.81
CA ASN C 220 22.39 39.19 2.26
C ASN C 220 23.84 38.81 2.56
N ILE C 221 24.72 39.13 1.60
CA ILE C 221 26.12 38.73 1.63
C ILE C 221 26.96 40.00 1.58
N ASP C 222 27.94 40.13 2.49
CA ASP C 222 28.79 41.30 2.52
C ASP C 222 29.88 41.16 1.46
N ASP C 223 30.59 42.26 1.19
CA ASP C 223 31.48 42.39 0.05
C ASP C 223 32.63 41.40 0.15
N LYS C 224 33.17 41.24 1.37
CA LYS C 224 34.31 40.37 1.61
C LYS C 224 33.92 38.91 1.42
N THR C 225 32.76 38.52 1.96
CA THR C 225 32.29 37.15 1.85
C THR C 225 32.07 36.77 0.39
N LEU C 226 31.50 37.70 -0.40
CA LEU C 226 31.31 37.46 -1.82
C LEU C 226 32.64 37.14 -2.48
N HIS C 227 33.63 38.01 -2.26
CA HIS C 227 34.91 37.94 -2.95
C HIS C 227 35.68 36.68 -2.55
N GLU C 228 35.67 36.34 -1.26
CA GLU C 228 36.53 35.29 -0.74
C GLU C 228 35.87 33.92 -0.83
N LEU C 229 34.56 33.85 -1.09
CA LEU C 229 33.86 32.58 -1.12
C LEU C 229 33.08 32.43 -2.42
N TYR C 230 31.90 33.05 -2.53
CA TYR C 230 30.92 32.67 -3.54
C TYR C 230 31.36 33.11 -4.93
N LEU C 231 32.05 34.26 -5.02
CA LEU C 231 32.42 34.84 -6.31
C LEU C 231 33.64 34.13 -6.91
N TRP C 232 34.50 33.58 -6.03
CA TRP C 232 35.79 33.01 -6.39
C TRP C 232 35.67 32.02 -7.54
N PRO C 233 34.82 30.97 -7.46
CA PRO C 233 34.70 30.00 -8.56
C PRO C 233 34.13 30.56 -9.85
N PHE C 234 33.32 31.62 -9.75
CA PHE C 234 32.76 32.27 -10.92
C PHE C 234 33.85 33.09 -11.62
N ALA C 235 34.79 33.63 -10.83
CA ALA C 235 35.96 34.30 -11.39
C ALA C 235 36.78 33.31 -12.22
N ASP C 236 36.94 32.08 -11.68
CA ASP C 236 37.62 31.00 -12.37
C ASP C 236 36.93 30.67 -13.69
N ALA C 237 35.59 30.69 -13.68
CA ALA C 237 34.80 30.39 -14.87
C ALA C 237 35.03 31.46 -15.95
N VAL C 238 35.03 32.73 -15.53
CA VAL C 238 35.28 33.84 -16.43
C VAL C 238 36.65 33.66 -17.08
N ARG C 239 37.65 33.36 -16.25
CA ARG C 239 39.04 33.28 -16.70
C ARG C 239 39.25 32.05 -17.58
N ALA C 240 38.39 31.04 -17.42
CA ALA C 240 38.43 29.84 -18.24
C ALA C 240 37.81 30.09 -19.61
N GLY C 241 37.18 31.26 -19.80
CA GLY C 241 36.69 31.68 -21.10
C GLY C 241 35.23 31.29 -21.33
N VAL C 242 34.49 31.05 -20.23
CA VAL C 242 33.09 30.65 -20.34
C VAL C 242 32.35 31.72 -21.12
N GLY C 243 31.43 31.28 -21.98
CA GLY C 243 30.80 32.16 -22.96
C GLY C 243 29.56 32.86 -22.38
N SER C 244 28.91 32.26 -21.39
CA SER C 244 27.68 32.81 -20.86
C SER C 244 27.59 32.61 -19.35
N PHE C 245 26.78 33.47 -18.72
CA PHE C 245 26.39 33.38 -17.32
C PHE C 245 24.87 33.32 -17.24
N MET C 246 24.36 32.74 -16.15
CA MET C 246 22.94 32.79 -15.84
C MET C 246 22.77 33.42 -14.46
N CYS C 247 22.03 34.54 -14.41
CA CYS C 247 21.74 35.22 -13.15
C CYS C 247 20.57 34.51 -12.46
N SER C 248 20.58 34.54 -11.12
CA SER C 248 19.78 33.63 -10.31
C SER C 248 18.40 34.22 -10.01
N TYR C 249 17.53 33.36 -9.44
CA TYR C 249 16.17 33.69 -9.08
C TYR C 249 16.13 34.61 -7.86
N ASN C 250 17.04 34.37 -6.92
CA ASN C 250 17.04 35.07 -5.65
C ASN C 250 17.50 36.52 -5.83
N GLN C 251 17.30 37.31 -4.76
CA GLN C 251 17.85 38.64 -4.66
C GLN C 251 19.19 38.55 -3.93
N VAL C 252 20.05 39.55 -4.17
CA VAL C 252 21.25 39.76 -3.38
C VAL C 252 21.18 41.19 -2.83
N ASN C 253 21.13 41.31 -1.50
CA ASN C 253 20.98 42.58 -0.83
C ASN C 253 19.78 43.33 -1.40
N ASN C 254 18.66 42.60 -1.56
CA ASN C 254 17.35 43.14 -1.90
C ASN C 254 17.35 43.76 -3.29
N SER C 255 18.12 43.17 -4.21
CA SER C 255 18.01 43.46 -5.62
C SER C 255 18.16 42.15 -6.40
N TYR C 256 17.13 41.80 -7.17
CA TYR C 256 17.13 40.58 -7.97
C TYR C 256 18.42 40.50 -8.77
N SER C 257 19.02 39.30 -8.80
CA SER C 257 20.31 39.09 -9.44
C SER C 257 20.32 39.60 -10.88
N CYS C 258 19.20 39.40 -11.59
CA CYS C 258 19.13 39.68 -13.02
C CYS C 258 18.94 41.17 -13.32
N SER C 259 18.73 41.98 -12.28
CA SER C 259 18.73 43.43 -12.44
C SER C 259 19.57 44.07 -11.32
N ASN C 260 20.56 43.33 -10.83
CA ASN C 260 21.46 43.80 -9.78
C ASN C 260 22.73 44.36 -10.44
N SER C 261 22.78 45.70 -10.56
CA SER C 261 23.84 46.37 -11.28
C SER C 261 25.20 46.14 -10.61
N TYR C 262 25.22 46.12 -9.27
CA TYR C 262 26.44 45.87 -8.53
C TYR C 262 26.97 44.48 -8.89
N LEU C 263 26.07 43.51 -9.01
CA LEU C 263 26.42 42.13 -9.28
C LEU C 263 26.90 41.97 -10.72
N LEU C 264 26.10 42.48 -11.68
CA LEU C 264 26.34 42.23 -13.09
C LEU C 264 27.33 43.25 -13.66
N ASN C 265 27.11 44.53 -13.39
CA ASN C 265 27.90 45.59 -14.00
C ASN C 265 29.26 45.71 -13.31
N LYS C 266 29.28 45.69 -11.97
CA LYS C 266 30.50 45.93 -11.22
C LYS C 266 31.31 44.64 -11.07
N LEU C 267 30.75 43.64 -10.38
CA LEU C 267 31.52 42.46 -10.02
C LEU C 267 31.88 41.66 -11.26
N LEU C 268 30.87 41.33 -12.09
CA LEU C 268 31.05 40.38 -13.17
C LEU C 268 31.74 41.05 -14.37
N LYS C 269 31.22 42.20 -14.81
CA LYS C 269 31.61 42.78 -16.09
C LYS C 269 32.72 43.82 -15.95
N SER C 270 32.94 44.37 -14.74
CA SER C 270 34.05 45.29 -14.51
C SER C 270 35.19 44.56 -13.83
N GLU C 271 34.99 44.16 -12.56
CA GLU C 271 36.08 43.60 -11.77
C GLU C 271 36.57 42.30 -12.42
N LEU C 272 35.65 41.40 -12.75
CA LEU C 272 36.02 40.12 -13.35
C LEU C 272 36.12 40.24 -14.86
N ASP C 273 35.58 41.33 -15.43
CA ASP C 273 35.83 41.72 -16.81
C ASP C 273 35.31 40.66 -17.78
N PHE C 274 34.14 40.10 -17.46
CA PHE C 274 33.53 39.06 -18.28
C PHE C 274 33.14 39.65 -19.64
N GLN C 275 33.51 38.94 -20.71
CA GLN C 275 33.32 39.42 -22.07
C GLN C 275 32.09 38.83 -22.73
N GLY C 276 31.54 37.75 -22.16
CA GLY C 276 30.41 37.03 -22.74
C GLY C 276 29.07 37.64 -22.30
N PHE C 277 28.00 36.83 -22.38
CA PHE C 277 26.65 37.34 -22.22
C PHE C 277 25.98 36.73 -20.98
N VAL C 278 25.05 37.50 -20.40
CA VAL C 278 24.30 37.11 -19.22
C VAL C 278 22.85 36.86 -19.64
N MET C 279 22.37 35.63 -19.36
CA MET C 279 20.96 35.29 -19.54
C MET C 279 20.31 35.21 -18.16
N SER C 280 18.99 35.36 -18.13
CA SER C 280 18.23 35.17 -16.90
C SER C 280 17.98 33.68 -16.69
N ASP C 281 17.76 33.29 -15.42
CA ASP C 281 17.12 32.03 -15.13
C ASP C 281 15.67 32.16 -15.63
N TRP C 282 15.01 31.01 -15.82
CA TRP C 282 13.75 30.95 -16.55
C TRP C 282 12.64 31.65 -15.76
N GLY C 283 12.25 32.84 -16.23
CA GLY C 283 11.24 33.64 -15.57
C GLY C 283 11.80 34.31 -14.31
N ALA C 284 13.13 34.41 -14.24
CA ALA C 284 13.78 35.14 -13.17
C ALA C 284 13.35 36.59 -13.24
N HIS C 285 12.98 37.15 -12.09
CA HIS C 285 12.41 38.48 -12.03
C HIS C 285 13.50 39.53 -12.29
N HIS C 286 13.11 40.59 -12.99
CA HIS C 286 13.98 41.71 -13.29
C HIS C 286 13.10 42.89 -13.66
N SER C 287 13.65 44.11 -13.57
CA SER C 287 12.89 45.33 -13.78
C SER C 287 12.71 45.58 -15.28
N GLY C 288 12.16 44.59 -15.99
CA GLY C 288 11.96 44.67 -17.43
C GLY C 288 13.17 45.23 -18.15
N VAL C 289 12.97 46.33 -18.89
CA VAL C 289 14.00 46.97 -19.69
C VAL C 289 15.11 47.51 -18.77
N GLY C 290 14.74 47.90 -17.55
CA GLY C 290 15.72 48.32 -16.55
C GLY C 290 16.83 47.29 -16.34
N ALA C 291 16.50 46.00 -16.55
CA ALA C 291 17.45 44.91 -16.39
C ALA C 291 18.60 45.02 -17.39
N ALA C 292 18.30 45.44 -18.62
CA ALA C 292 19.31 45.57 -19.66
C ALA C 292 20.37 46.58 -19.26
N LEU C 293 19.93 47.66 -18.59
CA LEU C 293 20.82 48.71 -18.12
C LEU C 293 21.71 48.18 -16.99
N ALA C 294 21.17 47.25 -16.20
CA ALA C 294 21.87 46.70 -15.04
C ALA C 294 22.78 45.54 -15.41
N GLY C 295 22.78 45.11 -16.69
CA GLY C 295 23.78 44.18 -17.18
C GLY C 295 23.21 42.87 -17.75
N LEU C 296 21.89 42.75 -17.83
CA LEU C 296 21.26 41.57 -18.42
C LEU C 296 21.33 41.69 -19.95
N ASP C 297 21.64 40.57 -20.61
CA ASP C 297 21.82 40.55 -22.06
C ASP C 297 20.76 39.73 -22.76
N MET C 298 20.15 38.76 -22.05
CA MET C 298 19.23 37.82 -22.67
C MET C 298 18.17 37.40 -21.65
N SER C 299 16.89 37.49 -22.06
CA SER C 299 15.76 37.19 -21.19
C SER C 299 15.16 35.84 -21.59
N MET C 300 15.14 34.91 -20.63
CA MET C 300 14.66 33.56 -20.87
C MET C 300 13.57 33.21 -19.85
N PRO C 301 12.55 32.41 -20.22
CA PRO C 301 12.44 31.82 -21.56
C PRO C 301 11.74 32.68 -22.61
N GLY C 302 11.48 33.94 -22.24
CA GLY C 302 10.59 34.80 -23.02
C GLY C 302 9.14 34.51 -22.69
N PHE C 312 7.21 40.71 -25.22
CA PHE C 312 7.04 41.80 -24.21
C PHE C 312 8.40 42.49 -24.01
N TRP C 313 9.39 41.72 -23.54
CA TRP C 313 10.77 42.15 -23.48
C TRP C 313 11.22 42.68 -24.84
N GLY C 314 10.88 41.93 -25.90
CA GLY C 314 11.28 42.26 -27.26
C GLY C 314 10.77 43.63 -27.69
N THR C 315 9.46 43.85 -27.53
CA THR C 315 8.83 45.07 -28.00
C THR C 315 9.18 46.24 -27.07
N ASN C 316 9.26 45.98 -25.77
CA ASN C 316 9.62 47.00 -24.79
C ASN C 316 11.06 47.47 -25.01
N LEU C 317 11.97 46.54 -25.31
CA LEU C 317 13.37 46.87 -25.51
C LEU C 317 13.52 47.72 -26.78
N THR C 318 12.83 47.32 -27.85
CA THR C 318 12.85 48.07 -29.11
C THR C 318 12.38 49.50 -28.85
N ILE C 319 11.22 49.62 -28.20
CA ILE C 319 10.66 50.92 -27.86
C ILE C 319 11.65 51.70 -26.99
N ALA C 320 12.33 51.02 -26.07
CA ALA C 320 13.28 51.65 -25.18
C ALA C 320 14.44 52.26 -25.95
N VAL C 321 14.87 51.59 -27.04
CA VAL C 321 15.95 52.11 -27.87
C VAL C 321 15.47 53.33 -28.65
N LEU C 322 14.25 53.23 -29.20
CA LEU C 322 13.67 54.32 -29.99
C LEU C 322 13.36 55.52 -29.10
N ASN C 323 13.07 55.25 -27.82
CA ASN C 323 12.78 56.29 -26.84
C ASN C 323 14.06 57.00 -26.39
N GLY C 324 15.16 56.23 -26.28
CA GLY C 324 16.42 56.74 -25.76
C GLY C 324 16.58 56.42 -24.28
N THR C 325 15.71 55.54 -23.74
CA THR C 325 15.80 55.13 -22.34
C THR C 325 16.79 53.97 -22.22
N VAL C 326 16.96 53.19 -23.29
CA VAL C 326 18.10 52.29 -23.42
C VAL C 326 18.95 52.79 -24.58
N PRO C 327 20.26 53.09 -24.35
CA PRO C 327 21.14 53.52 -25.43
C PRO C 327 21.31 52.47 -26.52
N GLU C 328 21.60 52.94 -27.74
CA GLU C 328 21.92 52.08 -28.86
C GLU C 328 23.13 51.20 -28.52
N TRP C 329 24.13 51.81 -27.87
CA TRP C 329 25.38 51.11 -27.59
C TRP C 329 25.14 49.93 -26.65
N ARG C 330 24.06 49.98 -25.87
CA ARG C 330 23.75 48.94 -24.90
C ARG C 330 23.20 47.71 -25.62
N VAL C 331 22.20 47.89 -26.47
CA VAL C 331 21.61 46.77 -27.23
C VAL C 331 22.67 46.20 -28.18
N ASP C 332 23.51 47.07 -28.74
CA ASP C 332 24.60 46.63 -29.61
C ASP C 332 25.57 45.75 -28.81
N ASP C 333 25.83 46.13 -27.55
CA ASP C 333 26.73 45.37 -26.70
C ASP C 333 26.13 44.01 -26.36
N MET C 334 24.80 43.99 -26.12
CA MET C 334 24.10 42.76 -25.81
C MET C 334 24.26 41.77 -26.95
N ALA C 335 24.02 42.25 -28.18
CA ALA C 335 24.09 41.41 -29.37
C ALA C 335 25.52 40.90 -29.59
N VAL C 336 26.51 41.78 -29.41
CA VAL C 336 27.89 41.43 -29.73
C VAL C 336 28.42 40.45 -28.68
N ARG C 337 27.99 40.59 -27.42
CA ARG C 337 28.34 39.66 -26.37
C ARG C 337 27.84 38.27 -26.73
N ILE C 338 26.60 38.18 -27.23
CA ILE C 338 26.00 36.89 -27.56
C ILE C 338 26.76 36.27 -28.73
N MET C 339 27.01 37.05 -29.78
CA MET C 339 27.68 36.56 -30.98
C MET C 339 29.15 36.26 -30.69
N ALA C 340 29.76 37.00 -29.76
CA ALA C 340 31.14 36.76 -29.38
C ALA C 340 31.28 35.36 -28.80
N ALA C 341 30.34 34.97 -27.93
CA ALA C 341 30.31 33.63 -27.37
C ALA C 341 30.14 32.59 -28.48
N PHE C 342 29.21 32.86 -29.40
CA PHE C 342 28.93 31.98 -30.52
C PHE C 342 30.22 31.65 -31.29
N TYR C 343 31.02 32.68 -31.56
CA TYR C 343 32.22 32.54 -32.37
C TYR C 343 33.37 31.98 -31.55
N LYS C 344 33.40 32.30 -30.25
CA LYS C 344 34.52 31.92 -29.40
C LYS C 344 34.69 30.40 -29.40
N VAL C 345 33.57 29.66 -29.35
CA VAL C 345 33.60 28.21 -29.23
C VAL C 345 33.46 27.57 -30.61
N GLY C 346 33.22 28.37 -31.65
CA GLY C 346 33.21 27.90 -33.02
C GLY C 346 31.86 27.30 -33.42
N ARG C 347 30.76 27.92 -32.96
CA ARG C 347 29.41 27.47 -33.31
C ARG C 347 29.21 27.58 -34.82
N ASP C 348 29.89 28.55 -35.45
CA ASP C 348 29.81 28.77 -36.89
C ASP C 348 30.28 27.52 -37.65
N ARG C 349 31.18 26.74 -37.04
CA ARG C 349 31.68 25.52 -37.66
C ARG C 349 30.86 24.30 -37.23
N TYR C 350 30.40 24.28 -35.96
CA TYR C 350 29.94 23.05 -35.33
C TYR C 350 28.42 22.96 -35.28
N GLN C 351 27.71 24.04 -35.64
CA GLN C 351 26.26 24.07 -35.55
C GLN C 351 25.67 23.11 -36.59
N VAL C 352 24.71 22.29 -36.14
CA VAL C 352 23.88 21.46 -37.00
C VAL C 352 22.44 21.73 -36.60
N PRO C 353 21.43 21.35 -37.42
CA PRO C 353 20.03 21.51 -37.02
C PRO C 353 19.73 20.84 -35.68
N VAL C 354 18.84 21.46 -34.90
CA VAL C 354 18.34 20.87 -33.66
C VAL C 354 17.52 19.63 -34.05
N ASN C 355 17.99 18.45 -33.65
CA ASN C 355 17.49 17.20 -34.22
C ASN C 355 16.68 16.39 -33.20
N PHE C 356 16.33 17.00 -32.07
CA PHE C 356 15.49 16.36 -31.06
C PHE C 356 14.42 17.36 -30.62
N ASP C 357 13.44 16.90 -29.84
CA ASP C 357 12.43 17.76 -29.28
C ASP C 357 12.35 17.54 -27.76
N SER C 358 12.35 18.64 -27.00
CA SER C 358 12.36 18.57 -25.55
C SER C 358 11.03 18.06 -24.99
N TRP C 359 9.93 18.31 -25.73
CA TRP C 359 8.60 18.22 -25.15
C TRP C 359 7.87 16.95 -25.58
N THR C 360 8.51 16.13 -26.42
CA THR C 360 7.95 14.84 -26.79
C THR C 360 9.09 13.93 -27.31
N LYS C 361 8.91 12.62 -27.11
CA LYS C 361 9.80 11.62 -27.67
C LYS C 361 9.26 11.14 -29.02
N ASP C 362 8.06 11.61 -29.39
CA ASP C 362 7.42 11.25 -30.64
C ASP C 362 8.31 11.66 -31.82
N GLU C 363 8.31 10.82 -32.86
CA GLU C 363 9.12 11.05 -34.04
C GLU C 363 8.57 12.22 -34.84
N TYR C 364 7.23 12.28 -34.97
CA TYR C 364 6.58 13.34 -35.73
C TYR C 364 5.60 14.09 -34.84
N GLY C 365 5.30 15.33 -35.26
CA GLY C 365 4.26 16.14 -34.65
C GLY C 365 3.72 17.15 -35.66
N TYR C 366 2.48 17.60 -35.42
CA TYR C 366 1.87 18.64 -36.24
C TYR C 366 2.47 19.99 -35.83
N GLU C 367 2.61 20.88 -36.82
CA GLU C 367 3.05 22.25 -36.58
C GLU C 367 2.22 23.19 -37.45
N HIS C 368 1.92 24.38 -36.92
CA HIS C 368 1.13 25.38 -37.63
C HIS C 368 1.97 26.00 -38.73
N ALA C 369 1.36 26.14 -39.93
CA ALA C 369 1.99 26.79 -41.06
C ALA C 369 1.21 28.06 -41.41
N LEU C 370 1.68 28.78 -42.44
CA LEU C 370 0.95 29.90 -43.00
C LEU C 370 -0.45 29.44 -43.38
N VAL C 371 -0.52 28.35 -44.15
CA VAL C 371 -1.77 27.75 -44.58
C VAL C 371 -1.89 26.38 -43.91
N GLY C 372 -2.84 26.25 -42.98
CA GLY C 372 -3.11 24.98 -42.32
C GLY C 372 -1.92 24.52 -41.48
N GLN C 373 -1.57 23.24 -41.61
CA GLN C 373 -0.56 22.63 -40.76
C GLN C 373 0.35 21.69 -41.56
N ASN C 374 1.55 21.47 -41.01
CA ASN C 374 2.49 20.47 -41.50
C ASN C 374 2.70 19.41 -40.43
N TYR C 375 2.94 18.17 -40.86
CA TYR C 375 3.35 17.09 -39.98
C TYR C 375 4.85 16.87 -40.20
N VAL C 376 5.65 17.24 -39.19
CA VAL C 376 7.09 17.38 -39.37
C VAL C 376 7.81 16.42 -38.43
N LYS C 377 8.99 15.95 -38.86
CA LYS C 377 9.86 15.15 -38.04
C LYS C 377 10.47 16.05 -36.96
N VAL C 378 10.20 15.73 -35.69
CA VAL C 378 10.66 16.54 -34.57
C VAL C 378 11.80 15.82 -33.84
N ASN C 379 11.91 14.50 -34.01
CA ASN C 379 12.95 13.70 -33.37
C ASN C 379 13.63 12.80 -34.40
N ASP C 380 14.94 12.98 -34.57
CA ASP C 380 15.72 12.20 -35.51
C ASP C 380 16.40 11.00 -34.82
N LYS C 381 16.34 10.95 -33.49
CA LYS C 381 16.95 9.88 -32.71
C LYS C 381 18.43 9.74 -33.06
N VAL C 382 19.15 10.85 -33.03
CA VAL C 382 20.59 10.84 -33.32
C VAL C 382 21.32 10.31 -32.08
N ASP C 383 22.06 9.22 -32.25
CA ASP C 383 22.77 8.60 -31.15
C ASP C 383 24.12 9.29 -30.98
N VAL C 384 24.27 10.03 -29.86
CA VAL C 384 25.46 10.86 -29.64
C VAL C 384 26.31 10.28 -28.51
N ARG C 385 25.96 9.08 -28.04
CA ARG C 385 26.57 8.50 -26.85
C ARG C 385 28.02 8.09 -27.12
N ALA C 386 28.33 7.75 -28.37
CA ALA C 386 29.66 7.32 -28.76
C ALA C 386 30.19 6.30 -27.74
N ASP C 387 31.35 6.58 -27.13
CA ASP C 387 31.98 5.67 -26.19
C ASP C 387 31.93 6.25 -24.76
N HIS C 388 30.99 7.18 -24.51
CA HIS C 388 31.00 7.99 -23.31
C HIS C 388 30.73 7.14 -22.06
N ALA C 389 30.18 5.93 -22.25
CA ALA C 389 29.95 5.03 -21.13
C ALA C 389 31.25 4.73 -20.37
N ASP C 390 32.38 4.76 -21.09
CA ASP C 390 33.68 4.47 -20.49
C ASP C 390 34.04 5.53 -19.45
N ILE C 391 33.99 6.81 -19.84
CA ILE C 391 34.37 7.90 -18.95
C ILE C 391 33.38 7.94 -17.77
N ILE C 392 32.12 7.58 -18.02
CA ILE C 392 31.10 7.57 -16.97
C ILE C 392 31.44 6.49 -15.95
N ARG C 393 31.85 5.31 -16.42
CA ARG C 393 32.27 4.24 -15.54
C ARG C 393 33.50 4.70 -14.75
N GLN C 394 34.46 5.32 -15.45
CA GLN C 394 35.71 5.73 -14.83
C GLN C 394 35.48 6.77 -13.74
N ILE C 395 34.64 7.78 -14.03
CA ILE C 395 34.40 8.84 -13.06
C ILE C 395 33.62 8.28 -11.88
N GLY C 396 32.70 7.34 -12.14
CA GLY C 396 32.02 6.60 -11.09
C GLY C 396 33.03 6.02 -10.10
N SER C 397 34.01 5.28 -10.63
CA SER C 397 34.99 4.58 -9.83
C SER C 397 35.90 5.58 -9.10
N ALA C 398 36.26 6.68 -9.78
CA ALA C 398 37.15 7.68 -9.23
C ALA C 398 36.46 8.49 -8.13
N SER C 399 35.12 8.53 -8.16
CA SER C 399 34.36 9.34 -7.22
C SER C 399 33.95 8.54 -5.98
N VAL C 400 34.28 7.24 -5.96
CA VAL C 400 34.06 6.43 -4.77
C VAL C 400 35.06 6.87 -3.71
N VAL C 401 34.53 7.17 -2.51
CA VAL C 401 35.34 7.58 -1.37
C VAL C 401 35.25 6.49 -0.31
N LEU C 402 36.39 5.87 0.02
CA LEU C 402 36.48 4.90 1.09
C LEU C 402 36.67 5.66 2.41
N LEU C 403 35.63 5.62 3.26
CA LEU C 403 35.62 6.35 4.51
C LEU C 403 36.09 5.47 5.66
N LYS C 404 35.85 4.16 5.56
CA LYS C 404 36.24 3.20 6.59
C LYS C 404 36.64 1.89 5.92
N ASN C 405 37.68 1.26 6.46
CA ASN C 405 38.05 -0.09 6.01
C ASN C 405 38.85 -0.78 7.11
N ASP C 406 38.15 -1.64 7.87
CA ASP C 406 38.77 -2.50 8.86
C ASP C 406 38.80 -3.93 8.34
N GLY C 407 39.45 -4.13 7.18
CA GLY C 407 39.64 -5.45 6.59
C GLY C 407 38.45 -5.91 5.75
N GLY C 408 37.55 -4.98 5.40
CA GLY C 408 36.34 -5.31 4.66
C GLY C 408 36.59 -5.42 3.17
N LEU C 409 37.41 -4.50 2.64
CA LEU C 409 37.63 -4.38 1.20
C LEU C 409 39.13 -4.45 0.89
N PRO C 410 39.53 -4.88 -0.33
CA PRO C 410 38.61 -5.32 -1.37
C PRO C 410 38.02 -6.72 -1.19
N LEU C 411 36.94 -6.99 -1.93
CA LEU C 411 36.37 -8.32 -2.06
C LEU C 411 37.06 -9.04 -3.23
N THR C 412 36.85 -10.36 -3.33
CA THR C 412 37.49 -11.19 -4.34
C THR C 412 36.50 -11.61 -5.43
N GLY C 413 35.24 -11.85 -5.04
CA GLY C 413 34.27 -12.47 -5.92
C GLY C 413 34.29 -13.99 -5.81
N TYR C 414 35.07 -14.51 -4.84
CA TYR C 414 35.10 -15.93 -4.52
C TYR C 414 34.52 -16.14 -3.12
N GLU C 415 33.80 -15.14 -2.61
CA GLU C 415 33.12 -15.27 -1.33
C GLU C 415 32.03 -16.34 -1.46
N LYS C 416 31.85 -17.10 -0.38
CA LYS C 416 30.99 -18.29 -0.39
C LYS C 416 29.52 -17.87 -0.46
N PHE C 417 29.17 -16.77 0.22
CA PHE C 417 27.81 -16.25 0.23
C PHE C 417 27.88 -14.72 0.31
N THR C 418 27.36 -14.05 -0.71
CA THR C 418 27.27 -12.60 -0.73
C THR C 418 25.81 -12.18 -0.54
N GLY C 419 25.55 -11.38 0.50
CA GLY C 419 24.24 -10.76 0.69
C GLY C 419 24.27 -9.31 0.22
N VAL C 420 23.21 -8.93 -0.51
CA VAL C 420 23.04 -7.55 -0.99
C VAL C 420 21.74 -7.01 -0.41
N PHE C 421 21.80 -5.81 0.17
CA PHE C 421 20.69 -5.31 0.98
C PHE C 421 20.38 -3.86 0.67
N GLY C 422 19.08 -3.54 0.64
CA GLY C 422 18.60 -2.18 0.52
C GLY C 422 17.99 -1.92 -0.86
N GLU C 423 16.95 -1.09 -0.88
CA GLU C 423 16.30 -0.69 -2.12
C GLU C 423 17.30 0.02 -3.02
N ASP C 424 18.29 0.70 -2.41
CA ASP C 424 19.28 1.45 -3.16
C ASP C 424 20.18 0.53 -4.00
N ALA C 425 20.08 -0.78 -3.79
CA ALA C 425 20.80 -1.73 -4.64
C ALA C 425 20.00 -2.08 -5.89
N GLY C 426 18.68 -1.89 -5.83
CA GLY C 426 17.76 -2.49 -6.80
C GLY C 426 17.36 -1.53 -7.92
N SER C 427 16.36 -1.95 -8.69
CA SER C 427 15.89 -1.21 -9.85
C SER C 427 14.76 -0.24 -9.47
N ASN C 428 14.66 0.85 -10.23
CA ASN C 428 13.44 1.62 -10.33
C ASN C 428 12.40 0.78 -11.05
N ARG C 429 11.36 0.34 -10.33
CA ARG C 429 10.35 -0.55 -10.88
C ARG C 429 9.52 0.16 -11.95
N TRP C 430 9.60 1.50 -12.01
CA TRP C 430 8.93 2.27 -13.04
C TRP C 430 9.82 2.47 -14.26
N GLY C 431 10.98 1.82 -14.29
CA GLY C 431 11.99 2.06 -15.30
C GLY C 431 12.97 3.14 -14.84
N ALA C 432 14.20 3.07 -15.36
CA ALA C 432 15.26 4.00 -15.00
C ALA C 432 14.79 5.45 -15.13
N ASP C 433 13.97 5.73 -16.15
CA ASP C 433 13.47 7.07 -16.40
C ASP C 433 11.98 7.17 -16.09
N GLY C 434 11.51 6.39 -15.10
CA GLY C 434 10.10 6.26 -14.80
C GLY C 434 9.54 7.45 -14.03
N CYS C 435 10.42 8.25 -13.42
CA CYS C 435 10.00 9.43 -12.68
C CYS C 435 10.45 10.68 -13.43
N SER C 436 9.50 11.57 -13.74
CA SER C 436 9.81 12.75 -14.52
C SER C 436 10.81 13.62 -13.76
N ASP C 437 11.91 13.99 -14.44
CA ASP C 437 12.97 14.79 -13.87
C ASP C 437 13.58 14.08 -12.67
N ARG C 438 13.53 12.74 -12.67
CA ARG C 438 14.07 11.91 -11.60
C ARG C 438 13.46 12.26 -10.25
N GLY C 439 12.18 12.67 -10.25
CA GLY C 439 11.52 13.17 -9.05
C GLY C 439 10.96 12.03 -8.18
N CYS C 440 11.86 11.12 -7.77
CA CYS C 440 11.52 10.03 -6.86
C CYS C 440 12.82 9.44 -6.32
N ASP C 441 12.70 8.48 -5.39
CA ASP C 441 13.85 7.75 -4.87
C ASP C 441 13.58 6.25 -5.01
N ASN C 442 13.18 5.84 -6.21
CA ASN C 442 12.88 4.45 -6.52
C ASN C 442 14.18 3.73 -6.91
N GLY C 443 14.53 2.68 -6.17
CA GLY C 443 15.70 1.87 -6.47
C GLY C 443 17.00 2.64 -6.22
N THR C 444 18.03 2.30 -6.98
CA THR C 444 19.37 2.85 -6.77
C THR C 444 19.38 4.32 -7.19
N LEU C 445 20.00 5.15 -6.37
CA LEU C 445 20.06 6.59 -6.62
C LEU C 445 21.36 6.91 -7.37
N ALA C 446 21.21 7.36 -8.61
CA ALA C 446 22.35 7.67 -9.46
C ALA C 446 22.25 9.08 -10.05
N MET C 447 21.25 9.86 -9.59
CA MET C 447 20.99 11.20 -10.11
C MET C 447 19.91 11.85 -9.25
N GLY C 448 20.10 13.14 -8.92
CA GLY C 448 19.12 13.91 -8.19
C GLY C 448 17.99 14.40 -9.11
N TRP C 449 17.07 15.21 -8.57
CA TRP C 449 15.89 15.58 -9.33
C TRP C 449 15.89 17.06 -9.71
N GLY C 450 15.10 17.38 -10.75
CA GLY C 450 14.90 18.74 -11.20
C GLY C 450 15.39 18.93 -12.63
N SER C 451 15.82 20.16 -12.95
CA SER C 451 16.33 20.51 -14.27
C SER C 451 17.73 19.93 -14.48
N GLY C 452 18.43 19.59 -13.39
CA GLY C 452 19.82 19.16 -13.46
C GLY C 452 19.93 17.68 -13.81
N THR C 453 19.17 17.23 -14.82
CA THR C 453 19.00 15.81 -15.07
C THR C 453 19.20 15.50 -16.55
N ALA C 454 19.23 14.20 -16.84
CA ALA C 454 19.17 13.68 -18.19
C ALA C 454 18.59 12.27 -18.10
N ASP C 455 18.12 11.74 -19.24
CA ASP C 455 17.52 10.42 -19.25
C ASP C 455 18.63 9.38 -19.36
N PHE C 456 18.54 8.34 -18.51
CA PHE C 456 19.44 7.20 -18.59
C PHE C 456 19.15 6.43 -19.86
N PRO C 457 20.18 6.08 -20.68
CA PRO C 457 19.98 5.14 -21.79
C PRO C 457 19.70 3.75 -21.23
N TYR C 458 20.28 3.51 -20.05
CA TYR C 458 20.11 2.31 -19.25
C TYR C 458 20.67 2.65 -17.87
N LEU C 459 20.40 1.80 -16.87
CA LEU C 459 20.99 1.98 -15.56
C LEU C 459 21.41 0.62 -15.01
N VAL C 460 22.72 0.44 -14.83
CA VAL C 460 23.27 -0.75 -14.20
C VAL C 460 23.20 -0.58 -12.69
N THR C 461 22.44 -1.45 -12.03
CA THR C 461 22.23 -1.34 -10.60
C THR C 461 23.36 -2.09 -9.87
N PRO C 462 23.63 -1.76 -8.59
CA PRO C 462 24.51 -2.58 -7.76
C PRO C 462 24.12 -4.05 -7.72
N GLU C 463 22.81 -4.32 -7.64
CA GLU C 463 22.28 -5.67 -7.65
C GLU C 463 22.80 -6.44 -8.87
N GLN C 464 22.70 -5.80 -10.04
CA GLN C 464 23.06 -6.45 -11.31
C GLN C 464 24.57 -6.67 -11.39
N ALA C 465 25.34 -5.63 -11.05
CA ALA C 465 26.79 -5.69 -11.16
C ALA C 465 27.38 -6.71 -10.21
N ILE C 466 26.86 -6.77 -8.97
CA ILE C 466 27.39 -7.67 -7.96
C ILE C 466 27.08 -9.11 -8.35
N GLN C 467 25.85 -9.38 -8.82
CA GLN C 467 25.51 -10.73 -9.26
C GLN C 467 26.38 -11.13 -10.45
N ASN C 468 26.61 -10.18 -11.38
CA ASN C 468 27.48 -10.43 -12.53
C ASN C 468 28.90 -10.77 -12.05
N GLU C 469 29.38 -10.04 -11.03
CA GLU C 469 30.72 -10.26 -10.51
C GLU C 469 30.85 -11.68 -9.94
N ILE C 470 29.88 -12.09 -9.12
CA ILE C 470 29.94 -13.39 -8.45
C ILE C 470 29.83 -14.50 -9.50
N LEU C 471 28.85 -14.38 -10.40
CA LEU C 471 28.51 -15.48 -11.31
C LEU C 471 29.56 -15.62 -12.40
N SER C 472 30.45 -14.63 -12.55
CA SER C 472 31.55 -14.70 -13.49
C SER C 472 32.84 -15.20 -12.83
N LYS C 473 32.84 -15.31 -11.50
CA LYS C 473 34.05 -15.68 -10.76
C LYS C 473 33.79 -16.97 -9.96
N GLY C 474 33.64 -16.84 -8.64
CA GLY C 474 33.57 -18.00 -7.76
C GLY C 474 32.21 -18.71 -7.84
N LYS C 475 31.18 -17.98 -8.28
CA LYS C 475 29.84 -18.53 -8.45
C LYS C 475 29.32 -19.03 -7.11
N GLY C 476 29.63 -18.31 -6.03
CA GLY C 476 29.03 -18.57 -4.73
C GLY C 476 27.56 -18.15 -4.71
N LEU C 477 26.94 -18.24 -3.53
CA LEU C 477 25.56 -17.84 -3.35
C LEU C 477 25.48 -16.32 -3.36
N VAL C 478 24.37 -15.80 -3.92
CA VAL C 478 24.11 -14.37 -3.89
C VAL C 478 22.60 -14.15 -3.85
N SER C 479 22.17 -13.27 -2.94
CA SER C 479 20.78 -12.88 -2.81
C SER C 479 20.70 -11.37 -2.56
N ALA C 480 19.67 -10.75 -3.12
CA ALA C 480 19.44 -9.31 -2.96
C ALA C 480 18.05 -9.09 -2.37
N VAL C 481 18.02 -8.52 -1.14
CA VAL C 481 16.80 -8.08 -0.50
C VAL C 481 16.72 -6.56 -0.68
N THR C 482 15.82 -6.10 -1.55
CA THR C 482 15.80 -4.71 -1.98
C THR C 482 14.50 -4.04 -1.57
N ASP C 483 13.90 -4.55 -0.47
CA ASP C 483 12.77 -3.92 0.18
C ASP C 483 13.19 -3.59 1.61
N ASN C 484 13.33 -2.29 1.91
CA ASN C 484 13.90 -1.84 3.18
C ASN C 484 13.04 -2.27 4.36
N GLY C 485 11.79 -2.67 4.11
CA GLY C 485 10.88 -3.12 5.15
C GLY C 485 10.99 -4.63 5.42
N ALA C 486 11.68 -5.36 4.54
CA ALA C 486 11.80 -6.81 4.67
C ALA C 486 12.94 -7.18 5.61
N LEU C 487 12.82 -6.76 6.87
CA LEU C 487 13.92 -6.86 7.83
C LEU C 487 14.16 -8.31 8.23
N ASP C 488 13.09 -9.12 8.30
CA ASP C 488 13.21 -10.52 8.64
C ASP C 488 14.11 -11.23 7.64
N GLN C 489 13.85 -10.99 6.35
CA GLN C 489 14.62 -11.61 5.28
C GLN C 489 16.07 -11.16 5.34
N MET C 490 16.30 -9.88 5.70
CA MET C 490 17.64 -9.34 5.79
C MET C 490 18.43 -10.05 6.89
N GLU C 491 17.79 -10.27 8.05
CA GLU C 491 18.41 -11.06 9.12
C GLU C 491 18.74 -12.45 8.61
N GLN C 492 17.76 -13.07 7.94
CA GLN C 492 17.86 -14.43 7.44
C GLN C 492 19.08 -14.57 6.53
N VAL C 493 19.25 -13.63 5.59
CA VAL C 493 20.29 -13.73 4.58
C VAL C 493 21.63 -13.28 5.18
N ALA C 494 21.63 -12.17 5.94
CA ALA C 494 22.84 -11.66 6.54
C ALA C 494 23.46 -12.71 7.47
N SER C 495 22.62 -13.50 8.14
CA SER C 495 23.07 -14.55 9.05
C SER C 495 23.99 -15.56 8.35
N GLN C 496 23.77 -15.78 7.05
CA GLN C 496 24.44 -16.85 6.32
C GLN C 496 25.62 -16.32 5.49
N ALA C 497 25.79 -15.00 5.44
CA ALA C 497 26.64 -14.36 4.44
C ALA C 497 28.10 -14.33 4.90
N SER C 498 29.01 -14.52 3.94
CA SER C 498 30.43 -14.27 4.14
C SER C 498 30.67 -12.75 4.19
N VAL C 499 29.89 -12.02 3.39
CA VAL C 499 29.94 -10.57 3.34
C VAL C 499 28.54 -10.05 3.04
N SER C 500 28.19 -8.93 3.68
CA SER C 500 26.91 -8.26 3.48
C SER C 500 27.18 -6.85 2.94
N ILE C 501 26.61 -6.54 1.78
CA ILE C 501 26.82 -5.25 1.14
C ILE C 501 25.50 -4.48 1.19
N VAL C 502 25.47 -3.41 2.00
CA VAL C 502 24.24 -2.68 2.29
C VAL C 502 24.24 -1.36 1.52
N PHE C 503 23.09 -1.04 0.91
CA PHE C 503 22.92 0.14 0.09
C PHE C 503 21.88 1.07 0.71
N VAL C 504 22.27 2.33 0.95
CA VAL C 504 21.40 3.36 1.49
C VAL C 504 21.59 4.63 0.66
N ASN C 505 20.58 5.51 0.67
CA ASN C 505 20.66 6.73 -0.11
C ASN C 505 19.97 7.89 0.60
N ALA C 506 20.20 9.09 0.06
CA ALA C 506 19.48 10.30 0.42
C ALA C 506 19.45 11.22 -0.79
N ASP C 507 18.27 11.79 -1.07
CA ASP C 507 18.01 12.48 -2.32
C ASP C 507 17.61 13.93 -2.03
N SER C 508 17.69 14.76 -3.08
CA SER C 508 17.25 16.15 -3.03
C SER C 508 17.21 16.68 -4.47
N GLY C 509 16.71 17.90 -4.64
CA GLY C 509 16.72 18.50 -5.97
C GLY C 509 16.15 19.91 -6.00
N GLU C 510 15.69 20.31 -7.20
CA GLU C 510 15.17 21.64 -7.46
C GLU C 510 13.80 21.79 -6.80
N GLY C 511 13.47 23.04 -6.44
CA GLY C 511 12.38 23.34 -5.52
C GLY C 511 10.99 23.04 -6.08
N TYR C 512 10.85 22.94 -7.40
CA TYR C 512 9.54 22.76 -8.01
C TYR C 512 9.06 21.31 -7.85
N ILE C 513 9.93 20.41 -7.34
CA ILE C 513 9.54 19.04 -7.06
C ILE C 513 9.65 18.80 -5.55
N ASN C 514 8.57 18.23 -4.99
CA ASN C 514 8.51 17.85 -3.58
C ASN C 514 8.41 16.33 -3.49
N VAL C 515 9.43 15.69 -2.92
CA VAL C 515 9.41 14.26 -2.68
C VAL C 515 9.42 14.02 -1.16
N ASP C 516 8.32 13.44 -0.66
CA ASP C 516 8.21 13.04 0.75
C ASP C 516 8.50 14.22 1.67
N GLY C 517 7.96 15.40 1.33
CA GLY C 517 8.06 16.57 2.19
C GLY C 517 9.41 17.28 2.08
N ASN C 518 10.24 16.87 1.12
CA ASN C 518 11.49 17.56 0.80
C ASN C 518 11.23 18.49 -0.39
N GLU C 519 11.04 19.77 -0.09
CA GLU C 519 10.69 20.76 -1.10
C GLU C 519 11.98 21.24 -1.75
N GLY C 520 12.59 20.37 -2.56
CA GLY C 520 13.92 20.59 -3.09
C GLY C 520 14.98 20.37 -2.01
N ASP C 521 15.05 21.33 -1.08
CA ASP C 521 15.90 21.22 0.10
C ASP C 521 15.50 19.99 0.91
N ARG C 522 16.48 19.40 1.59
CA ARG C 522 16.25 18.24 2.45
C ARG C 522 15.69 18.70 3.78
N LYS C 523 14.68 17.99 4.28
CA LYS C 523 14.01 18.35 5.53
C LYS C 523 14.82 17.83 6.72
N ASN C 524 15.77 16.92 6.44
CA ASN C 524 16.69 16.42 7.44
C ASN C 524 17.90 15.79 6.75
N LEU C 525 18.85 15.30 7.55
CA LEU C 525 20.04 14.63 7.05
C LEU C 525 19.99 13.14 7.38
N THR C 526 18.79 12.55 7.35
CA THR C 526 18.63 11.13 7.61
C THR C 526 18.73 10.38 6.28
N LEU C 527 19.16 9.11 6.37
CA LEU C 527 19.05 8.18 5.25
C LEU C 527 17.57 7.95 4.95
N TRP C 528 17.24 7.86 3.66
CA TRP C 528 15.87 7.71 3.22
C TRP C 528 15.41 6.25 3.38
N LYS C 529 14.09 6.09 3.55
CA LYS C 529 13.41 4.81 3.50
C LYS C 529 13.95 3.83 4.55
N GLY C 530 14.25 4.36 5.75
CA GLY C 530 14.68 3.54 6.86
C GLY C 530 16.03 2.87 6.62
N GLY C 531 16.91 3.56 5.88
CA GLY C 531 18.23 3.04 5.55
C GLY C 531 19.02 2.68 6.81
N GLU C 532 18.89 3.51 7.86
CA GLU C 532 19.60 3.30 9.11
C GLU C 532 19.22 1.97 9.74
N GLU C 533 17.92 1.62 9.67
CA GLU C 533 17.44 0.37 10.25
C GLU C 533 17.91 -0.82 9.42
N VAL C 534 18.09 -0.64 8.11
CA VAL C 534 18.67 -1.66 7.26
C VAL C 534 20.09 -1.96 7.75
N ILE C 535 20.88 -0.90 7.94
CA ILE C 535 22.28 -1.05 8.35
C ILE C 535 22.35 -1.79 9.68
N LYS C 536 21.57 -1.33 10.66
CA LYS C 536 21.61 -1.88 12.01
C LYS C 536 21.20 -3.36 11.99
N THR C 537 20.17 -3.69 11.20
CA THR C 537 19.67 -5.06 11.15
C THR C 537 20.73 -5.99 10.56
N VAL C 538 21.34 -5.58 9.44
CA VAL C 538 22.33 -6.40 8.77
C VAL C 538 23.55 -6.56 9.67
N ALA C 539 24.02 -5.44 10.26
CA ALA C 539 25.21 -5.44 11.08
C ALA C 539 25.07 -6.32 12.32
N ALA C 540 23.83 -6.42 12.83
CA ALA C 540 23.56 -7.25 13.99
C ALA C 540 23.66 -8.75 13.67
N ASN C 541 23.60 -9.11 12.39
CA ASN C 541 23.58 -10.50 11.98
C ASN C 541 24.80 -10.90 11.15
N CYS C 542 25.63 -9.92 10.78
CA CYS C 542 26.82 -10.15 9.96
C CYS C 542 27.95 -9.25 10.42
N ASN C 543 29.10 -9.86 10.75
CA ASN C 543 30.23 -9.11 11.29
C ASN C 543 31.18 -8.68 10.17
N ASN C 544 30.72 -8.81 8.91
CA ASN C 544 31.48 -8.32 7.77
C ASN C 544 30.51 -7.57 6.85
N THR C 545 29.99 -6.45 7.36
CA THR C 545 29.01 -5.62 6.66
C THR C 545 29.71 -4.44 6.00
N ILE C 546 29.48 -4.28 4.69
CA ILE C 546 29.98 -3.16 3.91
C ILE C 546 28.81 -2.21 3.66
N VAL C 547 28.99 -0.90 3.91
CA VAL C 547 27.92 0.06 3.67
C VAL C 547 28.31 0.96 2.50
N VAL C 548 27.41 1.07 1.52
CA VAL C 548 27.58 1.91 0.35
C VAL C 548 26.52 3.00 0.39
N MET C 549 26.97 4.27 0.40
CA MET C 549 26.07 5.40 0.50
C MET C 549 26.00 6.14 -0.84
N HIS C 550 24.80 6.19 -1.43
CA HIS C 550 24.52 7.04 -2.58
C HIS C 550 23.74 8.26 -2.11
N THR C 551 24.45 9.35 -1.76
CA THR C 551 23.80 10.52 -1.20
C THR C 551 24.20 11.77 -1.97
N VAL C 552 23.25 12.72 -2.05
CA VAL C 552 23.44 14.01 -2.71
C VAL C 552 24.38 14.88 -1.89
N GLY C 553 24.51 14.56 -0.60
CA GLY C 553 25.37 15.30 0.31
C GLY C 553 25.55 14.50 1.60
N PRO C 554 26.04 15.11 2.70
CA PRO C 554 26.24 14.38 3.95
C PRO C 554 24.92 13.94 4.58
N VAL C 555 24.99 12.82 5.31
CA VAL C 555 23.91 12.37 6.17
C VAL C 555 24.53 12.10 7.56
N LEU C 556 23.67 11.97 8.58
CA LEU C 556 24.15 11.75 9.94
C LEU C 556 24.35 10.25 10.15
N ILE C 557 25.58 9.86 10.46
CA ILE C 557 25.97 8.46 10.49
C ILE C 557 26.50 8.07 11.88
N ASP C 558 26.33 8.97 12.86
CA ASP C 558 26.95 8.83 14.17
C ASP C 558 26.55 7.52 14.83
N GLU C 559 25.31 7.05 14.56
CA GLU C 559 24.76 5.92 15.28
C GLU C 559 25.29 4.57 14.75
N TRP C 560 25.98 4.55 13.61
CA TRP C 560 26.37 3.26 13.03
C TRP C 560 27.77 3.22 12.42
N TYR C 561 28.44 4.37 12.20
CA TYR C 561 29.70 4.36 11.48
C TYR C 561 30.78 3.62 12.29
N ASP C 562 30.65 3.65 13.62
CA ASP C 562 31.66 3.11 14.52
C ASP C 562 31.28 1.69 14.97
N ASN C 563 30.22 1.12 14.38
CA ASN C 563 29.81 -0.24 14.66
C ASN C 563 30.90 -1.20 14.19
N PRO C 564 31.46 -2.06 15.08
CA PRO C 564 32.55 -2.95 14.68
C PRO C 564 32.18 -4.00 13.63
N ASN C 565 30.87 -4.26 13.47
CA ASN C 565 30.39 -5.21 12.47
C ASN C 565 30.41 -4.57 11.08
N VAL C 566 30.50 -3.24 11.02
CA VAL C 566 30.63 -2.52 9.76
C VAL C 566 32.11 -2.42 9.42
N THR C 567 32.58 -3.30 8.50
CA THR C 567 34.00 -3.45 8.23
C THR C 567 34.47 -2.49 7.15
N ALA C 568 33.53 -1.85 6.43
CA ALA C 568 33.90 -0.81 5.47
C ALA C 568 32.70 0.07 5.13
N ILE C 569 32.99 1.33 4.77
CA ILE C 569 32.01 2.32 4.39
C ILE C 569 32.53 3.07 3.18
N VAL C 570 31.70 3.20 2.13
CA VAL C 570 32.04 4.01 0.98
C VAL C 570 30.89 4.98 0.70
N TRP C 571 31.25 6.18 0.23
CA TRP C 571 30.31 7.09 -0.42
C TRP C 571 30.53 7.01 -1.92
N ALA C 572 29.43 6.80 -2.68
CA ALA C 572 29.51 6.63 -4.12
C ALA C 572 28.77 7.75 -4.84
N GLY C 573 27.99 8.55 -4.11
CA GLY C 573 27.27 9.69 -4.67
C GLY C 573 26.24 9.28 -5.73
N LEU C 574 26.23 10.03 -6.84
CA LEU C 574 25.25 9.90 -7.91
C LEU C 574 25.99 9.51 -9.19
N PRO C 575 26.29 8.21 -9.43
CA PRO C 575 27.25 7.81 -10.46
C PRO C 575 26.79 7.74 -11.91
N GLY C 576 25.52 8.07 -12.17
CA GLY C 576 24.99 7.99 -13.53
C GLY C 576 24.81 6.53 -13.98
N GLN C 577 24.83 6.32 -15.31
CA GLN C 577 24.29 5.12 -15.92
C GLN C 577 25.09 3.86 -15.60
N GLU C 578 26.37 4.01 -15.24
CA GLU C 578 27.25 2.86 -15.03
C GLU C 578 27.41 2.52 -13.55
N SER C 579 26.52 3.05 -12.71
CA SER C 579 26.66 3.01 -11.25
C SER C 579 27.17 1.67 -10.75
N GLY C 580 26.47 0.59 -11.09
CA GLY C 580 26.78 -0.73 -10.56
C GLY C 580 28.20 -1.18 -10.95
N ASN C 581 28.56 -0.92 -12.20
CA ASN C 581 29.84 -1.37 -12.75
C ASN C 581 30.99 -0.56 -12.16
N SER C 582 30.82 0.76 -12.07
CA SER C 582 31.85 1.62 -11.51
C SER C 582 32.11 1.23 -10.06
N LEU C 583 31.05 0.83 -9.34
CA LEU C 583 31.15 0.47 -7.94
C LEU C 583 31.93 -0.83 -7.77
N VAL C 584 31.55 -1.88 -8.50
CA VAL C 584 32.14 -3.19 -8.30
C VAL C 584 33.62 -3.15 -8.72
N ASP C 585 33.97 -2.28 -9.66
CA ASP C 585 35.36 -2.09 -10.05
C ASP C 585 36.21 -1.74 -8.82
N VAL C 586 35.64 -0.93 -7.90
CA VAL C 586 36.35 -0.53 -6.69
C VAL C 586 36.21 -1.62 -5.63
N LEU C 587 34.99 -2.11 -5.40
CA LEU C 587 34.71 -3.07 -4.35
C LEU C 587 35.57 -4.33 -4.53
N TYR C 588 35.79 -4.76 -5.79
CA TYR C 588 36.46 -6.02 -6.07
C TYR C 588 37.92 -5.79 -6.51
N GLY C 589 38.43 -4.58 -6.33
CA GLY C 589 39.87 -4.35 -6.27
C GLY C 589 40.53 -4.07 -7.62
N ARG C 590 39.74 -3.89 -8.68
CA ARG C 590 40.29 -3.55 -9.98
C ARG C 590 40.80 -2.11 -9.95
N VAL C 591 40.10 -1.26 -9.20
CA VAL C 591 40.49 0.13 -8.98
C VAL C 591 40.57 0.35 -7.47
N SER C 592 41.74 0.80 -6.98
CA SER C 592 41.84 1.25 -5.60
C SER C 592 41.04 2.55 -5.45
N PRO C 593 40.17 2.69 -4.42
CA PRO C 593 39.47 3.94 -4.20
C PRO C 593 40.48 5.04 -3.91
N GLY C 594 40.32 6.19 -4.58
CA GLY C 594 41.20 7.33 -4.38
C GLY C 594 40.46 8.64 -4.20
N GLY C 595 39.12 8.59 -4.11
CA GLY C 595 38.32 9.79 -3.92
C GLY C 595 38.51 10.35 -2.51
N LYS C 596 38.24 11.65 -2.36
CA LYS C 596 38.22 12.30 -1.06
C LYS C 596 36.89 13.03 -0.93
N THR C 597 36.29 12.98 0.26
CA THR C 597 34.99 13.61 0.48
C THR C 597 35.12 15.11 0.22
N PRO C 598 34.29 15.69 -0.69
CA PRO C 598 34.33 17.12 -0.97
C PRO C 598 33.47 18.00 -0.05
N PHE C 599 32.95 17.39 1.02
CA PHE C 599 32.24 18.09 2.07
C PHE C 599 32.50 17.37 3.39
N THR C 600 32.08 17.98 4.51
CA THR C 600 32.34 17.44 5.84
C THR C 600 31.20 16.51 6.25
N TRP C 601 31.55 15.45 6.99
CA TRP C 601 30.58 14.60 7.66
C TRP C 601 30.62 14.90 9.16
N GLY C 602 29.59 15.61 9.64
CA GLY C 602 29.52 16.05 11.03
C GLY C 602 28.70 15.09 11.89
N LYS C 603 28.83 15.24 13.22
CA LYS C 603 28.09 14.43 14.17
C LYS C 603 26.60 14.81 14.13
N THR C 604 26.31 16.12 14.03
CA THR C 604 24.94 16.61 14.05
C THR C 604 24.73 17.62 12.93
N ARG C 605 23.46 17.96 12.68
CA ARG C 605 23.10 19.04 11.78
C ARG C 605 23.62 20.37 12.33
N GLU C 606 23.61 20.50 13.67
CA GLU C 606 24.02 21.72 14.34
C GLU C 606 25.52 21.96 14.11
N SER C 607 26.27 20.88 13.88
CA SER C 607 27.70 20.94 13.58
C SER C 607 28.00 21.86 12.41
N TYR C 608 27.09 21.90 11.42
CA TYR C 608 27.32 22.63 10.19
C TYR C 608 26.98 24.11 10.34
N GLY C 609 26.27 24.46 11.42
CA GLY C 609 25.86 25.83 11.67
C GLY C 609 24.34 25.96 11.65
N ALA C 610 23.87 27.14 11.24
CA ALA C 610 22.46 27.51 11.37
C ALA C 610 21.63 26.77 10.32
N PRO C 611 20.33 26.51 10.61
CA PRO C 611 19.47 25.80 9.67
C PRO C 611 19.12 26.63 8.44
N LEU C 612 18.55 25.96 7.44
CA LEU C 612 17.89 26.62 6.32
C LEU C 612 16.84 27.59 6.86
N LEU C 613 16.67 28.71 6.15
CA LEU C 613 15.54 29.59 6.37
C LEU C 613 14.33 29.00 5.64
N THR C 614 13.37 28.46 6.40
CA THR C 614 12.25 27.73 5.82
C THR C 614 10.91 28.30 6.28
N LYS C 615 10.92 29.42 7.02
CA LYS C 615 9.68 30.16 7.22
C LYS C 615 9.94 31.65 6.99
N PRO C 616 9.05 32.35 6.25
CA PRO C 616 9.23 33.77 5.96
C PRO C 616 9.41 34.62 7.22
N ASN C 617 10.27 35.65 7.12
CA ASN C 617 10.66 36.47 8.27
C ASN C 617 10.54 37.95 7.93
N ASN C 618 9.79 38.28 6.88
CA ASN C 618 9.62 39.66 6.44
C ASN C 618 8.18 39.84 5.96
N GLY C 619 7.24 39.27 6.73
CA GLY C 619 5.83 39.22 6.38
C GLY C 619 5.62 38.63 4.99
N LYS C 620 5.00 39.43 4.12
CA LYS C 620 4.62 39.03 2.77
C LYS C 620 5.71 39.40 1.77
N GLY C 621 6.73 40.12 2.24
CA GLY C 621 7.81 40.58 1.38
C GLY C 621 8.93 39.55 1.29
N ALA C 622 10.04 39.96 0.65
CA ALA C 622 11.19 39.11 0.43
C ALA C 622 11.74 38.61 1.77
N PRO C 623 11.77 37.27 2.03
CA PRO C 623 12.50 36.73 3.17
C PRO C 623 13.97 37.19 3.16
N GLN C 624 14.51 37.43 4.35
CA GLN C 624 15.84 37.97 4.51
C GLN C 624 16.76 36.86 5.03
N ASP C 625 17.71 36.45 4.18
CA ASP C 625 18.62 35.36 4.47
C ASP C 625 20.02 35.92 4.65
N ASP C 626 20.39 36.18 5.91
CA ASP C 626 21.65 36.83 6.25
C ASP C 626 22.77 35.80 6.32
N PHE C 627 23.84 36.02 5.53
CA PHE C 627 24.99 35.14 5.50
C PHE C 627 25.98 35.60 6.57
N THR C 628 25.56 35.48 7.84
CA THR C 628 26.28 36.06 8.96
C THR C 628 27.55 35.26 9.26
N GLU C 629 27.57 33.98 8.88
CA GLU C 629 28.72 33.11 9.13
C GLU C 629 29.91 33.50 8.24
N GLY C 630 29.66 34.29 7.18
CA GLY C 630 30.73 34.74 6.32
C GLY C 630 31.35 33.57 5.55
N VAL C 631 32.68 33.46 5.60
CA VAL C 631 33.41 32.45 4.84
C VAL C 631 33.37 31.11 5.56
N PHE C 632 32.80 31.07 6.78
CA PHE C 632 32.85 29.86 7.59
C PHE C 632 31.68 28.95 7.26
N ILE C 633 31.79 28.26 6.12
CA ILE C 633 30.89 27.16 5.76
C ILE C 633 31.71 25.88 5.71
N ASP C 634 31.01 24.74 5.87
CA ASP C 634 31.61 23.42 5.85
C ASP C 634 32.81 23.38 6.79
N TYR C 635 33.99 22.95 6.30
CA TYR C 635 35.10 22.61 7.16
C TYR C 635 35.66 23.87 7.85
N ARG C 636 35.50 25.04 7.22
CA ARG C 636 35.92 26.28 7.82
C ARG C 636 35.18 26.49 9.14
N ARG C 637 33.88 26.16 9.15
CA ARG C 637 33.04 26.30 10.33
C ARG C 637 33.49 25.31 11.40
N PHE C 638 33.66 24.04 11.02
CA PHE C 638 34.07 23.00 11.95
C PHE C 638 35.39 23.38 12.63
N ASP C 639 36.34 23.88 11.83
CA ASP C 639 37.66 24.24 12.32
C ASP C 639 37.54 25.40 13.31
N LYS C 640 36.72 26.41 12.97
CA LYS C 640 36.59 27.61 13.79
C LYS C 640 36.06 27.26 15.18
N TYR C 641 35.05 26.39 15.26
CA TYR C 641 34.39 26.09 16.53
C TYR C 641 34.97 24.83 17.18
N ASN C 642 36.06 24.29 16.62
CA ASN C 642 36.74 23.15 17.21
C ASN C 642 35.79 21.96 17.32
N GLU C 643 34.96 21.77 16.30
CA GLU C 643 34.14 20.56 16.22
C GLU C 643 34.86 19.54 15.35
N THR C 644 35.05 18.33 15.90
CA THR C 644 35.74 17.26 15.20
C THR C 644 34.76 16.55 14.27
N PRO C 645 34.96 16.59 12.94
CA PRO C 645 34.14 15.80 12.02
C PRO C 645 34.32 14.31 12.27
N ILE C 646 33.30 13.52 11.89
CA ILE C 646 33.47 12.09 11.75
C ILE C 646 34.41 11.85 10.57
N TYR C 647 34.12 12.50 9.44
CA TYR C 647 34.98 12.47 8.27
C TYR C 647 35.17 13.90 7.77
N GLU C 648 36.42 14.37 7.81
CA GLU C 648 36.74 15.76 7.50
C GLU C 648 36.81 15.95 5.99
N PHE C 649 36.60 17.20 5.55
CA PHE C 649 36.79 17.59 4.16
C PHE C 649 38.18 17.15 3.72
N GLY C 650 38.25 16.50 2.56
CA GLY C 650 39.51 16.09 1.96
C GLY C 650 39.97 14.70 2.42
N PHE C 651 39.14 14.02 3.23
CA PHE C 651 39.51 12.72 3.77
C PHE C 651 39.04 11.61 2.84
N GLY C 652 39.89 10.58 2.73
CA GLY C 652 39.56 9.35 2.01
C GLY C 652 40.68 8.33 2.19
N LEU C 653 40.31 7.05 2.29
CA LEU C 653 41.27 5.97 2.47
C LEU C 653 41.61 5.37 1.11
N SER C 654 42.59 4.46 1.12
CA SER C 654 43.04 3.74 -0.06
C SER C 654 43.31 2.28 0.30
N TYR C 655 43.51 1.43 -0.71
CA TYR C 655 43.93 0.06 -0.48
C TYR C 655 45.44 0.01 -0.27
N THR C 656 46.12 1.16 -0.34
CA THR C 656 47.53 1.25 -0.01
C THR C 656 47.74 2.41 0.95
N THR C 657 49.00 2.68 1.32
CA THR C 657 49.35 3.78 2.20
C THR C 657 50.32 4.72 1.49
N PHE C 658 50.34 5.98 1.97
CA PHE C 658 51.20 7.01 1.41
C PHE C 658 51.93 7.76 2.53
N GLU C 659 53.15 8.19 2.23
CA GLU C 659 53.99 8.92 3.18
C GLU C 659 54.37 10.26 2.57
N TYR C 660 54.32 11.31 3.40
CA TYR C 660 54.66 12.67 3.01
C TYR C 660 55.98 13.06 3.66
N SER C 661 56.85 13.76 2.91
CA SER C 661 58.12 14.19 3.48
C SER C 661 58.69 15.39 2.72
N ASP C 662 59.53 16.15 3.43
CA ASP C 662 60.49 17.08 2.85
C ASP C 662 59.78 18.20 2.10
N ILE C 663 59.06 19.04 2.84
CA ILE C 663 58.44 20.23 2.27
C ILE C 663 59.51 21.28 2.02
N TYR C 664 59.34 22.07 0.95
CA TYR C 664 60.21 23.21 0.68
C TYR C 664 59.38 24.36 0.14
N VAL C 665 59.66 25.58 0.64
CA VAL C 665 59.03 26.79 0.16
C VAL C 665 60.09 27.66 -0.50
N GLN C 666 59.87 27.93 -1.80
CA GLN C 666 60.74 28.79 -2.58
C GLN C 666 60.04 30.13 -2.80
N PRO C 667 60.49 31.23 -2.16
CA PRO C 667 60.01 32.58 -2.50
C PRO C 667 60.40 32.93 -3.94
N LEU C 668 59.47 33.52 -4.69
CA LEU C 668 59.68 33.78 -6.11
C LEU C 668 59.94 35.27 -6.37
N ASN C 669 59.87 36.09 -5.33
CA ASN C 669 60.20 37.51 -5.43
C ASN C 669 59.44 38.14 -6.60
N ALA C 670 58.11 38.00 -6.56
CA ALA C 670 57.22 38.56 -7.57
C ALA C 670 57.29 40.08 -7.58
N ARG C 671 57.02 40.66 -8.77
CA ARG C 671 56.87 42.10 -8.94
C ARG C 671 55.83 42.64 -7.96
N PRO C 672 55.90 43.93 -7.54
CA PRO C 672 54.87 44.52 -6.69
C PRO C 672 53.53 44.57 -7.41
N TYR C 673 52.44 44.35 -6.66
CA TYR C 673 51.10 44.38 -7.21
C TYR C 673 50.73 45.81 -7.59
N THR C 674 50.29 45.98 -8.83
CA THR C 674 49.85 47.28 -9.34
C THR C 674 48.33 47.26 -9.50
N PRO C 675 47.58 48.19 -8.86
CA PRO C 675 46.16 48.34 -9.17
C PRO C 675 45.98 48.79 -10.62
N ALA C 676 44.93 48.31 -11.27
CA ALA C 676 44.65 48.67 -12.65
C ALA C 676 44.33 50.16 -12.73
N SER C 677 44.64 50.76 -13.89
CA SER C 677 44.34 52.17 -14.13
C SER C 677 44.08 52.40 -15.61
N GLY C 678 43.84 53.66 -15.99
CA GLY C 678 43.44 53.98 -17.35
C GLY C 678 41.92 53.87 -17.48
N SER C 679 41.43 53.97 -18.73
CA SER C 679 40.00 54.00 -18.99
C SER C 679 39.65 53.02 -20.10
N THR C 680 38.35 52.69 -20.18
CA THR C 680 37.79 51.96 -21.30
C THR C 680 37.83 52.87 -22.52
N LYS C 681 37.50 52.32 -23.69
CA LYS C 681 37.15 53.13 -24.84
C LYS C 681 35.72 53.62 -24.64
N ALA C 682 35.25 54.50 -25.54
CA ALA C 682 33.86 54.90 -25.54
C ALA C 682 33.00 53.77 -26.09
N ALA C 683 31.75 53.68 -25.61
CA ALA C 683 30.85 52.60 -26.00
C ALA C 683 30.56 52.68 -27.50
N PRO C 684 30.92 51.64 -28.28
CA PRO C 684 30.69 51.67 -29.73
C PRO C 684 29.25 51.34 -30.13
N THR C 685 28.82 51.89 -31.27
CA THR C 685 27.60 51.46 -31.94
C THR C 685 28.01 50.79 -33.26
N PHE C 686 27.28 49.73 -33.64
CA PHE C 686 27.56 49.01 -34.87
C PHE C 686 26.34 49.13 -35.79
N PRO C 736 18.19 55.93 -13.77
CA PRO C 736 19.22 56.01 -12.74
C PRO C 736 20.52 56.59 -13.30
N SER C 737 21.28 57.23 -12.42
CA SER C 737 22.44 58.03 -12.82
C SER C 737 23.54 57.14 -13.42
N GLY C 738 23.97 57.50 -14.63
CA GLY C 738 25.09 56.84 -15.30
C GLY C 738 24.65 55.73 -16.24
N ALA C 739 23.34 55.45 -16.29
CA ALA C 739 22.82 54.28 -16.97
C ALA C 739 22.94 54.41 -18.49
N THR C 740 22.98 55.66 -18.99
CA THR C 740 23.08 55.90 -20.42
C THR C 740 24.43 56.54 -20.76
N ASP C 741 25.40 56.47 -19.84
CA ASP C 741 26.70 57.08 -20.04
C ASP C 741 27.58 56.15 -20.88
N GLY C 742 27.84 56.56 -22.13
CA GLY C 742 28.65 55.78 -23.05
C GLY C 742 30.09 56.30 -23.15
N SER C 743 30.46 57.21 -22.25
CA SER C 743 31.80 57.80 -22.27
C SER C 743 32.81 56.83 -21.68
N PRO C 744 34.11 56.96 -22.00
CA PRO C 744 35.16 56.17 -21.35
C PRO C 744 35.03 56.12 -19.83
N GLN C 745 35.20 54.92 -19.27
CA GLN C 745 35.03 54.69 -17.84
C GLN C 745 36.36 54.26 -17.23
N PRO C 746 36.64 54.60 -15.95
CA PRO C 746 37.85 54.12 -15.28
C PRO C 746 37.78 52.63 -14.97
N ILE C 747 38.91 51.94 -15.17
CA ILE C 747 39.06 50.54 -14.79
C ILE C 747 39.13 50.48 -13.27
N LEU C 748 38.44 49.49 -12.67
CA LEU C 748 38.47 49.29 -11.23
C LEU C 748 39.85 48.76 -10.83
N PRO C 749 40.36 49.11 -9.63
CA PRO C 749 41.69 48.66 -9.20
C PRO C 749 41.91 47.15 -9.23
N ALA C 750 40.84 46.37 -9.02
CA ALA C 750 40.92 44.92 -9.03
C ALA C 750 40.52 44.34 -10.39
N GLY C 751 40.20 45.22 -11.36
CA GLY C 751 39.80 44.80 -12.68
C GLY C 751 40.99 44.77 -13.64
N GLY C 752 40.72 44.69 -14.95
CA GLY C 752 41.74 44.88 -15.96
C GLY C 752 41.85 43.71 -16.93
N ALA C 753 41.39 42.52 -16.52
CA ALA C 753 41.41 41.36 -17.39
C ALA C 753 40.36 40.34 -16.91
N PRO C 754 39.91 39.42 -17.81
CA PRO C 754 38.99 38.36 -17.40
C PRO C 754 39.52 37.58 -16.20
N GLY C 755 38.75 37.60 -15.11
CA GLY C 755 39.12 36.92 -13.87
C GLY C 755 39.73 37.88 -12.86
N GLY C 756 39.98 39.13 -13.27
CA GLY C 756 40.52 40.16 -12.38
C GLY C 756 41.90 40.62 -12.83
N ASN C 757 42.37 41.71 -12.18
CA ASN C 757 43.71 42.24 -12.37
C ASN C 757 44.72 41.12 -12.59
N PRO C 758 45.46 41.09 -13.72
CA PRO C 758 46.41 40.02 -14.01
C PRO C 758 47.43 39.78 -12.91
N GLY C 759 47.77 40.85 -12.18
CA GLY C 759 48.71 40.79 -11.07
C GLY C 759 48.28 39.79 -9.99
N LEU C 760 46.97 39.51 -9.89
CA LEU C 760 46.45 38.57 -8.91
C LEU C 760 46.98 37.16 -9.14
N TYR C 761 47.41 36.86 -10.37
CA TYR C 761 47.79 35.50 -10.74
C TYR C 761 49.30 35.34 -10.86
N ASP C 762 50.06 36.34 -10.40
CA ASP C 762 51.51 36.21 -10.28
C ASP C 762 51.83 35.15 -9.24
N GLU C 763 52.84 34.32 -9.54
CA GLU C 763 53.25 33.25 -8.64
C GLU C 763 54.17 33.85 -7.57
N MET C 764 53.84 33.59 -6.30
CA MET C 764 54.51 34.21 -5.17
C MET C 764 55.47 33.24 -4.50
N TYR C 765 55.04 31.97 -4.38
CA TYR C 765 55.84 30.92 -3.77
C TYR C 765 55.70 29.64 -4.60
N ARG C 766 56.78 28.86 -4.65
CA ARG C 766 56.72 27.50 -5.17
C ARG C 766 56.91 26.55 -4.01
N VAL C 767 55.95 25.62 -3.84
CA VAL C 767 55.93 24.73 -2.69
C VAL C 767 55.95 23.29 -3.20
N SER C 768 56.82 22.46 -2.60
CA SER C 768 57.02 21.11 -3.07
C SER C 768 57.24 20.15 -1.91
N ALA C 769 56.84 18.89 -2.11
CA ALA C 769 57.03 17.82 -1.14
C ALA C 769 57.10 16.48 -1.87
N ILE C 770 57.60 15.46 -1.16
CA ILE C 770 57.72 14.12 -1.72
C ILE C 770 56.57 13.26 -1.19
N ILE C 771 55.84 12.62 -2.13
CA ILE C 771 54.83 11.62 -1.79
C ILE C 771 55.37 10.26 -2.20
N THR C 772 55.20 9.25 -1.32
CA THR C 772 55.62 7.89 -1.62
C THR C 772 54.47 6.94 -1.32
N ASN C 773 54.31 5.92 -2.18
CA ASN C 773 53.43 4.79 -1.92
C ASN C 773 54.20 3.77 -1.09
N THR C 774 53.77 3.56 0.16
CA THR C 774 54.50 2.70 1.10
C THR C 774 53.80 1.36 1.30
N GLY C 775 52.72 1.11 0.54
CA GLY C 775 51.96 -0.13 0.65
C GLY C 775 52.26 -1.09 -0.49
N ASN C 776 51.32 -1.99 -0.78
CA ASN C 776 51.59 -3.17 -1.59
C ASN C 776 50.76 -3.21 -2.88
N VAL C 777 49.94 -2.19 -3.13
CA VAL C 777 49.21 -2.11 -4.38
C VAL C 777 49.29 -0.68 -4.92
N VAL C 778 49.12 -0.54 -6.24
CA VAL C 778 49.02 0.76 -6.87
C VAL C 778 47.74 1.44 -6.38
N GLY C 779 47.81 2.76 -6.24
CA GLY C 779 46.65 3.55 -5.86
C GLY C 779 46.88 5.05 -6.08
N ASP C 780 45.77 5.80 -6.05
CA ASP C 780 45.81 7.24 -6.22
C ASP C 780 45.83 7.91 -4.84
N GLU C 781 46.63 8.97 -4.73
CA GLU C 781 46.57 9.89 -3.61
C GLU C 781 46.14 11.26 -4.11
N VAL C 782 45.45 12.01 -3.23
CA VAL C 782 45.09 13.38 -3.50
C VAL C 782 45.81 14.27 -2.47
N PRO C 783 47.08 14.65 -2.72
CA PRO C 783 47.76 15.63 -1.87
C PRO C 783 47.03 16.97 -1.94
N GLN C 784 46.99 17.67 -0.81
CA GLN C 784 46.25 18.92 -0.69
C GLN C 784 47.15 19.97 -0.06
N LEU C 785 47.15 21.18 -0.62
CA LEU C 785 47.90 22.30 -0.07
C LEU C 785 46.91 23.26 0.56
N TYR C 786 47.11 23.55 1.86
CA TYR C 786 46.27 24.47 2.61
C TYR C 786 47.11 25.67 3.04
N VAL C 787 46.44 26.80 3.23
CA VAL C 787 47.11 28.03 3.64
C VAL C 787 46.37 28.62 4.84
N SER C 788 47.15 29.00 5.85
CA SER C 788 46.68 29.80 6.98
C SER C 788 47.03 31.26 6.71
N LEU C 789 46.01 32.07 6.43
CA LEU C 789 46.19 33.48 6.11
C LEU C 789 46.57 34.27 7.37
N GLY C 790 46.21 33.73 8.55
CA GLY C 790 46.85 34.12 9.80
C GLY C 790 46.09 35.18 10.58
N GLY C 791 45.03 35.76 10.00
CA GLY C 791 44.26 36.80 10.66
C GLY C 791 43.27 36.21 11.66
N PRO C 792 42.72 37.02 12.61
CA PRO C 792 41.78 36.50 13.60
C PRO C 792 40.43 36.09 13.00
N ASP C 793 40.09 36.67 11.85
CA ASP C 793 38.83 36.38 11.17
C ASP C 793 39.07 35.47 9.96
N ASP C 794 40.30 34.96 9.79
CA ASP C 794 40.60 34.02 8.73
C ASP C 794 40.35 32.60 9.21
N PRO C 795 39.90 31.68 8.33
CA PRO C 795 39.82 30.25 8.67
C PRO C 795 41.21 29.72 9.02
N LYS C 796 41.27 28.73 9.92
CA LYS C 796 42.53 28.13 10.31
C LYS C 796 43.31 27.69 9.07
N VAL C 797 42.60 27.02 8.14
CA VAL C 797 43.18 26.60 6.88
C VAL C 797 42.14 26.79 5.77
N VAL C 798 42.63 27.14 4.58
CA VAL C 798 41.81 27.14 3.38
C VAL C 798 42.58 26.39 2.29
N LEU C 799 41.86 25.55 1.54
CA LEU C 799 42.46 24.82 0.43
C LEU C 799 42.91 25.82 -0.63
N ARG C 800 44.07 25.57 -1.24
CA ARG C 800 44.56 26.42 -2.32
C ARG C 800 45.02 25.59 -3.51
N ASN C 801 45.52 24.37 -3.28
CA ASN C 801 45.88 23.49 -4.38
C ASN C 801 45.71 22.01 -4.03
N PHE C 802 45.67 21.19 -5.09
CA PHE C 802 45.50 19.76 -5.00
C PHE C 802 45.82 19.13 -6.35
N ASP C 803 46.11 17.82 -6.33
CA ASP C 803 46.19 17.01 -7.53
C ASP C 803 45.81 15.58 -7.18
N ARG C 804 45.58 14.76 -8.21
CA ARG C 804 45.40 13.33 -8.03
C ARG C 804 46.51 12.61 -8.79
N ILE C 805 47.23 11.75 -8.07
CA ILE C 805 48.46 11.15 -8.55
C ILE C 805 48.39 9.64 -8.34
N THR C 806 48.71 8.87 -9.39
CA THR C 806 48.84 7.42 -9.30
C THR C 806 50.27 7.08 -8.93
N LEU C 807 50.44 6.22 -7.92
CA LEU C 807 51.75 5.75 -7.49
C LEU C 807 51.72 4.23 -7.31
N HIS C 808 52.65 3.54 -7.98
CA HIS C 808 52.83 2.11 -7.78
C HIS C 808 53.59 1.89 -6.46
N PRO C 809 53.59 0.66 -5.90
CA PRO C 809 54.29 0.39 -4.64
C PRO C 809 55.76 0.78 -4.71
N GLY C 810 56.20 1.62 -3.76
CA GLY C 810 57.57 2.08 -3.69
C GLY C 810 57.86 3.27 -4.59
N GLN C 811 56.87 3.71 -5.38
CA GLN C 811 57.05 4.83 -6.29
C GLN C 811 56.98 6.14 -5.51
N GLN C 812 57.91 7.06 -5.81
CA GLN C 812 57.96 8.38 -5.21
C GLN C 812 57.69 9.43 -6.30
N THR C 813 57.13 10.57 -5.90
CA THR C 813 56.97 11.70 -6.79
C THR C 813 57.22 12.99 -6.05
N MET C 814 57.70 14.01 -6.78
CA MET C 814 57.82 15.36 -6.29
C MET C 814 56.57 16.14 -6.72
N TRP C 815 55.73 16.51 -5.74
CA TRP C 815 54.55 17.31 -6.01
C TRP C 815 54.87 18.79 -5.82
N THR C 816 54.79 19.56 -6.92
CA THR C 816 55.15 20.97 -6.91
C THR C 816 53.98 21.81 -7.42
N THR C 817 53.63 22.86 -6.67
CA THR C 817 52.65 23.83 -7.09
C THR C 817 53.14 25.23 -6.71
N THR C 818 52.44 26.25 -7.21
CA THR C 818 52.73 27.63 -6.87
C THR C 818 51.49 28.26 -6.21
N LEU C 819 51.74 29.20 -5.31
CA LEU C 819 50.70 30.05 -4.75
C LEU C 819 50.68 31.37 -5.50
N THR C 820 49.50 31.79 -5.95
CA THR C 820 49.31 33.08 -6.61
C THR C 820 49.15 34.17 -5.54
N ARG C 821 49.17 35.43 -5.99
CA ARG C 821 48.93 36.55 -5.10
C ARG C 821 47.52 36.45 -4.52
N ARG C 822 46.56 36.08 -5.37
CA ARG C 822 45.18 35.85 -4.97
C ARG C 822 45.13 34.81 -3.85
N ASP C 823 45.94 33.75 -3.97
CA ASP C 823 45.91 32.62 -3.06
C ASP C 823 46.29 33.01 -1.63
N ILE C 824 47.05 34.10 -1.47
CA ILE C 824 47.51 34.52 -0.15
C ILE C 824 46.95 35.89 0.19
N SER C 825 45.90 36.32 -0.52
CA SER C 825 45.33 37.65 -0.34
C SER C 825 44.01 37.58 0.42
N ASN C 826 43.58 38.74 0.93
CA ASN C 826 42.25 38.96 1.46
C ASN C 826 41.61 40.09 0.68
N TRP C 827 40.27 40.07 0.58
CA TRP C 827 39.56 41.17 -0.06
C TRP C 827 39.40 42.33 0.93
N ASP C 828 39.81 43.52 0.51
CA ASP C 828 39.73 44.73 1.31
C ASP C 828 38.63 45.63 0.74
N PRO C 829 37.45 45.72 1.39
CA PRO C 829 36.34 46.53 0.87
C PRO C 829 36.64 48.03 0.70
N ALA C 830 37.49 48.58 1.58
CA ALA C 830 37.79 50.01 1.55
C ALA C 830 38.54 50.37 0.27
N SER C 831 39.60 49.63 -0.04
CA SER C 831 40.42 49.89 -1.20
C SER C 831 39.85 49.21 -2.46
N GLN C 832 38.87 48.32 -2.28
CA GLN C 832 38.26 47.58 -3.38
C GLN C 832 39.33 46.81 -4.13
N ASN C 833 40.14 46.03 -3.41
CA ASN C 833 41.21 45.27 -4.02
C ASN C 833 41.67 44.15 -3.09
N TRP C 834 42.37 43.17 -3.67
CA TRP C 834 42.99 42.09 -2.93
C TRP C 834 44.29 42.58 -2.32
N VAL C 835 44.52 42.23 -1.04
CA VAL C 835 45.67 42.68 -0.28
C VAL C 835 46.28 41.50 0.45
N VAL C 836 47.62 41.43 0.48
CA VAL C 836 48.33 40.49 1.31
C VAL C 836 48.55 41.14 2.68
N THR C 837 47.92 40.58 3.72
CA THR C 837 47.97 41.16 5.05
C THR C 837 49.32 40.83 5.70
N LYS C 838 49.60 41.52 6.81
CA LYS C 838 50.87 41.41 7.50
C LYS C 838 50.86 40.24 8.48
N TYR C 839 49.69 39.62 8.69
CA TYR C 839 49.62 38.42 9.52
C TYR C 839 50.52 37.36 8.90
N PRO C 840 51.28 36.59 9.71
CA PRO C 840 52.17 35.57 9.17
C PRO C 840 51.36 34.42 8.58
N LYS C 841 51.80 33.92 7.42
CA LYS C 841 51.10 32.87 6.70
C LYS C 841 51.90 31.56 6.81
N THR C 842 51.16 30.46 6.96
CA THR C 842 51.74 29.13 6.96
C THR C 842 51.13 28.35 5.81
N VAL C 843 51.94 27.48 5.18
CA VAL C 843 51.46 26.55 4.18
C VAL C 843 51.55 25.15 4.76
N TYR C 844 50.55 24.31 4.42
CA TYR C 844 50.51 22.92 4.83
C TYR C 844 50.35 22.04 3.61
N ILE C 845 50.99 20.86 3.63
CA ILE C 845 50.70 19.80 2.68
C ILE C 845 50.29 18.57 3.47
N GLY C 846 49.15 17.97 3.08
CA GLY C 846 48.63 16.81 3.80
C GLY C 846 47.63 16.02 2.95
N SER C 847 47.02 15.02 3.59
CA SER C 847 46.10 14.09 2.94
C SER C 847 44.64 14.47 3.19
N SER C 848 44.40 15.46 4.08
CA SER C 848 43.07 16.00 4.30
C SER C 848 43.19 17.35 5.01
N SER C 849 42.04 18.00 5.26
CA SER C 849 42.01 19.29 5.93
C SER C 849 42.50 19.19 7.38
N ARG C 850 42.44 17.98 7.96
CA ARG C 850 42.87 17.76 9.34
C ARG C 850 44.20 17.01 9.40
N LYS C 851 44.54 16.23 8.35
CA LYS C 851 45.75 15.44 8.35
C LYS C 851 46.85 16.21 7.61
N LEU C 852 47.38 17.23 8.30
CA LEU C 852 48.32 18.17 7.73
C LEU C 852 49.74 17.73 8.06
N HIS C 853 50.30 16.89 7.19
CA HIS C 853 51.50 16.11 7.51
C HIS C 853 52.73 17.01 7.54
N LEU C 854 52.75 18.04 6.69
CA LEU C 854 53.92 18.90 6.52
C LEU C 854 53.49 20.36 6.59
N GLN C 855 54.38 21.22 7.10
CA GLN C 855 54.13 22.64 7.13
C GLN C 855 55.44 23.43 7.07
N ALA C 856 55.34 24.68 6.62
CA ALA C 856 56.45 25.61 6.61
C ALA C 856 55.91 27.04 6.58
N PRO C 857 56.66 28.04 7.08
CA PRO C 857 56.25 29.44 6.96
C PRO C 857 56.31 29.88 5.50
N LEU C 858 55.46 30.87 5.15
CA LEU C 858 55.63 31.63 3.93
C LEU C 858 56.37 32.92 4.27
N PRO C 859 57.72 32.97 4.17
CA PRO C 859 58.47 34.16 4.55
C PRO C 859 58.01 35.37 3.76
N PRO C 860 57.70 36.52 4.43
CA PRO C 860 57.23 37.72 3.73
C PRO C 860 58.34 38.36 2.90
N TYR C 861 57.94 39.12 1.87
CA TYR C 861 58.86 39.88 1.04
C TYR C 861 58.09 40.98 0.31
N LEU D 23 19.50 -25.94 38.67
CA LEU D 23 18.14 -25.60 38.20
C LEU D 23 17.15 -25.65 39.37
N ALA D 24 16.18 -24.73 39.36
CA ALA D 24 15.12 -24.70 40.35
C ALA D 24 14.34 -26.01 40.30
N TYR D 25 13.88 -26.46 41.48
CA TYR D 25 13.23 -27.74 41.64
C TYR D 25 11.94 -27.56 42.44
N SER D 26 10.91 -28.32 42.08
CA SER D 26 9.62 -28.30 42.75
C SER D 26 9.46 -29.56 43.59
N PRO D 27 9.53 -29.48 44.94
CA PRO D 27 9.40 -30.67 45.79
C PRO D 27 8.03 -31.34 45.62
N PRO D 28 7.94 -32.69 45.78
CA PRO D 28 6.68 -33.39 45.63
C PRO D 28 5.78 -33.21 46.85
N PHE D 29 4.46 -33.30 46.65
CA PHE D 29 3.51 -33.31 47.74
C PHE D 29 2.34 -34.22 47.38
N TYR D 30 2.24 -35.34 48.09
CA TYR D 30 1.22 -36.36 47.88
C TYR D 30 0.69 -36.81 49.24
N PRO D 31 -0.55 -37.35 49.35
CA PRO D 31 -1.44 -37.55 48.20
C PRO D 31 -2.17 -36.30 47.74
N SER D 32 -2.90 -36.41 46.63
CA SER D 32 -3.75 -35.33 46.15
C SER D 32 -4.98 -35.22 47.05
N PRO D 33 -5.15 -34.08 47.77
CA PRO D 33 -6.27 -33.94 48.70
C PRO D 33 -7.64 -34.18 48.06
N TRP D 34 -8.51 -34.87 48.80
CA TRP D 34 -9.89 -35.10 48.38
C TRP D 34 -10.79 -34.10 49.07
N MET D 35 -11.99 -33.88 48.50
CA MET D 35 -12.93 -32.92 49.05
C MET D 35 -13.27 -33.29 50.49
N ASP D 36 -13.47 -32.26 51.32
CA ASP D 36 -14.04 -32.43 52.65
C ASP D 36 -15.50 -32.02 52.64
N GLY D 37 -15.88 -31.11 51.74
CA GLY D 37 -17.25 -30.70 51.55
C GLY D 37 -17.83 -30.06 52.82
N ASN D 38 -16.98 -29.32 53.54
CA ASN D 38 -17.40 -28.62 54.74
C ASN D 38 -18.00 -27.27 54.35
N GLY D 39 -18.79 -26.69 55.27
CA GLY D 39 -19.26 -25.33 55.16
C GLY D 39 -20.22 -25.14 53.98
N GLU D 40 -19.90 -24.17 53.12
CA GLU D 40 -20.78 -23.74 52.05
C GLU D 40 -20.73 -24.71 50.86
N TRP D 41 -19.91 -25.75 50.96
CA TRP D 41 -19.80 -26.77 49.91
C TRP D 41 -20.55 -28.05 50.28
N ALA D 42 -21.18 -28.08 51.46
CA ALA D 42 -21.77 -29.31 51.98
C ALA D 42 -22.93 -29.79 51.11
N GLU D 43 -23.81 -28.85 50.74
CA GLU D 43 -24.98 -29.18 49.92
C GLU D 43 -24.51 -29.71 48.57
N ALA D 44 -23.54 -29.02 47.96
CA ALA D 44 -23.03 -29.39 46.65
C ALA D 44 -22.28 -30.72 46.72
N TYR D 45 -21.57 -30.97 47.83
CA TYR D 45 -20.85 -32.21 48.01
C TYR D 45 -21.83 -33.37 48.11
N ARG D 46 -22.88 -33.19 48.92
CA ARG D 46 -23.91 -34.21 49.12
C ARG D 46 -24.46 -34.67 47.77
N ARG D 47 -24.87 -33.71 46.94
CA ARG D 47 -25.51 -33.99 45.66
C ARG D 47 -24.50 -34.63 44.70
N ALA D 48 -23.24 -34.18 44.76
CA ALA D 48 -22.20 -34.72 43.90
C ALA D 48 -21.94 -36.19 44.23
N VAL D 49 -21.90 -36.51 45.53
CA VAL D 49 -21.69 -37.87 45.99
C VAL D 49 -22.84 -38.75 45.49
N ASP D 50 -24.08 -38.30 45.73
CA ASP D 50 -25.27 -39.02 45.32
C ASP D 50 -25.19 -39.36 43.83
N PHE D 51 -24.66 -38.43 43.02
CA PHE D 51 -24.62 -38.60 41.58
C PHE D 51 -23.47 -39.53 41.18
N VAL D 52 -22.27 -39.27 41.70
CA VAL D 52 -21.07 -40.02 41.30
C VAL D 52 -21.20 -41.46 41.78
N SER D 53 -21.89 -41.68 42.91
CA SER D 53 -22.13 -43.00 43.46
C SER D 53 -22.77 -43.93 42.42
N GLN D 54 -23.52 -43.34 41.47
CA GLN D 54 -24.32 -44.12 40.53
C GLN D 54 -23.53 -44.50 39.27
N LEU D 55 -22.29 -43.99 39.13
CA LEU D 55 -21.58 -44.06 37.86
C LEU D 55 -20.69 -45.30 37.80
N THR D 56 -20.42 -45.76 36.57
CA THR D 56 -19.36 -46.71 36.30
C THR D 56 -18.03 -45.96 36.31
N LEU D 57 -16.93 -46.73 36.21
CA LEU D 57 -15.60 -46.14 36.09
C LEU D 57 -15.50 -45.34 34.80
N ALA D 58 -16.11 -45.86 33.72
CA ALA D 58 -16.03 -45.24 32.40
C ALA D 58 -16.71 -43.88 32.40
N GLU D 59 -17.89 -43.81 33.03
CA GLU D 59 -18.68 -42.59 33.10
C GLU D 59 -17.93 -41.53 33.91
N LYS D 60 -17.27 -41.97 34.98
CA LYS D 60 -16.47 -41.10 35.83
C LYS D 60 -15.33 -40.48 35.01
N VAL D 61 -14.64 -41.31 34.22
CA VAL D 61 -13.52 -40.86 33.42
C VAL D 61 -14.02 -39.93 32.32
N ASN D 62 -15.24 -40.16 31.83
CA ASN D 62 -15.84 -39.29 30.82
C ASN D 62 -15.87 -37.84 31.28
N LEU D 63 -16.20 -37.62 32.56
CA LEU D 63 -16.29 -36.29 33.12
C LEU D 63 -14.93 -35.59 33.08
N THR D 64 -13.84 -36.35 33.18
CA THR D 64 -12.50 -35.79 33.28
C THR D 64 -11.88 -35.63 31.89
N THR D 65 -12.57 -36.09 30.84
CA THR D 65 -11.98 -36.24 29.52
C THR D 65 -12.60 -35.23 28.55
N GLY D 66 -11.74 -34.39 27.96
CA GLY D 66 -12.16 -33.53 26.86
C GLY D 66 -12.42 -34.34 25.59
N VAL D 67 -13.34 -33.85 24.76
CA VAL D 67 -13.81 -34.59 23.60
C VAL D 67 -12.86 -34.42 22.42
N GLY D 68 -11.94 -33.44 22.50
CA GLY D 68 -11.01 -33.16 21.42
C GLY D 68 -11.23 -31.77 20.83
N TRP D 69 -10.20 -31.25 20.16
CA TRP D 69 -10.20 -29.88 19.67
C TRP D 69 -11.20 -29.73 18.52
N MET D 70 -12.21 -28.88 18.75
CA MET D 70 -13.20 -28.49 17.74
C MET D 70 -14.11 -29.66 17.36
N GLN D 71 -14.30 -30.62 18.28
CA GLN D 71 -15.07 -31.82 17.96
C GLN D 71 -16.56 -31.60 18.19
N GLU D 72 -16.92 -30.68 19.10
CA GLU D 72 -18.31 -30.38 19.38
C GLU D 72 -18.53 -28.87 19.23
N LYS D 73 -19.41 -28.30 20.07
CA LYS D 73 -19.92 -26.96 19.83
C LYS D 73 -19.11 -25.92 20.61
N CYS D 74 -18.61 -26.29 21.80
CA CYS D 74 -17.97 -25.34 22.70
C CYS D 74 -16.45 -25.44 22.58
N VAL D 75 -15.76 -24.42 23.11
CA VAL D 75 -14.31 -24.34 23.08
C VAL D 75 -13.72 -25.60 23.72
N GLY D 76 -14.40 -26.09 24.77
CA GLY D 76 -14.13 -27.41 25.32
C GLY D 76 -15.43 -28.09 25.77
N GLU D 77 -15.46 -29.42 25.67
CA GLU D 77 -16.57 -30.20 26.19
C GLU D 77 -16.04 -31.48 26.84
N THR D 78 -16.70 -31.90 27.93
CA THR D 78 -16.42 -33.18 28.55
C THR D 78 -17.25 -34.25 27.84
N GLY D 79 -16.95 -35.52 28.15
CA GLY D 79 -17.77 -36.63 27.71
C GLY D 79 -19.12 -36.62 28.42
N SER D 80 -20.12 -37.25 27.79
CA SER D 80 -21.47 -37.30 28.31
C SER D 80 -21.67 -38.55 29.16
N ILE D 81 -22.79 -38.58 29.89
CA ILE D 81 -23.27 -39.77 30.55
C ILE D 81 -24.73 -39.95 30.13
N PRO D 82 -25.00 -40.45 28.90
CA PRO D 82 -26.36 -40.54 28.37
C PRO D 82 -27.30 -41.38 29.23
N ARG D 83 -26.74 -42.39 29.92
CA ARG D 83 -27.52 -43.31 30.74
C ARG D 83 -28.40 -42.54 31.72
N LEU D 84 -27.92 -41.39 32.21
CA LEU D 84 -28.66 -40.60 33.19
C LEU D 84 -29.15 -39.28 32.58
N GLY D 85 -29.05 -39.15 31.26
CA GLY D 85 -29.43 -37.91 30.58
C GLY D 85 -28.55 -36.73 31.01
N PHE D 86 -27.25 -37.00 31.20
CA PHE D 86 -26.29 -35.96 31.55
C PHE D 86 -25.42 -35.68 30.33
N ARG D 87 -25.64 -34.52 29.70
CA ARG D 87 -24.84 -34.12 28.55
C ARG D 87 -23.46 -33.69 29.04
N GLY D 88 -22.47 -33.75 28.15
CA GLY D 88 -21.14 -33.25 28.45
C GLY D 88 -21.19 -31.76 28.82
N LEU D 89 -20.24 -31.33 29.65
CA LEU D 89 -20.17 -29.94 30.07
C LEU D 89 -19.64 -29.10 28.92
N CYS D 90 -20.15 -27.87 28.80
CA CYS D 90 -19.74 -26.90 27.79
C CYS D 90 -18.89 -25.83 28.44
N LEU D 91 -17.61 -25.77 28.04
CA LEU D 91 -16.65 -24.81 28.56
C LEU D 91 -16.36 -23.77 27.49
N GLN D 92 -16.59 -22.48 27.80
CA GLN D 92 -16.56 -21.44 26.78
C GLN D 92 -15.76 -20.24 27.28
N ASP D 93 -14.84 -19.76 26.43
CA ASP D 93 -14.22 -18.46 26.60
C ASP D 93 -15.34 -17.41 26.55
N SER D 94 -15.13 -16.20 27.08
CA SER D 94 -13.85 -15.67 27.53
C SER D 94 -14.03 -14.96 28.87
N PRO D 95 -12.97 -14.37 29.46
CA PRO D 95 -13.13 -13.51 30.63
C PRO D 95 -13.93 -12.22 30.48
N LEU D 96 -14.27 -11.82 29.24
CA LEU D 96 -14.99 -10.57 29.02
C LEU D 96 -16.22 -10.75 28.14
N GLY D 97 -16.68 -12.00 27.94
CA GLY D 97 -17.90 -12.24 27.18
C GLY D 97 -17.99 -13.70 26.73
N VAL D 98 -19.00 -13.99 25.90
CA VAL D 98 -19.17 -15.30 25.29
C VAL D 98 -18.46 -15.28 23.93
N ARG D 99 -17.33 -15.97 23.85
CA ARG D 99 -16.52 -15.99 22.64
C ARG D 99 -17.25 -16.79 21.56
N PHE D 100 -17.10 -16.33 20.30
CA PHE D 100 -17.51 -17.06 19.10
C PHE D 100 -19.01 -16.91 18.83
N ALA D 101 -19.85 -16.98 19.88
CA ALA D 101 -21.29 -16.95 19.71
C ALA D 101 -21.77 -15.62 19.13
N ASP D 102 -22.92 -15.67 18.43
CA ASP D 102 -23.59 -14.48 17.92
C ASP D 102 -24.58 -13.96 18.95
N TYR D 103 -25.01 -12.71 18.76
CA TYR D 103 -26.00 -12.05 19.60
C TYR D 103 -25.56 -12.08 21.05
N VAL D 104 -24.32 -11.64 21.29
CA VAL D 104 -23.77 -11.49 22.63
C VAL D 104 -23.18 -10.08 22.75
N SER D 105 -22.80 -9.72 23.98
CA SER D 105 -22.24 -8.41 24.27
C SER D 105 -20.72 -8.49 24.37
N ALA D 106 -20.05 -7.38 24.06
CA ALA D 106 -18.60 -7.26 24.22
C ALA D 106 -18.31 -6.32 25.39
N PHE D 107 -17.97 -6.91 26.55
CA PHE D 107 -17.80 -6.15 27.77
C PHE D 107 -16.41 -5.51 27.79
N PRO D 108 -16.17 -4.50 28.66
CA PRO D 108 -14.83 -3.95 28.85
C PRO D 108 -13.89 -5.03 29.39
N ALA D 109 -12.60 -4.90 29.07
CA ALA D 109 -11.59 -5.85 29.51
C ALA D 109 -11.42 -5.75 31.02
N GLY D 110 -10.74 -6.75 31.58
CA GLY D 110 -10.50 -6.82 33.02
C GLY D 110 -9.70 -5.62 33.52
N VAL D 111 -8.75 -5.14 32.72
CA VAL D 111 -7.91 -4.02 33.14
C VAL D 111 -8.80 -2.78 33.34
N ASN D 112 -9.86 -2.65 32.54
CA ASN D 112 -10.81 -1.56 32.71
C ASN D 112 -11.53 -1.71 34.05
N VAL D 113 -11.92 -2.94 34.39
CA VAL D 113 -12.57 -3.22 35.66
C VAL D 113 -11.65 -2.79 36.79
N ALA D 114 -10.36 -3.11 36.66
CA ALA D 114 -9.36 -2.72 37.64
C ALA D 114 -9.33 -1.20 37.81
N ALA D 115 -9.42 -0.49 36.69
CA ALA D 115 -9.33 0.97 36.69
C ALA D 115 -10.57 1.61 37.33
N THR D 116 -11.68 0.87 37.46
CA THR D 116 -12.86 1.40 38.14
C THR D 116 -12.63 1.39 39.65
N TRP D 117 -11.81 0.44 40.14
CA TRP D 117 -11.65 0.22 41.57
C TRP D 117 -13.02 0.04 42.23
N ASP D 118 -13.94 -0.64 41.52
CA ASP D 118 -15.34 -0.66 41.91
C ASP D 118 -15.84 -2.10 42.01
N LYS D 119 -15.90 -2.60 43.25
CA LYS D 119 -16.36 -3.95 43.54
C LYS D 119 -17.73 -4.22 42.92
N ASN D 120 -18.63 -3.23 43.05
CA ASN D 120 -20.01 -3.36 42.62
C ASN D 120 -20.07 -3.55 41.10
N LEU D 121 -19.32 -2.73 40.36
CA LEU D 121 -19.31 -2.83 38.91
C LEU D 121 -18.70 -4.15 38.48
N ALA D 122 -17.66 -4.61 39.18
CA ALA D 122 -17.03 -5.89 38.89
C ALA D 122 -18.06 -7.02 39.04
N TYR D 123 -18.84 -6.97 40.13
CA TYR D 123 -19.87 -7.96 40.39
C TYR D 123 -20.91 -7.94 39.26
N LEU D 124 -21.42 -6.75 38.91
CA LEU D 124 -22.49 -6.62 37.94
C LEU D 124 -22.03 -7.09 36.56
N ARG D 125 -20.75 -6.84 36.22
CA ARG D 125 -20.17 -7.33 34.98
C ARG D 125 -20.19 -8.85 34.97
N GLY D 126 -19.78 -9.45 36.10
CA GLY D 126 -19.79 -10.89 36.26
C GLY D 126 -21.19 -11.48 36.04
N LYS D 127 -22.19 -10.82 36.65
CA LYS D 127 -23.58 -11.26 36.56
C LYS D 127 -24.04 -11.23 35.10
N ALA D 128 -23.80 -10.09 34.42
CA ALA D 128 -24.22 -9.91 33.04
C ALA D 128 -23.55 -10.93 32.14
N MET D 129 -22.24 -11.13 32.31
CA MET D 129 -21.50 -12.12 31.54
C MET D 129 -22.08 -13.51 31.80
N GLY D 130 -22.28 -13.82 33.09
CA GLY D 130 -22.82 -15.10 33.53
C GLY D 130 -24.19 -15.37 32.91
N GLU D 131 -25.03 -14.34 32.85
CA GLU D 131 -26.35 -14.43 32.27
C GLU D 131 -26.27 -14.79 30.79
N GLU D 132 -25.28 -14.21 30.09
CA GLU D 132 -25.13 -14.44 28.66
C GLU D 132 -24.64 -15.86 28.40
N HIS D 133 -23.63 -16.31 29.16
CA HIS D 133 -23.17 -17.68 29.09
C HIS D 133 -24.32 -18.64 29.37
N ARG D 134 -25.08 -18.36 30.44
CA ARG D 134 -26.22 -19.18 30.83
C ARG D 134 -27.22 -19.29 29.68
N GLY D 135 -27.54 -18.15 29.05
CA GLY D 135 -28.52 -18.08 27.99
C GLY D 135 -28.10 -18.89 26.75
N LYS D 136 -26.80 -19.12 26.60
CA LYS D 136 -26.27 -19.87 25.48
C LYS D 136 -26.10 -21.35 25.83
N GLY D 137 -26.27 -21.69 27.12
CA GLY D 137 -26.19 -23.07 27.58
C GLY D 137 -24.78 -23.46 28.05
N VAL D 138 -23.93 -22.45 28.30
CA VAL D 138 -22.57 -22.69 28.75
C VAL D 138 -22.59 -23.12 30.21
N ASP D 139 -21.73 -24.08 30.55
CA ASP D 139 -21.63 -24.61 31.90
C ASP D 139 -20.49 -23.93 32.65
N VAL D 140 -19.38 -23.68 31.94
CA VAL D 140 -18.19 -23.08 32.54
C VAL D 140 -17.73 -21.91 31.68
N GLN D 141 -17.65 -20.72 32.29
CA GLN D 141 -17.00 -19.57 31.68
C GLN D 141 -15.52 -19.61 32.03
N LEU D 142 -14.67 -19.58 30.99
CA LEU D 142 -13.23 -19.72 31.17
C LEU D 142 -12.63 -18.36 31.53
N GLY D 143 -12.90 -17.95 32.77
CA GLY D 143 -12.49 -16.69 33.34
C GLY D 143 -13.12 -16.53 34.72
N PRO D 144 -12.70 -15.55 35.55
CA PRO D 144 -11.75 -14.51 35.14
C PRO D 144 -10.27 -14.83 35.37
N VAL D 145 -9.42 -13.82 35.13
CA VAL D 145 -7.98 -13.99 35.08
C VAL D 145 -7.32 -13.23 36.24
N ALA D 146 -6.44 -13.94 36.99
CA ALA D 146 -5.54 -13.32 37.94
C ALA D 146 -4.10 -13.74 37.62
N GLY D 147 -3.95 -14.54 36.56
CA GLY D 147 -2.66 -14.98 36.06
C GLY D 147 -2.66 -15.00 34.54
N PRO D 148 -1.94 -14.08 33.84
CA PRO D 148 -0.97 -13.18 34.47
C PRO D 148 -1.53 -12.16 35.45
N LEU D 149 -0.76 -11.89 36.51
CA LEU D 149 -1.05 -10.81 37.44
C LEU D 149 -0.65 -9.48 36.80
N GLY D 150 0.60 -9.44 36.31
CA GLY D 150 1.11 -8.27 35.61
C GLY D 150 2.55 -7.96 36.00
N ARG D 151 3.39 -9.00 36.09
CA ARG D 151 4.79 -8.85 36.47
C ARG D 151 5.50 -7.86 35.53
N HIS D 152 5.20 -7.96 34.23
CA HIS D 152 5.84 -7.13 33.22
C HIS D 152 4.84 -6.14 32.64
N PRO D 153 5.23 -4.87 32.38
CA PRO D 153 4.35 -3.93 31.69
C PRO D 153 4.01 -4.34 30.26
N ASP D 154 4.87 -5.16 29.66
CA ASP D 154 4.77 -5.54 28.26
C ASP D 154 4.27 -6.97 28.10
N GLY D 155 3.83 -7.60 29.20
CA GLY D 155 3.19 -8.91 29.15
C GLY D 155 1.95 -8.86 28.26
N GLY D 156 1.81 -9.85 27.38
CA GLY D 156 0.83 -9.82 26.31
C GLY D 156 -0.62 -9.86 26.80
N ARG D 157 -0.88 -10.55 27.91
CA ARG D 157 -2.25 -10.87 28.30
C ARG D 157 -2.65 -10.19 29.61
N ASN D 158 -1.86 -9.23 30.09
CA ASN D 158 -2.14 -8.57 31.35
C ASN D 158 -3.54 -7.96 31.33
N TRP D 159 -3.93 -7.39 30.18
CA TRP D 159 -5.19 -6.68 30.05
C TRP D 159 -6.39 -7.59 30.33
N GLU D 160 -6.22 -8.90 30.15
CA GLU D 160 -7.28 -9.86 30.46
C GLU D 160 -7.53 -9.95 31.96
N GLY D 161 -6.46 -9.74 32.74
CA GLY D 161 -6.54 -9.78 34.19
C GLY D 161 -7.08 -8.48 34.76
N PHE D 162 -6.43 -7.97 35.82
CA PHE D 162 -6.88 -6.73 36.45
C PHE D 162 -5.68 -5.81 36.62
N SER D 163 -4.82 -6.12 37.59
CA SER D 163 -3.79 -5.20 38.05
C SER D 163 -2.56 -5.97 38.54
N PRO D 164 -1.33 -5.42 38.40
CA PRO D 164 -0.16 -6.00 39.06
C PRO D 164 -0.31 -6.12 40.58
N ASP D 165 -1.15 -5.25 41.18
CA ASP D 165 -1.38 -5.31 42.61
C ASP D 165 -2.21 -6.54 42.95
N PRO D 166 -1.77 -7.38 43.91
CA PRO D 166 -2.50 -8.60 44.28
C PRO D 166 -3.83 -8.37 45.00
N VAL D 167 -3.97 -7.23 45.68
CA VAL D 167 -5.16 -6.95 46.46
C VAL D 167 -6.26 -6.44 45.55
N LEU D 168 -5.94 -5.45 44.70
CA LEU D 168 -6.91 -4.91 43.75
C LEU D 168 -7.40 -6.02 42.83
N THR D 169 -6.47 -6.84 42.34
CA THR D 169 -6.81 -7.96 41.47
C THR D 169 -7.68 -8.96 42.22
N GLY D 170 -7.26 -9.33 43.44
CA GLY D 170 -7.93 -10.36 44.23
C GLY D 170 -9.38 -10.01 44.53
N VAL D 171 -9.60 -8.77 44.98
CA VAL D 171 -10.93 -8.31 45.36
C VAL D 171 -11.86 -8.34 44.15
N LEU D 172 -11.39 -7.81 43.01
CA LEU D 172 -12.22 -7.68 41.82
C LEU D 172 -12.40 -9.05 41.16
N MET D 173 -11.36 -9.89 41.24
CA MET D 173 -11.47 -11.29 40.84
C MET D 173 -12.63 -11.94 41.58
N ALA D 174 -12.65 -11.78 42.91
CA ALA D 174 -13.64 -12.40 43.78
C ALA D 174 -15.04 -11.91 43.44
N GLU D 175 -15.19 -10.60 43.24
CA GLU D 175 -16.48 -10.01 42.90
C GLU D 175 -16.99 -10.55 41.57
N THR D 176 -16.08 -10.64 40.58
CA THR D 176 -16.43 -11.13 39.26
C THR D 176 -16.95 -12.57 39.37
N ILE D 177 -16.25 -13.40 40.13
CA ILE D 177 -16.59 -14.81 40.29
C ILE D 177 -17.98 -14.94 40.92
N LYS D 178 -18.24 -14.16 41.98
CA LYS D 178 -19.53 -14.18 42.66
C LYS D 178 -20.63 -13.82 41.67
N GLY D 179 -20.37 -12.85 40.80
CA GLY D 179 -21.34 -12.42 39.78
C GLY D 179 -21.68 -13.53 38.79
N ILE D 180 -20.64 -14.12 38.19
CA ILE D 180 -20.81 -15.19 37.22
C ILE D 180 -21.60 -16.34 37.86
N GLN D 181 -21.20 -16.73 39.07
CA GLN D 181 -21.72 -17.94 39.69
C GLN D 181 -23.12 -17.70 40.24
N ASP D 182 -23.41 -16.47 40.71
CA ASP D 182 -24.76 -16.10 41.10
C ASP D 182 -25.71 -16.19 39.91
N ALA D 183 -25.18 -16.00 38.69
CA ALA D 183 -25.99 -16.10 37.49
C ALA D 183 -26.19 -17.56 37.05
N GLY D 184 -25.49 -18.49 37.70
CA GLY D 184 -25.74 -19.91 37.49
C GLY D 184 -24.78 -20.54 36.48
N VAL D 185 -23.55 -20.02 36.42
CA VAL D 185 -22.51 -20.53 35.55
C VAL D 185 -21.26 -20.75 36.40
N ILE D 186 -20.51 -21.83 36.11
CA ILE D 186 -19.27 -22.11 36.82
C ILE D 186 -18.21 -21.15 36.30
N ALA D 187 -17.53 -20.44 37.22
CA ALA D 187 -16.40 -19.61 36.87
C ALA D 187 -15.11 -20.43 36.92
N CYS D 188 -14.06 -19.92 36.29
CA CYS D 188 -12.80 -20.61 36.19
C CYS D 188 -11.63 -19.64 36.37
N ALA D 189 -10.99 -19.71 37.56
CA ALA D 189 -9.81 -18.92 37.84
C ALA D 189 -8.63 -19.44 37.02
N LYS D 190 -8.06 -18.57 36.17
CA LYS D 190 -6.91 -18.92 35.35
C LYS D 190 -5.95 -17.73 35.30
N HIS D 191 -4.70 -17.94 34.85
CA HIS D 191 -4.07 -19.24 34.66
C HIS D 191 -3.14 -19.50 35.84
N PHE D 192 -3.21 -20.71 36.41
CA PHE D 192 -2.52 -21.03 37.64
C PHE D 192 -1.29 -21.91 37.35
N ILE D 193 -0.07 -21.38 37.49
CA ILE D 193 0.25 -20.02 37.91
C ILE D 193 1.60 -19.64 37.28
N GLY D 194 1.92 -18.35 37.28
CA GLY D 194 3.24 -17.87 36.89
C GLY D 194 3.36 -17.61 35.39
N ASN D 195 2.22 -17.59 34.69
CA ASN D 195 2.18 -17.34 33.25
C ASN D 195 2.24 -15.83 33.00
N GLU D 196 3.38 -15.21 33.34
CA GLU D 196 3.47 -13.76 33.37
C GLU D 196 3.91 -13.20 32.01
N MET D 197 4.20 -14.08 31.05
CA MET D 197 4.47 -13.64 29.69
C MET D 197 4.04 -14.73 28.70
N GLU D 198 4.00 -14.38 27.41
CA GLU D 198 3.58 -15.28 26.36
C GLU D 198 4.78 -16.01 25.75
N HIS D 199 5.96 -15.38 25.74
CA HIS D 199 7.16 -15.98 25.17
C HIS D 199 7.41 -17.34 25.81
N PHE D 200 7.53 -18.37 24.96
CA PHE D 200 7.98 -19.69 25.35
C PHE D 200 6.94 -20.40 26.23
N ARG D 201 5.68 -19.98 26.17
CA ARG D 201 4.64 -20.59 26.99
C ARG D 201 4.42 -22.03 26.54
N GLN D 202 4.61 -22.28 25.24
CA GLN D 202 4.44 -23.61 24.66
C GLN D 202 5.52 -23.81 23.60
N ALA D 203 6.18 -24.98 23.63
CA ALA D 203 7.33 -25.25 22.77
C ALA D 203 6.94 -25.14 21.31
N SER D 204 5.82 -25.78 20.93
CA SER D 204 5.32 -25.76 19.57
C SER D 204 5.18 -24.32 19.06
N GLU D 205 4.64 -23.45 19.92
CA GLU D 205 4.41 -22.05 19.58
C GLU D 205 5.74 -21.33 19.40
N ALA D 206 6.71 -21.62 20.29
CA ALA D 206 8.02 -21.00 20.23
C ALA D 206 8.75 -21.39 18.94
N VAL D 207 8.61 -22.65 18.54
CA VAL D 207 9.21 -23.17 17.32
C VAL D 207 8.65 -22.40 16.12
N GLY D 208 7.34 -22.13 16.15
CA GLY D 208 6.69 -21.36 15.10
C GLY D 208 7.29 -19.97 14.92
N TYR D 209 7.83 -19.40 16.02
CA TYR D 209 8.45 -18.08 15.98
C TYR D 209 9.96 -18.19 15.77
N GLY D 210 10.45 -19.41 15.50
CA GLY D 210 11.84 -19.61 15.10
C GLY D 210 12.77 -19.88 16.28
N PHE D 211 12.20 -20.33 17.42
CA PHE D 211 12.98 -20.67 18.59
C PHE D 211 13.12 -22.19 18.67
N ASP D 212 14.32 -22.65 19.03
CA ASP D 212 14.60 -24.07 19.16
C ASP D 212 14.58 -24.45 20.64
N ILE D 213 13.38 -24.68 21.18
CA ILE D 213 13.20 -25.25 22.51
C ILE D 213 12.19 -26.40 22.41
N THR D 214 12.25 -27.32 23.38
CA THR D 214 11.37 -28.49 23.40
C THR D 214 10.53 -28.51 24.67
N GLU D 215 10.64 -27.48 25.52
CA GLU D 215 9.89 -27.42 26.76
C GLU D 215 9.50 -25.96 27.04
N SER D 216 8.37 -25.77 27.72
CA SER D 216 7.89 -24.45 28.08
C SER D 216 8.82 -23.81 29.12
N VAL D 217 8.82 -22.48 29.13
CA VAL D 217 9.56 -21.69 30.10
C VAL D 217 9.20 -22.14 31.52
N SER D 218 10.21 -22.13 32.40
CA SER D 218 10.01 -22.33 33.83
C SER D 218 10.06 -20.99 34.54
N SER D 219 8.92 -20.61 35.13
CA SER D 219 8.86 -19.49 36.06
C SER D 219 9.39 -19.96 37.41
N ASN D 220 10.53 -19.41 37.84
CA ASN D 220 11.17 -19.83 39.06
C ASN D 220 10.82 -18.82 40.15
N ILE D 221 9.92 -19.23 41.05
CA ILE D 221 9.32 -18.35 42.03
C ILE D 221 9.47 -19.01 43.41
N ASP D 222 9.99 -18.25 44.39
CA ASP D 222 10.20 -18.77 45.72
C ASP D 222 8.88 -18.77 46.48
N ASP D 223 8.86 -19.46 47.63
CA ASP D 223 7.65 -19.73 48.38
C ASP D 223 7.01 -18.44 48.89
N LYS D 224 7.85 -17.49 49.32
CA LYS D 224 7.39 -16.24 49.90
C LYS D 224 6.77 -15.34 48.83
N THR D 225 7.40 -15.29 47.64
CA THR D 225 6.91 -14.45 46.55
C THR D 225 5.54 -14.95 46.10
N LEU D 226 5.41 -16.27 45.93
CA LEU D 226 4.13 -16.86 45.55
C LEU D 226 3.05 -16.43 46.54
N HIS D 227 3.31 -16.64 47.84
CA HIS D 227 2.31 -16.43 48.87
C HIS D 227 1.89 -14.96 48.95
N GLU D 228 2.86 -14.04 48.89
CA GLU D 228 2.60 -12.63 49.13
C GLU D 228 2.21 -11.90 47.85
N LEU D 229 2.38 -12.53 46.67
CA LEU D 229 2.08 -11.87 45.41
C LEU D 229 1.11 -12.71 44.57
N TYR D 230 1.62 -13.70 43.82
CA TYR D 230 0.88 -14.30 42.74
C TYR D 230 -0.27 -15.19 43.23
N LEU D 231 -0.09 -15.81 44.40
CA LEU D 231 -1.08 -16.76 44.92
C LEU D 231 -2.25 -16.02 45.55
N TRP D 232 -1.97 -14.85 46.13
CA TRP D 232 -2.92 -14.08 46.93
C TRP D 232 -4.28 -13.96 46.23
N PRO D 233 -4.37 -13.43 45.00
CA PRO D 233 -5.67 -13.31 44.31
C PRO D 233 -6.38 -14.64 44.04
N PHE D 234 -5.61 -15.71 43.85
CA PHE D 234 -6.18 -17.03 43.63
C PHE D 234 -6.78 -17.55 44.93
N ALA D 235 -6.16 -17.22 46.06
CA ALA D 235 -6.73 -17.51 47.37
C ALA D 235 -8.09 -16.82 47.50
N ASP D 236 -8.16 -15.55 47.06
CA ASP D 236 -9.40 -14.79 47.09
C ASP D 236 -10.46 -15.50 46.24
N ALA D 237 -10.04 -16.05 45.09
CA ALA D 237 -10.93 -16.72 44.17
C ALA D 237 -11.50 -18.00 44.79
N VAL D 238 -10.62 -18.77 45.47
CA VAL D 238 -11.05 -19.97 46.16
C VAL D 238 -12.10 -19.60 47.21
N ARG D 239 -11.82 -18.55 47.98
CA ARG D 239 -12.65 -18.19 49.12
C ARG D 239 -13.98 -17.62 48.64
N ALA D 240 -14.02 -17.08 47.42
CA ALA D 240 -15.24 -16.56 46.83
C ALA D 240 -16.14 -17.70 46.33
N GLY D 241 -15.63 -18.94 46.35
CA GLY D 241 -16.42 -20.11 46.02
C GLY D 241 -16.32 -20.49 44.54
N VAL D 242 -15.20 -20.13 43.90
CA VAL D 242 -15.01 -20.38 42.49
C VAL D 242 -15.05 -21.90 42.27
N GLY D 243 -15.70 -22.31 41.18
CA GLY D 243 -16.01 -23.71 40.95
C GLY D 243 -14.84 -24.48 40.33
N SER D 244 -14.01 -23.79 39.54
CA SER D 244 -12.93 -24.46 38.82
C SER D 244 -11.68 -23.58 38.75
N PHE D 245 -10.56 -24.25 38.47
CA PHE D 245 -9.27 -23.62 38.20
C PHE D 245 -8.74 -24.15 36.86
N MET D 246 -7.90 -23.34 36.19
CA MET D 246 -7.17 -23.79 35.01
C MET D 246 -5.68 -23.64 35.27
N CYS D 247 -4.95 -24.76 35.22
CA CYS D 247 -3.50 -24.74 35.36
C CYS D 247 -2.85 -24.32 34.05
N SER D 248 -1.68 -23.69 34.14
CA SER D 248 -1.12 -22.91 33.04
C SER D 248 -0.17 -23.75 32.17
N TYR D 249 0.22 -23.18 31.03
CA TYR D 249 1.10 -23.80 30.06
C TYR D 249 2.54 -23.89 30.58
N ASN D 250 2.98 -22.85 31.30
CA ASN D 250 4.36 -22.75 31.76
C ASN D 250 4.64 -23.77 32.86
N GLN D 251 5.93 -23.91 33.18
CA GLN D 251 6.37 -24.65 34.35
C GLN D 251 6.59 -23.67 35.50
N VAL D 252 6.48 -24.19 36.72
CA VAL D 252 6.88 -23.47 37.92
C VAL D 252 7.94 -24.33 38.61
N ASN D 253 9.15 -23.76 38.76
CA ASN D 253 10.30 -24.45 39.31
C ASN D 253 10.52 -25.78 38.57
N ASN D 254 10.43 -25.72 37.23
CA ASN D 254 10.77 -26.81 36.33
C ASN D 254 9.84 -28.01 36.55
N SER D 255 8.57 -27.71 36.85
CA SER D 255 7.51 -28.70 36.83
C SER D 255 6.25 -28.05 36.27
N TYR D 256 5.77 -28.58 35.13
CA TYR D 256 4.58 -28.06 34.46
C TYR D 256 3.46 -27.89 35.49
N SER D 257 2.75 -26.76 35.40
CA SER D 257 1.71 -26.41 36.35
C SER D 257 0.70 -27.55 36.51
N CYS D 258 0.32 -28.18 35.40
CA CYS D 258 -0.77 -29.15 35.39
C CYS D 258 -0.32 -30.51 35.93
N SER D 259 0.97 -30.67 36.24
CA SER D 259 1.45 -31.85 36.95
C SER D 259 2.37 -31.45 38.10
N ASN D 260 2.20 -30.23 38.61
CA ASN D 260 3.03 -29.69 39.69
C ASN D 260 2.31 -29.93 41.01
N SER D 261 2.75 -30.96 41.74
CA SER D 261 2.06 -31.39 42.96
C SER D 261 2.12 -30.32 44.04
N TYR D 262 3.24 -29.59 44.14
CA TYR D 262 3.35 -28.52 45.11
C TYR D 262 2.26 -27.48 44.85
N LEU D 263 2.01 -27.20 43.57
CA LEU D 263 1.09 -26.14 43.16
C LEU D 263 -0.35 -26.55 43.43
N LEU D 264 -0.74 -27.73 42.95
CA LEU D 264 -2.13 -28.17 42.95
C LEU D 264 -2.49 -28.86 44.27
N ASN D 265 -1.62 -29.76 44.74
CA ASN D 265 -1.91 -30.57 45.91
C ASN D 265 -1.68 -29.77 47.19
N LYS D 266 -0.50 -29.15 47.32
CA LYS D 266 -0.15 -28.45 48.54
C LYS D 266 -0.83 -27.08 48.59
N LEU D 267 -0.45 -26.18 47.67
CA LEU D 267 -0.91 -24.80 47.75
C LEU D 267 -2.42 -24.73 47.53
N LEU D 268 -2.91 -25.34 46.44
CA LEU D 268 -4.30 -25.12 46.03
C LEU D 268 -5.26 -25.94 46.90
N LYS D 269 -5.02 -27.24 47.03
CA LYS D 269 -6.02 -28.15 47.55
C LYS D 269 -5.79 -28.47 49.04
N SER D 270 -4.59 -28.16 49.57
CA SER D 270 -4.35 -28.31 51.00
C SER D 270 -4.43 -26.96 51.68
N GLU D 271 -3.45 -26.08 51.41
CA GLU D 271 -3.35 -24.80 52.09
C GLU D 271 -4.60 -23.96 51.82
N LEU D 272 -4.94 -23.76 50.54
CA LEU D 272 -6.09 -22.95 50.17
C LEU D 272 -7.37 -23.79 50.22
N ASP D 273 -7.24 -25.12 50.32
CA ASP D 273 -8.35 -26.02 50.60
C ASP D 273 -9.45 -25.86 49.55
N PHE D 274 -9.03 -25.76 48.28
CA PHE D 274 -9.95 -25.65 47.16
C PHE D 274 -10.78 -26.92 47.05
N GLN D 275 -12.11 -26.76 46.93
CA GLN D 275 -13.05 -27.87 46.89
C GLN D 275 -13.49 -28.18 45.46
N GLY D 276 -13.20 -27.28 44.51
CA GLY D 276 -13.63 -27.43 43.13
C GLY D 276 -12.66 -28.28 42.33
N PHE D 277 -12.70 -28.14 41.00
CA PHE D 277 -11.94 -29.01 40.11
C PHE D 277 -10.93 -28.19 39.32
N VAL D 278 -9.83 -28.85 38.93
CA VAL D 278 -8.75 -28.26 38.15
C VAL D 278 -8.78 -28.86 36.75
N MET D 279 -8.90 -28.01 35.73
CA MET D 279 -8.75 -28.42 34.34
C MET D 279 -7.40 -27.94 33.84
N SER D 280 -6.90 -28.56 32.77
CA SER D 280 -5.68 -28.09 32.12
C SER D 280 -6.01 -26.95 31.17
N ASP D 281 -5.02 -26.09 30.90
CA ASP D 281 -5.09 -25.23 29.74
C ASP D 281 -4.99 -26.14 28.52
N TRP D 282 -5.40 -25.61 27.35
CA TRP D 282 -5.68 -26.44 26.19
C TRP D 282 -4.38 -26.98 25.59
N GLY D 283 -4.15 -28.29 25.78
CA GLY D 283 -2.93 -28.93 25.31
C GLY D 283 -1.76 -28.68 26.26
N ALA D 284 -2.05 -28.18 27.47
CA ALA D 284 -1.02 -27.94 28.47
C ALA D 284 -0.33 -29.26 28.80
N HIS D 285 1.00 -29.25 28.76
CA HIS D 285 1.78 -30.47 28.93
C HIS D 285 1.69 -30.92 30.39
N HIS D 286 1.42 -32.22 30.56
CA HIS D 286 1.42 -32.85 31.88
C HIS D 286 1.87 -34.30 31.70
N SER D 287 2.22 -34.95 32.82
CA SER D 287 2.82 -36.28 32.80
C SER D 287 1.75 -37.36 32.63
N GLY D 288 0.77 -37.11 31.75
CA GLY D 288 -0.31 -38.04 31.49
C GLY D 288 -1.07 -38.41 32.76
N VAL D 289 -1.17 -39.71 33.03
CA VAL D 289 -1.86 -40.25 34.19
C VAL D 289 -1.25 -39.71 35.48
N GLY D 290 0.06 -39.44 35.47
CA GLY D 290 0.76 -38.88 36.62
C GLY D 290 0.17 -37.55 37.07
N ALA D 291 -0.38 -36.78 36.11
CA ALA D 291 -0.99 -35.49 36.40
C ALA D 291 -2.15 -35.63 37.37
N ALA D 292 -2.97 -36.68 37.19
CA ALA D 292 -4.10 -36.93 38.06
C ALA D 292 -3.67 -37.08 39.51
N LEU D 293 -2.53 -37.76 39.73
CA LEU D 293 -2.00 -37.95 41.07
C LEU D 293 -1.48 -36.62 41.62
N ALA D 294 -1.04 -35.73 40.74
CA ALA D 294 -0.47 -34.45 41.13
C ALA D 294 -1.53 -33.36 41.30
N GLY D 295 -2.81 -33.69 41.00
CA GLY D 295 -3.92 -32.83 41.38
C GLY D 295 -4.78 -32.38 40.20
N LEU D 296 -4.47 -32.82 38.97
CA LEU D 296 -5.28 -32.50 37.81
C LEU D 296 -6.57 -33.31 37.87
N ASP D 297 -7.69 -32.67 37.50
CA ASP D 297 -9.00 -33.30 37.56
C ASP D 297 -9.62 -33.47 36.17
N MET D 298 -9.26 -32.60 35.22
CA MET D 298 -9.89 -32.59 33.91
C MET D 298 -8.87 -32.22 32.84
N SER D 299 -8.81 -33.03 31.77
CA SER D 299 -7.85 -32.85 30.69
C SER D 299 -8.55 -32.22 29.49
N MET D 300 -8.07 -31.03 29.10
CA MET D 300 -8.67 -30.26 28.01
C MET D 300 -7.61 -29.94 26.96
N PRO D 301 -7.97 -29.89 25.65
CA PRO D 301 -9.33 -30.19 25.19
C PRO D 301 -9.60 -31.66 24.88
N GLY D 302 -8.59 -32.51 25.14
CA GLY D 302 -8.57 -33.88 24.66
C GLY D 302 -7.59 -34.03 23.51
N PHE D 312 -7.25 -40.76 24.61
CA PHE D 312 -5.81 -40.92 24.94
C PHE D 312 -5.65 -40.89 26.45
N TRP D 313 -6.12 -39.79 27.05
CA TRP D 313 -6.16 -39.62 28.51
C TRP D 313 -7.19 -40.56 29.13
N GLY D 314 -8.36 -40.68 28.48
CA GLY D 314 -9.48 -41.42 29.03
C GLY D 314 -9.15 -42.90 29.25
N THR D 315 -8.62 -43.55 28.21
CA THR D 315 -8.37 -44.98 28.25
C THR D 315 -7.16 -45.28 29.16
N ASN D 316 -6.17 -44.39 29.18
CA ASN D 316 -5.01 -44.54 30.04
C ASN D 316 -5.40 -44.40 31.51
N LEU D 317 -6.31 -43.46 31.81
CA LEU D 317 -6.77 -43.26 33.18
C LEU D 317 -7.58 -44.48 33.61
N THR D 318 -8.40 -45.02 32.69
CA THR D 318 -9.17 -46.22 32.95
C THR D 318 -8.22 -47.37 33.31
N ILE D 319 -7.23 -47.60 32.44
CA ILE D 319 -6.26 -48.66 32.64
C ILE D 319 -5.51 -48.42 33.96
N ALA D 320 -5.17 -47.15 34.23
CA ALA D 320 -4.43 -46.78 35.42
C ALA D 320 -5.19 -47.16 36.69
N VAL D 321 -6.52 -47.03 36.66
CA VAL D 321 -7.37 -47.39 37.77
C VAL D 321 -7.42 -48.90 37.92
N LEU D 322 -7.55 -49.60 36.79
CA LEU D 322 -7.70 -51.05 36.79
C LEU D 322 -6.44 -51.73 37.34
N ASN D 323 -5.26 -51.21 36.98
CA ASN D 323 -4.00 -51.83 37.36
C ASN D 323 -3.47 -51.27 38.67
N GLY D 324 -4.12 -50.20 39.19
CA GLY D 324 -3.86 -49.72 40.53
C GLY D 324 -2.74 -48.67 40.60
N THR D 325 -2.38 -48.06 39.46
CA THR D 325 -1.45 -46.96 39.46
C THR D 325 -2.15 -45.70 39.96
N VAL D 326 -3.42 -45.53 39.57
CA VAL D 326 -4.26 -44.45 40.07
C VAL D 326 -5.32 -45.06 40.99
N PRO D 327 -5.37 -44.68 42.29
CA PRO D 327 -6.38 -45.21 43.21
C PRO D 327 -7.81 -44.91 42.76
N GLU D 328 -8.74 -45.77 43.18
CA GLU D 328 -10.16 -45.54 42.94
C GLU D 328 -10.61 -44.23 43.58
N TRP D 329 -10.06 -43.90 44.75
CA TRP D 329 -10.50 -42.73 45.50
C TRP D 329 -10.12 -41.44 44.77
N ARG D 330 -9.12 -41.52 43.88
CA ARG D 330 -8.62 -40.35 43.18
C ARG D 330 -9.57 -39.97 42.04
N VAL D 331 -9.93 -40.95 41.20
CA VAL D 331 -10.85 -40.73 40.10
C VAL D 331 -12.23 -40.36 40.66
N ASP D 332 -12.61 -40.99 41.77
CA ASP D 332 -13.86 -40.69 42.45
C ASP D 332 -13.88 -39.23 42.91
N ASP D 333 -12.72 -38.73 43.33
CA ASP D 333 -12.61 -37.36 43.81
C ASP D 333 -12.60 -36.38 42.64
N MET D 334 -12.00 -36.78 41.52
CA MET D 334 -11.99 -35.98 40.30
C MET D 334 -13.43 -35.75 39.85
N ALA D 335 -14.22 -36.83 39.82
CA ALA D 335 -15.61 -36.78 39.40
C ALA D 335 -16.46 -35.94 40.34
N VAL D 336 -16.25 -36.09 41.65
CA VAL D 336 -17.10 -35.46 42.64
C VAL D 336 -16.76 -33.97 42.74
N ARG D 337 -15.51 -33.60 42.41
CA ARG D 337 -15.12 -32.20 42.35
C ARG D 337 -15.82 -31.50 41.20
N ILE D 338 -15.86 -32.16 40.04
CA ILE D 338 -16.50 -31.63 38.85
C ILE D 338 -17.99 -31.44 39.13
N MET D 339 -18.63 -32.48 39.68
CA MET D 339 -20.06 -32.45 39.95
C MET D 339 -20.39 -31.50 41.09
N ALA D 340 -19.46 -31.31 42.04
CA ALA D 340 -19.66 -30.38 43.13
C ALA D 340 -19.80 -28.96 42.58
N ALA D 341 -18.91 -28.58 41.64
CA ALA D 341 -18.98 -27.29 40.99
C ALA D 341 -20.30 -27.14 40.24
N PHE D 342 -20.71 -28.20 39.53
CA PHE D 342 -21.96 -28.21 38.79
C PHE D 342 -23.12 -27.85 39.70
N TYR D 343 -23.21 -28.49 40.87
CA TYR D 343 -24.33 -28.31 41.78
C TYR D 343 -24.19 -27.01 42.57
N LYS D 344 -22.96 -26.53 42.75
CA LYS D 344 -22.73 -25.36 43.58
C LYS D 344 -23.39 -24.12 42.98
N VAL D 345 -23.30 -23.98 41.65
CA VAL D 345 -23.83 -22.81 40.96
C VAL D 345 -25.25 -23.09 40.46
N GLY D 346 -25.70 -24.34 40.58
CA GLY D 346 -27.07 -24.72 40.27
C GLY D 346 -27.27 -25.03 38.78
N ARG D 347 -26.27 -25.66 38.16
CA ARG D 347 -26.36 -26.06 36.77
C ARG D 347 -27.57 -26.98 36.56
N ASP D 348 -27.89 -27.79 37.59
CA ASP D 348 -29.04 -28.66 37.55
C ASP D 348 -30.32 -27.88 37.25
N ARG D 349 -30.38 -26.61 37.69
CA ARG D 349 -31.56 -25.78 37.50
C ARG D 349 -31.47 -24.95 36.22
N TYR D 350 -30.27 -24.45 35.91
CA TYR D 350 -30.12 -23.38 34.93
C TYR D 350 -29.65 -23.89 33.57
N GLN D 351 -29.23 -25.16 33.50
CA GLN D 351 -28.71 -25.69 32.26
C GLN D 351 -29.81 -25.69 31.19
N VAL D 352 -29.45 -25.21 30.00
CA VAL D 352 -30.28 -25.35 28.81
C VAL D 352 -29.40 -25.95 27.72
N PRO D 353 -29.97 -26.50 26.62
CA PRO D 353 -29.16 -26.98 25.50
C PRO D 353 -28.24 -25.89 24.95
N VAL D 354 -27.04 -26.30 24.53
CA VAL D 354 -26.10 -25.41 23.86
C VAL D 354 -26.73 -25.01 22.53
N ASN D 355 -26.98 -23.72 22.34
CA ASN D 355 -27.82 -23.24 21.24
C ASN D 355 -27.01 -22.42 20.23
N PHE D 356 -25.67 -22.53 20.32
CA PHE D 356 -24.79 -21.88 19.35
C PHE D 356 -23.67 -22.86 19.00
N ASP D 357 -22.88 -22.49 17.99
CA ASP D 357 -21.72 -23.27 17.58
C ASP D 357 -20.52 -22.34 17.51
N SER D 358 -19.41 -22.77 18.14
CA SER D 358 -18.19 -21.98 18.19
C SER D 358 -17.56 -21.84 16.80
N TRP D 359 -17.76 -22.83 15.93
CA TRP D 359 -16.92 -23.01 14.76
C TRP D 359 -17.64 -22.63 13.47
N THR D 360 -18.91 -22.25 13.54
CA THR D 360 -19.64 -21.75 12.38
C THR D 360 -20.82 -20.90 12.85
N LYS D 361 -21.24 -19.96 11.98
CA LYS D 361 -22.42 -19.14 12.20
C LYS D 361 -23.62 -19.73 11.48
N ASP D 362 -23.41 -20.83 10.74
CA ASP D 362 -24.47 -21.50 10.00
C ASP D 362 -25.57 -21.96 10.96
N GLU D 363 -26.82 -21.89 10.49
CA GLU D 363 -27.97 -22.33 11.25
C GLU D 363 -27.94 -23.85 11.44
N TYR D 364 -27.60 -24.56 10.36
CA TYR D 364 -27.61 -26.02 10.37
C TYR D 364 -26.23 -26.53 9.98
N GLY D 365 -25.96 -27.79 10.36
CA GLY D 365 -24.78 -28.51 9.94
C GLY D 365 -25.02 -30.01 10.04
N TYR D 366 -24.01 -30.80 9.61
CA TYR D 366 -24.09 -32.24 9.67
C TYR D 366 -23.35 -32.75 10.91
N GLU D 367 -23.82 -33.90 11.42
CA GLU D 367 -23.10 -34.65 12.44
C GLU D 367 -23.10 -36.12 12.03
N HIS D 368 -22.01 -36.84 12.32
CA HIS D 368 -21.95 -38.26 12.03
C HIS D 368 -22.79 -39.02 13.05
N ALA D 369 -23.42 -40.10 12.58
CA ALA D 369 -24.16 -41.02 13.43
C ALA D 369 -23.56 -42.42 13.25
N LEU D 370 -24.13 -43.41 13.96
CA LEU D 370 -23.68 -44.78 13.85
C LEU D 370 -23.82 -45.25 12.40
N VAL D 371 -24.94 -44.87 11.76
CA VAL D 371 -25.14 -45.10 10.34
C VAL D 371 -25.47 -43.76 9.68
N GLY D 372 -24.65 -43.37 8.70
CA GLY D 372 -24.90 -42.16 7.91
C GLY D 372 -24.69 -40.90 8.75
N GLN D 373 -25.41 -39.83 8.38
CA GLN D 373 -25.26 -38.52 9.00
C GLN D 373 -26.64 -37.95 9.35
N ASN D 374 -26.66 -37.06 10.34
CA ASN D 374 -27.86 -36.32 10.70
C ASN D 374 -27.65 -34.83 10.39
N TYR D 375 -28.67 -34.20 9.81
CA TYR D 375 -28.68 -32.77 9.63
C TYR D 375 -29.40 -32.16 10.83
N VAL D 376 -28.66 -31.35 11.61
CA VAL D 376 -29.15 -30.85 12.88
C VAL D 376 -29.05 -29.33 12.91
N LYS D 377 -29.86 -28.71 13.76
CA LYS D 377 -29.80 -27.29 14.05
C LYS D 377 -28.59 -27.03 14.93
N VAL D 378 -27.77 -26.02 14.59
CA VAL D 378 -26.51 -25.79 15.28
C VAL D 378 -26.45 -24.38 15.87
N ASN D 379 -27.16 -23.41 15.28
CA ASN D 379 -27.23 -22.05 15.81
C ASN D 379 -28.68 -21.59 15.85
N ASP D 380 -29.15 -21.19 17.04
CA ASP D 380 -30.51 -20.74 17.24
C ASP D 380 -30.60 -19.21 17.28
N LYS D 381 -29.43 -18.54 17.27
CA LYS D 381 -29.36 -17.09 17.29
C LYS D 381 -30.14 -16.53 18.49
N VAL D 382 -29.91 -17.12 19.66
CA VAL D 382 -30.59 -16.71 20.88
C VAL D 382 -29.95 -15.41 21.36
N ASP D 383 -30.76 -14.34 21.41
CA ASP D 383 -30.27 -13.03 21.80
C ASP D 383 -30.23 -12.94 23.32
N VAL D 384 -29.02 -12.88 23.89
CA VAL D 384 -28.82 -12.91 25.33
C VAL D 384 -28.34 -11.55 25.85
N ARG D 385 -28.34 -10.54 24.98
CA ARG D 385 -27.72 -9.25 25.29
C ARG D 385 -28.53 -8.47 26.33
N ALA D 386 -29.85 -8.67 26.34
CA ALA D 386 -30.73 -8.02 27.30
C ALA D 386 -30.44 -6.52 27.32
N ASP D 387 -30.21 -5.96 28.51
CA ASP D 387 -29.93 -4.53 28.68
C ASP D 387 -28.45 -4.31 29.02
N HIS D 388 -27.58 -5.26 28.65
CA HIS D 388 -26.21 -5.28 29.13
C HIS D 388 -25.37 -4.15 28.53
N ALA D 389 -25.88 -3.50 27.48
CA ALA D 389 -25.21 -2.33 26.92
C ALA D 389 -25.08 -1.24 27.98
N ASP D 390 -26.02 -1.18 28.93
CA ASP D 390 -26.03 -0.18 29.98
C ASP D 390 -24.80 -0.32 30.88
N ILE D 391 -24.57 -1.53 31.40
CA ILE D 391 -23.45 -1.74 32.33
C ILE D 391 -22.13 -1.58 31.57
N ILE D 392 -22.12 -1.92 30.28
CA ILE D 392 -20.92 -1.81 29.46
C ILE D 392 -20.57 -0.34 29.26
N ARG D 393 -21.59 0.51 29.05
CA ARG D 393 -21.38 1.95 28.93
C ARG D 393 -20.91 2.49 30.27
N GLN D 394 -21.52 2.02 31.36
CA GLN D 394 -21.21 2.52 32.70
C GLN D 394 -19.78 2.19 33.08
N ILE D 395 -19.36 0.94 32.87
CA ILE D 395 -18.01 0.51 33.24
C ILE D 395 -16.99 1.25 32.36
N GLY D 396 -17.34 1.44 31.08
CA GLY D 396 -16.53 2.26 30.18
C GLY D 396 -16.23 3.63 30.80
N SER D 397 -17.29 4.34 31.21
CA SER D 397 -17.16 5.67 31.78
C SER D 397 -16.41 5.61 33.11
N ALA D 398 -16.66 4.56 33.89
CA ALA D 398 -16.05 4.41 35.20
C ALA D 398 -14.56 4.07 35.10
N SER D 399 -14.15 3.50 33.96
CA SER D 399 -12.78 3.04 33.78
C SER D 399 -11.91 4.12 33.11
N VAL D 400 -12.52 5.27 32.75
CA VAL D 400 -11.75 6.39 32.22
C VAL D 400 -10.95 6.99 33.37
N VAL D 401 -9.64 7.14 33.16
CA VAL D 401 -8.75 7.73 34.16
C VAL D 401 -8.24 9.07 33.62
N LEU D 402 -8.55 10.15 34.34
CA LEU D 402 -8.05 11.47 34.02
C LEU D 402 -6.65 11.64 34.63
N LEU D 403 -5.64 11.75 33.78
CA LEU D 403 -4.25 11.78 34.22
C LEU D 403 -3.74 13.23 34.25
N LYS D 404 -4.20 14.05 33.30
CA LYS D 404 -3.84 15.46 33.25
C LYS D 404 -5.10 16.27 32.93
N ASN D 405 -5.23 17.44 33.56
CA ASN D 405 -6.28 18.37 33.20
C ASN D 405 -5.84 19.79 33.59
N ASP D 406 -5.30 20.52 32.62
CA ASP D 406 -4.97 21.93 32.75
C ASP D 406 -6.03 22.75 32.02
N GLY D 407 -7.30 22.58 32.41
CA GLY D 407 -8.39 23.39 31.88
C GLY D 407 -8.91 22.88 30.53
N GLY D 408 -8.60 21.63 30.18
CA GLY D 408 -9.03 21.06 28.92
C GLY D 408 -10.43 20.46 29.00
N LEU D 409 -10.75 19.85 30.14
CA LEU D 409 -11.98 19.10 30.32
C LEU D 409 -12.75 19.62 31.53
N PRO D 410 -14.10 19.48 31.58
CA PRO D 410 -14.89 18.92 30.48
C PRO D 410 -15.17 19.85 29.31
N LEU D 411 -15.62 19.25 28.19
CA LEU D 411 -16.08 19.98 27.02
C LEU D 411 -17.59 20.20 27.16
N THR D 412 -18.15 21.09 26.30
CA THR D 412 -19.53 21.50 26.41
C THR D 412 -20.38 20.91 25.28
N GLY D 413 -19.77 20.75 24.09
CA GLY D 413 -20.52 20.40 22.89
C GLY D 413 -20.95 21.64 22.11
N TYR D 414 -20.56 22.83 22.62
CA TYR D 414 -20.84 24.10 21.97
C TYR D 414 -19.54 24.72 21.47
N GLU D 415 -18.48 23.90 21.39
CA GLU D 415 -17.23 24.33 20.80
C GLU D 415 -17.47 24.71 19.34
N LYS D 416 -16.76 25.74 18.89
CA LYS D 416 -16.97 26.29 17.56
C LYS D 416 -16.42 25.34 16.50
N PHE D 417 -15.31 24.67 16.80
CA PHE D 417 -14.67 23.73 15.89
C PHE D 417 -13.98 22.63 16.69
N THR D 418 -14.45 21.39 16.53
CA THR D 418 -13.84 20.23 17.16
C THR D 418 -13.10 19.42 16.08
N GLY D 419 -11.79 19.22 16.29
CA GLY D 419 -11.03 18.29 15.49
C GLY D 419 -10.87 16.95 16.22
N VAL D 420 -11.01 15.85 15.48
CA VAL D 420 -10.81 14.51 16.00
C VAL D 420 -9.69 13.86 15.19
N PHE D 421 -8.70 13.26 15.88
CA PHE D 421 -7.46 12.85 15.25
C PHE D 421 -7.07 11.45 15.68
N GLY D 422 -6.59 10.65 14.71
CA GLY D 422 -6.03 9.33 14.97
C GLY D 422 -6.94 8.23 14.46
N GLU D 423 -6.33 7.14 13.96
CA GLU D 423 -7.06 5.97 13.51
C GLU D 423 -7.84 5.37 14.67
N ASP D 424 -7.32 5.53 15.90
CA ASP D 424 -7.95 5.00 17.09
C ASP D 424 -9.31 5.67 17.36
N ALA D 425 -9.63 6.73 16.62
CA ALA D 425 -10.95 7.36 16.73
C ALA D 425 -11.95 6.69 15.78
N GLY D 426 -11.45 6.00 14.75
CA GLY D 426 -12.27 5.62 13.61
C GLY D 426 -12.70 4.15 13.65
N SER D 427 -13.24 3.69 12.52
CA SER D 427 -13.80 2.35 12.39
C SER D 427 -12.74 1.37 11.90
N ASN D 428 -12.91 0.10 12.31
CA ASN D 428 -12.29 -1.02 11.63
C ASN D 428 -12.97 -1.19 10.28
N ARG D 429 -12.23 -0.89 9.20
CA ARG D 429 -12.79 -0.89 7.85
C ARG D 429 -13.21 -2.29 7.42
N TRP D 430 -12.80 -3.33 8.16
CA TRP D 430 -13.17 -4.69 7.86
C TRP D 430 -14.39 -5.15 8.67
N GLY D 431 -15.05 -4.19 9.34
CA GLY D 431 -16.10 -4.51 10.29
C GLY D 431 -15.55 -4.62 11.70
N ALA D 432 -16.40 -4.37 12.70
CA ALA D 432 -16.00 -4.44 14.10
C ALA D 432 -15.36 -5.78 14.42
N ASP D 433 -15.89 -6.86 13.83
CA ASP D 433 -15.41 -8.20 14.06
C ASP D 433 -14.63 -8.70 12.84
N GLY D 434 -13.98 -7.80 12.11
CA GLY D 434 -13.35 -8.13 10.83
C GLY D 434 -12.01 -8.85 10.98
N CYS D 435 -11.41 -8.79 12.18
CA CYS D 435 -10.17 -9.49 12.45
C CYS D 435 -10.45 -10.65 13.41
N SER D 436 -10.06 -11.87 13.01
CA SER D 436 -10.35 -13.05 13.82
C SER D 436 -9.60 -12.96 15.14
N ASP D 437 -10.34 -13.14 16.25
CA ASP D 437 -9.79 -13.05 17.60
C ASP D 437 -9.24 -11.65 17.87
N ARG D 438 -9.78 -10.65 17.14
CA ARG D 438 -9.38 -9.26 17.27
C ARG D 438 -7.89 -9.08 17.01
N GLY D 439 -7.31 -9.94 16.15
CA GLY D 439 -5.88 -9.96 15.91
C GLY D 439 -5.44 -8.90 14.90
N CYS D 440 -5.72 -7.64 15.23
CA CYS D 440 -5.28 -6.50 14.44
C CYS D 440 -5.42 -5.23 15.30
N ASP D 441 -4.99 -4.10 14.76
CA ASP D 441 -5.18 -2.81 15.40
C ASP D 441 -5.87 -1.86 14.43
N ASN D 442 -6.94 -2.34 13.79
CA ASN D 442 -7.72 -1.56 12.85
C ASN D 442 -8.70 -0.66 13.62
N GLY D 443 -8.60 0.65 13.42
CA GLY D 443 -9.54 1.59 14.00
C GLY D 443 -9.41 1.65 15.52
N THR D 444 -10.52 1.97 16.20
CA THR D 444 -10.52 2.18 17.64
C THR D 444 -10.29 0.85 18.35
N LEU D 445 -9.41 0.88 19.35
CA LEU D 445 -9.07 -0.31 20.12
C LEU D 445 -9.99 -0.41 21.32
N ALA D 446 -10.79 -1.50 21.37
CA ALA D 446 -11.77 -1.69 22.43
C ALA D 446 -11.65 -3.08 23.04
N MET D 447 -10.63 -3.86 22.62
CA MET D 447 -10.46 -5.24 23.01
C MET D 447 -9.11 -5.71 22.47
N GLY D 448 -8.35 -6.46 23.30
CA GLY D 448 -7.10 -7.06 22.86
C GLY D 448 -7.36 -8.35 22.07
N TRP D 449 -6.30 -9.07 21.70
CA TRP D 449 -6.44 -10.23 20.83
C TRP D 449 -6.18 -11.54 21.56
N GLY D 450 -6.69 -12.62 20.97
CA GLY D 450 -6.49 -13.97 21.45
C GLY D 450 -7.80 -14.61 21.89
N SER D 451 -7.69 -15.57 22.82
CA SER D 451 -8.83 -16.30 23.34
C SER D 451 -9.71 -15.42 24.22
N GLY D 452 -9.13 -14.32 24.74
CA GLY D 452 -9.81 -13.47 25.71
C GLY D 452 -10.73 -12.46 25.03
N THR D 453 -11.53 -12.93 24.07
CA THR D 453 -12.29 -12.05 23.21
C THR D 453 -13.75 -12.48 23.16
N ALA D 454 -14.55 -11.62 22.54
CA ALA D 454 -15.91 -11.93 22.11
C ALA D 454 -16.24 -11.01 20.94
N ASP D 455 -17.32 -11.32 20.22
CA ASP D 455 -17.68 -10.54 19.04
C ASP D 455 -18.52 -9.33 19.45
N PHE D 456 -18.15 -8.16 18.94
CA PHE D 456 -18.94 -6.95 19.07
C PHE D 456 -20.28 -7.16 18.36
N PRO D 457 -21.44 -6.90 19.01
CA PRO D 457 -22.71 -6.87 18.31
C PRO D 457 -22.77 -5.64 17.43
N TYR D 458 -22.02 -4.62 17.87
CA TYR D 458 -21.76 -3.38 17.15
C TYR D 458 -20.62 -2.71 17.92
N LEU D 459 -20.07 -1.62 17.38
CA LEU D 459 -19.04 -0.87 18.09
C LEU D 459 -19.20 0.61 17.77
N VAL D 460 -19.52 1.40 18.81
CA VAL D 460 -19.60 2.84 18.71
C VAL D 460 -18.17 3.40 18.79
N THR D 461 -17.74 4.11 17.75
CA THR D 461 -16.40 4.67 17.72
C THR D 461 -16.41 6.05 18.36
N PRO D 462 -15.25 6.55 18.84
CA PRO D 462 -15.14 7.94 19.29
C PRO D 462 -15.58 8.95 18.23
N GLU D 463 -15.18 8.71 16.97
CA GLU D 463 -15.57 9.54 15.85
C GLU D 463 -17.09 9.71 15.82
N GLN D 464 -17.81 8.58 15.96
CA GLN D 464 -19.25 8.55 15.88
C GLN D 464 -19.87 9.31 17.05
N ALA D 465 -19.39 9.02 18.27
CA ALA D 465 -19.99 9.58 19.48
C ALA D 465 -19.77 11.09 19.54
N ILE D 466 -18.57 11.54 19.16
CA ILE D 466 -18.22 12.95 19.24
C ILE D 466 -19.03 13.74 18.22
N GLN D 467 -19.16 13.24 16.99
CA GLN D 467 -19.97 13.92 15.99
C GLN D 467 -21.42 14.00 16.47
N ASN D 468 -21.94 12.91 17.05
CA ASN D 468 -23.29 12.89 17.58
C ASN D 468 -23.45 13.93 18.69
N GLU D 469 -22.44 14.04 19.56
CA GLU D 469 -22.46 14.98 20.66
C GLU D 469 -22.59 16.41 20.12
N ILE D 470 -21.75 16.74 19.13
CA ILE D 470 -21.70 18.08 18.57
C ILE D 470 -23.01 18.40 17.84
N LEU D 471 -23.45 17.46 16.98
CA LEU D 471 -24.58 17.71 16.09
C LEU D 471 -25.90 17.68 16.87
N SER D 472 -25.89 17.22 18.12
CA SER D 472 -27.08 17.24 18.97
C SER D 472 -27.10 18.48 19.86
N LYS D 473 -25.97 19.21 19.93
CA LYS D 473 -25.84 20.35 20.84
C LYS D 473 -25.60 21.63 20.05
N GLY D 474 -24.35 22.11 20.04
CA GLY D 474 -24.03 23.42 19.49
C GLY D 474 -23.96 23.43 17.95
N LYS D 475 -23.75 22.23 17.37
CA LYS D 475 -23.70 22.06 15.93
C LYS D 475 -22.59 22.91 15.32
N GLY D 476 -21.46 23.00 16.02
CA GLY D 476 -20.25 23.60 15.46
C GLY D 476 -19.61 22.67 14.43
N LEU D 477 -18.46 23.08 13.91
CA LEU D 477 -17.74 22.30 12.92
C LEU D 477 -17.09 21.09 13.60
N VAL D 478 -16.98 19.99 12.86
CA VAL D 478 -16.30 18.80 13.34
C VAL D 478 -15.75 18.01 12.15
N SER D 479 -14.47 17.66 12.25
CA SER D 479 -13.79 16.85 11.25
C SER D 479 -12.97 15.77 11.95
N ALA D 480 -12.91 14.58 11.33
CA ALA D 480 -12.19 13.45 11.88
C ALA D 480 -11.16 12.95 10.87
N VAL D 481 -9.88 13.12 11.22
CA VAL D 481 -8.77 12.61 10.42
C VAL D 481 -8.26 11.32 11.07
N THR D 482 -8.62 10.18 10.49
CA THR D 482 -8.42 8.88 11.12
C THR D 482 -7.37 8.07 10.36
N ASP D 483 -6.44 8.77 9.70
CA ASP D 483 -5.27 8.17 9.09
C ASP D 483 -4.03 8.83 9.70
N ASN D 484 -3.26 8.05 10.46
CA ASN D 484 -2.15 8.57 11.24
C ASN D 484 -1.04 9.10 10.34
N GLY D 485 -1.09 8.76 9.05
CA GLY D 485 -0.13 9.25 8.06
C GLY D 485 -0.51 10.64 7.52
N ALA D 486 -1.77 11.05 7.73
CA ALA D 486 -2.29 12.28 7.13
C ALA D 486 -1.95 13.48 8.00
N LEU D 487 -0.64 13.76 8.16
CA LEU D 487 -0.18 14.76 9.10
C LEU D 487 -0.43 16.17 8.55
N ASP D 488 -0.43 16.32 7.22
CA ASP D 488 -0.79 17.58 6.59
C ASP D 488 -2.19 17.99 7.01
N GLN D 489 -3.15 17.07 6.86
CA GLN D 489 -4.54 17.33 7.17
C GLN D 489 -4.71 17.60 8.67
N MET D 490 -3.99 16.85 9.50
CA MET D 490 -4.06 17.03 10.95
C MET D 490 -3.62 18.45 11.30
N GLU D 491 -2.50 18.90 10.70
CA GLU D 491 -2.04 20.27 10.82
C GLU D 491 -3.14 21.25 10.42
N GLN D 492 -3.66 21.05 9.20
CA GLN D 492 -4.69 21.90 8.60
C GLN D 492 -5.85 22.08 9.58
N VAL D 493 -6.38 20.97 10.09
CA VAL D 493 -7.60 20.97 10.87
C VAL D 493 -7.31 21.47 12.29
N ALA D 494 -6.20 21.03 12.88
CA ALA D 494 -5.85 21.37 14.25
C ALA D 494 -5.63 22.87 14.40
N SER D 495 -5.11 23.50 13.33
CA SER D 495 -4.85 24.94 13.30
C SER D 495 -6.14 25.74 13.46
N GLN D 496 -7.29 25.14 13.11
CA GLN D 496 -8.57 25.83 13.10
C GLN D 496 -9.42 25.49 14.32
N ALA D 497 -9.00 24.49 15.11
CA ALA D 497 -9.88 23.86 16.09
C ALA D 497 -9.95 24.68 17.38
N SER D 498 -11.15 24.73 17.97
CA SER D 498 -11.35 25.18 19.34
C SER D 498 -10.73 24.18 20.30
N VAL D 499 -10.95 22.88 19.99
CA VAL D 499 -10.39 21.77 20.75
C VAL D 499 -10.00 20.68 19.76
N SER D 500 -8.87 20.02 20.05
CA SER D 500 -8.42 18.88 19.28
C SER D 500 -8.40 17.65 20.18
N ILE D 501 -9.12 16.59 19.77
CA ILE D 501 -9.21 15.37 20.54
C ILE D 501 -8.44 14.28 19.81
N VAL D 502 -7.32 13.84 20.40
CA VAL D 502 -6.38 12.94 19.73
C VAL D 502 -6.52 11.54 20.32
N PHE D 503 -6.53 10.54 19.44
CA PHE D 503 -6.73 9.15 19.83
C PHE D 503 -5.52 8.32 19.44
N VAL D 504 -4.98 7.57 20.41
CA VAL D 504 -3.82 6.72 20.21
C VAL D 504 -4.05 5.41 20.96
N ASN D 505 -3.38 4.34 20.53
CA ASN D 505 -3.57 3.05 21.17
C ASN D 505 -2.26 2.27 21.22
N ALA D 506 -2.32 1.16 21.98
CA ALA D 506 -1.27 0.16 22.01
C ALA D 506 -1.91 -1.19 22.36
N ASP D 507 -1.58 -2.22 21.59
CA ASP D 507 -2.31 -3.48 21.61
C ASP D 507 -1.38 -4.61 22.00
N SER D 508 -1.97 -5.72 22.49
CA SER D 508 -1.24 -6.94 22.79
C SER D 508 -2.26 -8.07 22.92
N GLY D 509 -1.76 -9.29 23.13
CA GLY D 509 -2.66 -10.40 23.38
C GLY D 509 -1.95 -11.73 23.51
N GLU D 510 -2.66 -12.80 23.14
CA GLU D 510 -2.19 -14.16 23.34
C GLU D 510 -1.13 -14.49 22.29
N GLY D 511 -0.18 -15.35 22.69
CA GLY D 511 1.07 -15.55 21.96
C GLY D 511 0.89 -16.22 20.60
N TYR D 512 -0.26 -16.84 20.33
CA TYR D 512 -0.46 -17.54 19.07
C TYR D 512 -0.73 -16.55 17.94
N ILE D 513 -0.94 -15.27 18.28
CA ILE D 513 -1.14 -14.23 17.27
C ILE D 513 0.02 -13.24 17.35
N ASN D 514 0.54 -12.88 16.17
CA ASN D 514 1.64 -11.95 16.02
C ASN D 514 1.16 -10.78 15.16
N VAL D 515 1.06 -9.59 15.76
CA VAL D 515 0.71 -8.37 15.02
C VAL D 515 1.92 -7.45 15.03
N ASP D 516 2.47 -7.20 13.84
CA ASP D 516 3.53 -6.21 13.65
C ASP D 516 4.71 -6.50 14.57
N GLY D 517 5.07 -7.78 14.68
CA GLY D 517 6.26 -8.19 15.41
C GLY D 517 6.03 -8.31 16.93
N ASN D 518 4.76 -8.17 17.36
CA ASN D 518 4.39 -8.38 18.75
C ASN D 518 3.83 -9.80 18.88
N GLU D 519 4.67 -10.73 19.35
CA GLU D 519 4.29 -12.13 19.49
C GLU D 519 3.56 -12.28 20.82
N GLY D 520 2.31 -11.79 20.85
CA GLY D 520 1.54 -11.70 22.08
C GLY D 520 2.06 -10.57 22.96
N ASP D 521 3.23 -10.79 23.56
CA ASP D 521 3.92 -9.76 24.33
C ASP D 521 4.24 -8.58 23.42
N ARG D 522 4.27 -7.38 24.01
CA ARG D 522 4.62 -6.17 23.29
C ARG D 522 6.13 -6.08 23.18
N LYS D 523 6.61 -5.71 21.98
CA LYS D 523 8.03 -5.64 21.69
C LYS D 523 8.60 -4.33 22.21
N ASN D 524 7.73 -3.37 22.53
CA ASN D 524 8.12 -2.08 23.09
C ASN D 524 6.93 -1.49 23.83
N LEU D 525 7.14 -0.33 24.46
CA LEU D 525 6.07 0.40 25.15
C LEU D 525 5.71 1.67 24.38
N THR D 526 5.81 1.60 23.05
CA THR D 526 5.51 2.75 22.19
C THR D 526 4.05 2.69 21.80
N LEU D 527 3.47 3.88 21.55
CA LEU D 527 2.16 3.96 20.92
C LEU D 527 2.26 3.38 19.51
N TRP D 528 1.18 2.73 19.07
CA TRP D 528 1.15 2.05 17.80
C TRP D 528 0.83 3.04 16.67
N LYS D 529 1.27 2.68 15.46
CA LYS D 529 0.90 3.37 14.23
C LYS D 529 1.25 4.86 14.28
N GLY D 530 2.39 5.19 14.88
CA GLY D 530 2.92 6.55 14.89
C GLY D 530 2.04 7.50 15.71
N GLY D 531 1.44 6.99 16.79
CA GLY D 531 0.56 7.78 17.64
C GLY D 531 1.27 9.00 18.22
N GLU D 532 2.54 8.81 18.59
CA GLU D 532 3.36 9.86 19.17
C GLU D 532 3.47 11.04 18.21
N GLU D 533 3.72 10.76 16.93
CA GLU D 533 3.85 11.79 15.92
C GLU D 533 2.52 12.51 15.70
N VAL D 534 1.40 11.78 15.84
CA VAL D 534 0.08 12.37 15.74
C VAL D 534 -0.08 13.41 16.85
N ILE D 535 0.24 13.02 18.09
CA ILE D 535 0.11 13.90 19.24
C ILE D 535 0.96 15.16 19.03
N LYS D 536 2.21 14.97 18.60
CA LYS D 536 3.16 16.05 18.45
C LYS D 536 2.68 17.02 17.36
N THR D 537 2.15 16.48 16.25
CA THR D 537 1.69 17.29 15.15
C THR D 537 0.51 18.15 15.60
N VAL D 538 -0.46 17.53 16.27
CA VAL D 538 -1.68 18.21 16.67
C VAL D 538 -1.35 19.27 17.73
N ALA D 539 -0.51 18.91 18.71
CA ALA D 539 -0.15 19.81 19.80
C ALA D 539 0.63 21.03 19.29
N ALA D 540 1.37 20.86 18.19
CA ALA D 540 2.12 21.96 17.58
C ALA D 540 1.18 23.00 16.98
N ASN D 541 -0.07 22.61 16.68
CA ASN D 541 -0.99 23.46 15.93
C ASN D 541 -2.23 23.83 16.74
N CYS D 542 -2.44 23.17 17.88
CA CYS D 542 -3.60 23.45 18.72
C CYS D 542 -3.15 23.48 20.19
N ASN D 543 -3.39 24.61 20.85
CA ASN D 543 -2.98 24.80 22.23
C ASN D 543 -4.07 24.28 23.19
N ASN D 544 -5.08 23.58 22.66
CA ASN D 544 -6.09 22.93 23.47
C ASN D 544 -6.28 21.50 22.97
N THR D 545 -5.25 20.68 23.15
CA THR D 545 -5.20 19.31 22.67
C THR D 545 -5.49 18.34 23.81
N ILE D 546 -6.49 17.48 23.60
CA ILE D 546 -6.86 16.44 24.54
C ILE D 546 -6.34 15.11 23.98
N VAL D 547 -5.66 14.30 24.79
CA VAL D 547 -5.18 13.01 24.34
C VAL D 547 -5.96 11.89 25.05
N VAL D 548 -6.46 10.95 24.24
CA VAL D 548 -7.19 9.79 24.73
C VAL D 548 -6.40 8.53 24.34
N MET D 549 -6.01 7.76 25.37
CA MET D 549 -5.20 6.56 25.18
C MET D 549 -6.06 5.32 25.41
N HIS D 550 -6.23 4.51 24.35
CA HIS D 550 -6.75 3.16 24.48
C HIS D 550 -5.59 2.18 24.44
N THR D 551 -5.06 1.80 25.61
CA THR D 551 -3.90 0.93 25.67
C THR D 551 -4.16 -0.24 26.62
N VAL D 552 -3.56 -1.38 26.29
CA VAL D 552 -3.68 -2.61 27.06
C VAL D 552 -2.94 -2.49 28.38
N GLY D 553 -1.94 -1.61 28.40
CA GLY D 553 -1.18 -1.30 29.59
C GLY D 553 -0.45 0.02 29.40
N PRO D 554 0.60 0.33 30.20
CA PRO D 554 1.30 1.61 30.08
C PRO D 554 2.12 1.69 28.80
N VAL D 555 2.30 2.93 28.33
CA VAL D 555 3.25 3.27 27.28
C VAL D 555 4.14 4.37 27.84
N LEU D 556 5.26 4.65 27.15
CA LEU D 556 6.16 5.71 27.58
C LEU D 556 5.69 7.02 26.98
N ILE D 557 5.33 7.98 27.84
CA ILE D 557 4.67 9.20 27.44
C ILE D 557 5.54 10.42 27.76
N ASP D 558 6.80 10.17 28.15
CA ASP D 558 7.67 11.19 28.70
C ASP D 558 7.85 12.36 27.71
N GLU D 559 7.81 12.06 26.41
CA GLU D 559 8.16 13.06 25.40
C GLU D 559 7.02 14.03 25.12
N TRP D 560 5.79 13.76 25.60
CA TRP D 560 4.68 14.61 25.24
C TRP D 560 3.72 14.94 26.39
N TYR D 561 3.76 14.18 27.51
CA TYR D 561 2.72 14.32 28.52
C TYR D 561 2.77 15.71 29.14
N ASP D 562 3.97 16.31 29.21
CA ASP D 562 4.16 17.59 29.87
C ASP D 562 4.17 18.73 28.85
N ASN D 563 3.77 18.44 27.61
CA ASN D 563 3.58 19.47 26.58
C ASN D 563 2.46 20.39 27.03
N PRO D 564 2.70 21.72 27.19
CA PRO D 564 1.66 22.63 27.66
C PRO D 564 0.46 22.79 26.73
N ASN D 565 0.62 22.39 25.45
CA ASN D 565 -0.48 22.43 24.49
C ASN D 565 -1.42 21.24 24.70
N VAL D 566 -0.96 20.21 25.43
CA VAL D 566 -1.81 19.10 25.82
C VAL D 566 -2.50 19.46 27.13
N THR D 567 -3.78 19.86 27.04
CA THR D 567 -4.49 20.43 28.17
C THR D 567 -5.18 19.36 29.00
N ALA D 568 -5.28 18.13 28.47
CA ALA D 568 -5.78 17.01 29.26
C ALA D 568 -5.34 15.68 28.64
N ILE D 569 -5.21 14.66 29.52
CA ILE D 569 -4.88 13.31 29.12
C ILE D 569 -5.80 12.35 29.86
N VAL D 570 -6.42 11.41 29.13
CA VAL D 570 -7.17 10.34 29.74
C VAL D 570 -6.66 9.00 29.19
N TRP D 571 -6.69 7.98 30.06
CA TRP D 571 -6.60 6.59 29.66
C TRP D 571 -8.00 5.99 29.73
N ALA D 572 -8.40 5.26 28.66
CA ALA D 572 -9.73 4.70 28.56
C ALA D 572 -9.69 3.18 28.38
N GLY D 573 -8.50 2.62 28.13
CA GLY D 573 -8.32 1.17 28.07
C GLY D 573 -9.06 0.53 26.91
N LEU D 574 -9.75 -0.59 27.19
CA LEU D 574 -10.42 -1.40 26.20
C LEU D 574 -11.91 -1.46 26.54
N PRO D 575 -12.71 -0.45 26.13
CA PRO D 575 -14.07 -0.27 26.69
C PRO D 575 -15.21 -1.12 26.16
N GLY D 576 -14.94 -1.99 25.18
CA GLY D 576 -15.99 -2.80 24.58
C GLY D 576 -16.91 -1.98 23.68
N GLN D 577 -18.14 -2.47 23.48
CA GLN D 577 -18.99 -2.08 22.37
C GLN D 577 -19.44 -0.61 22.46
N GLU D 578 -19.47 -0.05 23.69
CA GLU D 578 -20.01 1.29 23.91
C GLU D 578 -18.90 2.33 24.04
N SER D 579 -17.69 1.99 23.56
CA SER D 579 -16.49 2.79 23.76
C SER D 579 -16.75 4.29 23.57
N GLY D 580 -17.23 4.66 22.37
CA GLY D 580 -17.40 6.05 22.00
C GLY D 580 -18.36 6.79 22.94
N ASN D 581 -19.44 6.10 23.33
CA ASN D 581 -20.50 6.67 24.16
C ASN D 581 -20.02 6.85 25.60
N SER D 582 -19.36 5.81 26.13
CA SER D 582 -18.87 5.86 27.51
C SER D 582 -17.84 6.96 27.65
N LEU D 583 -17.05 7.20 26.59
CA LEU D 583 -16.00 8.22 26.61
C LEU D 583 -16.62 9.62 26.64
N VAL D 584 -17.56 9.90 25.74
CA VAL D 584 -18.10 11.24 25.59
C VAL D 584 -18.91 11.61 26.83
N ASP D 585 -19.51 10.60 27.48
CA ASP D 585 -20.17 10.82 28.76
C ASP D 585 -19.22 11.50 29.74
N VAL D 586 -17.93 11.15 29.69
CA VAL D 586 -16.93 11.70 30.57
C VAL D 586 -16.40 13.01 30.01
N LEU D 587 -16.00 13.01 28.73
CA LEU D 587 -15.36 14.17 28.11
C LEU D 587 -16.27 15.39 28.18
N TYR D 588 -17.59 15.18 28.04
CA TYR D 588 -18.54 16.28 27.98
C TYR D 588 -19.25 16.47 29.31
N GLY D 589 -18.80 15.77 30.36
CA GLY D 589 -19.08 16.16 31.73
C GLY D 589 -20.38 15.61 32.32
N ARG D 590 -21.00 14.63 31.65
CA ARG D 590 -22.15 13.94 32.21
C ARG D 590 -21.70 13.05 33.37
N VAL D 591 -20.48 12.52 33.26
CA VAL D 591 -19.85 11.70 34.29
C VAL D 591 -18.49 12.30 34.61
N SER D 592 -18.25 12.66 35.88
CA SER D 592 -16.93 13.06 36.31
C SER D 592 -16.02 11.83 36.30
N PRO D 593 -14.81 11.90 35.71
CA PRO D 593 -13.90 10.74 35.73
C PRO D 593 -13.49 10.48 37.17
N GLY D 594 -13.55 9.20 37.58
CA GLY D 594 -13.17 8.80 38.92
C GLY D 594 -12.31 7.54 38.93
N GLY D 595 -11.86 7.09 37.74
CA GLY D 595 -10.97 5.95 37.66
C GLY D 595 -9.58 6.31 38.19
N LYS D 596 -8.85 5.29 38.63
CA LYS D 596 -7.46 5.45 39.04
C LYS D 596 -6.63 4.42 38.28
N THR D 597 -5.44 4.82 37.83
CA THR D 597 -4.60 3.93 37.05
C THR D 597 -4.29 2.69 37.89
N PRO D 598 -4.59 1.47 37.39
CA PRO D 598 -4.28 0.24 38.12
C PRO D 598 -2.86 -0.29 37.91
N PHE D 599 -2.00 0.51 37.26
CA PHE D 599 -0.60 0.21 37.10
C PHE D 599 0.17 1.54 37.03
N THR D 600 1.51 1.46 37.10
CA THR D 600 2.35 2.65 37.14
C THR D 600 2.67 3.10 35.72
N TRP D 601 2.77 4.42 35.54
CA TRP D 601 3.27 5.03 34.32
C TRP D 601 4.69 5.55 34.56
N GLY D 602 5.69 4.81 34.09
CA GLY D 602 7.10 5.11 34.35
C GLY D 602 7.71 5.95 33.23
N LYS D 603 8.88 6.53 33.52
CA LYS D 603 9.60 7.36 32.57
C LYS D 603 10.23 6.50 31.47
N THR D 604 10.73 5.31 31.86
CA THR D 604 11.41 4.42 30.94
C THR D 604 10.93 2.98 31.16
N ARG D 605 11.31 2.08 30.24
CA ARG D 605 11.03 0.67 30.39
C ARG D 605 11.84 0.10 31.56
N GLU D 606 13.04 0.65 31.77
CA GLU D 606 13.94 0.17 32.80
C GLU D 606 13.36 0.46 34.19
N SER D 607 12.49 1.49 34.27
CA SER D 607 11.82 1.87 35.51
C SER D 607 11.06 0.69 36.12
N TYR D 608 10.51 -0.19 35.28
CA TYR D 608 9.66 -1.29 35.74
C TYR D 608 10.51 -2.48 36.17
N GLY D 609 11.76 -2.53 35.74
CA GLY D 609 12.66 -3.63 36.08
C GLY D 609 13.18 -4.33 34.81
N ALA D 610 13.52 -5.61 34.96
CA ALA D 610 14.23 -6.33 33.92
C ALA D 610 13.30 -6.64 32.75
N PRO D 611 13.84 -6.76 31.51
CA PRO D 611 13.01 -7.04 30.34
C PRO D 611 12.32 -8.40 30.43
N LEU D 612 11.36 -8.61 29.53
CA LEU D 612 10.86 -9.95 29.21
C LEU D 612 12.06 -10.83 28.84
N LEU D 613 11.97 -12.12 29.18
CA LEU D 613 12.90 -13.10 28.67
C LEU D 613 12.41 -13.52 27.28
N THR D 614 13.07 -13.03 26.24
CA THR D 614 12.65 -13.27 24.86
C THR D 614 13.73 -14.01 24.07
N LYS D 615 14.77 -14.50 24.77
CA LYS D 615 15.83 -15.28 24.15
C LYS D 615 16.09 -16.50 25.02
N PRO D 616 15.96 -17.74 24.49
CA PRO D 616 16.23 -18.95 25.28
C PRO D 616 17.61 -18.92 25.94
N ASN D 617 17.65 -19.33 27.22
CA ASN D 617 18.85 -19.22 28.05
C ASN D 617 19.22 -20.57 28.66
N ASN D 618 18.61 -21.66 28.16
CA ASN D 618 18.88 -23.00 28.64
C ASN D 618 19.01 -23.94 27.43
N GLY D 619 19.69 -23.45 26.39
CA GLY D 619 19.85 -24.18 25.15
C GLY D 619 18.50 -24.56 24.54
N LYS D 620 18.30 -25.87 24.39
CA LYS D 620 17.10 -26.43 23.77
C LYS D 620 16.08 -26.80 24.84
N GLY D 621 16.46 -26.65 26.11
CA GLY D 621 15.59 -27.00 27.23
C GLY D 621 14.68 -25.83 27.60
N ALA D 622 13.90 -26.04 28.67
CA ALA D 622 13.02 -25.03 29.22
C ALA D 622 13.80 -23.76 29.51
N PRO D 623 13.45 -22.60 28.88
CA PRO D 623 14.01 -21.32 29.31
C PRO D 623 13.75 -21.10 30.81
N GLN D 624 14.70 -20.44 31.48
CA GLN D 624 14.65 -20.27 32.93
C GLN D 624 14.36 -18.80 33.25
N ASP D 625 13.20 -18.56 33.85
CA ASP D 625 12.71 -17.22 34.13
C ASP D 625 12.67 -17.04 35.65
N ASP D 626 13.72 -16.42 36.19
CA ASP D 626 13.87 -16.25 37.63
C ASP D 626 13.13 -14.98 38.07
N PHE D 627 12.18 -15.14 39.00
CA PHE D 627 11.45 -14.01 39.55
C PHE D 627 12.27 -13.43 40.70
N THR D 628 13.41 -12.83 40.35
CA THR D 628 14.41 -12.43 41.33
C THR D 628 13.94 -11.18 42.07
N GLU D 629 13.05 -10.39 41.45
CA GLU D 629 12.57 -9.15 42.05
C GLU D 629 11.63 -9.42 43.23
N GLY D 630 11.13 -10.66 43.35
CA GLY D 630 10.24 -11.02 44.43
C GLY D 630 8.91 -10.29 44.31
N VAL D 631 8.48 -9.62 45.40
CA VAL D 631 7.21 -8.93 45.45
C VAL D 631 7.31 -7.56 44.78
N PHE D 632 8.51 -7.15 44.35
CA PHE D 632 8.74 -5.79 43.90
C PHE D 632 8.46 -5.67 42.40
N ILE D 633 7.16 -5.72 42.05
CA ILE D 633 6.68 -5.41 40.72
C ILE D 633 5.86 -4.12 40.77
N ASP D 634 5.75 -3.46 39.62
CA ASP D 634 5.03 -2.20 39.46
C ASP D 634 5.45 -1.24 40.58
N TYR D 635 4.47 -0.67 41.30
CA TYR D 635 4.71 0.48 42.17
C TYR D 635 5.67 0.11 43.31
N ARG D 636 5.67 -1.16 43.73
CA ARG D 636 6.57 -1.60 44.78
C ARG D 636 8.02 -1.39 44.34
N ARG D 637 8.28 -1.64 43.05
CA ARG D 637 9.60 -1.48 42.47
C ARG D 637 10.00 -0.01 42.48
N PHE D 638 9.10 0.84 41.96
CA PHE D 638 9.34 2.28 41.88
C PHE D 638 9.62 2.82 43.28
N ASP D 639 8.89 2.31 44.28
CA ASP D 639 9.01 2.75 45.66
C ASP D 639 10.35 2.31 46.24
N LYS D 640 10.76 1.06 45.95
CA LYS D 640 11.99 0.52 46.50
C LYS D 640 13.20 1.34 46.05
N TYR D 641 13.23 1.70 44.75
CA TYR D 641 14.40 2.33 44.16
C TYR D 641 14.28 3.86 44.21
N ASN D 642 13.22 4.36 44.86
CA ASN D 642 13.03 5.78 45.10
C ASN D 642 12.89 6.51 43.75
N GLU D 643 12.31 5.82 42.77
CA GLU D 643 12.08 6.40 41.45
C GLU D 643 10.68 7.01 41.41
N THR D 644 10.60 8.21 40.81
CA THR D 644 9.34 8.93 40.69
C THR D 644 8.66 8.55 39.38
N PRO D 645 7.46 7.92 39.42
CA PRO D 645 6.70 7.69 38.20
C PRO D 645 6.10 8.99 37.69
N ILE D 646 5.78 9.03 36.39
CA ILE D 646 5.00 10.12 35.82
C ILE D 646 3.63 10.11 36.48
N TYR D 647 2.99 8.93 36.49
CA TYR D 647 1.70 8.74 37.14
C TYR D 647 1.75 7.45 37.96
N GLU D 648 1.59 7.59 39.28
CA GLU D 648 1.79 6.49 40.21
C GLU D 648 0.54 5.60 40.24
N PHE D 649 0.73 4.37 40.72
CA PHE D 649 -0.37 3.45 40.96
C PHE D 649 -1.40 4.15 41.85
N GLY D 650 -2.67 4.09 41.44
CA GLY D 650 -3.78 4.60 42.22
C GLY D 650 -4.05 6.09 41.95
N PHE D 651 -3.37 6.68 40.96
CA PHE D 651 -3.52 8.09 40.66
C PHE D 651 -4.62 8.29 39.63
N GLY D 652 -5.43 9.33 39.85
CA GLY D 652 -6.44 9.78 38.89
C GLY D 652 -7.06 11.10 39.35
N LEU D 653 -7.40 11.95 38.38
CA LEU D 653 -7.96 13.26 38.67
C LEU D 653 -9.48 13.20 38.56
N SER D 654 -10.12 14.33 38.93
CA SER D 654 -11.57 14.46 38.92
C SER D 654 -11.93 15.85 38.43
N TYR D 655 -13.22 16.08 38.14
CA TYR D 655 -13.71 17.41 37.83
C TYR D 655 -13.98 18.18 39.13
N THR D 656 -13.78 17.52 40.28
CA THR D 656 -13.90 18.17 41.58
C THR D 656 -12.69 17.79 42.44
N THR D 657 -12.65 18.32 43.67
CA THR D 657 -11.56 18.09 44.60
C THR D 657 -12.10 17.36 45.83
N PHE D 658 -11.21 16.62 46.51
CA PHE D 658 -11.55 15.88 47.72
C PHE D 658 -10.53 16.17 48.81
N GLU D 659 -11.00 16.15 50.06
CA GLU D 659 -10.18 16.43 51.22
C GLU D 659 -10.27 15.26 52.20
N TYR D 660 -9.13 14.89 52.78
CA TYR D 660 -9.01 13.78 53.71
C TYR D 660 -8.69 14.34 55.10
N SER D 661 -9.35 13.81 56.14
CA SER D 661 -9.12 14.28 57.50
C SER D 661 -9.44 13.20 58.53
N ASP D 662 -8.74 13.29 59.67
CA ASP D 662 -9.16 12.68 60.92
C ASP D 662 -9.14 11.16 60.82
N ILE D 663 -7.95 10.60 60.67
CA ILE D 663 -7.78 9.14 60.68
C ILE D 663 -7.89 8.66 62.13
N TYR D 664 -8.46 7.46 62.30
CA TYR D 664 -8.54 6.81 63.60
C TYR D 664 -8.31 5.32 63.41
N VAL D 665 -7.47 4.75 64.29
CA VAL D 665 -7.21 3.31 64.31
C VAL D 665 -7.80 2.74 65.61
N GLN D 666 -8.68 1.75 65.45
CA GLN D 666 -9.27 1.06 66.58
C GLN D 666 -8.74 -0.38 66.60
N PRO D 667 -7.88 -0.75 67.58
CA PRO D 667 -7.55 -2.16 67.81
C PRO D 667 -8.80 -2.93 68.20
N LEU D 668 -8.91 -4.16 67.69
CA LEU D 668 -10.10 -4.97 67.90
C LEU D 668 -9.81 -6.15 68.84
N ASN D 669 -8.53 -6.30 69.24
CA ASN D 669 -8.13 -7.27 70.24
C ASN D 669 -8.61 -8.67 69.84
N ALA D 670 -8.22 -9.09 68.64
CA ALA D 670 -8.59 -10.39 68.10
C ALA D 670 -7.96 -11.51 68.92
N ARG D 671 -8.59 -12.70 68.84
CA ARG D 671 -8.10 -13.91 69.47
C ARG D 671 -6.74 -14.25 68.86
N PRO D 672 -5.80 -14.89 69.60
CA PRO D 672 -4.51 -15.29 69.03
C PRO D 672 -4.67 -16.25 67.86
N TYR D 673 -3.78 -16.14 66.87
CA TYR D 673 -3.83 -17.01 65.71
C TYR D 673 -3.44 -18.43 66.13
N THR D 674 -4.26 -19.40 65.71
CA THR D 674 -4.04 -20.81 66.02
C THR D 674 -3.74 -21.55 64.72
N PRO D 675 -2.54 -22.15 64.57
CA PRO D 675 -2.26 -23.01 63.42
C PRO D 675 -3.28 -24.13 63.35
N ALA D 676 -3.67 -24.50 62.13
CA ALA D 676 -4.62 -25.59 61.93
C ALA D 676 -4.00 -26.90 62.41
N SER D 677 -4.84 -27.78 62.94
CA SER D 677 -4.42 -29.09 63.42
C SER D 677 -5.49 -30.14 63.12
N GLY D 678 -5.19 -31.39 63.44
CA GLY D 678 -6.09 -32.50 63.16
C GLY D 678 -5.77 -33.12 61.80
N SER D 679 -6.67 -33.98 61.33
CA SER D 679 -6.44 -34.77 60.12
C SER D 679 -7.70 -34.79 59.26
N THR D 680 -7.52 -35.10 57.97
CA THR D 680 -8.63 -35.32 57.06
C THR D 680 -9.29 -36.65 57.46
N LYS D 681 -10.47 -36.92 56.90
CA LYS D 681 -11.02 -38.27 56.92
C LYS D 681 -10.30 -39.06 55.83
N ALA D 682 -10.44 -40.40 55.86
CA ALA D 682 -9.85 -41.24 54.85
C ALA D 682 -10.52 -40.97 53.51
N ALA D 683 -9.77 -41.11 52.41
CA ALA D 683 -10.28 -40.86 51.07
C ALA D 683 -11.43 -41.82 50.77
N PRO D 684 -12.65 -41.31 50.51
CA PRO D 684 -13.79 -42.19 50.18
C PRO D 684 -13.77 -42.72 48.75
N THR D 685 -14.45 -43.86 48.56
CA THR D 685 -14.83 -44.35 47.25
C THR D 685 -16.36 -44.37 47.18
N PHE D 686 -16.91 -43.95 46.03
CA PHE D 686 -18.35 -43.88 45.85
C PHE D 686 -18.77 -44.91 44.79
N PRO D 736 5.59 -42.71 42.78
CA PRO D 736 5.80 -41.48 43.54
C PRO D 736 5.31 -41.68 44.98
N SER D 737 6.13 -41.23 45.94
CA SER D 737 5.93 -41.54 47.35
C SER D 737 4.75 -40.76 47.92
N GLY D 738 3.73 -41.50 48.37
CA GLY D 738 2.54 -40.91 48.97
C GLY D 738 1.38 -40.80 47.99
N ALA D 739 1.65 -41.06 46.71
CA ALA D 739 0.71 -40.75 45.64
C ALA D 739 -0.56 -41.61 45.72
N THR D 740 -0.46 -42.80 46.33
CA THR D 740 -1.59 -43.72 46.41
C THR D 740 -2.11 -43.85 47.84
N ASP D 741 -1.66 -42.96 48.74
CA ASP D 741 -1.98 -43.06 50.15
C ASP D 741 -3.33 -42.38 50.42
N GLY D 742 -4.35 -43.18 50.75
CA GLY D 742 -5.68 -42.66 51.01
C GLY D 742 -6.03 -42.64 52.51
N SER D 743 -5.01 -42.69 53.37
CA SER D 743 -5.21 -42.63 54.81
C SER D 743 -5.39 -41.19 55.26
N PRO D 744 -6.01 -40.94 56.44
CA PRO D 744 -6.12 -39.58 56.98
C PRO D 744 -4.81 -38.81 56.92
N GLN D 745 -4.89 -37.56 56.45
CA GLN D 745 -3.69 -36.74 56.24
C GLN D 745 -3.72 -35.55 57.20
N PRO D 746 -2.54 -35.11 57.72
CA PRO D 746 -2.48 -33.93 58.59
C PRO D 746 -2.82 -32.64 57.85
N ILE D 747 -3.61 -31.77 58.50
CA ILE D 747 -3.97 -30.48 57.95
C ILE D 747 -2.78 -29.55 58.10
N LEU D 748 -2.49 -28.77 57.05
CA LEU D 748 -1.35 -27.86 57.05
C LEU D 748 -1.61 -26.70 57.99
N PRO D 749 -0.57 -26.11 58.61
CA PRO D 749 -0.75 -25.02 59.58
C PRO D 749 -1.55 -23.82 59.06
N ALA D 750 -1.37 -23.50 57.77
CA ALA D 750 -1.99 -22.33 57.17
C ALA D 750 -3.25 -22.73 56.40
N GLY D 751 -3.62 -24.02 56.48
CA GLY D 751 -4.81 -24.53 55.80
C GLY D 751 -6.00 -24.59 56.74
N GLY D 752 -7.02 -25.38 56.35
CA GLY D 752 -8.14 -25.68 57.23
C GLY D 752 -9.49 -25.29 56.62
N ALA D 753 -9.49 -24.28 55.73
CA ALA D 753 -10.72 -23.83 55.09
C ALA D 753 -10.39 -23.17 53.74
N PRO D 754 -11.36 -23.09 52.80
CA PRO D 754 -11.13 -22.47 51.50
C PRO D 754 -10.59 -21.05 51.65
N GLY D 755 -9.38 -20.82 51.10
CA GLY D 755 -8.72 -19.53 51.20
C GLY D 755 -7.69 -19.49 52.32
N GLY D 756 -7.60 -20.58 53.08
CA GLY D 756 -6.60 -20.71 54.14
C GLY D 756 -7.23 -20.70 55.52
N ASN D 757 -6.39 -20.97 56.54
CA ASN D 757 -6.75 -20.94 57.95
C ASN D 757 -7.70 -19.78 58.22
N PRO D 758 -8.94 -20.04 58.75
CA PRO D 758 -9.92 -18.98 59.00
C PRO D 758 -9.43 -17.83 59.88
N GLY D 759 -8.50 -18.13 60.81
CA GLY D 759 -7.91 -17.11 61.67
C GLY D 759 -7.23 -16.01 60.86
N LEU D 760 -6.87 -16.30 59.61
CA LEU D 760 -6.25 -15.32 58.72
C LEU D 760 -7.19 -14.15 58.43
N TYR D 761 -8.51 -14.38 58.54
CA TYR D 761 -9.50 -13.38 58.14
C TYR D 761 -10.15 -12.74 59.35
N ASP D 762 -9.61 -12.99 60.56
CA ASP D 762 -9.98 -12.26 61.75
C ASP D 762 -9.63 -10.78 61.56
N GLU D 763 -10.51 -9.90 62.01
CA GLU D 763 -10.31 -8.47 61.88
C GLU D 763 -9.48 -7.97 63.05
N MET D 764 -8.40 -7.23 62.74
CA MET D 764 -7.38 -6.87 63.72
C MET D 764 -7.51 -5.40 64.12
N TYR D 765 -7.79 -4.53 63.13
CA TYR D 765 -7.97 -3.11 63.36
C TYR D 765 -9.12 -2.61 62.49
N ARG D 766 -9.82 -1.58 63.00
CA ARG D 766 -10.77 -0.83 62.21
C ARG D 766 -10.19 0.57 61.98
N VAL D 767 -10.07 0.96 60.71
CA VAL D 767 -9.46 2.22 60.34
C VAL D 767 -10.48 3.08 59.61
N SER D 768 -10.61 4.34 60.01
CA SER D 768 -11.62 5.23 59.45
C SER D 768 -11.05 6.63 59.22
N ALA D 769 -11.65 7.34 58.27
CA ALA D 769 -11.30 8.73 57.96
C ALA D 769 -12.47 9.41 57.26
N ILE D 770 -12.47 10.74 57.25
CA ILE D 770 -13.53 11.55 56.65
C ILE D 770 -13.06 12.02 55.27
N ILE D 771 -13.88 11.75 54.24
CA ILE D 771 -13.65 12.26 52.90
C ILE D 771 -14.73 13.30 52.59
N THR D 772 -14.32 14.46 52.03
CA THR D 772 -15.24 15.52 51.69
C THR D 772 -14.98 15.97 50.24
N ASN D 773 -16.07 16.21 49.50
CA ASN D 773 -16.00 16.87 48.21
C ASN D 773 -15.97 18.39 48.45
N THR D 774 -14.83 19.02 48.17
CA THR D 774 -14.64 20.44 48.44
C THR D 774 -14.79 21.27 47.17
N GLY D 775 -15.25 20.65 46.06
CA GLY D 775 -15.37 21.35 44.79
C GLY D 775 -16.83 21.60 44.42
N ASN D 776 -17.09 21.81 43.11
CA ASN D 776 -18.32 22.42 42.65
C ASN D 776 -19.20 21.44 41.86
N VAL D 777 -18.73 20.21 41.63
CA VAL D 777 -19.57 19.20 40.98
C VAL D 777 -19.48 17.90 41.76
N VAL D 778 -20.46 17.02 41.50
CA VAL D 778 -20.46 15.66 42.01
C VAL D 778 -19.34 14.88 41.33
N GLY D 779 -18.71 13.98 42.08
CA GLY D 779 -17.65 13.13 41.56
C GLY D 779 -17.40 11.92 42.45
N ASP D 780 -16.69 10.93 41.89
CA ASP D 780 -16.27 9.75 42.63
C ASP D 780 -14.82 9.92 43.07
N GLU D 781 -14.54 9.45 44.30
CA GLU D 781 -13.19 9.34 44.80
C GLU D 781 -12.92 7.88 45.13
N VAL D 782 -11.67 7.46 44.94
CA VAL D 782 -11.22 6.12 45.33
C VAL D 782 -10.24 6.29 46.48
N PRO D 783 -10.71 6.37 47.75
CA PRO D 783 -9.79 6.36 48.89
C PRO D 783 -9.10 5.00 48.96
N GLN D 784 -7.83 5.00 49.34
CA GLN D 784 -7.00 3.81 49.34
C GLN D 784 -6.32 3.69 50.70
N LEU D 785 -6.27 2.46 51.22
CA LEU D 785 -5.60 2.17 52.48
C LEU D 785 -4.34 1.35 52.17
N TYR D 786 -3.18 1.89 52.59
CA TYR D 786 -1.90 1.22 52.40
C TYR D 786 -1.33 0.89 53.77
N VAL D 787 -0.55 -0.20 53.82
CA VAL D 787 0.12 -0.62 55.05
C VAL D 787 1.62 -0.72 54.77
N SER D 788 2.40 -0.20 55.73
CA SER D 788 3.82 -0.48 55.82
C SER D 788 4.04 -1.60 56.84
N LEU D 789 4.49 -2.77 56.36
CA LEU D 789 4.68 -3.94 57.21
C LEU D 789 5.96 -3.80 58.04
N GLY D 790 6.89 -2.95 57.58
CA GLY D 790 7.91 -2.38 58.46
C GLY D 790 9.23 -3.14 58.47
N GLY D 791 9.31 -4.28 57.77
CA GLY D 791 10.52 -5.08 57.74
C GLY D 791 11.53 -4.53 56.74
N PRO D 792 12.82 -4.98 56.80
CA PRO D 792 13.84 -4.50 55.86
C PRO D 792 13.58 -4.90 54.42
N ASP D 793 12.88 -6.02 54.22
CA ASP D 793 12.63 -6.56 52.89
C ASP D 793 11.17 -6.32 52.46
N ASP D 794 10.42 -5.53 53.24
CA ASP D 794 9.03 -5.24 52.91
C ASP D 794 8.96 -4.03 51.99
N PRO D 795 7.99 -3.96 51.05
CA PRO D 795 7.69 -2.72 50.34
C PRO D 795 7.37 -1.59 51.31
N LYS D 796 7.70 -0.36 50.92
CA LYS D 796 7.38 0.81 51.72
C LYS D 796 5.88 0.81 52.04
N VAL D 797 5.06 0.52 51.01
CA VAL D 797 3.62 0.41 51.18
C VAL D 797 3.07 -0.70 50.28
N VAL D 798 2.01 -1.36 50.76
CA VAL D 798 1.23 -2.28 49.95
C VAL D 798 -0.24 -1.89 50.11
N LEU D 799 -1.00 -1.95 49.01
CA LEU D 799 -2.43 -1.71 49.05
C LEU D 799 -3.10 -2.80 49.88
N ARG D 800 -4.04 -2.40 50.74
CA ARG D 800 -4.79 -3.36 51.54
C ARG D 800 -6.30 -3.16 51.37
N ASN D 801 -6.76 -1.93 51.17
CA ASN D 801 -8.18 -1.71 50.94
C ASN D 801 -8.42 -0.46 50.11
N PHE D 802 -9.66 -0.36 49.62
CA PHE D 802 -10.09 0.72 48.73
C PHE D 802 -11.61 0.66 48.61
N ASP D 803 -12.22 1.78 48.23
CA ASP D 803 -13.61 1.82 47.82
C ASP D 803 -13.78 2.91 46.77
N ARG D 804 -14.92 2.90 46.08
CA ARG D 804 -15.29 3.99 45.20
C ARG D 804 -16.57 4.63 45.74
N ILE D 805 -16.50 5.93 46.04
CA ILE D 805 -17.56 6.64 46.71
C ILE D 805 -17.95 7.86 45.89
N THR D 806 -19.26 8.05 45.70
CA THR D 806 -19.80 9.22 45.04
C THR D 806 -20.11 10.28 46.09
N LEU D 807 -19.59 11.49 45.88
CA LEU D 807 -19.82 12.61 46.80
C LEU D 807 -20.27 13.83 46.01
N HIS D 808 -21.41 14.40 46.43
CA HIS D 808 -21.89 15.65 45.86
C HIS D 808 -21.13 16.81 46.47
N PRO D 809 -21.18 18.03 45.87
CA PRO D 809 -20.50 19.19 46.43
C PRO D 809 -20.81 19.41 47.90
N GLY D 810 -19.77 19.37 48.74
CA GLY D 810 -19.89 19.64 50.16
C GLY D 810 -20.36 18.42 50.96
N GLN D 811 -20.51 17.27 50.29
CA GLN D 811 -20.92 16.04 50.96
C GLN D 811 -19.70 15.41 51.62
N GLN D 812 -19.89 14.93 52.85
CA GLN D 812 -18.89 14.20 53.61
C GLN D 812 -19.31 12.73 53.74
N THR D 813 -18.32 11.85 53.98
CA THR D 813 -18.60 10.49 54.36
C THR D 813 -17.50 9.98 55.28
N MET D 814 -17.88 9.04 56.16
CA MET D 814 -16.94 8.31 56.98
C MET D 814 -16.57 7.03 56.23
N TRP D 815 -15.30 6.93 55.80
CA TRP D 815 -14.80 5.71 55.17
C TRP D 815 -14.18 4.81 56.24
N THR D 816 -14.75 3.61 56.41
CA THR D 816 -14.33 2.69 57.46
C THR D 816 -14.07 1.31 56.84
N THR D 817 -12.89 0.75 57.13
CA THR D 817 -12.57 -0.62 56.71
C THR D 817 -11.87 -1.32 57.87
N THR D 818 -11.68 -2.64 57.72
CA THR D 818 -10.93 -3.43 58.68
C THR D 818 -9.74 -4.09 58.00
N LEU D 819 -8.63 -4.18 58.74
CA LEU D 819 -7.47 -4.95 58.34
C LEU D 819 -7.59 -6.34 58.96
N THR D 820 -7.44 -7.38 58.12
CA THR D 820 -7.43 -8.75 58.59
C THR D 820 -6.01 -9.09 59.07
N ARG D 821 -5.88 -10.28 59.67
CA ARG D 821 -4.60 -10.79 60.12
C ARG D 821 -3.70 -11.06 58.91
N ARG D 822 -4.30 -11.54 57.81
CA ARG D 822 -3.58 -11.77 56.57
C ARG D 822 -3.00 -10.45 56.05
N ASP D 823 -3.76 -9.36 56.21
CA ASP D 823 -3.42 -8.05 55.70
C ASP D 823 -2.14 -7.50 56.36
N ILE D 824 -1.84 -7.91 57.59
CA ILE D 824 -0.69 -7.38 58.31
C ILE D 824 0.36 -8.48 58.53
N SER D 825 0.25 -9.58 57.77
CA SER D 825 1.14 -10.73 57.95
C SER D 825 2.15 -10.83 56.80
N ASN D 826 3.19 -11.63 57.06
CA ASN D 826 4.17 -12.04 56.06
C ASN D 826 4.16 -13.56 56.01
N TRP D 827 4.52 -14.13 54.85
CA TRP D 827 4.67 -15.58 54.74
C TRP D 827 6.04 -15.98 55.28
N ASP D 828 6.04 -16.97 56.19
CA ASP D 828 7.25 -17.51 56.77
C ASP D 828 7.47 -18.93 56.22
N PRO D 829 8.44 -19.14 55.29
CA PRO D 829 8.71 -20.48 54.76
C PRO D 829 9.07 -21.53 55.81
N ALA D 830 9.82 -21.12 56.84
CA ALA D 830 10.28 -22.05 57.86
C ALA D 830 9.10 -22.71 58.56
N SER D 831 8.16 -21.88 59.05
CA SER D 831 7.01 -22.37 59.82
C SER D 831 5.84 -22.71 58.90
N GLN D 832 5.93 -22.33 57.62
CA GLN D 832 4.89 -22.61 56.64
C GLN D 832 3.57 -22.01 57.10
N ASN D 833 3.58 -20.72 57.46
CA ASN D 833 2.39 -20.05 57.94
C ASN D 833 2.58 -18.54 57.85
N TRP D 834 1.45 -17.82 57.91
CA TRP D 834 1.45 -16.37 57.94
C TRP D 834 1.77 -15.89 59.35
N VAL D 835 2.70 -14.94 59.45
CA VAL D 835 3.15 -14.43 60.73
C VAL D 835 3.04 -12.92 60.72
N VAL D 836 2.59 -12.35 61.85
CA VAL D 836 2.65 -10.92 62.08
C VAL D 836 3.99 -10.63 62.73
N THR D 837 4.89 -9.97 61.97
CA THR D 837 6.26 -9.77 62.41
C THR D 837 6.27 -8.65 63.46
N LYS D 838 7.41 -8.54 64.17
CA LYS D 838 7.54 -7.65 65.31
C LYS D 838 7.73 -6.20 64.88
N TYR D 839 8.03 -5.98 63.59
CA TYR D 839 8.31 -4.63 63.10
C TYR D 839 7.06 -3.77 63.27
N PRO D 840 7.18 -2.50 63.72
CA PRO D 840 6.06 -1.58 63.75
C PRO D 840 5.42 -1.44 62.37
N LYS D 841 4.09 -1.50 62.31
CA LYS D 841 3.36 -1.28 61.08
C LYS D 841 2.70 0.09 61.12
N THR D 842 2.59 0.71 59.94
CA THR D 842 1.94 2.00 59.77
C THR D 842 0.84 1.83 58.73
N VAL D 843 -0.31 2.47 58.97
CA VAL D 843 -1.40 2.49 58.02
C VAL D 843 -1.52 3.89 57.43
N TYR D 844 -1.80 3.96 56.13
CA TYR D 844 -1.94 5.22 55.41
C TYR D 844 -3.26 5.23 54.67
N ILE D 845 -3.94 6.39 54.66
CA ILE D 845 -5.10 6.59 53.81
C ILE D 845 -4.82 7.78 52.90
N GLY D 846 -5.00 7.58 51.59
CA GLY D 846 -4.68 8.59 50.60
C GLY D 846 -5.45 8.38 49.30
N SER D 847 -5.17 9.26 48.33
CA SER D 847 -5.83 9.25 47.04
C SER D 847 -4.98 8.54 45.98
N SER D 848 -3.78 8.12 46.35
CA SER D 848 -2.92 7.29 45.50
C SER D 848 -1.81 6.65 46.35
N SER D 849 -1.01 5.79 45.71
CA SER D 849 0.10 5.14 46.38
C SER D 849 1.17 6.14 46.82
N ARG D 850 1.16 7.35 46.23
CA ARG D 850 2.12 8.38 46.58
C ARG D 850 1.47 9.52 47.36
N LYS D 851 0.16 9.73 47.19
CA LYS D 851 -0.52 10.83 47.84
C LYS D 851 -1.16 10.31 49.14
N LEU D 852 -0.30 10.01 50.12
CA LEU D 852 -0.71 9.40 51.37
C LEU D 852 -1.02 10.52 52.39
N HIS D 853 -2.29 10.94 52.40
CA HIS D 853 -2.70 12.16 53.10
C HIS D 853 -2.69 11.95 54.62
N LEU D 854 -3.08 10.75 55.06
CA LEU D 854 -3.26 10.45 56.49
C LEU D 854 -2.43 9.23 56.86
N GLN D 855 -2.00 9.16 58.12
CA GLN D 855 -1.29 8.00 58.61
C GLN D 855 -1.43 7.88 60.12
N ALA D 856 -1.28 6.64 60.61
CA ALA D 856 -1.31 6.34 62.03
C ALA D 856 -0.55 5.05 62.28
N PRO D 857 0.03 4.84 63.49
CA PRO D 857 0.62 3.55 63.83
C PRO D 857 -0.50 2.52 63.99
N LEU D 858 -0.16 1.25 63.75
CA LEU D 858 -1.01 0.15 64.15
C LEU D 858 -0.47 -0.38 65.48
N PRO D 859 -1.10 -0.01 66.63
CA PRO D 859 -0.54 -0.35 67.95
C PRO D 859 -0.51 -1.87 68.14
N PRO D 860 0.65 -2.46 68.53
CA PRO D 860 0.73 -3.90 68.72
C PRO D 860 -0.11 -4.39 69.91
N TYR D 861 -0.48 -5.68 69.86
CA TYR D 861 -1.19 -6.32 70.97
C TYR D 861 -1.09 -7.85 70.78
MG MG E . 16.81 -30.39 15.22
MG MG F . 5.32 -60.72 -7.25
MG MG G . 27.42 -33.54 -11.83
C1 NOJ H . 3.38 -33.63 1.83
C2 NOJ H . 3.50 -33.65 0.31
O2 NOJ H . 2.23 -34.05 -0.21
C3 NOJ H . 4.60 -34.57 -0.17
O3 NOJ H . 4.77 -34.44 -1.59
C4 NOJ H . 5.90 -34.23 0.53
O4 NOJ H . 6.93 -35.13 0.14
C5 NOJ H . 5.73 -34.33 2.05
N5 NOJ H . 4.67 -33.41 2.48
C6 NOJ H . 7.00 -34.05 2.82
O6 NOJ H . 7.27 -32.64 2.82
MG MG I . -32.21 45.30 -26.00
MG MG J . -31.82 30.90 5.77
MG MG K . -4.06 37.44 0.10
C1 NOJ L . -13.00 27.87 -13.90
C2 NOJ L . -14.36 27.18 -13.87
O2 NOJ L . -14.66 26.71 -15.19
C3 NOJ L . -15.45 28.10 -13.36
O3 NOJ L . -16.67 27.37 -13.20
C4 NOJ L . -15.04 28.71 -12.03
O4 NOJ L . -16.02 29.63 -11.58
C5 NOJ L . -13.72 29.46 -12.19
N5 NOJ L . -12.68 28.52 -12.63
C6 NOJ L . -13.28 30.18 -10.92
O6 NOJ L . -13.00 29.24 -9.89
MG MG M . 36.40 45.34 -19.69
MG MG N . 33.92 11.62 -26.74
MG MG O . 6.70 21.79 -30.27
C1 NOJ P . 15.44 26.80 -13.72
C2 NOJ P . 16.71 26.25 -13.09
O2 NOJ P . 16.99 27.00 -11.92
C3 NOJ P . 17.89 26.29 -14.05
O3 NOJ P . 19.02 25.62 -13.48
C4 NOJ P . 17.52 25.64 -15.36
O4 NOJ P . 18.60 25.75 -16.28
C5 NOJ P . 16.29 26.32 -15.98
N5 NOJ P . 15.16 26.23 -15.04
C6 NOJ P . 15.91 25.72 -17.33
O6 NOJ P . 15.27 24.46 -17.16
MG MG Q . -9.63 -30.02 52.78
MG MG R . -28.55 -8.69 33.18
MG MG S . -19.19 -29.18 14.73
C1 NOJ T . -5.52 -21.23 25.73
C2 NOJ T . -5.60 -19.98 26.61
O2 NOJ T . -4.36 -19.83 27.30
C3 NOJ T . -6.77 -20.05 27.57
O3 NOJ T . -6.89 -18.82 28.29
C4 NOJ T . -8.05 -20.33 26.81
O4 NOJ T . -9.14 -20.45 27.71
C5 NOJ T . -7.93 -21.63 26.02
N5 NOJ T . -6.80 -21.53 25.08
C6 NOJ T . -9.20 -22.01 25.28
O6 NOJ T . -9.39 -21.16 24.15
#